data_7N45
#
_entry.id   7N45
#
_entity_poly.entity_id   1
_entity_poly.type   'polypeptide(L)'
_entity_poly.pdbx_seq_one_letter_code
;GNTIPHYSWFSGITQFQKGRDFKFSDGQGVPIAFGVPPSEAKGYWYRHSRRSFKTADGQQKQLLPRWYFYYLGTGPYANA
SYGESLEGVFWVANHQADTSTPSDVSSRDPTTQEAIPTRFPPGTILPQGYYVEGSGRS
;
_entity_poly.pdbx_strand_id   A
#
# COMPACT_ATOMS: atom_id res chain seq x y z
N GLY A 1 -2.55 -1.03 22.05
CA GLY A 1 -3.34 -1.65 21.00
C GLY A 1 -3.36 -0.78 19.75
N ASN A 2 -2.38 -0.98 18.88
CA ASN A 2 -2.27 -0.22 17.64
C ASN A 2 -2.21 -1.13 16.42
N THR A 3 -3.02 -2.18 16.44
CA THR A 3 -3.13 -3.08 15.29
C THR A 3 -3.96 -2.46 14.18
N ILE A 4 -3.55 -2.70 12.94
CA ILE A 4 -4.32 -2.29 11.77
C ILE A 4 -5.80 -2.60 11.97
N PRO A 5 -6.65 -1.63 11.65
CA PRO A 5 -8.08 -1.73 11.93
C PRO A 5 -8.80 -2.47 10.81
N HIS A 6 -8.04 -2.96 9.83
CA HIS A 6 -8.60 -3.46 8.59
C HIS A 6 -7.85 -4.67 8.09
N TYR A 7 -8.43 -5.37 7.12
CA TYR A 7 -7.80 -6.53 6.52
C TYR A 7 -7.46 -6.29 5.05
N SER A 8 -6.31 -5.68 4.81
CA SER A 8 -5.84 -5.43 3.45
C SER A 8 -5.57 -6.73 2.71
N TRP A 9 -5.81 -6.73 1.40
CA TRP A 9 -5.55 -7.88 0.57
C TRP A 9 -4.13 -8.39 0.75
N PHE A 10 -3.22 -7.47 1.01
CA PHE A 10 -1.80 -7.81 1.17
C PHE A 10 -1.08 -6.77 2.02
N SER A 11 0.19 -7.04 2.32
CA SER A 11 0.94 -6.23 3.28
C SER A 11 1.37 -4.91 2.66
N GLY A 12 2.12 -4.13 3.43
CA GLY A 12 2.61 -2.84 2.97
C GLY A 12 4.13 -2.80 2.95
N ILE A 13 4.70 -1.70 2.46
CA ILE A 13 6.13 -1.48 2.53
C ILE A 13 6.57 -1.07 3.92
N THR A 14 7.76 -1.51 4.33
CA THR A 14 8.28 -1.21 5.65
C THR A 14 9.28 -0.07 5.60
N GLN A 15 9.03 0.98 6.38
CA GLN A 15 9.96 2.09 6.49
C GLN A 15 11.05 1.80 7.52
N PHE A 16 12.27 2.22 7.23
CA PHE A 16 13.39 2.05 8.15
C PHE A 16 13.82 3.37 8.74
N GLN A 17 13.84 4.41 7.91
CA GLN A 17 14.34 5.72 8.31
C GLN A 17 13.27 6.80 8.15
N LYS A 18 13.06 7.58 9.19
CA LYS A 18 11.98 8.56 9.21
C LYS A 18 12.37 9.82 8.44
N GLY A 19 11.37 10.46 7.84
CA GLY A 19 11.56 11.76 7.23
C GLY A 19 12.01 11.65 5.78
N ARG A 20 11.34 10.79 5.02
CA ARG A 20 11.69 10.56 3.63
C ARG A 20 10.44 10.55 2.76
N ASP A 21 10.63 10.68 1.45
CA ASP A 21 9.53 10.97 0.53
C ASP A 21 9.03 9.70 -0.14
N PHE A 22 7.95 9.84 -0.92
CA PHE A 22 7.39 8.71 -1.65
C PHE A 22 7.41 8.95 -3.14
N LYS A 23 8.50 8.54 -3.78
CA LYS A 23 8.78 8.94 -5.17
C LYS A 23 8.76 7.73 -6.10
N PHE A 24 8.06 7.86 -7.21
CA PHE A 24 8.11 6.86 -8.27
C PHE A 24 7.54 7.40 -9.57
N SER A 25 7.68 6.62 -10.64
CA SER A 25 7.27 7.06 -11.97
C SER A 25 5.90 6.48 -12.34
N ASP A 26 5.38 6.90 -13.49
CA ASP A 26 4.10 6.42 -13.98
C ASP A 26 4.08 4.91 -14.08
N GLY A 27 3.06 4.28 -13.52
CA GLY A 27 2.90 2.83 -13.60
C GLY A 27 3.92 2.11 -12.73
N GLN A 28 4.61 2.87 -11.88
CA GLN A 28 5.45 2.29 -10.84
C GLN A 28 4.79 2.39 -9.47
N GLY A 29 5.22 1.55 -8.55
CA GLY A 29 4.62 1.49 -7.22
C GLY A 29 3.29 0.74 -7.24
N VAL A 30 3.06 0.01 -8.33
CA VAL A 30 1.89 -0.87 -8.42
C VAL A 30 2.22 -2.28 -7.93
N PRO A 31 1.50 -2.71 -6.90
CA PRO A 31 1.85 -3.94 -6.19
C PRO A 31 1.28 -5.16 -6.90
N ILE A 32 2.11 -6.19 -7.04
CA ILE A 32 1.71 -7.40 -7.76
C ILE A 32 0.51 -8.07 -7.09
N ALA A 33 -0.50 -8.40 -7.89
CA ALA A 33 -1.79 -8.82 -7.36
C ALA A 33 -1.96 -10.33 -7.47
N PHE A 34 -2.70 -10.91 -6.53
CA PHE A 34 -3.52 -12.08 -6.81
C PHE A 34 -4.87 -11.68 -7.39
N GLY A 35 -5.28 -12.35 -8.46
CA GLY A 35 -6.66 -12.28 -8.93
C GLY A 35 -6.79 -11.37 -10.14
N VAL A 36 -6.11 -10.24 -10.10
CA VAL A 36 -6.31 -9.17 -11.07
C VAL A 36 -5.02 -8.88 -11.83
N PRO A 37 -5.13 -8.80 -13.16
CA PRO A 37 -3.96 -8.75 -14.02
C PRO A 37 -3.31 -7.37 -13.99
N PRO A 38 -2.05 -7.31 -14.42
CA PRO A 38 -1.42 -6.03 -14.74
C PRO A 38 -2.37 -5.11 -15.47
N SER A 39 -3.17 -5.68 -16.37
CA SER A 39 -4.12 -4.91 -17.16
C SER A 39 -5.04 -4.09 -16.26
N GLU A 40 -5.36 -4.64 -15.09
CA GLU A 40 -6.21 -3.94 -14.13
C GLU A 40 -5.47 -3.70 -12.83
N ALA A 41 -4.15 -3.75 -12.89
CA ALA A 41 -3.32 -3.33 -11.76
C ALA A 41 -3.33 -1.81 -11.59
N LYS A 42 -4.08 -1.34 -10.60
CA LYS A 42 -4.41 0.08 -10.51
C LYS A 42 -5.03 0.41 -9.14
N GLY A 43 -4.50 1.44 -8.51
CA GLY A 43 -4.87 1.75 -7.13
C GLY A 43 -4.50 3.19 -6.77
N TYR A 44 -4.46 3.49 -5.47
CA TYR A 44 -4.13 4.82 -5.01
C TYR A 44 -3.41 4.77 -3.66
N TRP A 45 -3.17 5.93 -3.08
CA TRP A 45 -2.35 6.03 -1.87
C TRP A 45 -3.07 5.43 -0.67
N TYR A 46 -2.31 5.00 0.32
CA TYR A 46 -2.78 4.98 1.70
C TYR A 46 -1.62 4.78 2.67
N ARG A 47 -1.79 5.27 3.90
CA ARG A 47 -0.75 5.19 4.91
C ARG A 47 -1.35 5.04 6.31
N HIS A 48 -0.68 4.26 7.15
CA HIS A 48 -1.08 4.11 8.54
C HIS A 48 0.07 4.44 9.48
N SER A 49 -0.24 5.07 10.60
CA SER A 49 0.68 5.16 11.73
C SER A 49 0.46 4.01 12.71
N ARG A 50 1.55 3.35 13.09
CA ARG A 50 1.47 2.13 13.89
C ARG A 50 2.16 2.30 15.23
N ARG A 51 1.58 3.12 16.09
CA ARG A 51 2.34 3.85 17.10
C ARG A 51 3.07 2.90 18.04
N SER A 52 4.17 3.38 18.62
CA SER A 52 4.97 2.56 19.52
C SER A 52 4.38 2.58 20.93
N PHE A 53 4.87 1.67 21.77
CA PHE A 53 4.51 1.66 23.18
C PHE A 53 5.68 1.23 24.06
N LYS A 54 5.56 1.45 25.36
CA LYS A 54 6.62 1.11 26.29
C LYS A 54 6.14 0.10 27.33
N THR A 55 7.03 -0.81 27.72
CA THR A 55 6.63 -2.00 28.46
C THR A 55 7.22 -2.00 29.85
N ALA A 56 7.07 -3.12 30.56
CA ALA A 56 7.39 -3.18 31.98
C ALA A 56 8.86 -2.90 32.23
N ASP A 57 9.69 -3.21 31.24
CA ASP A 57 11.14 -3.12 31.39
C ASP A 57 11.65 -1.71 31.10
N GLY A 58 10.72 -0.80 30.84
CA GLY A 58 11.06 0.60 30.59
C GLY A 58 11.50 0.81 29.15
N GLN A 59 11.50 -0.27 28.37
CA GLN A 59 11.92 -0.20 26.98
C GLN A 59 10.76 0.16 26.06
N GLN A 60 10.93 1.24 25.30
CA GLN A 60 9.92 1.65 24.32
C GLN A 60 10.30 1.20 22.92
N LYS A 61 9.30 0.87 22.12
CA LYS A 61 9.52 0.51 20.72
C LYS A 61 9.89 1.74 19.90
N GLN A 62 10.81 1.56 18.95
CA GLN A 62 11.07 2.57 17.93
C GLN A 62 10.66 2.07 16.56
N LEU A 63 9.58 2.62 16.01
CA LEU A 63 8.96 2.09 14.81
C LEU A 63 8.57 3.20 13.84
N LEU A 64 8.21 2.83 12.62
CA LEU A 64 7.97 3.79 11.57
C LEU A 64 6.67 3.51 10.84
N PRO A 65 6.17 4.49 10.09
CA PRO A 65 4.96 4.33 9.32
C PRO A 65 5.07 3.17 8.34
N ARG A 66 3.93 2.65 7.92
CA ARG A 66 3.88 1.71 6.79
C ARG A 66 3.01 2.26 5.67
N TRP A 67 3.29 1.82 4.44
CA TRP A 67 2.54 2.28 3.27
C TRP A 67 1.56 1.21 2.81
N TYR A 68 0.30 1.59 2.71
CA TYR A 68 -0.79 0.63 2.50
C TYR A 68 -1.47 0.86 1.16
N PHE A 69 -1.95 -0.22 0.54
CA PHE A 69 -2.24 -0.22 -0.88
C PHE A 69 -3.62 -0.77 -1.17
N TYR A 70 -4.45 0.06 -1.81
CA TYR A 70 -5.83 -0.33 -2.12
C TYR A 70 -6.09 -0.24 -3.62
N TYR A 71 -6.95 -1.13 -4.11
CA TYR A 71 -7.33 -1.12 -5.53
C TYR A 71 -8.36 -0.04 -5.81
N LEU A 72 -8.30 0.52 -7.02
CA LEU A 72 -9.35 1.43 -7.49
C LEU A 72 -10.70 0.73 -7.53
N GLY A 73 -11.70 1.35 -6.92
CA GLY A 73 -13.04 0.77 -6.86
C GLY A 73 -13.35 0.22 -5.47
N THR A 74 -12.31 0.08 -4.66
CA THR A 74 -12.46 -0.52 -3.33
C THR A 74 -11.38 -0.01 -2.38
N GLY A 75 -11.80 0.43 -1.20
CA GLY A 75 -10.91 1.08 -0.26
C GLY A 75 -11.61 2.22 0.48
N PRO A 76 -10.92 2.80 1.45
CA PRO A 76 -11.51 3.84 2.29
C PRO A 76 -11.62 5.16 1.53
N TYR A 77 -10.99 5.20 0.35
CA TYR A 77 -11.39 6.16 -0.68
C TYR A 77 -11.65 5.46 -2.01
N ALA A 78 -12.47 4.43 -1.97
CA ALA A 78 -12.70 3.58 -3.13
C ALA A 78 -13.10 4.40 -4.34
N ASN A 79 -13.84 5.48 -4.11
CA ASN A 79 -14.45 6.24 -5.19
C ASN A 79 -13.73 7.56 -5.41
N ALA A 80 -12.47 7.62 -4.99
CA ALA A 80 -11.62 8.77 -5.26
C ALA A 80 -11.60 9.10 -6.75
N SER A 81 -11.65 10.38 -7.07
CA SER A 81 -11.48 10.83 -8.45
C SER A 81 -10.06 10.59 -8.94
N TYR A 82 -9.94 9.95 -10.09
CA TYR A 82 -8.64 9.64 -10.67
C TYR A 82 -7.82 10.90 -10.87
N GLY A 83 -6.76 11.05 -10.09
CA GLY A 83 -5.91 12.25 -10.16
C GLY A 83 -5.78 12.89 -8.78
N GLU A 84 -6.51 12.37 -7.81
CA GLU A 84 -6.43 12.87 -6.43
C GLU A 84 -5.06 12.61 -5.84
N SER A 85 -4.08 13.41 -6.24
CA SER A 85 -2.76 13.39 -5.62
C SER A 85 -2.59 14.54 -4.64
N LEU A 86 -2.41 14.21 -3.37
CA LEU A 86 -2.39 15.22 -2.31
C LEU A 86 -0.96 15.48 -1.84
N GLU A 87 -0.83 16.33 -0.83
CA GLU A 87 0.44 16.51 -0.13
C GLU A 87 0.88 15.22 0.54
N GLY A 88 2.09 14.77 0.20
CA GLY A 88 2.61 13.51 0.72
C GLY A 88 1.97 12.32 0.02
N VAL A 89 1.25 12.59 -1.07
CA VAL A 89 0.46 11.58 -1.73
C VAL A 89 0.82 11.47 -3.21
N PHE A 90 0.78 10.25 -3.74
CA PHE A 90 1.06 10.01 -5.15
C PHE A 90 0.15 8.93 -5.72
N TRP A 91 -0.75 9.32 -6.62
CA TRP A 91 -1.69 8.40 -7.23
C TRP A 91 -1.00 7.50 -8.25
N VAL A 92 -1.45 6.25 -8.32
CA VAL A 92 -0.72 5.23 -9.07
C VAL A 92 -1.66 4.44 -9.97
N ALA A 93 -1.11 3.92 -11.07
CA ALA A 93 -1.60 2.67 -11.65
C ALA A 93 -0.81 2.29 -12.89
N ASN A 94 -0.91 1.04 -13.30
CA ASN A 94 -0.07 0.51 -14.37
C ASN A 94 -0.40 1.16 -15.70
N HIS A 95 0.54 1.09 -16.64
CA HIS A 95 0.38 1.73 -17.93
C HIS A 95 -0.70 1.06 -18.76
N GLN A 96 -1.05 -0.16 -18.38
CA GLN A 96 -2.11 -0.91 -19.06
C GLN A 96 -3.47 -0.59 -18.46
N ALA A 97 -3.47 0.07 -17.31
CA ALA A 97 -4.71 0.35 -16.59
C ALA A 97 -5.56 1.37 -17.34
N ASP A 98 -6.87 1.22 -17.25
CA ASP A 98 -7.80 2.24 -17.74
C ASP A 98 -7.88 3.42 -16.79
N THR A 99 -7.96 3.12 -15.50
CA THR A 99 -8.14 4.17 -14.49
C THR A 99 -9.14 5.22 -14.94
N SER A 100 -10.25 4.76 -15.52
CA SER A 100 -11.43 5.59 -15.68
C SER A 100 -12.59 5.06 -14.85
N THR A 101 -12.30 4.11 -13.98
CA THR A 101 -13.32 3.17 -13.50
C THR A 101 -12.79 2.33 -12.35
N PRO A 102 -13.68 2.01 -11.41
CA PRO A 102 -13.41 0.95 -10.44
C PRO A 102 -12.87 -0.29 -11.12
N SER A 103 -11.98 -1.00 -10.42
CA SER A 103 -11.33 -2.18 -10.98
C SER A 103 -12.13 -3.44 -10.69
N ASP A 104 -11.57 -4.59 -11.06
CA ASP A 104 -12.30 -5.85 -10.97
C ASP A 104 -11.84 -6.66 -9.77
N VAL A 105 -11.29 -5.97 -8.77
CA VAL A 105 -10.57 -6.62 -7.68
C VAL A 105 -11.03 -6.12 -6.32
N SER A 106 -11.53 -7.04 -5.50
CA SER A 106 -11.98 -6.71 -4.16
C SER A 106 -12.42 -7.95 -3.40
N SER A 107 -13.04 -7.75 -2.24
CA SER A 107 -13.79 -8.80 -1.57
C SER A 107 -12.90 -10.01 -1.31
N ARG A 108 -12.06 -9.90 -0.29
CA ARG A 108 -11.25 -11.03 0.16
C ARG A 108 -11.55 -11.39 1.60
N ASP A 109 -11.87 -12.66 1.85
CA ASP A 109 -12.14 -13.14 3.19
C ASP A 109 -10.88 -13.64 3.87
N PRO A 110 -10.47 -12.95 4.93
CA PRO A 110 -9.22 -13.28 5.62
C PRO A 110 -9.37 -14.56 6.44
N THR A 111 -10.57 -15.11 6.47
CA THR A 111 -10.79 -16.46 6.99
C THR A 111 -9.99 -17.48 6.20
N THR A 112 -9.80 -17.21 4.92
CA THR A 112 -9.08 -18.13 4.04
C THR A 112 -7.72 -17.57 3.64
N GLN A 113 -7.62 -16.25 3.59
CA GLN A 113 -6.45 -15.60 3.01
C GLN A 113 -5.83 -14.61 3.99
N GLU A 114 -4.71 -14.99 4.58
CA GLU A 114 -3.93 -14.08 5.42
C GLU A 114 -3.14 -13.10 4.58
N ALA A 115 -2.50 -12.14 5.24
CA ALA A 115 -1.75 -11.10 4.54
C ALA A 115 -0.60 -11.70 3.74
N ILE A 116 -0.28 -11.06 2.62
CA ILE A 116 0.76 -11.55 1.73
C ILE A 116 1.86 -10.51 1.53
N PRO A 117 3.11 -10.96 1.54
CA PRO A 117 4.24 -10.09 1.24
C PRO A 117 4.02 -9.32 -0.05
N THR A 118 4.16 -8.00 0.01
CA THR A 118 3.96 -7.14 -1.15
C THR A 118 5.18 -7.17 -2.07
N ARG A 119 4.94 -7.37 -3.36
CA ARG A 119 6.01 -7.37 -4.35
C ARG A 119 5.66 -6.49 -5.54
N PHE A 120 6.63 -5.71 -6.01
CA PHE A 120 6.41 -4.79 -7.12
C PHE A 120 7.20 -5.20 -8.34
N PRO A 121 6.60 -5.06 -9.52
CA PRO A 121 7.22 -5.51 -10.76
C PRO A 121 8.55 -4.80 -11.01
N PRO A 122 9.45 -5.47 -11.70
CA PRO A 122 10.72 -4.87 -12.08
C PRO A 122 10.52 -3.52 -12.75
N GLY A 123 11.31 -2.54 -12.34
CA GLY A 123 11.18 -1.18 -12.85
C GLY A 123 10.76 -0.21 -11.75
N THR A 124 9.96 -0.70 -10.81
CA THR A 124 9.56 0.09 -9.66
C THR A 124 10.74 0.31 -8.72
N ILE A 125 10.79 1.50 -8.11
CA ILE A 125 11.86 1.84 -7.18
C ILE A 125 11.33 1.92 -5.75
N LEU A 126 12.24 1.79 -4.79
CA LEU A 126 11.89 1.96 -3.38
C LEU A 126 12.37 3.31 -2.85
N PRO A 127 11.43 4.21 -2.60
CA PRO A 127 11.77 5.55 -2.12
C PRO A 127 12.71 5.48 -0.92
N GLN A 128 13.69 6.38 -0.90
CA GLN A 128 14.73 6.36 0.13
C GLN A 128 14.13 6.16 1.51
N GLY A 129 14.69 5.22 2.26
CA GLY A 129 14.29 5.02 3.66
C GLY A 129 13.33 3.85 3.80
N TYR A 130 12.87 3.33 2.66
CA TYR A 130 11.95 2.20 2.65
C TYR A 130 12.57 0.98 2.00
N TYR A 131 12.15 -0.20 2.43
CA TYR A 131 12.22 -1.40 1.60
C TYR A 131 11.17 -2.42 2.02
N VAL A 132 10.58 -3.09 1.04
CA VAL A 132 9.33 -3.81 1.24
C VAL A 132 9.55 -5.12 1.98
N GLU A 133 8.58 -5.51 2.79
CA GLU A 133 8.68 -6.74 3.57
C GLU A 133 7.38 -7.54 3.52
N GLY A 134 6.51 -7.30 4.50
CA GLY A 134 5.16 -7.84 4.47
C GLY A 134 5.14 -9.31 4.85
N SER A 135 5.96 -9.67 5.83
CA SER A 135 6.11 -11.07 6.23
C SER A 135 4.84 -11.59 6.91
N GLY A 136 3.76 -11.65 6.14
CA GLY A 136 2.48 -12.14 6.67
C GLY A 136 1.85 -11.12 7.61
N ARG A 137 2.34 -9.89 7.56
CA ARG A 137 1.82 -8.82 8.41
C ARG A 137 1.63 -7.54 7.60
N SER A 138 0.46 -6.92 7.75
CA SER A 138 0.18 -5.66 7.10
C SER A 138 0.40 -4.48 8.04
N GLY A 1 -16.11 -14.18 7.54
CA GLY A 1 -16.10 -12.94 8.32
C GLY A 1 -15.73 -13.21 9.77
N ASN A 2 -14.58 -13.84 9.99
CA ASN A 2 -14.11 -14.12 11.33
C ASN A 2 -12.95 -13.20 11.71
N THR A 3 -12.89 -12.03 11.08
CA THR A 3 -11.74 -11.15 11.20
C THR A 3 -12.17 -9.74 11.58
N ILE A 4 -11.33 -9.06 12.36
CA ILE A 4 -11.55 -7.66 12.69
C ILE A 4 -12.06 -6.89 11.48
N PRO A 5 -12.96 -5.94 11.73
CA PRO A 5 -13.71 -5.29 10.67
C PRO A 5 -12.78 -4.73 9.59
N HIS A 6 -11.58 -4.34 10.00
CA HIS A 6 -10.66 -3.63 9.12
C HIS A 6 -9.49 -4.51 8.71
N TYR A 7 -9.09 -4.41 7.46
CA TYR A 7 -8.03 -5.25 6.92
C TYR A 7 -7.50 -4.71 5.60
N SER A 8 -6.51 -5.39 5.03
CA SER A 8 -5.96 -5.01 3.74
C SER A 8 -5.69 -6.24 2.87
N TRP A 9 -5.73 -6.06 1.56
CA TRP A 9 -5.13 -7.00 0.63
C TRP A 9 -3.67 -7.26 0.99
N PHE A 10 -2.89 -6.20 1.04
CA PHE A 10 -1.42 -6.32 0.99
C PHE A 10 -0.79 -5.98 2.33
N SER A 11 0.42 -6.47 2.55
CA SER A 11 1.38 -5.77 3.40
C SER A 11 1.83 -4.47 2.76
N GLY A 12 2.28 -3.53 3.59
CA GLY A 12 2.78 -2.25 3.10
C GLY A 12 4.30 -2.28 2.96
N ILE A 13 4.86 -1.23 2.37
CA ILE A 13 6.29 -0.97 2.43
C ILE A 13 6.67 -0.37 3.78
N THR A 14 7.78 -0.84 4.34
CA THR A 14 8.21 -0.39 5.66
C THR A 14 9.32 0.65 5.56
N GLN A 15 9.06 1.83 6.11
CA GLN A 15 10.07 2.88 6.16
C GLN A 15 11.06 2.62 7.29
N PHE A 16 12.33 2.92 7.03
CA PHE A 16 13.37 2.81 8.05
C PHE A 16 13.88 4.17 8.48
N GLN A 17 13.96 5.10 7.52
CA GLN A 17 14.47 6.43 7.79
C GLN A 17 13.38 7.49 7.58
N LYS A 18 12.95 8.11 8.68
CA LYS A 18 11.77 8.97 8.64
C LYS A 18 11.98 10.15 7.72
N GLY A 19 13.23 10.58 7.59
CA GLY A 19 13.54 11.86 6.97
C GLY A 19 13.72 11.71 5.46
N ARG A 20 13.65 10.48 4.97
CA ARG A 20 13.90 10.18 3.58
C ARG A 20 12.60 10.17 2.77
N ASP A 21 12.64 10.76 1.58
CA ASP A 21 11.44 10.88 0.75
C ASP A 21 11.17 9.60 -0.02
N PHE A 22 10.01 9.55 -0.67
CA PHE A 22 9.62 8.37 -1.44
C PHE A 22 9.18 8.75 -2.85
N LYS A 23 9.96 8.32 -3.84
CA LYS A 23 9.73 8.72 -5.22
C LYS A 23 9.15 7.58 -6.04
N PHE A 24 8.31 7.92 -7.01
CA PHE A 24 7.83 6.94 -7.98
C PHE A 24 7.69 7.57 -9.36
N SER A 25 7.44 6.73 -10.37
CA SER A 25 6.98 7.21 -11.67
C SER A 25 5.60 6.65 -12.00
N ASP A 26 5.00 7.17 -13.06
CA ASP A 26 3.73 6.65 -13.55
C ASP A 26 3.81 5.14 -13.80
N GLY A 27 2.85 4.42 -13.25
CA GLY A 27 2.79 2.97 -13.42
C GLY A 27 3.82 2.27 -12.53
N GLN A 28 4.35 3.01 -11.56
CA GLN A 28 5.24 2.43 -10.56
C GLN A 28 4.64 2.52 -9.16
N GLY A 29 4.95 1.54 -8.33
CA GLY A 29 4.34 1.44 -7.00
C GLY A 29 3.06 0.63 -7.05
N VAL A 30 2.89 -0.14 -8.13
CA VAL A 30 1.77 -1.07 -8.23
C VAL A 30 2.19 -2.48 -7.86
N PRO A 31 1.53 -3.05 -6.85
CA PRO A 31 1.97 -4.31 -6.27
C PRO A 31 1.44 -5.50 -7.06
N ILE A 32 2.16 -6.61 -7.00
CA ILE A 32 1.84 -7.77 -7.84
C ILE A 32 0.64 -8.52 -7.29
N ALA A 33 -0.27 -8.89 -8.19
CA ALA A 33 -1.47 -9.61 -7.79
C ALA A 33 -1.42 -11.06 -8.25
N PHE A 34 -2.24 -11.90 -7.62
CA PHE A 34 -2.45 -13.26 -8.10
C PHE A 34 -3.67 -13.35 -9.02
N GLY A 35 -4.61 -12.44 -8.82
CA GLY A 35 -5.95 -12.57 -9.41
C GLY A 35 -6.11 -11.65 -10.61
N VAL A 36 -5.48 -10.49 -10.54
CA VAL A 36 -5.74 -9.42 -11.52
C VAL A 36 -4.45 -9.05 -12.26
N PRO A 37 -4.56 -8.96 -13.59
CA PRO A 37 -3.38 -8.79 -14.43
C PRO A 37 -2.83 -7.38 -14.34
N PRO A 38 -1.56 -7.23 -14.73
CA PRO A 38 -0.99 -5.91 -14.96
C PRO A 38 -1.97 -5.02 -15.72
N SER A 39 -2.68 -5.60 -16.68
CA SER A 39 -3.62 -4.85 -17.50
C SER A 39 -4.63 -4.11 -16.63
N GLU A 40 -5.00 -4.72 -15.51
CA GLU A 40 -5.97 -4.13 -14.60
C GLU A 40 -5.33 -3.72 -13.29
N ALA A 41 -4.00 -3.70 -13.26
CA ALA A 41 -3.25 -3.32 -12.08
C ALA A 41 -3.34 -1.82 -11.83
N LYS A 42 -4.09 -1.43 -10.81
CA LYS A 42 -4.40 -0.02 -10.58
C LYS A 42 -4.98 0.20 -9.19
N GLY A 43 -4.47 1.20 -8.50
CA GLY A 43 -4.78 1.39 -7.08
C GLY A 43 -4.43 2.80 -6.62
N TYR A 44 -4.45 3.02 -5.31
CA TYR A 44 -4.17 4.33 -4.74
C TYR A 44 -3.53 4.21 -3.36
N TRP A 45 -3.35 5.34 -2.69
CA TRP A 45 -2.59 5.39 -1.45
C TRP A 45 -3.38 4.80 -0.30
N TYR A 46 -2.68 4.34 0.73
CA TYR A 46 -3.19 4.43 2.10
C TYR A 46 -2.05 4.31 3.11
N ARG A 47 -2.39 4.44 4.39
CA ARG A 47 -1.39 4.43 5.45
C ARG A 47 -1.98 3.92 6.76
N HIS A 48 -1.20 3.12 7.48
CA HIS A 48 -1.49 2.83 8.88
C HIS A 48 -0.29 3.13 9.76
N SER A 49 -0.55 3.53 11.01
CA SER A 49 0.50 3.75 11.99
C SER A 49 0.62 2.57 12.94
N ARG A 50 1.80 2.40 13.52
CA ARG A 50 2.03 1.38 14.53
C ARG A 50 2.63 1.98 15.79
N ARG A 51 2.78 1.16 16.82
CA ARG A 51 3.39 1.60 18.07
C ARG A 51 4.64 0.80 18.39
N SER A 52 5.63 1.46 18.99
CA SER A 52 6.81 0.78 19.51
C SER A 52 6.58 0.31 20.94
N PHE A 53 7.15 -0.83 21.29
CA PHE A 53 7.18 -1.29 22.67
C PHE A 53 8.60 -1.61 23.11
N LYS A 54 8.84 -1.56 24.42
CA LYS A 54 10.18 -1.73 24.96
C LYS A 54 10.23 -2.88 25.97
N THR A 55 11.36 -3.58 26.01
CA THR A 55 11.51 -4.73 26.87
C THR A 55 12.10 -4.35 28.23
N ALA A 56 12.17 -5.31 29.14
CA ALA A 56 12.80 -5.10 30.43
C ALA A 56 14.28 -4.77 30.27
N ASP A 57 14.84 -5.08 29.10
CA ASP A 57 16.25 -4.87 28.83
C ASP A 57 16.49 -3.57 28.09
N GLY A 58 15.46 -2.73 28.04
CA GLY A 58 15.59 -1.39 27.48
C GLY A 58 15.60 -1.42 25.95
N GLN A 59 15.17 -2.54 25.39
CA GLN A 59 15.19 -2.73 23.95
C GLN A 59 13.86 -2.33 23.33
N GLN A 60 13.84 -1.17 22.68
CA GLN A 60 12.60 -0.60 22.15
C GLN A 60 12.58 -0.65 20.63
N LYS A 61 11.40 -0.91 20.07
CA LYS A 61 11.23 -0.95 18.62
C LYS A 61 11.51 0.41 18.00
N GLN A 62 12.21 0.40 16.86
CA GLN A 62 12.29 1.58 16.00
C GLN A 62 11.04 1.69 15.13
N LEU A 63 10.28 2.76 15.34
CA LEU A 63 8.93 2.85 14.80
C LEU A 63 8.88 3.82 13.63
N LEU A 64 8.42 3.32 12.48
CA LEU A 64 8.07 4.19 11.35
C LEU A 64 6.78 3.74 10.70
N PRO A 65 6.14 4.65 9.96
CA PRO A 65 4.89 4.35 9.28
C PRO A 65 5.08 3.24 8.25
N ARG A 66 4.00 2.52 7.95
CA ARG A 66 3.95 1.68 6.76
C ARG A 66 2.99 2.26 5.73
N TRP A 67 3.26 1.98 4.45
CA TRP A 67 2.43 2.47 3.37
C TRP A 67 1.61 1.33 2.75
N TYR A 68 0.30 1.51 2.70
CA TYR A 68 -0.62 0.42 2.43
C TYR A 68 -1.36 0.62 1.11
N PHE A 69 -1.85 -0.46 0.53
CA PHE A 69 -2.16 -0.50 -0.89
C PHE A 69 -3.53 -1.14 -1.14
N TYR A 70 -4.41 -0.38 -1.78
CA TYR A 70 -5.71 -0.91 -2.20
C TYR A 70 -5.94 -0.71 -3.68
N TYR A 71 -6.93 -1.42 -4.23
CA TYR A 71 -7.25 -1.33 -5.65
C TYR A 71 -8.28 -0.22 -5.91
N LEU A 72 -8.25 0.32 -7.11
CA LEU A 72 -9.27 1.27 -7.54
C LEU A 72 -10.63 0.59 -7.67
N GLY A 73 -11.49 0.82 -6.69
CA GLY A 73 -12.68 -0.01 -6.52
C GLY A 73 -12.73 -0.62 -5.12
N THR A 74 -11.63 -0.46 -4.38
CA THR A 74 -11.53 -1.01 -3.03
C THR A 74 -10.98 0.02 -2.05
N GLY A 75 -11.40 -0.08 -0.79
CA GLY A 75 -10.64 0.49 0.31
C GLY A 75 -11.36 1.70 0.90
N PRO A 76 -10.71 2.38 1.83
CA PRO A 76 -11.31 3.52 2.51
C PRO A 76 -11.82 4.55 1.51
N TYR A 77 -11.11 4.69 0.40
CA TYR A 77 -11.49 5.62 -0.65
C TYR A 77 -11.77 4.89 -1.96
N ALA A 78 -12.48 3.77 -1.86
CA ALA A 78 -12.64 2.87 -3.00
C ALA A 78 -13.17 3.61 -4.22
N ASN A 79 -13.98 4.64 -3.99
CA ASN A 79 -14.67 5.33 -5.07
C ASN A 79 -14.08 6.72 -5.28
N ALA A 80 -12.82 6.89 -4.91
CA ALA A 80 -12.10 8.14 -5.15
C ALA A 80 -12.16 8.53 -6.62
N SER A 81 -12.27 9.83 -6.88
CA SER A 81 -12.16 10.36 -8.23
C SER A 81 -10.72 10.36 -8.71
N TYR A 82 -10.48 9.73 -9.87
CA TYR A 82 -9.14 9.65 -10.43
C TYR A 82 -8.54 11.04 -10.64
N GLY A 83 -7.39 11.28 -10.03
CA GLY A 83 -6.80 12.61 -10.00
C GLY A 83 -6.64 13.11 -8.57
N GLU A 84 -7.24 12.39 -7.62
CA GLU A 84 -7.06 12.68 -6.21
C GLU A 84 -5.65 12.33 -5.74
N SER A 85 -4.66 13.05 -6.27
CA SER A 85 -3.28 12.88 -5.82
C SER A 85 -2.79 14.13 -5.12
N LEU A 86 -2.58 14.03 -3.81
CA LEU A 86 -2.39 15.20 -2.97
C LEU A 86 -0.95 15.30 -2.47
N GLU A 87 -0.65 16.34 -1.71
CA GLU A 87 0.62 16.44 -1.00
C GLU A 87 0.78 15.32 0.01
N GLY A 88 1.87 14.57 -0.10
CA GLY A 88 2.13 13.45 0.79
C GLY A 88 1.32 12.22 0.37
N VAL A 89 0.65 12.32 -0.76
CA VAL A 89 -0.23 11.25 -1.22
C VAL A 89 0.32 10.58 -2.48
N PHE A 90 0.15 9.26 -2.56
CA PHE A 90 0.76 8.48 -3.62
C PHE A 90 -0.30 7.70 -4.41
N TRP A 91 -0.88 8.36 -5.39
CA TRP A 91 -1.79 7.69 -6.31
C TRP A 91 -1.02 7.00 -7.44
N VAL A 92 -1.58 5.91 -7.95
CA VAL A 92 -0.83 5.01 -8.83
C VAL A 92 -1.77 4.28 -9.79
N ALA A 93 -1.23 3.87 -10.93
CA ALA A 93 -1.72 2.68 -11.63
C ALA A 93 -0.89 2.39 -12.87
N ASN A 94 -0.97 1.15 -13.34
CA ASN A 94 -0.13 0.71 -14.46
C ASN A 94 -0.50 1.44 -15.74
N HIS A 95 0.41 1.42 -16.71
CA HIS A 95 0.20 2.11 -17.98
C HIS A 95 -0.89 1.43 -18.81
N GLN A 96 -1.19 0.17 -18.48
CA GLN A 96 -2.25 -0.56 -19.14
C GLN A 96 -3.61 -0.25 -18.51
N ALA A 97 -3.58 0.33 -17.32
CA ALA A 97 -4.78 0.47 -16.51
C ALA A 97 -5.82 1.34 -17.19
N ASP A 98 -7.09 0.99 -17.01
CA ASP A 98 -8.17 1.95 -17.18
C ASP A 98 -8.62 2.54 -15.85
N THR A 99 -8.27 3.81 -15.62
CA THR A 99 -8.35 4.39 -14.29
C THR A 99 -9.47 5.41 -14.19
N SER A 100 -10.48 5.26 -15.06
CA SER A 100 -11.73 5.98 -14.90
C SER A 100 -12.76 5.15 -14.15
N THR A 101 -12.30 4.03 -13.60
CA THR A 101 -13.20 2.93 -13.28
C THR A 101 -12.83 2.29 -11.94
N PRO A 102 -13.78 1.58 -11.35
CA PRO A 102 -13.46 0.51 -10.40
C PRO A 102 -12.83 -0.69 -11.12
N SER A 103 -11.84 -1.30 -10.47
CA SER A 103 -11.01 -2.31 -11.12
C SER A 103 -11.71 -3.67 -11.16
N ASP A 104 -11.12 -4.61 -11.88
CA ASP A 104 -11.61 -5.98 -11.89
C ASP A 104 -11.04 -6.79 -10.73
N VAL A 105 -10.94 -6.15 -9.58
CA VAL A 105 -10.28 -6.75 -8.42
C VAL A 105 -10.81 -6.17 -7.12
N SER A 106 -11.22 -7.05 -6.21
CA SER A 106 -12.06 -6.66 -5.09
C SER A 106 -11.45 -7.07 -3.76
N SER A 107 -11.94 -6.48 -2.68
CA SER A 107 -11.46 -6.82 -1.34
C SER A 107 -12.22 -8.02 -0.78
N ARG A 108 -11.53 -9.16 -0.72
CA ARG A 108 -12.17 -10.42 -0.35
C ARG A 108 -12.29 -10.57 1.16
N ASP A 109 -12.95 -11.64 1.59
CA ASP A 109 -13.01 -11.98 3.01
C ASP A 109 -11.67 -12.50 3.51
N PRO A 110 -11.07 -11.77 4.46
CA PRO A 110 -9.75 -12.11 4.96
C PRO A 110 -9.81 -13.27 5.94
N THR A 111 -11.00 -13.84 6.10
CA THR A 111 -11.14 -15.18 6.64
C THR A 111 -10.39 -16.20 5.79
N THR A 112 -10.28 -15.92 4.50
CA THR A 112 -9.48 -16.73 3.59
C THR A 112 -8.17 -16.03 3.25
N GLN A 113 -8.23 -14.72 3.05
CA GLN A 113 -7.18 -14.00 2.37
C GLN A 113 -6.84 -12.69 3.09
N GLU A 114 -5.81 -12.73 3.92
CA GLU A 114 -5.40 -11.56 4.69
C GLU A 114 -3.93 -11.21 4.42
N ALA A 115 -3.68 -9.94 4.17
CA ALA A 115 -2.34 -9.39 4.30
C ALA A 115 -1.31 -10.27 3.60
N ILE A 116 -1.28 -10.20 2.27
CA ILE A 116 -0.41 -11.04 1.47
C ILE A 116 0.92 -10.33 1.19
N PRO A 117 2.02 -11.08 1.29
CA PRO A 117 3.34 -10.53 1.07
C PRO A 117 3.40 -9.74 -0.24
N THR A 118 3.84 -8.49 -0.15
CA THR A 118 3.76 -7.57 -1.28
C THR A 118 5.04 -7.61 -2.11
N ARG A 119 4.87 -7.67 -3.43
CA ARG A 119 5.99 -7.55 -4.34
C ARG A 119 5.66 -6.62 -5.50
N PHE A 120 6.64 -5.82 -5.92
CA PHE A 120 6.44 -4.87 -7.00
C PHE A 120 7.27 -5.24 -8.23
N PRO A 121 6.65 -5.15 -9.40
CA PRO A 121 7.29 -5.56 -10.64
C PRO A 121 8.56 -4.76 -10.89
N PRO A 122 9.51 -5.38 -11.58
CA PRO A 122 10.70 -4.67 -12.04
C PRO A 122 10.35 -3.39 -12.78
N GLY A 123 11.03 -2.30 -12.44
CA GLY A 123 10.74 -1.01 -13.04
C GLY A 123 10.37 0.01 -11.97
N THR A 124 9.66 -0.44 -10.95
CA THR A 124 9.37 0.39 -9.77
C THR A 124 10.62 0.57 -8.92
N ILE A 125 10.81 1.78 -8.41
CA ILE A 125 11.91 2.07 -7.49
C ILE A 125 11.50 1.82 -6.05
N LEU A 126 12.49 1.54 -5.21
CA LEU A 126 12.27 1.40 -3.78
C LEU A 126 13.14 2.35 -2.97
N PRO A 127 12.62 3.54 -2.71
CA PRO A 127 13.47 4.68 -2.35
C PRO A 127 14.31 4.37 -1.12
N GLN A 128 15.51 4.96 -1.08
CA GLN A 128 16.38 4.83 0.09
C GLN A 128 15.61 5.13 1.38
N GLY A 129 15.77 4.25 2.37
CA GLY A 129 15.13 4.45 3.66
C GLY A 129 13.87 3.61 3.80
N TYR A 130 13.53 2.89 2.73
CA TYR A 130 12.41 1.96 2.76
C TYR A 130 12.85 0.55 2.39
N TYR A 131 12.20 -0.45 2.98
CA TYR A 131 12.19 -1.80 2.42
C TYR A 131 10.90 -2.52 2.77
N VAL A 132 10.44 -3.37 1.86
CA VAL A 132 9.03 -3.76 1.82
C VAL A 132 8.76 -4.95 2.72
N GLU A 133 7.58 -4.97 3.34
CA GLU A 133 7.21 -6.05 4.25
C GLU A 133 6.47 -7.16 3.52
N GLY A 134 6.59 -8.37 4.04
CA GLY A 134 5.81 -9.51 3.53
C GLY A 134 5.97 -10.73 4.42
N SER A 135 6.20 -10.49 5.71
CA SER A 135 6.11 -11.55 6.71
C SER A 135 4.67 -11.95 6.98
N GLY A 136 3.73 -11.17 6.44
CA GLY A 136 2.33 -11.33 6.76
C GLY A 136 1.86 -10.26 7.74
N ARG A 137 2.82 -9.62 8.41
CA ARG A 137 2.52 -8.56 9.37
C ARG A 137 2.31 -7.23 8.66
N SER A 138 1.29 -7.17 7.81
CA SER A 138 0.89 -5.91 7.18
C SER A 138 0.76 -4.80 8.22
N GLY A 1 -16.74 -11.01 1.50
CA GLY A 1 -16.76 -9.59 1.78
C GLY A 1 -17.67 -9.27 2.97
N ASN A 2 -17.53 -10.05 4.04
CA ASN A 2 -18.39 -9.91 5.21
C ASN A 2 -17.64 -9.30 6.38
N THR A 3 -16.52 -8.65 6.08
CA THR A 3 -15.67 -8.07 7.13
C THR A 3 -15.49 -6.57 6.91
N ILE A 4 -15.47 -5.82 8.01
CA ILE A 4 -15.07 -4.41 7.96
C ILE A 4 -13.83 -4.22 7.11
N PRO A 5 -13.84 -3.17 6.29
CA PRO A 5 -12.77 -2.93 5.33
C PRO A 5 -11.54 -2.32 6.02
N HIS A 6 -10.99 -3.05 6.97
CA HIS A 6 -9.81 -2.58 7.69
C HIS A 6 -8.60 -3.44 7.36
N TYR A 7 -8.73 -4.30 6.36
CA TYR A 7 -7.69 -5.26 6.01
C TYR A 7 -7.17 -5.03 4.60
N SER A 8 -5.85 -4.97 4.45
CA SER A 8 -5.23 -4.76 3.15
C SER A 8 -5.24 -6.04 2.32
N TRP A 9 -5.13 -5.89 1.01
CA TRP A 9 -5.10 -7.04 0.11
C TRP A 9 -3.80 -7.82 0.26
N PHE A 10 -2.75 -7.13 0.66
CA PHE A 10 -1.43 -7.76 0.82
C PHE A 10 -0.54 -6.93 1.73
N SER A 11 0.68 -7.41 1.94
CA SER A 11 1.63 -6.74 2.83
C SER A 11 1.99 -5.35 2.30
N GLY A 12 2.53 -4.52 3.17
CA GLY A 12 2.91 -3.16 2.80
C GLY A 12 4.43 -3.03 2.66
N ILE A 13 4.87 -1.85 2.24
CA ILE A 13 6.27 -1.47 2.38
C ILE A 13 6.56 -0.92 3.76
N THR A 14 7.74 -1.24 4.30
CA THR A 14 8.08 -0.88 5.66
C THR A 14 8.98 0.35 5.71
N GLN A 15 8.49 1.40 6.35
CA GLN A 15 9.29 2.60 6.57
C GLN A 15 10.41 2.34 7.55
N PHE A 16 11.62 2.79 7.19
CA PHE A 16 12.76 2.73 8.10
C PHE A 16 13.14 4.12 8.59
N GLN A 17 13.07 5.10 7.70
CA GLN A 17 13.52 6.46 8.00
C GLN A 17 12.43 7.48 7.67
N LYS A 18 12.10 8.30 8.66
CA LYS A 18 10.90 9.13 8.59
C LYS A 18 11.11 10.34 7.68
N GLY A 19 12.32 10.89 7.72
CA GLY A 19 12.63 12.12 6.99
C GLY A 19 12.93 11.83 5.52
N ARG A 20 12.05 11.09 4.87
CA ARG A 20 12.31 10.58 3.53
C ARG A 20 11.03 10.55 2.70
N ASP A 21 11.17 10.86 1.41
CA ASP A 21 10.02 11.01 0.53
C ASP A 21 9.57 9.67 -0.02
N PHE A 22 8.52 9.68 -0.84
CA PHE A 22 7.89 8.45 -1.31
C PHE A 22 7.37 8.61 -2.72
N LYS A 23 8.16 8.17 -3.70
CA LYS A 23 7.92 8.52 -5.10
C LYS A 23 8.00 7.29 -5.98
N PHE A 24 7.15 7.25 -7.01
CA PHE A 24 7.39 6.40 -8.16
C PHE A 24 7.05 7.12 -9.46
N SER A 25 7.36 6.49 -10.59
CA SER A 25 6.98 7.02 -11.90
C SER A 25 5.58 6.55 -12.27
N ASP A 26 5.11 6.99 -13.44
CA ASP A 26 3.84 6.53 -13.98
C ASP A 26 3.83 5.02 -14.17
N GLY A 27 2.82 4.36 -13.62
CA GLY A 27 2.71 2.91 -13.71
C GLY A 27 3.80 2.23 -12.89
N GLN A 28 4.38 2.97 -11.96
CA GLN A 28 5.30 2.40 -10.98
C GLN A 28 4.77 2.54 -9.57
N GLY A 29 5.11 1.57 -8.72
CA GLY A 29 4.52 1.49 -7.38
C GLY A 29 3.28 0.61 -7.38
N VAL A 30 3.05 -0.09 -8.48
CA VAL A 30 1.94 -1.04 -8.58
C VAL A 30 2.41 -2.45 -8.24
N PRO A 31 1.82 -3.02 -7.19
CA PRO A 31 2.32 -4.27 -6.62
C PRO A 31 1.77 -5.47 -7.38
N ILE A 32 2.58 -6.52 -7.45
CA ILE A 32 2.19 -7.73 -8.16
C ILE A 32 1.06 -8.45 -7.45
N ALA A 33 0.01 -8.78 -8.20
CA ALA A 33 -1.19 -9.39 -7.63
C ALA A 33 -1.29 -10.87 -8.01
N PHE A 34 -1.83 -11.67 -7.10
CA PHE A 34 -2.10 -13.08 -7.39
C PHE A 34 -3.40 -13.25 -8.16
N GLY A 35 -4.27 -12.25 -8.06
CA GLY A 35 -5.63 -12.37 -8.60
C GLY A 35 -5.75 -11.64 -9.93
N VAL A 36 -5.22 -10.42 -9.99
CA VAL A 36 -5.61 -9.48 -11.02
C VAL A 36 -4.40 -9.06 -11.86
N PRO A 37 -4.59 -9.07 -13.17
CA PRO A 37 -3.46 -8.93 -14.10
C PRO A 37 -2.95 -7.49 -14.13
N PRO A 38 -1.75 -7.30 -14.66
CA PRO A 38 -1.24 -5.97 -14.96
C PRO A 38 -2.31 -5.12 -15.64
N SER A 39 -3.10 -5.76 -16.50
CA SER A 39 -4.14 -5.04 -17.25
C SER A 39 -5.07 -4.30 -16.31
N GLU A 40 -5.31 -4.88 -15.13
CA GLU A 40 -6.18 -4.26 -14.14
C GLU A 40 -5.42 -3.97 -12.84
N ALA A 41 -4.10 -3.97 -12.93
CA ALA A 41 -3.26 -3.53 -11.82
C ALA A 41 -3.31 -2.01 -11.66
N LYS A 42 -4.04 -1.54 -10.66
CA LYS A 42 -4.41 -0.14 -10.57
C LYS A 42 -5.01 0.19 -9.20
N GLY A 43 -4.46 1.21 -8.56
CA GLY A 43 -4.78 1.49 -7.17
C GLY A 43 -4.30 2.88 -6.76
N TYR A 44 -4.28 3.14 -5.45
CA TYR A 44 -3.92 4.46 -4.94
C TYR A 44 -3.22 4.35 -3.59
N TRP A 45 -3.02 5.49 -2.95
CA TRP A 45 -2.22 5.54 -1.72
C TRP A 45 -2.97 4.92 -0.55
N TYR A 46 -2.22 4.47 0.45
CA TYR A 46 -2.69 4.52 1.83
C TYR A 46 -1.53 4.40 2.81
N ARG A 47 -1.67 5.05 3.97
CA ARG A 47 -0.58 5.12 4.94
C ARG A 47 -1.08 4.85 6.35
N HIS A 48 -0.58 3.79 6.97
CA HIS A 48 -0.99 3.42 8.32
C HIS A 48 -0.27 4.26 9.35
N SER A 49 -1.02 4.73 10.35
CA SER A 49 -0.43 5.43 11.49
C SER A 49 -0.10 4.45 12.61
N ARG A 50 1.06 4.62 13.21
CA ARG A 50 1.52 3.73 14.28
C ARG A 50 2.03 4.52 15.48
N ARG A 51 2.09 3.87 16.63
CA ARG A 51 2.57 4.51 17.84
C ARG A 51 3.45 3.56 18.65
N SER A 52 4.55 4.09 19.18
CA SER A 52 5.39 3.35 20.11
C SER A 52 5.19 3.82 21.54
N PHE A 53 5.23 2.88 22.48
CA PHE A 53 5.18 3.21 23.90
C PHE A 53 6.53 2.98 24.57
N LYS A 54 6.82 3.79 25.58
CA LYS A 54 8.18 3.92 26.10
C LYS A 54 8.36 3.09 27.37
N THR A 55 9.49 3.29 28.04
CA THR A 55 9.92 2.40 29.11
C THR A 55 9.90 3.13 30.46
N ALA A 56 10.20 2.38 31.51
CA ALA A 56 10.33 2.97 32.85
C ALA A 56 11.47 3.98 32.89
N ASP A 57 12.37 3.89 31.92
CA ASP A 57 13.54 4.77 31.88
C ASP A 57 13.32 5.93 30.91
N GLY A 58 12.08 6.14 30.51
CA GLY A 58 11.71 7.32 29.74
C GLY A 58 12.18 7.20 28.30
N GLN A 59 12.51 5.98 27.88
CA GLN A 59 13.07 5.76 26.55
C GLN A 59 12.00 5.78 25.48
N GLN A 60 11.49 6.98 25.18
CA GLN A 60 10.38 7.12 24.26
C GLN A 60 10.87 7.09 22.81
N LYS A 61 10.07 6.50 21.93
CA LYS A 61 10.40 6.42 20.51
C LYS A 61 9.30 7.04 19.67
N GLN A 62 9.69 7.63 18.54
CA GLN A 62 8.72 8.05 17.52
C GLN A 62 8.61 7.01 16.41
N LEU A 63 7.42 6.45 16.26
CA LEU A 63 7.23 5.26 15.44
C LEU A 63 6.76 5.61 14.05
N LEU A 64 7.09 4.76 13.08
CA LEU A 64 7.09 5.15 11.67
C LEU A 64 5.81 4.70 10.97
N PRO A 65 5.45 5.39 9.91
CA PRO A 65 4.31 5.00 9.09
C PRO A 65 4.50 3.61 8.50
N ARG A 66 3.40 2.92 8.25
CA ARG A 66 3.43 1.63 7.56
C ARG A 66 2.47 1.61 6.38
N TRP A 67 3.04 1.57 5.18
CA TRP A 67 2.29 1.96 3.98
C TRP A 67 1.45 0.82 3.45
N TYR A 68 0.21 1.12 3.10
CA TYR A 68 -0.74 0.08 2.68
C TYR A 68 -1.29 0.37 1.28
N PHE A 69 -1.90 -0.63 0.68
CA PHE A 69 -2.22 -0.59 -0.74
C PHE A 69 -3.60 -1.17 -1.02
N TYR A 70 -4.43 -0.40 -1.72
CA TYR A 70 -5.74 -0.87 -2.15
C TYR A 70 -5.95 -0.64 -3.64
N TYR A 71 -6.94 -1.33 -4.20
CA TYR A 71 -7.24 -1.21 -5.63
C TYR A 71 -8.28 -0.14 -5.87
N LEU A 72 -8.25 0.44 -7.07
CA LEU A 72 -9.28 1.38 -7.49
C LEU A 72 -10.65 0.72 -7.56
N GLY A 73 -11.50 1.06 -6.60
CA GLY A 73 -12.72 0.29 -6.36
C GLY A 73 -12.73 -0.32 -4.97
N THR A 74 -11.60 -0.21 -4.27
CA THR A 74 -11.47 -0.78 -2.93
C THR A 74 -10.82 0.22 -1.97
N GLY A 75 -11.17 0.12 -0.70
CA GLY A 75 -10.34 0.71 0.36
C GLY A 75 -11.03 1.91 1.00
N PRO A 76 -10.35 2.53 1.95
CA PRO A 76 -10.92 3.66 2.68
C PRO A 76 -11.41 4.74 1.72
N TYR A 77 -10.74 4.88 0.59
CA TYR A 77 -11.13 5.83 -0.43
C TYR A 77 -11.47 5.14 -1.74
N ALA A 78 -12.20 4.03 -1.64
CA ALA A 78 -12.41 3.15 -2.79
C ALA A 78 -12.97 3.92 -3.98
N ASN A 79 -13.74 4.96 -3.70
CA ASN A 79 -14.44 5.70 -4.75
C ASN A 79 -13.81 7.06 -4.98
N ALA A 80 -12.53 7.18 -4.65
CA ALA A 80 -11.78 8.40 -4.92
C ALA A 80 -11.83 8.78 -6.38
N SER A 81 -11.85 10.08 -6.66
CA SER A 81 -11.67 10.58 -8.02
C SER A 81 -10.24 10.40 -8.49
N TYR A 82 -10.07 9.85 -9.68
CA TYR A 82 -8.75 9.66 -10.27
C TYR A 82 -8.00 10.98 -10.38
N GLY A 83 -6.81 11.02 -9.78
CA GLY A 83 -5.99 12.23 -9.79
C GLY A 83 -5.85 12.82 -8.40
N GLU A 84 -6.57 12.23 -7.44
CA GLU A 84 -6.49 12.67 -6.05
C GLU A 84 -5.10 12.40 -5.47
N SER A 85 -4.13 13.20 -5.87
CA SER A 85 -2.79 13.12 -5.29
C SER A 85 -2.52 14.29 -4.36
N LEU A 86 -2.35 13.98 -3.07
CA LEU A 86 -2.30 15.01 -2.04
C LEU A 86 -0.87 15.20 -1.52
N GLU A 87 -0.73 16.10 -0.55
CA GLU A 87 0.53 16.23 0.17
C GLU A 87 0.88 14.96 0.94
N GLY A 88 2.06 14.41 0.67
CA GLY A 88 2.49 13.17 1.29
C GLY A 88 1.81 11.97 0.64
N VAL A 89 1.15 12.21 -0.48
CA VAL A 89 0.36 11.18 -1.14
C VAL A 89 0.87 10.90 -2.55
N PHE A 90 0.70 9.67 -3.01
CA PHE A 90 1.01 9.31 -4.39
C PHE A 90 -0.06 8.41 -4.97
N TRP A 91 -0.64 8.82 -6.10
CA TRP A 91 -1.62 8.01 -6.81
C TRP A 91 -0.99 7.25 -7.96
N VAL A 92 -1.45 6.03 -8.17
CA VAL A 92 -0.76 5.09 -9.06
C VAL A 92 -1.73 4.37 -9.97
N ALA A 93 -1.22 3.85 -11.09
CA ALA A 93 -1.76 2.63 -11.68
C ALA A 93 -0.96 2.23 -12.91
N ASN A 94 -1.03 0.95 -13.26
CA ASN A 94 -0.11 0.37 -14.24
C ASN A 94 -0.41 0.86 -15.64
N HIS A 95 0.57 0.71 -16.53
CA HIS A 95 0.29 0.63 -17.96
C HIS A 95 -0.78 -0.41 -18.26
N GLN A 96 -1.73 -0.05 -19.12
CA GLN A 96 -2.81 -0.96 -19.48
C GLN A 96 -3.96 -0.88 -18.48
N ALA A 97 -3.79 -0.06 -17.46
CA ALA A 97 -4.88 0.26 -16.55
C ALA A 97 -5.94 1.10 -17.24
N ASP A 98 -7.19 0.97 -16.80
CA ASP A 98 -8.22 1.96 -17.08
C ASP A 98 -8.76 2.58 -15.80
N THR A 99 -8.30 3.79 -15.50
CA THR A 99 -8.41 4.35 -14.16
C THR A 99 -9.51 5.39 -14.09
N SER A 100 -10.46 5.31 -15.01
CA SER A 100 -11.65 6.15 -14.96
C SER A 100 -12.80 5.43 -14.27
N THR A 101 -12.47 4.37 -13.52
CA THR A 101 -13.43 3.32 -13.23
C THR A 101 -12.88 2.36 -12.18
N PRO A 102 -13.78 1.78 -11.39
CA PRO A 102 -13.40 0.80 -10.38
C PRO A 102 -12.88 -0.49 -11.03
N SER A 103 -11.95 -1.15 -10.35
CA SER A 103 -11.17 -2.22 -10.96
C SER A 103 -11.94 -3.54 -10.90
N ASP A 104 -11.42 -4.55 -11.60
CA ASP A 104 -12.02 -5.88 -11.59
C ASP A 104 -11.46 -6.73 -10.47
N VAL A 105 -10.98 -6.08 -9.41
CA VAL A 105 -10.31 -6.78 -8.32
C VAL A 105 -10.89 -6.38 -6.97
N SER A 106 -11.41 -7.37 -6.25
CA SER A 106 -12.37 -7.12 -5.18
C SER A 106 -11.68 -6.94 -3.84
N SER A 107 -12.39 -6.35 -2.88
CA SER A 107 -11.86 -6.15 -1.54
C SER A 107 -11.59 -7.48 -0.85
N ARG A 108 -10.51 -7.54 -0.08
CA ARG A 108 -10.15 -8.75 0.66
C ARG A 108 -11.22 -9.08 1.70
N ASP A 109 -11.41 -10.36 1.94
CA ASP A 109 -12.09 -10.82 3.15
C ASP A 109 -11.25 -11.83 3.91
N PRO A 110 -10.76 -11.43 5.08
CA PRO A 110 -9.81 -12.23 5.84
C PRO A 110 -10.52 -13.40 6.52
N THR A 111 -11.83 -13.51 6.31
CA THR A 111 -12.56 -14.74 6.58
C THR A 111 -12.01 -15.89 5.75
N THR A 112 -11.60 -15.59 4.52
CA THR A 112 -11.08 -16.61 3.62
C THR A 112 -9.58 -16.44 3.39
N GLN A 113 -9.12 -15.19 3.47
CA GLN A 113 -7.88 -14.80 2.82
C GLN A 113 -6.86 -14.29 3.83
N GLU A 114 -5.69 -14.91 3.86
CA GLU A 114 -4.55 -14.39 4.60
C GLU A 114 -3.78 -13.36 3.78
N ALA A 115 -3.07 -12.47 4.46
CA ALA A 115 -2.27 -11.46 3.79
C ALA A 115 -1.17 -12.09 2.95
N ILE A 116 -0.84 -11.44 1.83
CA ILE A 116 0.13 -11.99 0.88
C ILE A 116 1.36 -11.10 0.78
N PRO A 117 2.53 -11.72 0.71
CA PRO A 117 3.77 -10.99 0.50
C PRO A 117 3.68 -10.09 -0.73
N THR A 118 4.16 -8.86 -0.60
CA THR A 118 4.06 -7.89 -1.66
C THR A 118 5.33 -7.84 -2.49
N ARG A 119 5.18 -7.81 -3.82
CA ARG A 119 6.30 -7.61 -4.72
C ARG A 119 5.94 -6.63 -5.84
N PHE A 120 6.90 -5.81 -6.22
CA PHE A 120 6.69 -4.83 -7.29
C PHE A 120 7.51 -5.19 -8.53
N PRO A 121 6.89 -5.05 -9.70
CA PRO A 121 7.54 -5.42 -10.95
C PRO A 121 8.83 -4.63 -11.16
N PRO A 122 9.79 -5.24 -11.84
CA PRO A 122 11.03 -4.57 -12.20
C PRO A 122 10.75 -3.25 -12.90
N GLY A 123 11.48 -2.21 -12.51
CA GLY A 123 11.28 -0.89 -13.09
C GLY A 123 10.80 0.11 -12.04
N THR A 124 9.97 -0.38 -11.11
CA THR A 124 9.52 0.43 -9.99
C THR A 124 10.67 0.73 -9.03
N ILE A 125 10.73 1.97 -8.54
CA ILE A 125 11.74 2.36 -7.56
C ILE A 125 11.30 2.03 -6.14
N LEU A 126 12.27 1.98 -5.23
CA LEU A 126 11.97 1.77 -3.82
C LEU A 126 12.58 2.88 -2.96
N PRO A 127 11.77 3.88 -2.63
CA PRO A 127 12.29 5.16 -2.18
C PRO A 127 13.24 4.99 -0.99
N GLN A 128 14.27 5.82 -0.94
CA GLN A 128 15.22 5.79 0.16
C GLN A 128 14.51 5.85 1.51
N GLY A 129 14.91 4.99 2.43
CA GLY A 129 14.34 4.98 3.77
C GLY A 129 13.25 3.94 3.91
N TYR A 130 13.00 3.22 2.82
CA TYR A 130 12.05 2.10 2.85
C TYR A 130 12.75 0.77 2.58
N TYR A 131 12.15 -0.31 3.05
CA TYR A 131 12.28 -1.60 2.39
C TYR A 131 11.03 -2.46 2.59
N VAL A 132 10.68 -3.23 1.58
CA VAL A 132 9.38 -3.90 1.53
C VAL A 132 9.42 -5.24 2.28
N GLU A 133 8.29 -5.60 2.86
CA GLU A 133 8.22 -6.80 3.70
C GLU A 133 7.04 -7.68 3.29
N GLY A 134 7.04 -8.91 3.80
CA GLY A 134 6.07 -9.91 3.36
C GLY A 134 4.89 -9.99 4.35
N SER A 135 4.10 -11.04 4.21
CA SER A 135 2.88 -11.19 5.01
C SER A 135 3.20 -11.33 6.49
N GLY A 136 2.57 -10.51 7.31
CA GLY A 136 2.71 -10.60 8.76
C GLY A 136 3.99 -9.92 9.24
N ARG A 137 4.76 -9.39 8.28
CA ARG A 137 6.05 -8.77 8.59
C ARG A 137 6.03 -7.29 8.24
N SER A 138 4.92 -6.83 7.66
CA SER A 138 4.79 -5.44 7.26
C SER A 138 5.22 -4.50 8.38
N GLY A 1 -2.86 -0.23 13.34
CA GLY A 1 -3.03 0.99 12.56
C GLY A 1 -4.10 1.88 13.18
N ASN A 2 -3.67 3.03 13.70
CA ASN A 2 -4.58 3.93 14.39
C ASN A 2 -5.37 4.79 13.40
N THR A 3 -6.23 4.12 12.63
CA THR A 3 -7.02 4.82 11.61
C THR A 3 -8.33 4.08 11.35
N ILE A 4 -8.92 4.34 10.18
CA ILE A 4 -10.11 3.62 9.76
C ILE A 4 -10.04 2.15 10.16
N PRO A 5 -11.13 1.63 10.73
CA PRO A 5 -11.16 0.27 11.21
C PRO A 5 -11.35 -0.72 10.06
N HIS A 6 -10.44 -0.67 9.10
CA HIS A 6 -10.54 -1.50 7.90
C HIS A 6 -9.41 -2.52 7.85
N TYR A 7 -9.59 -3.55 7.02
CA TYR A 7 -8.52 -4.51 6.75
C TYR A 7 -7.77 -4.15 5.47
N SER A 8 -6.47 -4.39 5.47
CA SER A 8 -5.64 -4.14 4.30
C SER A 8 -5.58 -5.37 3.40
N TRP A 9 -5.58 -5.14 2.09
CA TRP A 9 -5.35 -6.20 1.12
C TRP A 9 -3.88 -6.65 1.13
N PHE A 10 -2.99 -5.72 1.45
CA PHE A 10 -1.56 -5.93 1.26
C PHE A 10 -0.79 -5.75 2.57
N SER A 11 0.46 -6.20 2.58
CA SER A 11 1.46 -5.64 3.47
C SER A 11 1.94 -4.28 2.97
N GLY A 12 2.61 -3.54 3.85
CA GLY A 12 3.18 -2.25 3.48
C GLY A 12 4.68 -2.35 3.24
N ILE A 13 5.22 -1.41 2.47
CA ILE A 13 6.65 -1.19 2.41
C ILE A 13 7.17 -0.65 3.73
N THR A 14 8.32 -1.16 4.17
CA THR A 14 8.84 -0.86 5.51
C THR A 14 9.86 0.27 5.46
N GLN A 15 9.52 1.41 6.06
CA GLN A 15 10.45 2.51 6.21
C GLN A 15 11.52 2.18 7.26
N PHE A 16 12.75 2.63 7.01
CA PHE A 16 13.82 2.49 7.99
C PHE A 16 14.29 3.85 8.48
N GLN A 17 14.42 4.80 7.55
CA GLN A 17 14.96 6.11 7.88
C GLN A 17 13.87 7.18 7.87
N LYS A 18 13.44 7.57 9.07
CA LYS A 18 12.42 8.61 9.20
C LYS A 18 12.87 9.91 8.55
N GLY A 19 11.97 10.56 7.84
CA GLY A 19 12.26 11.82 7.17
C GLY A 19 12.51 11.62 5.68
N ARG A 20 12.73 10.36 5.28
CA ARG A 20 12.93 10.03 3.87
C ARG A 20 11.60 9.77 3.18
N ASP A 21 11.26 10.62 2.22
CA ASP A 21 9.96 10.56 1.57
C ASP A 21 9.90 9.40 0.58
N PHE A 22 8.70 9.13 0.08
CA PHE A 22 8.48 8.00 -0.82
C PHE A 22 8.04 8.48 -2.20
N LYS A 23 8.89 8.28 -3.20
CA LYS A 23 8.66 8.81 -4.53
C LYS A 23 8.62 7.70 -5.57
N PHE A 24 7.82 7.90 -6.62
CA PHE A 24 7.80 6.98 -7.75
C PHE A 24 7.15 7.64 -8.97
N SER A 25 7.27 6.98 -10.11
CA SER A 25 6.80 7.54 -11.38
C SER A 25 5.44 6.96 -11.76
N ASP A 26 4.87 7.49 -12.83
CA ASP A 26 3.62 6.95 -13.37
C ASP A 26 3.76 5.47 -13.72
N GLY A 27 2.80 4.68 -13.26
CA GLY A 27 2.81 3.24 -13.53
C GLY A 27 3.87 2.53 -12.69
N GLN A 28 4.40 3.23 -11.70
CA GLN A 28 5.30 2.62 -10.73
C GLN A 28 4.69 2.61 -9.34
N GLY A 29 5.14 1.68 -8.50
CA GLY A 29 4.61 1.56 -7.15
C GLY A 29 3.29 0.80 -7.13
N VAL A 30 3.05 0.03 -8.19
CA VAL A 30 1.86 -0.82 -8.26
C VAL A 30 2.17 -2.24 -7.85
N PRO A 31 1.46 -2.73 -6.84
CA PRO A 31 1.74 -4.04 -6.27
C PRO A 31 0.97 -5.13 -7.02
N ILE A 32 1.47 -6.36 -6.95
CA ILE A 32 1.03 -7.43 -7.83
C ILE A 32 -0.15 -8.18 -7.24
N ALA A 33 -1.21 -8.33 -8.02
CA ALA A 33 -2.27 -9.28 -7.70
C ALA A 33 -1.91 -10.68 -8.17
N PHE A 34 -2.27 -11.67 -7.37
CA PHE A 34 -2.38 -13.05 -7.85
C PHE A 34 -3.55 -13.20 -8.81
N GLY A 35 -4.49 -12.27 -8.73
CA GLY A 35 -5.77 -12.42 -9.42
C GLY A 35 -5.71 -11.86 -10.83
N VAL A 36 -5.15 -10.67 -10.97
CA VAL A 36 -5.41 -9.82 -12.13
C VAL A 36 -4.13 -9.53 -12.90
N PRO A 37 -4.27 -9.21 -14.18
CA PRO A 37 -3.12 -8.94 -15.03
C PRO A 37 -2.55 -7.56 -14.76
N PRO A 38 -1.33 -7.33 -15.24
CA PRO A 38 -0.78 -5.97 -15.33
C PRO A 38 -1.84 -4.99 -15.79
N SER A 39 -2.71 -5.44 -16.70
CA SER A 39 -3.75 -4.58 -17.25
C SER A 39 -4.66 -4.04 -16.15
N GLU A 40 -4.89 -4.87 -15.13
CA GLU A 40 -5.76 -4.48 -14.03
C GLU A 40 -4.94 -4.03 -12.82
N ALA A 41 -3.64 -3.85 -13.02
CA ALA A 41 -2.75 -3.40 -11.96
C ALA A 41 -2.92 -1.92 -11.68
N LYS A 42 -3.89 -1.58 -10.82
CA LYS A 42 -4.24 -0.20 -10.56
C LYS A 42 -4.74 -0.01 -9.14
N GLY A 43 -4.28 1.04 -8.48
CA GLY A 43 -4.55 1.25 -7.06
C GLY A 43 -4.26 2.68 -6.64
N TYR A 44 -4.25 2.91 -5.34
CA TYR A 44 -3.96 4.24 -4.80
C TYR A 44 -3.36 4.16 -3.40
N TRP A 45 -3.18 5.31 -2.77
CA TRP A 45 -2.40 5.40 -1.54
C TRP A 45 -3.16 4.82 -0.36
N TYR A 46 -2.43 4.41 0.68
CA TYR A 46 -2.92 4.51 2.04
C TYR A 46 -1.77 4.41 3.05
N ARG A 47 -2.10 4.58 4.32
CA ARG A 47 -1.09 4.54 5.38
C ARG A 47 -1.68 4.01 6.67
N HIS A 48 -0.96 3.09 7.32
CA HIS A 48 -1.28 2.68 8.68
C HIS A 48 -0.08 2.89 9.61
N SER A 49 -0.37 3.17 10.87
CA SER A 49 0.65 3.20 11.91
C SER A 49 0.95 1.81 12.43
N ARG A 50 2.05 1.68 13.16
CA ARG A 50 2.41 0.41 13.80
C ARG A 50 2.69 0.60 15.27
N ARG A 51 2.40 -0.44 16.06
CA ARG A 51 2.62 -0.39 17.50
C ARG A 51 4.07 -0.63 17.86
N SER A 52 4.61 0.20 18.75
CA SER A 52 6.00 0.06 19.18
C SER A 52 6.09 -0.57 20.56
N PHE A 53 7.31 -0.80 21.03
CA PHE A 53 7.54 -1.45 22.31
C PHE A 53 8.82 -0.96 22.95
N LYS A 54 9.02 -1.32 24.22
CA LYS A 54 10.26 -1.01 24.93
C LYS A 54 11.03 -2.27 25.27
N THR A 55 12.36 -2.19 25.16
CA THR A 55 13.21 -3.38 25.26
C THR A 55 13.45 -3.75 26.72
N ALA A 56 13.93 -4.97 26.94
CA ALA A 56 14.31 -5.41 28.27
C ALA A 56 15.44 -4.56 28.84
N ASP A 57 16.18 -3.91 27.95
CA ASP A 57 17.30 -3.06 28.36
C ASP A 57 16.85 -1.65 28.67
N GLY A 58 15.53 -1.44 28.65
CA GLY A 58 14.95 -0.16 29.06
C GLY A 58 15.07 0.88 27.96
N GLN A 59 15.25 0.41 26.73
CA GLN A 59 15.36 1.30 25.58
C GLN A 59 14.10 1.26 24.72
N GLN A 60 13.39 2.37 24.67
CA GLN A 60 12.13 2.44 23.92
C GLN A 60 12.36 3.01 22.52
N LYS A 61 11.66 2.43 21.55
CA LYS A 61 11.86 2.80 20.15
C LYS A 61 10.72 3.68 19.64
N GLN A 62 11.07 4.69 18.85
CA GLN A 62 10.10 5.38 18.02
C GLN A 62 9.92 4.68 16.68
N LEU A 63 8.75 4.06 16.50
CA LEU A 63 8.54 3.15 15.37
C LEU A 63 7.95 3.87 14.18
N LEU A 64 8.19 3.32 12.99
CA LEU A 64 8.04 4.08 11.75
C LEU A 64 6.75 3.71 11.03
N PRO A 65 6.26 4.63 10.19
CA PRO A 65 5.09 4.36 9.36
C PRO A 65 5.37 3.23 8.37
N ARG A 66 4.31 2.58 7.92
CA ARG A 66 4.34 1.81 6.68
C ARG A 66 3.36 2.37 5.66
N TRP A 67 3.66 2.16 4.38
CA TRP A 67 2.79 2.61 3.30
C TRP A 67 2.00 1.45 2.70
N TYR A 68 0.69 1.64 2.56
CA TYR A 68 -0.21 0.54 2.26
C TYR A 68 -0.97 0.79 0.96
N PHE A 69 -1.53 -0.27 0.39
CA PHE A 69 -1.86 -0.30 -1.03
C PHE A 69 -3.23 -0.94 -1.26
N TYR A 70 -4.13 -0.18 -1.88
CA TYR A 70 -5.47 -0.68 -2.18
C TYR A 70 -5.75 -0.60 -3.68
N TYR A 71 -6.56 -1.54 -4.17
CA TYR A 71 -6.99 -1.52 -5.57
C TYR A 71 -8.10 -0.51 -5.79
N LEU A 72 -8.15 0.05 -6.99
CA LEU A 72 -9.32 0.79 -7.43
C LEU A 72 -10.58 -0.07 -7.39
N GLY A 73 -11.66 0.48 -6.83
CA GLY A 73 -12.90 -0.26 -6.66
C GLY A 73 -13.11 -0.64 -5.19
N THR A 74 -12.06 -0.52 -4.39
CA THR A 74 -12.12 -0.90 -2.99
C THR A 74 -11.25 -0.01 -2.14
N GLY A 75 -11.63 0.15 -0.86
CA GLY A 75 -10.73 0.72 0.13
C GLY A 75 -11.33 1.99 0.74
N PRO A 76 -10.56 2.64 1.61
CA PRO A 76 -11.02 3.85 2.29
C PRO A 76 -11.54 4.87 1.28
N TYR A 77 -10.95 4.87 0.09
CA TYR A 77 -11.38 5.78 -0.96
C TYR A 77 -11.71 5.02 -2.24
N ALA A 78 -12.51 3.96 -2.11
CA ALA A 78 -12.70 3.00 -3.19
C ALA A 78 -13.17 3.70 -4.46
N ASN A 79 -13.97 4.74 -4.30
CA ASN A 79 -14.63 5.38 -5.43
C ASN A 79 -14.04 6.75 -5.72
N ALA A 80 -12.79 6.95 -5.30
CA ALA A 80 -12.06 8.17 -5.63
C ALA A 80 -11.97 8.38 -7.13
N SER A 81 -11.96 9.64 -7.55
CA SER A 81 -11.63 9.99 -8.92
C SER A 81 -10.13 9.89 -9.17
N TYR A 82 -9.75 9.20 -10.24
CA TYR A 82 -8.36 9.08 -10.64
C TYR A 82 -7.70 10.45 -10.74
N GLY A 83 -6.61 10.64 -10.02
CA GLY A 83 -5.89 11.91 -10.02
C GLY A 83 -5.95 12.59 -8.66
N GLU A 84 -6.77 12.05 -7.77
CA GLU A 84 -6.88 12.56 -6.42
C GLU A 84 -5.59 12.35 -5.64
N SER A 85 -4.60 13.19 -5.89
CA SER A 85 -3.33 13.14 -5.18
C SER A 85 -3.23 14.25 -4.14
N LEU A 86 -3.09 13.87 -2.88
CA LEU A 86 -3.18 14.82 -1.77
C LEU A 86 -1.78 15.17 -1.26
N GLU A 87 -1.74 16.00 -0.22
CA GLU A 87 -0.49 16.25 0.50
C GLU A 87 0.06 14.98 1.13
N GLY A 88 1.31 14.65 0.78
CA GLY A 88 1.92 13.42 1.25
C GLY A 88 1.38 12.20 0.50
N VAL A 89 0.67 12.46 -0.59
CA VAL A 89 -0.03 11.42 -1.32
C VAL A 89 0.35 11.41 -2.79
N PHE A 90 0.36 10.24 -3.40
CA PHE A 90 0.50 10.13 -4.85
C PHE A 90 -0.33 8.97 -5.39
N TRP A 91 -1.21 9.26 -6.34
CA TRP A 91 -2.04 8.25 -6.97
C TRP A 91 -1.24 7.44 -7.98
N VAL A 92 -1.61 6.17 -8.13
CA VAL A 92 -0.85 5.24 -8.97
C VAL A 92 -1.77 4.45 -9.89
N ALA A 93 -1.25 4.04 -11.04
CA ALA A 93 -1.64 2.79 -11.67
C ALA A 93 -0.85 2.53 -12.94
N ASN A 94 -0.86 1.28 -13.39
CA ASN A 94 -0.06 0.88 -14.54
C ASN A 94 -0.48 1.63 -15.79
N HIS A 95 0.44 1.72 -16.76
CA HIS A 95 0.16 2.40 -18.02
C HIS A 95 -0.88 1.65 -18.84
N GLN A 96 -1.09 0.38 -18.50
CA GLN A 96 -2.10 -0.43 -19.17
C GLN A 96 -3.44 -0.32 -18.47
N ALA A 97 -3.46 0.38 -17.34
CA ALA A 97 -4.66 0.46 -16.51
C ALA A 97 -5.76 1.27 -17.19
N ASP A 98 -7.01 0.89 -16.96
CA ASP A 98 -8.13 1.80 -17.15
C ASP A 98 -8.72 2.23 -15.80
N THR A 99 -8.43 3.46 -15.40
CA THR A 99 -8.58 3.85 -14.01
C THR A 99 -9.84 4.67 -13.80
N SER A 100 -10.82 4.48 -14.68
CA SER A 100 -12.20 4.87 -14.40
C SER A 100 -12.99 3.71 -13.83
N THR A 101 -12.32 2.58 -13.62
CA THR A 101 -12.98 1.28 -13.64
C THR A 101 -12.53 0.40 -12.47
N PRO A 102 -13.46 0.10 -11.58
CA PRO A 102 -13.16 -0.68 -10.38
C PRO A 102 -12.49 -2.00 -10.73
N SER A 103 -11.51 -2.40 -9.95
CA SER A 103 -10.58 -3.46 -10.34
C SER A 103 -11.21 -4.84 -10.17
N ASP A 104 -10.69 -5.82 -10.89
CA ASP A 104 -11.18 -7.18 -10.79
C ASP A 104 -10.45 -7.96 -9.69
N VAL A 105 -10.35 -7.35 -8.52
CA VAL A 105 -9.61 -7.94 -7.41
C VAL A 105 -10.13 -7.44 -6.07
N SER A 106 -10.46 -6.16 -6.02
CA SER A 106 -11.29 -5.62 -4.94
C SER A 106 -10.77 -6.05 -3.57
N SER A 107 -11.67 -6.41 -2.67
CA SER A 107 -11.30 -6.88 -1.35
C SER A 107 -12.20 -8.03 -0.91
N ARG A 108 -11.62 -9.22 -0.79
CA ARG A 108 -12.34 -10.38 -0.29
C ARG A 108 -12.51 -10.31 1.23
N ASP A 109 -13.54 -11.00 1.73
CA ASP A 109 -13.81 -11.01 3.15
C ASP A 109 -12.60 -11.47 3.96
N PRO A 110 -12.11 -10.60 4.83
CA PRO A 110 -10.91 -10.89 5.60
C PRO A 110 -11.18 -11.91 6.70
N THR A 111 -12.44 -12.32 6.82
CA THR A 111 -12.79 -13.52 7.56
C THR A 111 -12.14 -14.76 6.96
N THR A 112 -11.97 -14.75 5.64
CA THR A 112 -11.36 -15.88 4.94
C THR A 112 -9.92 -15.56 4.55
N GLN A 113 -9.65 -14.29 4.30
CA GLN A 113 -8.40 -13.88 3.64
C GLN A 113 -7.58 -12.96 4.54
N GLU A 114 -6.32 -13.30 4.73
CA GLU A 114 -5.37 -12.39 5.35
C GLU A 114 -4.67 -11.52 4.32
N ALA A 115 -4.05 -10.44 4.79
CA ALA A 115 -3.31 -9.54 3.91
C ALA A 115 -2.18 -10.27 3.21
N ILE A 116 -1.95 -9.92 1.94
CA ILE A 116 -1.02 -10.67 1.10
C ILE A 116 0.32 -9.97 0.99
N PRO A 117 1.40 -10.74 1.07
CA PRO A 117 2.74 -10.21 0.87
C PRO A 117 2.82 -9.38 -0.41
N THR A 118 3.28 -8.14 -0.27
CA THR A 118 3.30 -7.20 -1.38
C THR A 118 4.50 -7.44 -2.29
N ARG A 119 4.25 -7.47 -3.60
CA ARG A 119 5.33 -7.52 -4.57
C ARG A 119 5.11 -6.49 -5.68
N PHE A 120 6.20 -5.89 -6.15
CA PHE A 120 6.14 -4.92 -7.24
C PHE A 120 6.90 -5.40 -8.46
N PRO A 121 6.31 -5.21 -9.64
CA PRO A 121 6.96 -5.60 -10.89
C PRO A 121 8.30 -4.91 -11.04
N PRO A 122 9.23 -5.58 -11.72
CA PRO A 122 10.51 -4.97 -12.06
C PRO A 122 10.33 -3.65 -12.78
N GLY A 123 11.15 -2.66 -12.44
CA GLY A 123 11.09 -1.36 -13.07
C GLY A 123 10.57 -0.30 -12.10
N THR A 124 9.79 -0.74 -11.11
CA THR A 124 9.33 0.14 -10.05
C THR A 124 10.48 0.54 -9.13
N ILE A 125 10.51 1.80 -8.74
CA ILE A 125 11.56 2.32 -7.87
C ILE A 125 11.23 2.08 -6.41
N LEU A 126 12.27 2.10 -5.57
CA LEU A 126 12.09 1.91 -4.13
C LEU A 126 12.94 2.89 -3.34
N PRO A 127 12.31 3.97 -2.89
CA PRO A 127 13.04 5.14 -2.41
C PRO A 127 13.96 4.79 -1.25
N GLN A 128 15.07 5.49 -1.14
CA GLN A 128 16.04 5.23 -0.09
C GLN A 128 15.42 5.35 1.29
N GLY A 129 15.79 4.46 2.20
CA GLY A 129 15.25 4.45 3.54
C GLY A 129 14.21 3.35 3.71
N TYR A 130 13.73 2.83 2.59
CA TYR A 130 12.69 1.80 2.61
C TYR A 130 13.26 0.44 2.23
N TYR A 131 12.63 -0.62 2.72
CA TYR A 131 12.64 -1.90 2.03
C TYR A 131 11.36 -2.68 2.31
N VAL A 132 10.87 -3.38 1.29
CA VAL A 132 9.52 -3.93 1.31
C VAL A 132 9.47 -5.24 2.06
N GLU A 133 8.33 -5.52 2.69
CA GLU A 133 8.18 -6.71 3.51
C GLU A 133 6.73 -7.20 3.52
N GLY A 134 6.55 -8.50 3.69
CA GLY A 134 5.22 -9.10 3.64
C GLY A 134 5.14 -10.35 4.50
N SER A 135 6.15 -10.54 5.35
CA SER A 135 6.13 -11.62 6.32
C SER A 135 5.16 -11.33 7.45
N GLY A 136 3.88 -11.17 7.11
CA GLY A 136 2.86 -10.87 8.10
C GLY A 136 2.88 -9.40 8.51
N ARG A 137 3.76 -8.64 7.85
CA ARG A 137 3.98 -7.26 8.24
C ARG A 137 2.96 -6.33 7.59
N SER A 138 1.72 -6.41 8.06
CA SER A 138 0.68 -5.51 7.60
C SER A 138 -0.01 -4.82 8.77
N GLY A 1 -2.51 -3.13 14.25
CA GLY A 1 -3.02 -1.90 13.66
C GLY A 1 -2.64 -0.68 14.49
N ASN A 2 -1.95 0.26 13.87
CA ASN A 2 -1.51 1.46 14.57
C ASN A 2 -2.45 2.63 14.32
N THR A 3 -3.52 2.37 13.58
CA THR A 3 -4.49 3.41 13.23
C THR A 3 -5.89 2.83 13.06
N ILE A 4 -6.72 3.52 12.30
CA ILE A 4 -8.06 3.04 12.00
C ILE A 4 -8.06 1.54 11.73
N PRO A 5 -9.05 0.85 12.31
CA PRO A 5 -9.06 -0.60 12.30
C PRO A 5 -9.53 -1.15 10.95
N HIS A 6 -8.72 -0.94 9.92
CA HIS A 6 -9.06 -1.39 8.58
C HIS A 6 -8.14 -2.53 8.14
N TYR A 7 -8.62 -3.32 7.19
CA TYR A 7 -7.82 -4.41 6.64
C TYR A 7 -7.34 -4.08 5.23
N SER A 8 -6.32 -4.81 4.77
CA SER A 8 -5.68 -4.51 3.49
C SER A 8 -5.69 -5.73 2.58
N TRP A 9 -5.66 -5.49 1.27
CA TRP A 9 -5.39 -6.54 0.30
C TRP A 9 -3.94 -6.98 0.36
N PHE A 10 -3.06 -6.05 0.72
CA PHE A 10 -1.62 -6.29 0.65
C PHE A 10 -0.94 -6.03 1.98
N SER A 11 0.28 -6.52 2.12
CA SER A 11 1.23 -5.95 3.08
C SER A 11 1.70 -4.57 2.62
N GLY A 12 2.54 -3.95 3.44
CA GLY A 12 3.05 -2.61 3.15
C GLY A 12 4.54 -2.62 2.87
N ILE A 13 5.04 -1.52 2.31
CA ILE A 13 6.46 -1.22 2.38
C ILE A 13 6.84 -0.65 3.75
N THR A 14 8.00 -1.06 4.24
CA THR A 14 8.42 -0.69 5.59
C THR A 14 9.61 0.26 5.56
N GLN A 15 9.43 1.43 6.15
CA GLN A 15 10.52 2.40 6.27
C GLN A 15 11.46 2.04 7.42
N PHE A 16 12.76 2.23 7.20
CA PHE A 16 13.74 2.07 8.26
C PHE A 16 14.29 3.43 8.70
N GLN A 17 14.52 4.30 7.73
CA GLN A 17 15.15 5.59 8.00
C GLN A 17 14.10 6.69 8.14
N LYS A 18 13.90 7.15 9.37
CA LYS A 18 12.90 8.16 9.66
C LYS A 18 13.24 9.49 8.97
N GLY A 19 12.22 10.16 8.45
CA GLY A 19 12.38 11.51 7.93
C GLY A 19 12.56 11.49 6.41
N ARG A 20 12.82 10.30 5.87
CA ARG A 20 12.98 10.14 4.42
C ARG A 20 11.63 10.05 3.73
N ASP A 21 11.54 10.64 2.53
CA ASP A 21 10.27 10.76 1.83
C ASP A 21 10.02 9.55 0.94
N PHE A 22 8.91 9.58 0.22
CA PHE A 22 8.48 8.43 -0.58
C PHE A 22 8.03 8.86 -1.97
N LYS A 23 8.62 8.25 -2.99
CA LYS A 23 8.39 8.67 -4.37
C LYS A 23 8.08 7.49 -5.26
N PHE A 24 7.28 7.73 -6.30
CA PHE A 24 7.21 6.81 -7.45
C PHE A 24 6.55 7.48 -8.64
N SER A 25 6.70 6.87 -9.80
CA SER A 25 6.20 7.45 -11.04
C SER A 25 4.95 6.71 -11.54
N ASP A 26 4.42 7.16 -12.67
CA ASP A 26 3.26 6.51 -13.28
C ASP A 26 3.55 5.04 -13.58
N GLY A 27 2.61 4.18 -13.20
CA GLY A 27 2.75 2.75 -13.43
C GLY A 27 3.82 2.14 -12.53
N GLN A 28 4.29 2.94 -11.56
CA GLN A 28 5.18 2.43 -10.53
C GLN A 28 4.49 2.41 -9.17
N GLY A 29 4.90 1.49 -8.32
CA GLY A 29 4.31 1.35 -6.99
C GLY A 29 3.01 0.53 -7.05
N VAL A 30 2.84 -0.21 -8.15
CA VAL A 30 1.73 -1.15 -8.26
C VAL A 30 2.19 -2.58 -7.97
N PRO A 31 1.57 -3.19 -6.97
CA PRO A 31 2.10 -4.42 -6.38
C PRO A 31 1.62 -5.65 -7.15
N ILE A 32 2.34 -6.76 -6.99
CA ILE A 32 2.05 -7.96 -7.76
C ILE A 32 0.94 -8.78 -7.12
N ALA A 33 0.03 -9.28 -7.95
CA ALA A 33 -1.16 -9.97 -7.45
C ALA A 33 -1.27 -11.37 -8.04
N PHE A 34 -1.88 -12.27 -7.28
CA PHE A 34 -2.20 -13.61 -7.79
C PHE A 34 -3.50 -13.58 -8.59
N GLY A 35 -4.31 -12.55 -8.37
CA GLY A 35 -5.72 -12.58 -8.76
C GLY A 35 -5.96 -11.73 -9.99
N VAL A 36 -5.10 -10.75 -10.22
CA VAL A 36 -5.36 -9.70 -11.20
C VAL A 36 -4.09 -9.33 -11.96
N PRO A 37 -4.21 -9.24 -13.29
CA PRO A 37 -3.05 -9.03 -14.14
C PRO A 37 -2.57 -7.59 -14.07
N PRO A 38 -1.31 -7.37 -14.45
CA PRO A 38 -0.83 -6.03 -14.73
C PRO A 38 -1.85 -5.21 -15.51
N SER A 39 -2.53 -5.87 -16.44
CA SER A 39 -3.51 -5.20 -17.29
C SER A 39 -4.56 -4.47 -16.47
N GLU A 40 -4.89 -5.05 -15.31
CA GLU A 40 -5.92 -4.49 -14.44
C GLU A 40 -5.33 -3.99 -13.14
N ALA A 41 -4.00 -3.91 -13.08
CA ALA A 41 -3.31 -3.47 -11.88
C ALA A 41 -3.43 -1.97 -11.69
N LYS A 42 -4.22 -1.55 -10.72
CA LYS A 42 -4.56 -0.14 -10.54
C LYS A 42 -5.04 0.14 -9.13
N GLY A 43 -4.62 1.27 -8.57
CA GLY A 43 -4.96 1.62 -7.20
C GLY A 43 -4.63 3.09 -6.91
N TYR A 44 -4.54 3.42 -5.63
CA TYR A 44 -4.21 4.78 -5.21
C TYR A 44 -3.40 4.78 -3.92
N TRP A 45 -3.37 5.93 -3.26
CA TRP A 45 -2.56 6.10 -2.05
C TRP A 45 -3.17 5.37 -0.87
N TYR A 46 -2.32 4.92 0.04
CA TYR A 46 -2.72 4.75 1.44
C TYR A 46 -1.49 4.60 2.34
N ARG A 47 -1.62 5.08 3.57
CA ARG A 47 -0.49 5.07 4.51
C ARG A 47 -0.95 4.64 5.90
N HIS A 48 -0.36 3.56 6.40
CA HIS A 48 -0.67 3.07 7.74
C HIS A 48 0.05 3.88 8.82
N SER A 49 -0.41 5.10 9.06
CA SER A 49 0.29 6.01 9.94
C SER A 49 0.33 5.48 11.37
N ARG A 50 1.46 5.69 12.05
CA ARG A 50 1.57 5.41 13.47
C ARG A 50 1.77 6.69 14.28
N ARG A 51 0.92 6.92 15.25
CA ARG A 51 0.87 8.19 15.96
C ARG A 51 2.09 8.37 16.85
N SER A 52 2.71 9.55 16.76
CA SER A 52 3.75 9.94 17.70
C SER A 52 3.21 10.86 18.78
N PHE A 53 3.93 10.97 19.90
CA PHE A 53 3.47 11.75 21.04
C PHE A 53 4.65 12.28 21.84
N LYS A 54 4.36 13.16 22.80
CA LYS A 54 5.37 13.65 23.73
C LYS A 54 4.97 13.38 25.17
N THR A 55 5.96 13.15 26.02
CA THR A 55 5.72 12.71 27.39
C THR A 55 5.65 13.90 28.34
N ALA A 56 5.29 13.63 29.60
CA ALA A 56 5.31 14.66 30.63
C ALA A 56 6.73 15.17 30.89
N ASP A 57 7.71 14.40 30.44
CA ASP A 57 9.11 14.73 30.67
C ASP A 57 9.71 15.46 29.48
N GLY A 58 8.87 15.84 28.54
CA GLY A 58 9.29 16.67 27.42
C GLY A 58 9.92 15.84 26.31
N GLN A 59 9.82 14.52 26.45
CA GLN A 59 10.40 13.60 25.48
C GLN A 59 9.42 13.29 24.36
N GLN A 60 9.82 13.56 23.13
CA GLN A 60 8.95 13.38 21.97
C GLN A 60 9.41 12.21 21.12
N LYS A 61 8.44 11.47 20.57
CA LYS A 61 8.74 10.35 19.68
C LYS A 61 9.09 10.85 18.28
N GLN A 62 9.98 10.14 17.61
CA GLN A 62 10.06 10.19 16.15
C GLN A 62 9.99 8.78 15.55
N LEU A 63 9.08 8.59 14.61
CA LEU A 63 8.75 7.26 14.12
C LEU A 63 8.44 7.30 12.62
N LEU A 64 7.99 6.16 12.09
CA LEU A 64 7.73 6.03 10.66
C LEU A 64 6.62 5.03 10.40
N PRO A 65 6.05 5.09 9.19
CA PRO A 65 4.76 4.46 8.92
C PRO A 65 4.94 3.13 8.20
N ARG A 66 3.83 2.42 8.00
CA ARG A 66 3.72 1.50 6.88
C ARG A 66 2.99 2.13 5.71
N TRP A 67 3.33 1.69 4.49
CA TRP A 67 2.66 2.17 3.29
C TRP A 67 1.81 1.06 2.67
N TYR A 68 0.51 1.30 2.57
CA TYR A 68 -0.44 0.24 2.25
C TYR A 68 -1.08 0.48 0.88
N PHE A 69 -1.60 -0.58 0.28
CA PHE A 69 -1.89 -0.59 -1.15
C PHE A 69 -3.22 -1.25 -1.44
N TYR A 70 -4.09 -0.54 -2.16
CA TYR A 70 -5.43 -1.06 -2.44
C TYR A 70 -5.73 -0.99 -3.94
N TYR A 71 -6.86 -1.57 -4.33
CA TYR A 71 -7.32 -1.49 -5.71
C TYR A 71 -8.40 -0.43 -5.88
N LEU A 72 -8.35 0.30 -7.00
CA LEU A 72 -9.41 1.24 -7.34
C LEU A 72 -10.75 0.54 -7.46
N GLY A 73 -11.74 1.02 -6.70
CA GLY A 73 -13.04 0.37 -6.62
C GLY A 73 -13.26 -0.26 -5.25
N THR A 74 -12.18 -0.45 -4.51
CA THR A 74 -12.26 -1.03 -3.18
C THR A 74 -11.13 -0.53 -2.28
N GLY A 75 -11.48 -0.07 -1.09
CA GLY A 75 -10.50 0.47 -0.16
C GLY A 75 -11.09 1.62 0.65
N PRO A 76 -10.31 2.12 1.60
CA PRO A 76 -10.77 3.19 2.48
C PRO A 76 -11.35 4.35 1.68
N TYR A 77 -10.76 4.63 0.53
CA TYR A 77 -11.27 5.65 -0.37
C TYR A 77 -11.60 5.07 -1.74
N ALA A 78 -12.31 3.95 -1.75
CA ALA A 78 -12.54 3.18 -2.97
C ALA A 78 -13.02 4.09 -4.10
N ASN A 79 -13.81 5.09 -3.75
CA ASN A 79 -14.51 5.89 -4.75
C ASN A 79 -13.86 7.26 -4.91
N ALA A 80 -12.59 7.36 -4.53
CA ALA A 80 -11.79 8.53 -4.81
C ALA A 80 -11.84 8.91 -6.29
N SER A 81 -11.96 10.20 -6.56
CA SER A 81 -11.97 10.69 -7.94
C SER A 81 -10.60 10.57 -8.58
N TYR A 82 -10.52 9.79 -9.66
CA TYR A 82 -9.25 9.51 -10.31
C TYR A 82 -8.49 10.80 -10.61
N GLY A 83 -7.35 10.97 -9.95
CA GLY A 83 -6.59 12.20 -10.06
C GLY A 83 -6.27 12.77 -8.68
N GLU A 84 -7.06 12.38 -7.68
CA GLU A 84 -6.84 12.83 -6.31
C GLU A 84 -5.38 12.65 -5.90
N SER A 85 -4.73 13.75 -5.54
CA SER A 85 -3.30 13.73 -5.27
C SER A 85 -2.93 14.69 -4.15
N LEU A 86 -3.00 14.22 -2.91
CA LEU A 86 -3.06 15.10 -1.75
C LEU A 86 -1.67 15.42 -1.23
N GLU A 87 -1.61 16.06 -0.07
CA GLU A 87 -0.34 16.33 0.58
C GLU A 87 0.28 15.06 1.16
N GLY A 88 1.42 14.67 0.62
CA GLY A 88 2.04 13.40 0.98
C GLY A 88 1.40 12.24 0.22
N VAL A 89 0.53 12.57 -0.72
CA VAL A 89 -0.24 11.56 -1.44
C VAL A 89 0.16 11.53 -2.92
N PHE A 90 0.05 10.35 -3.52
CA PHE A 90 0.27 10.21 -4.95
C PHE A 90 -0.55 9.07 -5.53
N TRP A 91 -1.22 9.33 -6.65
CA TRP A 91 -2.03 8.32 -7.32
C TRP A 91 -1.15 7.35 -8.11
N VAL A 92 -1.72 6.21 -8.46
CA VAL A 92 -0.97 5.16 -9.16
C VAL A 92 -1.88 4.35 -10.06
N ALA A 93 -1.31 3.85 -11.16
CA ALA A 93 -1.73 2.56 -11.72
C ALA A 93 -0.90 2.21 -12.95
N ASN A 94 -0.98 0.95 -13.36
CA ASN A 94 -0.15 0.45 -14.46
C ASN A 94 -0.52 1.13 -15.77
N HIS A 95 0.40 1.08 -16.73
CA HIS A 95 0.20 1.76 -18.01
C HIS A 95 -0.84 1.04 -18.85
N GLN A 96 -1.17 -0.19 -18.47
CA GLN A 96 -2.23 -0.93 -19.13
C GLN A 96 -3.59 -0.63 -18.51
N ALA A 97 -3.57 -0.05 -17.32
CA ALA A 97 -4.79 0.11 -16.53
C ALA A 97 -5.78 1.03 -17.24
N ASP A 98 -7.06 0.71 -17.11
CA ASP A 98 -8.12 1.68 -17.37
C ASP A 98 -8.65 2.29 -16.08
N THR A 99 -8.26 3.53 -15.81
CA THR A 99 -8.41 4.10 -14.47
C THR A 99 -9.51 5.15 -14.45
N SER A 100 -10.45 5.03 -15.37
CA SER A 100 -11.72 5.75 -15.27
C SER A 100 -12.75 4.96 -14.48
N THR A 101 -12.29 3.90 -13.82
CA THR A 101 -13.16 2.79 -13.46
C THR A 101 -12.84 2.26 -12.07
N PRO A 102 -13.79 1.57 -11.47
CA PRO A 102 -13.49 0.58 -10.44
C PRO A 102 -12.79 -0.64 -11.03
N SER A 103 -11.87 -1.23 -10.28
CA SER A 103 -11.00 -2.28 -10.79
C SER A 103 -11.74 -3.60 -10.92
N ASP A 104 -11.15 -4.54 -11.65
CA ASP A 104 -11.81 -5.80 -11.95
C ASP A 104 -11.32 -6.91 -11.02
N VAL A 105 -10.83 -6.52 -9.86
CA VAL A 105 -10.07 -7.43 -9.00
C VAL A 105 -10.73 -7.60 -7.65
N SER A 106 -10.92 -8.85 -7.24
CA SER A 106 -11.88 -9.18 -6.20
C SER A 106 -11.48 -8.58 -4.86
N SER A 107 -12.48 -8.14 -4.09
CA SER A 107 -12.25 -7.71 -2.72
C SER A 107 -12.89 -8.67 -1.72
N ARG A 108 -12.05 -9.33 -0.93
CA ARG A 108 -12.48 -10.50 -0.17
C ARG A 108 -12.43 -10.23 1.32
N ASP A 109 -13.26 -10.93 2.08
CA ASP A 109 -13.22 -10.87 3.54
C ASP A 109 -11.92 -11.44 4.07
N PRO A 110 -11.18 -10.62 4.82
CA PRO A 110 -9.86 -11.02 5.32
C PRO A 110 -9.98 -12.04 6.44
N THR A 111 -11.22 -12.33 6.84
CA THR A 111 -11.50 -13.51 7.66
C THR A 111 -11.02 -14.78 6.98
N THR A 112 -11.08 -14.79 5.66
CA THR A 112 -10.62 -15.94 4.88
C THR A 112 -9.28 -15.67 4.23
N GLN A 113 -9.03 -14.41 3.89
CA GLN A 113 -7.88 -14.04 3.07
C GLN A 113 -7.03 -12.98 3.78
N GLU A 114 -6.00 -13.43 4.47
CA GLU A 114 -5.02 -12.51 5.04
C GLU A 114 -4.35 -11.68 3.96
N ALA A 115 -4.10 -10.40 4.26
CA ALA A 115 -3.37 -9.53 3.36
C ALA A 115 -2.05 -10.16 2.93
N ILE A 116 -1.73 -10.03 1.64
CA ILE A 116 -0.70 -10.86 1.03
C ILE A 116 0.63 -10.12 0.95
N PRO A 117 1.71 -10.84 1.23
CA PRO A 117 3.05 -10.28 1.11
C PRO A 117 3.21 -9.53 -0.22
N THR A 118 3.71 -8.30 -0.13
CA THR A 118 3.74 -7.41 -1.29
C THR A 118 5.04 -7.56 -2.07
N ARG A 119 4.92 -7.66 -3.39
CA ARG A 119 6.08 -7.54 -4.27
C ARG A 119 5.78 -6.62 -5.45
N PHE A 120 6.81 -5.94 -5.94
CA PHE A 120 6.65 -5.00 -7.04
C PHE A 120 7.50 -5.41 -8.24
N PRO A 121 6.94 -5.28 -9.43
CA PRO A 121 7.65 -5.62 -10.66
C PRO A 121 8.91 -4.77 -10.82
N PRO A 122 9.92 -5.35 -11.46
CA PRO A 122 11.11 -4.60 -11.83
C PRO A 122 10.77 -3.33 -12.59
N GLY A 123 11.44 -2.23 -12.24
CA GLY A 123 11.18 -0.96 -12.88
C GLY A 123 10.57 0.04 -11.91
N THR A 124 9.84 -0.48 -10.93
CA THR A 124 9.32 0.35 -9.84
C THR A 124 10.43 0.80 -8.91
N ILE A 125 10.37 2.07 -8.51
CA ILE A 125 11.37 2.64 -7.62
C ILE A 125 11.10 2.28 -6.17
N LEU A 126 12.14 2.32 -5.34
CA LEU A 126 11.98 2.11 -3.90
C LEU A 126 12.82 3.09 -3.10
N PRO A 127 12.19 4.16 -2.65
CA PRO A 127 12.90 5.33 -2.14
C PRO A 127 13.83 4.96 -0.99
N GLN A 128 14.95 5.65 -0.89
CA GLN A 128 15.94 5.38 0.14
C GLN A 128 15.31 5.44 1.53
N GLY A 129 15.69 4.50 2.39
CA GLY A 129 15.18 4.46 3.75
C GLY A 129 14.11 3.39 3.91
N TYR A 130 13.68 2.82 2.79
CA TYR A 130 12.67 1.77 2.81
C TYR A 130 13.26 0.42 2.40
N TYR A 131 12.67 -0.66 2.89
CA TYR A 131 12.71 -1.94 2.21
C TYR A 131 11.45 -2.76 2.48
N VAL A 132 10.89 -3.34 1.42
CA VAL A 132 9.51 -3.79 1.45
C VAL A 132 9.36 -5.07 2.26
N GLU A 133 8.25 -5.19 2.97
CA GLU A 133 8.04 -6.32 3.88
C GLU A 133 6.97 -7.27 3.35
N GLY A 134 7.26 -8.56 3.40
CA GLY A 134 6.31 -9.58 2.96
C GLY A 134 6.23 -10.73 3.96
N SER A 135 6.21 -10.39 5.25
CA SER A 135 6.12 -11.37 6.30
C SER A 135 4.68 -11.81 6.53
N GLY A 136 3.76 -11.16 5.83
CA GLY A 136 2.33 -11.41 6.01
C GLY A 136 1.50 -10.15 5.82
N ARG A 137 0.49 -9.97 6.65
CA ARG A 137 -0.36 -8.79 6.59
C ARG A 137 0.44 -7.53 6.89
N SER A 138 1.65 -7.70 7.40
CA SER A 138 2.48 -6.57 7.80
C SER A 138 3.31 -6.06 6.63
N GLY A 1 -14.86 3.28 13.40
CA GLY A 1 -15.69 4.26 12.72
C GLY A 1 -16.62 3.59 11.71
N ASN A 2 -17.01 4.34 10.69
CA ASN A 2 -17.92 3.84 9.67
C ASN A 2 -17.20 3.57 8.36
N THR A 3 -15.88 3.44 8.44
CA THR A 3 -15.06 3.21 7.26
C THR A 3 -15.44 1.91 6.56
N ILE A 4 -15.45 1.94 5.23
CA ILE A 4 -15.61 0.73 4.43
C ILE A 4 -14.88 -0.45 5.07
N PRO A 5 -15.56 -1.59 5.16
CA PRO A 5 -14.99 -2.77 5.77
C PRO A 5 -14.00 -3.47 4.85
N HIS A 6 -12.99 -2.73 4.41
CA HIS A 6 -11.99 -3.27 3.49
C HIS A 6 -10.63 -3.39 4.17
N TYR A 7 -9.96 -4.52 3.95
CA TYR A 7 -8.80 -4.89 4.74
C TYR A 7 -7.51 -4.75 3.94
N SER A 8 -7.08 -5.85 3.34
CA SER A 8 -5.91 -5.83 2.46
C SER A 8 -5.71 -7.19 1.80
N TRP A 9 -5.09 -7.18 0.62
CA TRP A 9 -4.52 -8.39 0.03
C TRP A 9 -3.02 -8.45 0.23
N PHE A 10 -2.42 -7.30 0.55
CA PHE A 10 -0.97 -7.15 0.50
C PHE A 10 -0.40 -6.88 1.89
N SER A 11 0.89 -7.12 2.06
CA SER A 11 1.69 -6.40 3.03
C SER A 11 2.01 -5.00 2.54
N GLY A 12 2.47 -4.14 3.45
CA GLY A 12 2.89 -2.79 3.11
C GLY A 12 4.41 -2.69 3.05
N ILE A 13 4.90 -1.52 2.63
CA ILE A 13 6.29 -1.16 2.85
C ILE A 13 6.55 -0.77 4.30
N THR A 14 7.74 -1.09 4.79
CA THR A 14 8.19 -0.59 6.08
C THR A 14 9.20 0.55 5.91
N GLN A 15 8.88 1.71 6.46
CA GLN A 15 9.81 2.82 6.52
C GLN A 15 10.88 2.59 7.57
N PHE A 16 12.10 3.05 7.28
CA PHE A 16 13.18 3.01 8.25
C PHE A 16 13.62 4.42 8.65
N GLN A 17 13.62 5.32 7.67
CA GLN A 17 14.02 6.71 7.91
C GLN A 17 12.84 7.66 7.74
N LYS A 18 12.34 8.17 8.85
CA LYS A 18 11.08 8.90 8.85
C LYS A 18 11.09 10.03 7.82
N GLY A 19 12.26 10.61 7.61
CA GLY A 19 12.37 11.85 6.84
C GLY A 19 12.42 11.56 5.35
N ARG A 20 12.40 10.28 4.99
CA ARG A 20 12.47 9.87 3.60
C ARG A 20 11.08 9.66 3.00
N ASP A 21 10.82 10.34 1.89
CA ASP A 21 9.51 10.27 1.24
C ASP A 21 9.38 9.00 0.41
N PHE A 22 8.21 8.83 -0.21
CA PHE A 22 7.91 7.62 -0.96
C PHE A 22 7.65 7.93 -2.43
N LYS A 23 8.58 7.50 -3.29
CA LYS A 23 8.57 7.91 -4.69
C LYS A 23 8.20 6.75 -5.60
N PHE A 24 7.54 7.07 -6.71
CA PHE A 24 7.47 6.15 -7.84
C PHE A 24 6.92 6.85 -9.08
N SER A 25 7.01 6.17 -10.23
CA SER A 25 6.65 6.77 -11.50
C SER A 25 5.34 6.19 -12.03
N ASP A 26 4.82 6.79 -13.09
CA ASP A 26 3.54 6.37 -13.65
C ASP A 26 3.58 4.91 -14.08
N GLY A 27 2.55 4.16 -13.69
CA GLY A 27 2.46 2.75 -14.05
C GLY A 27 3.36 1.89 -13.16
N GLN A 28 4.08 2.55 -12.26
CA GLN A 28 4.93 1.84 -11.30
C GLN A 28 4.59 2.24 -9.87
N GLY A 29 5.04 1.44 -8.92
CA GLY A 29 4.52 1.49 -7.55
C GLY A 29 3.27 0.62 -7.41
N VAL A 30 2.94 -0.11 -8.46
CA VAL A 30 1.84 -1.07 -8.42
C VAL A 30 2.32 -2.45 -8.00
N PRO A 31 1.75 -2.95 -6.91
CA PRO A 31 2.26 -4.16 -6.28
C PRO A 31 1.76 -5.40 -7.00
N ILE A 32 2.65 -6.37 -7.21
CA ILE A 32 2.39 -7.48 -8.11
C ILE A 32 1.28 -8.38 -7.56
N ALA A 33 0.22 -8.56 -8.33
CA ALA A 33 -0.94 -9.30 -7.88
C ALA A 33 -0.89 -10.76 -8.34
N PHE A 34 -1.72 -11.59 -7.73
CA PHE A 34 -1.80 -13.01 -8.09
C PHE A 34 -3.13 -13.32 -8.78
N GLY A 35 -4.12 -12.46 -8.56
CA GLY A 35 -5.49 -12.75 -8.98
C GLY A 35 -5.93 -11.82 -10.10
N VAL A 36 -5.34 -10.62 -10.13
CA VAL A 36 -5.73 -9.61 -11.11
C VAL A 36 -4.57 -9.22 -12.00
N PRO A 37 -4.83 -9.16 -13.30
CA PRO A 37 -3.77 -9.03 -14.29
C PRO A 37 -3.17 -7.63 -14.28
N PRO A 38 -1.95 -7.50 -14.80
CA PRO A 38 -1.38 -6.19 -15.09
C PRO A 38 -2.41 -5.26 -15.72
N SER A 39 -3.24 -5.81 -16.59
CA SER A 39 -4.27 -5.03 -17.27
C SER A 39 -5.15 -4.29 -16.28
N GLU A 40 -5.43 -4.94 -15.15
CA GLU A 40 -6.26 -4.34 -14.11
C GLU A 40 -5.44 -4.03 -12.86
N ALA A 41 -4.12 -3.96 -13.03
CA ALA A 41 -3.23 -3.55 -11.95
C ALA A 41 -3.28 -2.04 -11.74
N LYS A 42 -4.09 -1.62 -10.78
CA LYS A 42 -4.47 -0.21 -10.67
C LYS A 42 -5.01 0.11 -9.29
N GLY A 43 -4.50 1.17 -8.68
CA GLY A 43 -4.75 1.47 -7.28
C GLY A 43 -4.41 2.91 -6.94
N TYR A 44 -4.28 3.19 -5.65
CA TYR A 44 -4.00 4.56 -5.20
C TYR A 44 -3.25 4.55 -3.87
N TRP A 45 -3.12 5.72 -3.26
CA TRP A 45 -2.31 5.87 -2.06
C TRP A 45 -3.00 5.26 -0.85
N TYR A 46 -2.21 4.85 0.14
CA TYR A 46 -2.66 4.82 1.53
C TYR A 46 -1.49 4.75 2.49
N ARG A 47 -1.64 5.36 3.65
CA ARG A 47 -0.56 5.49 4.61
C ARG A 47 -1.03 5.27 6.04
N HIS A 48 -0.28 4.48 6.80
CA HIS A 48 -0.64 4.18 8.17
C HIS A 48 0.17 5.02 9.15
N SER A 49 -0.42 6.10 9.62
CA SER A 49 0.25 7.01 10.55
C SER A 49 0.28 6.43 11.96
N ARG A 50 1.45 6.47 12.59
CA ARG A 50 1.63 5.89 13.91
C ARG A 50 2.42 6.83 14.82
N ARG A 51 2.19 6.72 16.12
CA ARG A 51 2.88 7.56 17.08
C ARG A 51 3.47 6.73 18.23
N SER A 52 4.70 7.07 18.61
CA SER A 52 5.36 6.39 19.71
C SER A 52 5.00 7.02 21.05
N PHE A 53 4.98 6.21 22.11
CA PHE A 53 4.71 6.70 23.44
C PHE A 53 5.81 6.32 24.42
N LYS A 54 5.93 7.08 25.50
CA LYS A 54 7.01 6.88 26.46
C LYS A 54 6.47 6.59 27.85
N THR A 55 7.17 5.75 28.59
CA THR A 55 6.69 5.28 29.90
C THR A 55 7.16 6.19 31.01
N ALA A 56 6.67 5.95 32.22
CA ALA A 56 7.14 6.66 33.40
C ALA A 56 8.62 6.39 33.67
N ASP A 57 9.13 5.33 33.05
CA ASP A 57 10.52 4.92 33.26
C ASP A 57 11.42 5.48 32.17
N GLY A 58 10.87 6.37 31.35
CA GLY A 58 11.66 7.10 30.36
C GLY A 58 11.93 6.25 29.13
N GLN A 59 11.18 5.17 28.99
CA GLN A 59 11.34 4.26 27.85
C GLN A 59 10.32 4.57 26.76
N GLN A 60 10.81 4.99 25.60
CA GLN A 60 9.94 5.37 24.50
C GLN A 60 10.01 4.36 23.36
N LYS A 61 8.89 4.18 22.67
CA LYS A 61 8.85 3.33 21.50
C LYS A 61 9.57 3.97 20.32
N GLN A 62 10.23 3.14 19.52
CA GLN A 62 10.76 3.58 18.23
C GLN A 62 10.01 2.95 17.08
N LEU A 63 9.16 3.75 16.43
CA LEU A 63 8.29 3.24 15.37
C LEU A 63 8.18 4.23 14.22
N LEU A 64 7.70 3.76 13.08
CA LEU A 64 7.67 4.56 11.86
C LEU A 64 6.40 4.30 11.07
N PRO A 65 6.06 5.23 10.17
CA PRO A 65 4.87 5.11 9.35
C PRO A 65 4.94 3.87 8.46
N ARG A 66 3.77 3.29 8.20
CA ARG A 66 3.67 2.22 7.20
C ARG A 66 2.98 2.72 5.93
N TRP A 67 3.25 2.06 4.82
CA TRP A 67 2.62 2.39 3.55
C TRP A 67 1.83 1.21 3.00
N TYR A 68 0.57 1.46 2.66
CA TYR A 68 -0.36 0.40 2.32
C TYR A 68 -0.87 0.54 0.89
N PHE A 69 -1.48 -0.53 0.39
CA PHE A 69 -1.79 -0.62 -1.04
C PHE A 69 -3.19 -1.17 -1.27
N TYR A 70 -4.02 -0.39 -1.96
CA TYR A 70 -5.38 -0.79 -2.26
C TYR A 70 -5.68 -0.68 -3.76
N TYR A 71 -6.59 -1.51 -4.23
CA TYR A 71 -7.02 -1.46 -5.63
C TYR A 71 -8.05 -0.36 -5.84
N LEU A 72 -8.06 0.21 -7.05
CA LEU A 72 -9.12 1.13 -7.43
C LEU A 72 -10.48 0.46 -7.44
N GLY A 73 -11.45 1.09 -6.80
CA GLY A 73 -12.79 0.53 -6.67
C GLY A 73 -12.99 -0.09 -5.29
N THR A 74 -11.92 -0.15 -4.51
CA THR A 74 -11.97 -0.73 -3.17
C THR A 74 -11.00 -0.02 -2.23
N GLY A 75 -11.37 0.06 -0.95
CA GLY A 75 -10.47 0.57 0.08
C GLY A 75 -11.03 1.81 0.73
N PRO A 76 -10.28 2.37 1.68
CA PRO A 76 -10.73 3.52 2.45
C PRO A 76 -11.22 4.63 1.54
N TYR A 77 -10.62 4.74 0.36
CA TYR A 77 -11.05 5.70 -0.65
C TYR A 77 -11.43 4.99 -1.95
N ALA A 78 -12.24 3.95 -1.83
CA ALA A 78 -12.45 3.02 -2.94
C ALA A 78 -12.78 3.76 -4.22
N ASN A 79 -13.54 4.85 -4.10
CA ASN A 79 -14.04 5.58 -5.26
C ASN A 79 -13.58 7.02 -5.24
N ALA A 80 -12.33 7.24 -4.84
CA ALA A 80 -11.67 8.52 -5.10
C ALA A 80 -11.55 8.79 -6.59
N SER A 81 -11.61 10.06 -6.97
CA SER A 81 -11.21 10.49 -8.30
C SER A 81 -9.71 10.30 -8.52
N TYR A 82 -9.36 9.75 -9.67
CA TYR A 82 -7.97 9.42 -9.96
C TYR A 82 -7.09 10.65 -9.93
N GLY A 83 -7.71 11.83 -9.90
CA GLY A 83 -6.98 13.09 -9.92
C GLY A 83 -6.68 13.57 -8.52
N GLU A 84 -7.09 12.80 -7.52
CA GLU A 84 -6.93 13.19 -6.13
C GLU A 84 -5.52 12.92 -5.63
N SER A 85 -4.58 13.77 -6.05
CA SER A 85 -3.22 13.73 -5.52
C SER A 85 -3.00 14.80 -4.47
N LEU A 86 -2.75 14.38 -3.23
CA LEU A 86 -2.68 15.30 -2.11
C LEU A 86 -1.24 15.49 -1.64
N GLU A 87 -1.07 16.30 -0.60
CA GLU A 87 0.22 16.40 0.08
C GLU A 87 0.61 15.07 0.71
N GLY A 88 1.80 14.58 0.37
CA GLY A 88 2.27 13.29 0.87
C GLY A 88 1.59 12.14 0.11
N VAL A 89 0.90 12.48 -0.97
CA VAL A 89 0.11 11.50 -1.70
C VAL A 89 0.54 11.43 -3.16
N PHE A 90 0.42 10.24 -3.75
CA PHE A 90 0.64 10.06 -5.18
C PHE A 90 -0.22 8.95 -5.74
N TRP A 91 -0.93 9.23 -6.82
CA TRP A 91 -1.78 8.24 -7.47
C TRP A 91 -0.96 7.29 -8.33
N VAL A 92 -1.56 6.13 -8.65
CA VAL A 92 -0.86 5.10 -9.40
C VAL A 92 -1.82 4.30 -10.25
N ALA A 93 -1.34 3.79 -11.37
CA ALA A 93 -1.82 2.53 -11.92
C ALA A 93 -1.11 2.19 -13.23
N ASN A 94 -1.14 0.91 -13.60
CA ASN A 94 -0.37 0.42 -14.73
C ASN A 94 -0.78 1.12 -16.02
N HIS A 95 0.09 1.07 -17.03
CA HIS A 95 -0.18 1.72 -18.31
C HIS A 95 -1.35 1.06 -19.02
N GLN A 96 -1.67 -0.15 -18.61
CA GLN A 96 -2.82 -0.88 -19.17
C GLN A 96 -4.10 -0.48 -18.45
N ALA A 97 -3.97 0.16 -17.31
CA ALA A 97 -5.09 0.43 -16.43
C ALA A 97 -6.11 1.35 -17.10
N ASP A 98 -7.38 1.15 -16.77
CA ASP A 98 -8.39 2.20 -16.95
C ASP A 98 -8.86 2.74 -15.61
N THR A 99 -8.47 3.98 -15.31
CA THR A 99 -8.54 4.50 -13.95
C THR A 99 -9.62 5.56 -13.81
N SER A 100 -10.63 5.48 -14.66
CA SER A 100 -11.89 6.18 -14.43
C SER A 100 -12.89 5.29 -13.70
N THR A 101 -12.43 4.13 -13.25
CA THR A 101 -13.32 3.01 -12.97
C THR A 101 -12.90 2.27 -11.71
N PRO A 102 -13.82 1.52 -11.13
CA PRO A 102 -13.47 0.48 -10.17
C PRO A 102 -12.83 -0.71 -10.86
N SER A 103 -11.90 -1.36 -10.18
CA SER A 103 -11.16 -2.48 -10.75
C SER A 103 -11.93 -3.78 -10.65
N ASP A 104 -11.42 -4.82 -11.30
CA ASP A 104 -12.00 -6.15 -11.18
C ASP A 104 -11.41 -6.89 -9.99
N VAL A 105 -11.06 -6.14 -8.95
CA VAL A 105 -10.34 -6.71 -7.81
C VAL A 105 -10.65 -5.94 -6.53
N SER A 106 -11.10 -6.67 -5.51
CA SER A 106 -11.82 -6.06 -4.39
C SER A 106 -11.45 -6.72 -3.08
N SER A 107 -11.62 -5.99 -1.98
CA SER A 107 -11.35 -6.52 -0.65
C SER A 107 -12.24 -7.71 -0.33
N ARG A 108 -11.80 -8.90 -0.74
CA ARG A 108 -12.39 -10.14 -0.25
C ARG A 108 -12.29 -10.25 1.26
N ASP A 109 -13.21 -10.99 1.86
CA ASP A 109 -13.21 -11.20 3.30
C ASP A 109 -11.90 -11.83 3.76
N PRO A 110 -11.30 -11.24 4.80
CA PRO A 110 -9.97 -11.65 5.25
C PRO A 110 -10.00 -13.01 5.93
N THR A 111 -11.21 -13.51 6.16
CA THR A 111 -11.38 -14.89 6.64
C THR A 111 -11.27 -15.89 5.50
N THR A 112 -11.37 -15.40 4.27
CA THR A 112 -11.11 -16.22 3.09
C THR A 112 -9.82 -15.79 2.40
N GLN A 113 -9.49 -14.50 2.51
CA GLN A 113 -8.45 -13.91 1.68
C GLN A 113 -7.29 -13.41 2.53
N GLU A 114 -6.17 -14.14 2.47
CA GLU A 114 -5.03 -13.85 3.33
C GLU A 114 -4.18 -12.71 2.76
N ALA A 115 -3.17 -12.30 3.52
CA ALA A 115 -2.24 -11.27 3.05
C ALA A 115 -1.05 -11.90 2.34
N ILE A 116 -0.68 -11.31 1.20
CA ILE A 116 0.40 -11.85 0.38
C ILE A 116 1.61 -10.93 0.38
N PRO A 117 2.80 -11.51 0.48
CA PRO A 117 4.04 -10.76 0.41
C PRO A 117 4.06 -9.82 -0.80
N THR A 118 4.34 -8.54 -0.54
CA THR A 118 4.29 -7.53 -1.60
C THR A 118 5.58 -7.51 -2.40
N ARG A 119 5.45 -7.56 -3.72
CA ARG A 119 6.61 -7.47 -4.60
C ARG A 119 6.39 -6.42 -5.69
N PHE A 120 7.45 -5.67 -5.99
CA PHE A 120 7.44 -4.77 -7.14
C PHE A 120 8.50 -5.17 -8.16
N PRO A 121 8.13 -5.14 -9.43
CA PRO A 121 8.98 -5.66 -10.49
C PRO A 121 9.95 -4.62 -11.00
N PRO A 122 10.92 -5.05 -11.80
CA PRO A 122 11.89 -4.14 -12.40
C PRO A 122 11.19 -2.98 -13.10
N GLY A 123 11.68 -1.77 -12.86
CA GLY A 123 11.04 -0.57 -13.38
C GLY A 123 10.45 0.27 -12.25
N THR A 124 9.94 -0.40 -11.23
CA THR A 124 9.47 0.27 -10.02
C THR A 124 10.60 0.46 -9.01
N ILE A 125 10.64 1.63 -8.39
CA ILE A 125 11.64 1.92 -7.38
C ILE A 125 11.16 1.54 -5.98
N LEU A 126 12.10 1.37 -5.06
CA LEU A 126 11.77 1.31 -3.64
C LEU A 126 12.56 2.36 -2.86
N PRO A 127 11.88 3.41 -2.44
CA PRO A 127 12.54 4.66 -2.07
C PRO A 127 13.53 4.44 -0.93
N GLN A 128 14.60 5.22 -0.94
CA GLN A 128 15.62 5.13 0.11
C GLN A 128 15.00 5.24 1.49
N GLY A 129 15.38 4.32 2.39
CA GLY A 129 14.94 4.37 3.77
C GLY A 129 13.79 3.40 4.02
N TYR A 130 13.41 2.66 2.98
CA TYR A 130 12.36 1.66 3.09
C TYR A 130 12.91 0.26 2.88
N TYR A 131 12.24 -0.73 3.48
CA TYR A 131 12.28 -2.09 2.99
C TYR A 131 10.95 -2.80 3.19
N VAL A 132 10.57 -3.62 2.22
CA VAL A 132 9.18 -4.06 2.09
C VAL A 132 8.93 -5.34 2.89
N GLU A 133 7.71 -5.49 3.37
CA GLU A 133 7.37 -6.59 4.27
C GLU A 133 6.70 -7.73 3.52
N GLY A 134 6.56 -8.88 4.18
CA GLY A 134 5.95 -10.04 3.57
C GLY A 134 4.72 -10.48 4.34
N SER A 135 4.45 -11.79 4.32
CA SER A 135 3.17 -12.32 4.77
C SER A 135 2.96 -12.07 6.26
N GLY A 136 1.77 -11.60 6.61
CA GLY A 136 1.41 -11.40 8.01
C GLY A 136 2.07 -10.16 8.58
N ARG A 137 2.79 -9.44 7.72
CA ARG A 137 3.53 -8.26 8.15
C ARG A 137 3.01 -7.00 7.47
N SER A 138 3.89 -6.02 7.29
CA SER A 138 3.47 -4.62 7.31
C SER A 138 3.95 -3.92 8.57
N GLY A 1 -10.26 5.59 14.43
CA GLY A 1 -11.38 5.88 13.54
C GLY A 1 -11.54 4.79 12.49
N ASN A 2 -12.69 4.13 12.50
CA ASN A 2 -12.97 3.06 11.55
C ASN A 2 -13.62 3.60 10.28
N THR A 3 -13.48 2.87 9.19
CA THR A 3 -14.12 3.23 7.93
C THR A 3 -14.74 2.01 7.25
N ILE A 4 -15.01 2.14 5.96
CA ILE A 4 -15.50 1.01 5.16
C ILE A 4 -14.74 -0.26 5.49
N PRO A 5 -15.47 -1.36 5.62
CA PRO A 5 -14.89 -2.62 6.09
C PRO A 5 -14.12 -3.32 4.97
N HIS A 6 -13.06 -2.67 4.49
CA HIS A 6 -12.25 -3.23 3.42
C HIS A 6 -10.87 -3.61 3.93
N TYR A 7 -10.29 -4.65 3.32
CA TYR A 7 -8.96 -5.11 3.70
C TYR A 7 -8.08 -5.32 2.46
N SER A 8 -6.81 -4.97 2.57
CA SER A 8 -5.86 -5.17 1.48
C SER A 8 -5.54 -6.65 1.29
N TRP A 9 -5.14 -7.00 0.07
CA TRP A 9 -4.45 -8.26 -0.17
C TRP A 9 -3.02 -8.21 0.34
N PHE A 10 -2.38 -7.05 0.18
CA PHE A 10 -0.93 -6.95 0.33
C PHE A 10 -0.55 -6.44 1.71
N SER A 11 0.66 -6.76 2.15
CA SER A 11 1.35 -5.98 3.16
C SER A 11 1.83 -4.65 2.60
N GLY A 12 2.40 -3.82 3.46
CA GLY A 12 2.92 -2.52 3.04
C GLY A 12 4.43 -2.57 2.84
N ILE A 13 4.98 -1.50 2.27
CA ILE A 13 6.41 -1.24 2.35
C ILE A 13 6.81 -0.71 3.71
N THR A 14 7.99 -1.13 4.18
CA THR A 14 8.45 -0.78 5.52
C THR A 14 9.39 0.43 5.48
N GLN A 15 8.97 1.51 6.13
CA GLN A 15 9.78 2.73 6.18
C GLN A 15 10.92 2.59 7.18
N PHE A 16 12.08 3.13 6.82
CA PHE A 16 13.24 3.10 7.70
C PHE A 16 13.57 4.48 8.23
N GLN A 17 13.29 5.51 7.43
CA GLN A 17 13.51 6.89 7.84
C GLN A 17 12.23 7.69 7.75
N LYS A 18 11.76 8.18 8.90
CA LYS A 18 10.40 8.72 9.01
C LYS A 18 10.23 9.94 8.12
N GLY A 19 11.31 10.69 7.92
CA GLY A 19 11.23 12.00 7.28
C GLY A 19 11.68 11.93 5.82
N ARG A 20 11.71 10.72 5.28
CA ARG A 20 12.28 10.49 3.96
C ARG A 20 11.19 10.32 2.91
N ASP A 21 11.43 10.89 1.72
CA ASP A 21 10.37 11.05 0.73
C ASP A 21 9.94 9.70 0.16
N PHE A 22 8.67 9.60 -0.21
CA PHE A 22 8.12 8.36 -0.74
C PHE A 22 7.65 8.52 -2.18
N LYS A 23 8.33 7.84 -3.10
CA LYS A 23 8.19 8.12 -4.53
C LYS A 23 8.06 6.84 -5.33
N PHE A 24 7.21 6.87 -6.35
CA PHE A 24 7.43 6.11 -7.57
C PHE A 24 7.13 6.93 -8.81
N SER A 25 7.32 6.34 -9.97
CA SER A 25 6.93 6.97 -11.23
C SER A 25 5.57 6.46 -11.69
N ASP A 26 5.12 6.93 -12.85
CA ASP A 26 3.89 6.45 -13.45
C ASP A 26 3.96 4.96 -13.73
N GLY A 27 2.93 4.23 -13.30
CA GLY A 27 2.89 2.78 -13.47
C GLY A 27 3.92 2.09 -12.58
N GLN A 28 4.40 2.81 -11.57
CA GLN A 28 5.30 2.24 -10.58
C GLN A 28 4.72 2.34 -9.17
N GLY A 29 4.99 1.35 -8.35
CA GLY A 29 4.41 1.27 -7.01
C GLY A 29 3.18 0.39 -7.00
N VAL A 30 2.96 -0.33 -8.09
CA VAL A 30 1.84 -1.27 -8.19
C VAL A 30 2.29 -2.69 -7.86
N PRO A 31 1.67 -3.28 -6.83
CA PRO A 31 2.13 -4.56 -6.30
C PRO A 31 1.55 -5.72 -7.10
N ILE A 32 2.27 -6.84 -7.11
CA ILE A 32 1.97 -7.93 -8.04
C ILE A 32 0.81 -8.77 -7.55
N ALA A 33 -0.27 -8.78 -8.32
CA ALA A 33 -1.54 -9.35 -7.88
C ALA A 33 -1.72 -10.77 -8.43
N PHE A 34 -2.09 -11.70 -7.56
CA PHE A 34 -2.41 -13.05 -7.98
C PHE A 34 -3.73 -13.10 -8.73
N GLY A 35 -4.60 -12.12 -8.47
CA GLY A 35 -6.01 -12.22 -8.83
C GLY A 35 -6.31 -11.39 -10.08
N VAL A 36 -5.50 -10.37 -10.32
CA VAL A 36 -5.79 -9.38 -11.35
C VAL A 36 -4.52 -8.99 -12.10
N PRO A 37 -4.59 -8.96 -13.42
CA PRO A 37 -3.41 -8.87 -14.26
C PRO A 37 -2.80 -7.47 -14.19
N PRO A 38 -1.53 -7.36 -14.55
CA PRO A 38 -0.91 -6.06 -14.80
C PRO A 38 -1.83 -5.16 -15.63
N SER A 39 -2.60 -5.78 -16.53
CA SER A 39 -3.51 -5.03 -17.39
C SER A 39 -4.48 -4.20 -16.56
N GLU A 40 -4.91 -4.75 -15.43
CA GLU A 40 -5.89 -4.08 -14.59
C GLU A 40 -5.30 -3.70 -13.24
N ALA A 41 -3.99 -3.93 -13.09
CA ALA A 41 -3.27 -3.50 -11.90
C ALA A 41 -3.35 -2.00 -11.71
N LYS A 42 -4.06 -1.57 -10.67
CA LYS A 42 -4.33 -0.15 -10.47
C LYS A 42 -4.85 0.10 -9.05
N GLY A 43 -4.40 1.20 -8.45
CA GLY A 43 -4.77 1.53 -7.08
C GLY A 43 -4.37 2.96 -6.73
N TYR A 44 -4.39 3.27 -5.44
CA TYR A 44 -4.04 4.61 -4.97
C TYR A 44 -3.32 4.56 -3.63
N TRP A 45 -3.12 5.72 -3.03
CA TRP A 45 -2.30 5.84 -1.83
C TRP A 45 -3.00 5.20 -0.63
N TYR A 46 -2.21 4.76 0.35
CA TYR A 46 -2.66 4.73 1.73
C TYR A 46 -1.48 4.59 2.69
N ARG A 47 -1.62 5.14 3.89
CA ARG A 47 -0.55 5.14 4.87
C ARG A 47 -1.05 4.74 6.25
N HIS A 48 -0.33 3.82 6.90
CA HIS A 48 -0.70 3.36 8.22
C HIS A 48 0.11 4.08 9.31
N SER A 49 -0.54 4.99 10.01
CA SER A 49 0.14 5.84 10.98
C SER A 49 0.42 5.10 12.27
N ARG A 50 1.36 4.15 12.22
CA ARG A 50 1.72 3.37 13.40
C ARG A 50 2.35 4.26 14.47
N ARG A 51 2.11 3.91 15.73
CA ARG A 51 2.62 4.69 16.85
C ARG A 51 3.44 3.83 17.80
N SER A 52 4.59 4.35 18.24
CA SER A 52 5.38 3.70 19.27
C SER A 52 4.90 4.10 20.66
N PHE A 53 5.06 3.19 21.61
CA PHE A 53 4.71 3.47 23.00
C PHE A 53 5.85 3.08 23.95
N LYS A 54 5.84 3.67 25.14
CA LYS A 54 6.95 3.49 26.07
C LYS A 54 6.47 2.93 27.40
N THR A 55 7.29 2.09 28.02
CA THR A 55 6.90 1.39 29.24
C THR A 55 7.26 2.21 30.47
N ALA A 56 6.82 1.73 31.63
CA ALA A 56 7.19 2.34 32.90
C ALA A 56 8.69 2.24 33.14
N ASP A 57 9.34 1.35 32.40
CA ASP A 57 10.77 1.12 32.56
C ASP A 57 11.58 1.96 31.58
N GLY A 58 10.90 2.86 30.87
CA GLY A 58 11.57 3.82 30.00
C GLY A 58 11.93 3.18 28.65
N GLN A 59 11.34 2.03 28.38
CA GLN A 59 11.61 1.32 27.14
C GLN A 59 10.56 1.63 26.08
N GLN A 60 10.99 2.27 24.99
CA GLN A 60 10.08 2.70 23.95
C GLN A 60 10.28 1.88 22.67
N LYS A 61 9.20 1.65 21.94
CA LYS A 61 9.27 1.00 20.65
C LYS A 61 9.91 1.91 19.61
N GLN A 62 10.67 1.32 18.70
CA GLN A 62 11.15 2.04 17.52
C GLN A 62 10.50 1.52 16.24
N LEU A 63 9.57 2.31 15.70
CA LEU A 63 8.81 1.89 14.54
C LEU A 63 8.51 3.07 13.61
N LEU A 64 8.11 2.77 12.39
CA LEU A 64 7.83 3.82 11.40
C LEU A 64 6.52 3.54 10.67
N PRO A 65 5.97 4.57 10.03
CA PRO A 65 4.71 4.44 9.32
C PRO A 65 4.80 3.37 8.23
N ARG A 66 3.69 2.69 7.99
CA ARG A 66 3.60 1.75 6.87
C ARG A 66 2.88 2.38 5.69
N TRP A 67 3.13 1.85 4.49
CA TRP A 67 2.44 2.29 3.30
C TRP A 67 1.68 1.13 2.66
N TYR A 68 0.38 1.33 2.44
CA TYR A 68 -0.51 0.23 2.10
C TYR A 68 -1.08 0.40 0.70
N PHE A 69 -1.61 -0.69 0.14
CA PHE A 69 -1.86 -0.79 -1.28
C PHE A 69 -3.22 -1.42 -1.58
N TYR A 70 -4.22 -0.59 -1.82
CA TYR A 70 -5.54 -1.08 -2.19
C TYR A 70 -5.76 -0.96 -3.70
N TYR A 71 -6.86 -1.53 -4.18
CA TYR A 71 -7.23 -1.43 -5.58
C TYR A 71 -8.21 -0.28 -5.81
N LEU A 72 -8.16 0.29 -7.01
CA LEU A 72 -9.16 1.27 -7.42
C LEU A 72 -10.54 0.64 -7.52
N GLY A 73 -11.41 0.95 -6.55
CA GLY A 73 -12.62 0.17 -6.32
C GLY A 73 -12.65 -0.38 -4.91
N THR A 74 -11.53 -0.25 -4.19
CA THR A 74 -11.41 -0.80 -2.85
C THR A 74 -10.74 0.19 -1.91
N GLY A 75 -11.06 0.09 -0.63
CA GLY A 75 -10.24 0.68 0.42
C GLY A 75 -10.95 1.86 1.09
N PRO A 76 -10.26 2.50 2.03
CA PRO A 76 -10.84 3.61 2.77
C PRO A 76 -11.40 4.67 1.83
N TYR A 77 -10.77 4.82 0.67
CA TYR A 77 -11.25 5.76 -0.35
C TYR A 77 -11.57 5.03 -1.65
N ALA A 78 -12.28 3.91 -1.54
CA ALA A 78 -12.46 3.00 -2.66
C ALA A 78 -13.01 3.73 -3.88
N ASN A 79 -13.80 4.77 -3.63
CA ASN A 79 -14.48 5.49 -4.70
C ASN A 79 -13.86 6.86 -4.92
N ALA A 80 -12.59 6.99 -4.57
CA ALA A 80 -11.84 8.21 -4.84
C ALA A 80 -11.96 8.62 -6.28
N SER A 81 -12.04 9.92 -6.53
CA SER A 81 -11.99 10.47 -7.89
C SER A 81 -10.57 10.45 -8.43
N TYR A 82 -10.39 9.83 -9.60
CA TYR A 82 -9.09 9.74 -10.23
C TYR A 82 -8.47 11.12 -10.43
N GLY A 83 -7.28 11.31 -9.88
CA GLY A 83 -6.66 12.63 -9.85
C GLY A 83 -6.40 13.09 -8.42
N GLU A 84 -7.03 12.41 -7.47
CA GLU A 84 -6.81 12.68 -6.04
C GLU A 84 -5.37 12.37 -5.64
N SER A 85 -4.47 13.30 -5.89
CA SER A 85 -3.06 13.11 -5.56
C SER A 85 -2.56 14.22 -4.65
N LEU A 86 -2.58 13.97 -3.34
CA LEU A 86 -2.58 15.04 -2.35
C LEU A 86 -1.16 15.41 -1.95
N GLU A 87 -1.04 16.26 -0.93
CA GLU A 87 0.26 16.61 -0.37
C GLU A 87 0.80 15.46 0.49
N GLY A 88 1.93 14.91 0.09
CA GLY A 88 2.47 13.72 0.72
C GLY A 88 1.79 12.46 0.20
N VAL A 89 0.95 12.63 -0.83
CA VAL A 89 0.16 11.53 -1.37
C VAL A 89 0.59 11.20 -2.79
N PHE A 90 0.46 9.92 -3.16
CA PHE A 90 0.84 9.48 -4.49
C PHE A 90 -0.20 8.53 -5.07
N TRP A 91 -0.74 8.89 -6.24
CA TRP A 91 -1.68 8.03 -6.95
C TRP A 91 -0.97 7.20 -8.00
N VAL A 92 -1.41 5.95 -8.16
CA VAL A 92 -0.69 4.98 -8.97
C VAL A 92 -1.64 4.22 -9.89
N ALA A 93 -1.11 3.75 -11.01
CA ALA A 93 -1.59 2.52 -11.63
C ALA A 93 -0.78 2.20 -12.89
N ASN A 94 -0.86 0.94 -13.33
CA ASN A 94 -0.05 0.46 -14.43
C ASN A 94 -0.38 1.19 -15.72
N HIS A 95 0.53 1.14 -16.68
CA HIS A 95 0.34 1.83 -17.96
C HIS A 95 -0.78 1.20 -18.76
N GLN A 96 -1.15 -0.02 -18.41
CA GLN A 96 -2.26 -0.71 -19.07
C GLN A 96 -3.60 -0.35 -18.43
N ALA A 97 -3.53 0.23 -17.23
CA ALA A 97 -4.73 0.40 -16.41
C ALA A 97 -5.74 1.31 -17.07
N ASP A 98 -7.02 1.02 -16.88
CA ASP A 98 -8.06 2.02 -17.04
C ASP A 98 -8.51 2.59 -15.70
N THR A 99 -8.14 3.84 -15.45
CA THR A 99 -8.20 4.39 -14.11
C THR A 99 -9.30 5.44 -13.99
N SER A 100 -10.29 5.36 -14.87
CA SER A 100 -11.53 6.10 -14.72
C SER A 100 -12.57 5.30 -13.96
N THR A 101 -12.14 4.15 -13.42
CA THR A 101 -13.07 3.07 -13.11
C THR A 101 -12.71 2.41 -11.78
N PRO A 102 -13.68 1.73 -11.18
CA PRO A 102 -13.40 0.66 -10.23
C PRO A 102 -12.83 -0.56 -10.93
N SER A 103 -11.87 -1.21 -10.29
CA SER A 103 -11.10 -2.27 -10.93
C SER A 103 -11.87 -3.58 -10.97
N ASP A 104 -11.31 -4.58 -11.65
CA ASP A 104 -11.90 -5.91 -11.68
C ASP A 104 -11.42 -6.75 -10.50
N VAL A 105 -11.13 -6.09 -9.38
CA VAL A 105 -10.47 -6.74 -8.26
C VAL A 105 -10.94 -6.13 -6.93
N SER A 106 -11.33 -7.00 -6.00
CA SER A 106 -12.08 -6.57 -4.82
C SER A 106 -11.47 -7.13 -3.55
N SER A 107 -11.75 -6.47 -2.42
CA SER A 107 -11.32 -6.95 -1.13
C SER A 107 -12.22 -8.06 -0.61
N ARG A 108 -11.65 -9.24 -0.41
CA ARG A 108 -12.43 -10.41 0.00
C ARG A 108 -12.43 -10.56 1.52
N ASP A 109 -13.42 -11.27 2.04
CA ASP A 109 -13.52 -11.52 3.47
C ASP A 109 -12.24 -12.11 4.02
N PRO A 110 -11.73 -11.52 5.10
CA PRO A 110 -10.50 -12.00 5.73
C PRO A 110 -10.57 -13.48 6.02
N THR A 111 -11.78 -13.98 6.29
CA THR A 111 -11.98 -15.36 6.66
C THR A 111 -11.54 -16.30 5.55
N THR A 112 -11.49 -15.77 4.33
CA THR A 112 -10.94 -16.52 3.20
C THR A 112 -9.61 -15.95 2.74
N GLN A 113 -9.43 -14.64 2.94
CA GLN A 113 -8.37 -13.90 2.26
C GLN A 113 -7.31 -13.43 3.24
N GLU A 114 -6.20 -14.15 3.30
CA GLU A 114 -5.06 -13.75 4.10
C GLU A 114 -4.20 -12.73 3.37
N ALA A 115 -3.43 -11.95 4.12
CA ALA A 115 -2.49 -11.00 3.54
C ALA A 115 -1.31 -11.71 2.89
N ILE A 116 -0.79 -11.12 1.82
CA ILE A 116 0.34 -11.69 1.11
C ILE A 116 1.56 -10.78 1.19
N PRO A 117 2.73 -11.36 1.41
CA PRO A 117 3.99 -10.64 1.31
C PRO A 117 4.07 -9.86 0.00
N THR A 118 4.07 -8.54 0.11
CA THR A 118 3.99 -7.68 -1.06
C THR A 118 5.21 -7.85 -1.96
N ARG A 119 4.98 -8.02 -3.25
CA ARG A 119 6.06 -8.08 -4.23
C ARG A 119 5.92 -6.98 -5.27
N PHE A 120 7.05 -6.41 -5.68
CA PHE A 120 7.09 -5.52 -6.82
C PHE A 120 8.10 -6.00 -7.86
N PRO A 121 7.72 -5.88 -9.14
CA PRO A 121 8.56 -6.39 -10.23
C PRO A 121 9.56 -5.33 -10.69
N PRO A 122 10.53 -5.77 -11.48
CA PRO A 122 11.49 -4.85 -12.09
C PRO A 122 10.77 -3.72 -12.83
N GLY A 123 11.20 -2.50 -12.57
CA GLY A 123 10.57 -1.32 -13.17
C GLY A 123 10.10 -0.35 -12.10
N THR A 124 9.67 -0.88 -10.96
CA THR A 124 9.29 -0.06 -9.82
C THR A 124 10.47 0.12 -8.86
N ILE A 125 10.65 1.34 -8.37
CA ILE A 125 11.74 1.66 -7.46
C ILE A 125 11.32 1.48 -6.01
N LEU A 126 12.30 1.46 -5.11
CA LEU A 126 12.05 1.71 -3.69
C LEU A 126 12.64 3.04 -3.26
N PRO A 127 11.77 3.97 -2.88
CA PRO A 127 12.19 5.33 -2.55
C PRO A 127 13.14 5.33 -1.35
N GLN A 128 14.12 6.23 -1.37
CA GLN A 128 15.03 6.40 -0.24
C GLN A 128 14.28 6.38 1.08
N GLY A 129 14.76 5.57 2.02
CA GLY A 129 14.20 5.54 3.37
C GLY A 129 13.23 4.37 3.54
N TYR A 130 12.98 3.66 2.45
CA TYR A 130 12.03 2.55 2.47
C TYR A 130 12.67 1.28 1.90
N TYR A 131 12.24 0.13 2.41
CA TYR A 131 12.31 -1.11 1.66
C TYR A 131 11.26 -2.11 2.14
N VAL A 132 10.77 -2.92 1.22
CA VAL A 132 9.52 -3.65 1.42
C VAL A 132 9.72 -4.87 2.32
N GLU A 133 8.69 -5.22 3.06
CA GLU A 133 8.78 -6.30 4.04
C GLU A 133 7.78 -7.41 3.74
N GLY A 134 8.25 -8.46 3.08
CA GLY A 134 7.39 -9.58 2.69
C GLY A 134 7.17 -10.53 3.86
N SER A 135 6.64 -10.01 4.96
CA SER A 135 6.28 -10.83 6.11
C SER A 135 4.80 -11.21 6.08
N GLY A 136 4.02 -10.43 5.34
CA GLY A 136 2.57 -10.60 5.32
C GLY A 136 1.92 -9.94 6.53
N ARG A 137 2.74 -9.31 7.36
CA ARG A 137 2.24 -8.66 8.58
C ARG A 137 2.76 -7.23 8.68
N SER A 138 3.25 -6.70 7.57
CA SER A 138 3.63 -5.29 7.51
C SER A 138 2.48 -4.43 7.04
N GLY A 1 -2.73 -16.28 9.10
CA GLY A 1 -2.72 -16.99 10.39
C GLY A 1 -2.30 -16.05 11.52
N ASN A 2 -1.01 -15.76 11.60
CA ASN A 2 -0.47 -14.95 12.68
C ASN A 2 -0.20 -13.52 12.22
N THR A 3 -0.80 -13.15 11.09
CA THR A 3 -0.62 -11.82 10.55
C THR A 3 -1.49 -10.80 11.28
N ILE A 4 -0.95 -9.60 11.47
CA ILE A 4 -1.71 -8.49 12.01
C ILE A 4 -3.10 -8.42 11.39
N PRO A 5 -4.12 -8.18 12.21
CA PRO A 5 -5.50 -8.24 11.77
C PRO A 5 -5.89 -6.97 11.02
N HIS A 6 -5.26 -6.75 9.87
CA HIS A 6 -5.55 -5.58 9.06
C HIS A 6 -6.26 -5.96 7.76
N TYR A 7 -7.28 -5.20 7.41
CA TYR A 7 -8.02 -5.43 6.18
C TYR A 7 -7.31 -4.83 4.98
N SER A 8 -6.19 -5.44 4.60
CA SER A 8 -5.43 -4.98 3.43
C SER A 8 -4.96 -6.15 2.60
N TRP A 9 -5.03 -6.01 1.28
CA TRP A 9 -4.56 -7.03 0.36
C TRP A 9 -3.07 -7.32 0.57
N PHE A 10 -2.28 -6.27 0.58
CA PHE A 10 -0.82 -6.40 0.56
C PHE A 10 -0.21 -6.00 1.91
N SER A 11 0.91 -6.63 2.25
CA SER A 11 1.70 -6.20 3.40
C SER A 11 2.11 -4.74 3.26
N GLY A 12 2.88 -4.44 2.21
CA GLY A 12 3.26 -3.07 1.92
C GLY A 12 4.75 -2.84 2.17
N ILE A 13 5.23 -1.65 1.83
CA ILE A 13 6.62 -1.28 2.10
C ILE A 13 6.82 -0.94 3.57
N THR A 14 8.00 -1.26 4.08
CA THR A 14 8.36 -0.92 5.45
C THR A 14 9.36 0.22 5.50
N GLN A 15 8.99 1.30 6.16
CA GLN A 15 9.85 2.47 6.29
C GLN A 15 10.97 2.22 7.29
N PHE A 16 12.13 2.80 7.03
CA PHE A 16 13.22 2.81 8.01
C PHE A 16 13.50 4.22 8.50
N GLN A 17 13.49 5.18 7.59
CA GLN A 17 13.93 6.54 7.89
C GLN A 17 12.79 7.54 7.76
N LYS A 18 12.27 7.99 8.90
CA LYS A 18 11.17 8.94 8.91
C LYS A 18 11.56 10.24 8.23
N GLY A 19 10.65 10.79 7.44
CA GLY A 19 10.85 12.10 6.82
C GLY A 19 11.28 11.97 5.36
N ARG A 20 11.78 10.80 5.00
CA ARG A 20 12.20 10.53 3.63
C ARG A 20 11.00 10.38 2.71
N ASP A 21 11.17 10.74 1.45
CA ASP A 21 10.06 10.83 0.51
C ASP A 21 9.64 9.46 0.02
N PHE A 22 8.52 9.41 -0.68
CA PHE A 22 7.96 8.14 -1.15
C PHE A 22 7.56 8.23 -2.62
N LYS A 23 8.51 7.94 -3.50
CA LYS A 23 8.37 8.28 -4.91
C LYS A 23 8.10 7.05 -5.76
N PHE A 24 7.28 7.20 -6.80
CA PHE A 24 7.35 6.33 -7.96
C PHE A 24 7.04 7.10 -9.24
N SER A 25 7.20 6.45 -10.38
CA SER A 25 6.79 7.00 -11.66
C SER A 25 5.43 6.46 -12.09
N ASP A 26 4.97 6.87 -13.26
CA ASP A 26 3.75 6.34 -13.85
C ASP A 26 3.84 4.83 -14.04
N GLY A 27 2.82 4.12 -13.57
CA GLY A 27 2.80 2.66 -13.66
C GLY A 27 3.82 2.04 -12.71
N GLN A 28 4.30 2.83 -11.75
CA GLN A 28 5.22 2.34 -10.74
C GLN A 28 4.66 2.56 -9.34
N GLY A 29 4.91 1.61 -8.45
CA GLY A 29 4.29 1.60 -7.13
C GLY A 29 3.09 0.66 -7.10
N VAL A 30 2.91 -0.10 -8.17
CA VAL A 30 1.85 -1.10 -8.23
C VAL A 30 2.39 -2.49 -7.90
N PRO A 31 1.82 -3.10 -6.87
CA PRO A 31 2.33 -4.35 -6.33
C PRO A 31 1.83 -5.54 -7.14
N ILE A 32 2.69 -6.55 -7.30
CA ILE A 32 2.38 -7.69 -8.17
C ILE A 32 1.24 -8.53 -7.59
N ALA A 33 0.14 -8.60 -8.34
CA ALA A 33 -1.11 -9.11 -7.79
C ALA A 33 -1.25 -10.61 -8.01
N PHE A 34 -1.78 -11.30 -7.01
CA PHE A 34 -2.27 -12.66 -7.20
C PHE A 34 -3.42 -12.70 -8.19
N GLY A 35 -4.46 -11.92 -7.91
CA GLY A 35 -5.81 -12.25 -8.36
C GLY A 35 -6.17 -11.49 -9.63
N VAL A 36 -5.34 -10.51 -9.98
CA VAL A 36 -5.67 -9.59 -11.05
C VAL A 36 -4.44 -9.26 -11.90
N PRO A 37 -4.62 -9.27 -13.22
CA PRO A 37 -3.50 -9.14 -14.14
C PRO A 37 -2.93 -7.72 -14.12
N PRO A 38 -1.69 -7.58 -14.57
CA PRO A 38 -1.11 -6.27 -14.83
C PRO A 38 -2.10 -5.36 -15.52
N SER A 39 -2.93 -5.93 -16.39
CA SER A 39 -3.90 -5.16 -17.15
C SER A 39 -4.80 -4.35 -16.23
N GLU A 40 -5.18 -4.96 -15.10
CA GLU A 40 -6.05 -4.29 -14.13
C GLU A 40 -5.32 -4.03 -12.83
N ALA A 41 -3.98 -4.05 -12.89
CA ALA A 41 -3.16 -3.62 -11.77
C ALA A 41 -3.20 -2.11 -11.60
N LYS A 42 -4.02 -1.64 -10.67
CA LYS A 42 -4.38 -0.22 -10.60
C LYS A 42 -4.92 0.14 -9.22
N GLY A 43 -4.36 1.17 -8.62
CA GLY A 43 -4.68 1.53 -7.25
C GLY A 43 -4.19 2.94 -6.90
N TYR A 44 -4.11 3.23 -5.62
CA TYR A 44 -3.63 4.53 -5.16
C TYR A 44 -3.11 4.45 -3.73
N TRP A 45 -2.82 5.61 -3.15
CA TRP A 45 -2.11 5.68 -1.88
C TRP A 45 -2.88 4.95 -0.78
N TYR A 46 -2.17 4.41 0.19
CA TYR A 46 -2.72 4.18 1.52
C TYR A 46 -1.61 4.06 2.57
N ARG A 47 -1.90 4.49 3.79
CA ARG A 47 -0.90 4.56 4.84
C ARG A 47 -1.52 4.29 6.20
N HIS A 48 -0.92 3.36 6.95
CA HIS A 48 -1.24 3.18 8.36
C HIS A 48 -0.31 4.02 9.24
N SER A 49 -0.90 4.77 10.15
CA SER A 49 -0.13 5.69 10.99
C SER A 49 0.75 4.94 11.97
N ARG A 50 1.88 5.53 12.32
CA ARG A 50 2.74 5.01 13.37
C ARG A 50 2.01 4.93 14.69
N ARG A 51 2.29 3.89 15.46
CA ARG A 51 1.83 3.80 16.84
C ARG A 51 2.64 2.79 17.64
N SER A 52 3.41 3.28 18.61
CA SER A 52 4.10 2.43 19.55
C SER A 52 4.27 3.10 20.91
N PHE A 53 4.18 2.32 21.97
CA PHE A 53 4.39 2.82 23.32
C PHE A 53 5.40 1.98 24.07
N LYS A 54 6.04 2.58 25.08
CA LYS A 54 7.05 1.88 25.88
C LYS A 54 6.42 0.73 26.66
N THR A 55 7.16 -0.36 26.79
CA THR A 55 6.64 -1.56 27.42
C THR A 55 6.89 -1.54 28.93
N ALA A 56 6.30 -2.51 29.63
CA ALA A 56 6.53 -2.66 31.06
C ALA A 56 7.99 -2.99 31.36
N ASP A 57 8.72 -3.42 30.33
CA ASP A 57 10.11 -3.83 30.50
C ASP A 57 11.06 -2.71 30.11
N GLY A 58 10.52 -1.50 29.97
CA GLY A 58 11.34 -0.32 29.73
C GLY A 58 11.80 -0.25 28.28
N GLN A 59 11.15 -1.03 27.42
CA GLN A 59 11.53 -1.10 26.02
C GLN A 59 10.78 -0.04 25.20
N GLN A 60 11.51 1.00 24.80
CA GLN A 60 10.89 2.17 24.19
C GLN A 60 11.30 2.32 22.73
N LYS A 61 10.36 2.74 21.90
CA LYS A 61 10.64 2.98 20.48
C LYS A 61 9.70 4.04 19.92
N GLN A 62 10.24 4.89 19.03
CA GLN A 62 9.41 5.74 18.19
C GLN A 62 9.17 5.10 16.82
N LEU A 63 7.92 4.79 16.53
CA LEU A 63 7.59 3.88 15.43
C LEU A 63 7.31 4.65 14.15
N LEU A 64 7.43 3.97 13.02
CA LEU A 64 7.34 4.62 11.72
C LEU A 64 6.05 4.26 11.01
N PRO A 65 5.63 5.13 10.09
CA PRO A 65 4.48 4.84 9.24
C PRO A 65 4.71 3.61 8.39
N ARG A 66 3.64 2.88 8.09
CA ARG A 66 3.68 1.83 7.08
C ARG A 66 2.79 2.17 5.89
N TRP A 67 3.24 1.79 4.70
CA TRP A 67 2.55 2.16 3.46
C TRP A 67 1.88 0.95 2.82
N TYR A 68 0.63 1.12 2.39
CA TYR A 68 -0.20 0.00 1.99
C TYR A 68 -0.73 0.19 0.57
N PHE A 69 -1.24 -0.88 -0.01
CA PHE A 69 -1.64 -0.88 -1.41
C PHE A 69 -2.94 -1.64 -1.62
N TYR A 70 -3.88 -1.01 -2.33
CA TYR A 70 -5.11 -1.67 -2.73
C TYR A 70 -5.71 -1.00 -3.96
N TYR A 71 -6.81 -1.56 -4.45
CA TYR A 71 -7.22 -1.36 -5.84
C TYR A 71 -8.29 -0.29 -5.95
N LEU A 72 -8.27 0.44 -7.06
CA LEU A 72 -9.32 1.40 -7.37
C LEU A 72 -10.67 0.72 -7.47
N GLY A 73 -11.69 1.32 -6.86
CA GLY A 73 -13.05 0.82 -6.95
C GLY A 73 -13.45 0.07 -5.68
N THR A 74 -12.48 -0.13 -4.79
CA THR A 74 -12.71 -0.89 -3.57
C THR A 74 -11.71 -0.49 -2.48
N GLY A 75 -12.20 -0.40 -1.25
CA GLY A 75 -11.33 -0.18 -0.10
C GLY A 75 -11.76 1.08 0.66
N PRO A 76 -10.90 1.51 1.59
CA PRO A 76 -11.24 2.62 2.48
C PRO A 76 -11.78 3.82 1.69
N TYR A 77 -11.12 4.13 0.58
CA TYR A 77 -11.55 5.21 -0.29
C TYR A 77 -11.96 4.69 -1.67
N ALA A 78 -12.73 3.61 -1.68
CA ALA A 78 -13.02 2.89 -2.91
C ALA A 78 -13.36 3.85 -4.05
N ASN A 79 -14.06 4.94 -3.71
CA ASN A 79 -14.65 5.80 -4.72
C ASN A 79 -13.91 7.13 -4.81
N ALA A 80 -12.65 7.13 -4.39
CA ALA A 80 -11.77 8.28 -4.57
C ALA A 80 -11.80 8.77 -6.02
N SER A 81 -11.88 10.09 -6.18
CA SER A 81 -11.80 10.70 -7.51
C SER A 81 -10.40 10.58 -8.08
N TYR A 82 -10.30 10.04 -9.30
CA TYR A 82 -9.01 9.86 -9.95
C TYR A 82 -8.29 11.19 -10.12
N GLY A 83 -7.23 11.38 -9.34
CA GLY A 83 -6.52 12.66 -9.29
C GLY A 83 -6.35 13.12 -7.85
N GLU A 84 -6.90 12.38 -6.91
CA GLU A 84 -6.73 12.65 -5.49
C GLU A 84 -5.28 12.42 -5.06
N SER A 85 -4.38 13.27 -5.53
CA SER A 85 -2.99 13.22 -5.11
C SER A 85 -2.67 14.35 -4.14
N LEU A 86 -2.33 13.99 -2.91
CA LEU A 86 -2.22 14.96 -1.83
C LEU A 86 -0.75 15.19 -1.45
N GLU A 87 -0.53 16.05 -0.47
CA GLU A 87 0.79 16.21 0.12
C GLU A 87 1.26 14.92 0.78
N GLY A 88 2.43 14.44 0.38
CA GLY A 88 2.98 13.20 0.90
C GLY A 88 2.28 11.99 0.28
N VAL A 89 1.50 12.24 -0.77
CA VAL A 89 0.68 11.20 -1.37
C VAL A 89 1.05 10.98 -2.83
N PHE A 90 0.87 9.75 -3.30
CA PHE A 90 1.10 9.43 -4.71
C PHE A 90 0.01 8.50 -5.24
N TRP A 91 -0.53 8.85 -6.41
CA TRP A 91 -1.54 8.01 -7.05
C TRP A 91 -0.94 7.25 -8.23
N VAL A 92 -1.38 6.00 -8.38
CA VAL A 92 -0.67 5.06 -9.24
C VAL A 92 -1.64 4.30 -10.14
N ALA A 93 -1.13 3.77 -11.24
CA ALA A 93 -1.63 2.51 -11.79
C ALA A 93 -0.86 2.11 -13.04
N ASN A 94 -0.94 0.83 -13.40
CA ASN A 94 -0.14 0.29 -14.49
C ASN A 94 -0.50 0.98 -15.81
N HIS A 95 0.40 0.87 -16.79
CA HIS A 95 0.21 1.53 -18.07
C HIS A 95 -0.94 0.89 -18.84
N GLN A 96 -1.33 -0.31 -18.44
CA GLN A 96 -2.47 -1.00 -19.04
C GLN A 96 -3.77 -0.59 -18.35
N ALA A 97 -3.65 0.06 -17.21
CA ALA A 97 -4.81 0.35 -16.37
C ALA A 97 -5.80 1.24 -17.09
N ASP A 98 -7.08 1.10 -16.75
CA ASP A 98 -8.07 2.13 -17.02
C ASP A 98 -8.62 2.72 -15.72
N THR A 99 -8.17 3.92 -15.38
CA THR A 99 -8.32 4.44 -14.03
C THR A 99 -9.41 5.50 -13.95
N SER A 100 -10.31 5.48 -14.93
CA SER A 100 -11.50 6.31 -14.89
C SER A 100 -12.68 5.57 -14.28
N THR A 101 -12.38 4.48 -13.58
CA THR A 101 -13.35 3.40 -13.39
C THR A 101 -12.85 2.39 -12.37
N PRO A 102 -13.79 1.77 -11.65
CA PRO A 102 -13.45 0.82 -10.60
C PRO A 102 -12.80 -0.43 -11.18
N SER A 103 -11.87 -1.03 -10.44
CA SER A 103 -11.06 -2.12 -10.95
C SER A 103 -11.82 -3.43 -10.91
N ASP A 104 -11.35 -4.42 -11.66
CA ASP A 104 -11.94 -5.75 -11.65
C ASP A 104 -11.34 -6.61 -10.55
N VAL A 105 -11.10 -5.99 -9.39
CA VAL A 105 -10.40 -6.67 -8.30
C VAL A 105 -10.80 -6.10 -6.95
N SER A 106 -11.21 -6.97 -6.04
CA SER A 106 -11.99 -6.55 -4.88
C SER A 106 -11.16 -6.64 -3.60
N SER A 107 -11.48 -5.78 -2.64
CA SER A 107 -10.91 -5.89 -1.30
C SER A 107 -11.23 -7.25 -0.68
N ARG A 108 -10.25 -7.82 0.01
CA ARG A 108 -10.40 -9.15 0.61
C ARG A 108 -11.31 -9.10 1.83
N ASP A 109 -12.07 -10.17 2.02
CA ASP A 109 -12.54 -10.54 3.36
C ASP A 109 -11.55 -11.49 4.04
N PRO A 110 -10.89 -10.99 5.09
CA PRO A 110 -9.82 -11.74 5.74
C PRO A 110 -10.37 -12.85 6.62
N THR A 111 -11.70 -12.97 6.63
CA THR A 111 -12.36 -14.18 7.15
C THR A 111 -11.97 -15.40 6.33
N THR A 112 -11.79 -15.20 5.02
CA THR A 112 -11.48 -16.31 4.12
C THR A 112 -10.05 -16.21 3.60
N GLN A 113 -9.55 -14.98 3.50
CA GLN A 113 -8.38 -14.70 2.69
C GLN A 113 -7.22 -14.19 3.56
N GLU A 114 -6.02 -14.63 3.25
CA GLU A 114 -4.82 -14.10 3.88
C GLU A 114 -4.25 -12.92 3.09
N ALA A 115 -3.44 -12.10 3.76
CA ALA A 115 -2.72 -11.03 3.08
C ALA A 115 -1.59 -11.58 2.21
N ILE A 116 -1.22 -10.83 1.19
CA ILE A 116 -0.17 -11.26 0.26
C ILE A 116 1.10 -10.47 0.47
N PRO A 117 2.22 -11.19 0.53
CA PRO A 117 3.53 -10.56 0.73
C PRO A 117 3.97 -9.81 -0.52
N THR A 118 4.28 -8.52 -0.35
CA THR A 118 4.29 -7.59 -1.46
C THR A 118 5.56 -7.74 -2.30
N ARG A 119 5.39 -7.77 -3.63
CA ARG A 119 6.52 -7.79 -4.54
C ARG A 119 6.35 -6.73 -5.62
N PHE A 120 7.47 -6.16 -6.05
CA PHE A 120 7.49 -5.29 -7.21
C PHE A 120 8.52 -5.76 -8.24
N PRO A 121 8.16 -5.66 -9.52
CA PRO A 121 8.98 -6.19 -10.60
C PRO A 121 9.99 -5.17 -11.07
N PRO A 122 10.95 -5.62 -11.88
CA PRO A 122 11.99 -4.73 -12.41
C PRO A 122 11.38 -3.55 -13.14
N GLY A 123 11.06 -2.49 -12.40
CA GLY A 123 10.49 -1.28 -12.97
C GLY A 123 10.22 -0.23 -11.91
N THR A 124 9.58 -0.64 -10.83
CA THR A 124 9.19 0.28 -9.76
C THR A 124 10.37 0.58 -8.85
N ILE A 125 10.47 1.84 -8.43
CA ILE A 125 11.53 2.27 -7.53
C ILE A 125 11.22 1.91 -6.08
N LEU A 126 12.25 1.81 -5.26
CA LEU A 126 12.07 1.61 -3.83
C LEU A 126 12.74 2.71 -3.02
N PRO A 127 11.97 3.72 -2.66
CA PRO A 127 12.52 5.01 -2.24
C PRO A 127 13.51 4.84 -1.09
N GLN A 128 14.56 5.66 -1.09
CA GLN A 128 15.53 5.66 0.01
C GLN A 128 14.83 5.73 1.36
N GLY A 129 15.25 4.87 2.28
CA GLY A 129 14.73 4.90 3.65
C GLY A 129 13.75 3.75 3.87
N TYR A 130 13.40 3.06 2.81
CA TYR A 130 12.50 1.92 2.89
C TYR A 130 13.22 0.61 2.61
N TYR A 131 12.66 -0.50 3.09
CA TYR A 131 12.60 -1.72 2.31
C TYR A 131 11.25 -2.41 2.48
N VAL A 132 11.04 -3.49 1.73
CA VAL A 132 9.73 -4.09 1.59
C VAL A 132 9.63 -5.40 2.35
N GLU A 133 8.43 -5.73 2.83
CA GLU A 133 8.23 -6.92 3.65
C GLU A 133 6.98 -7.68 3.21
N GLY A 134 6.80 -8.87 3.77
CA GLY A 134 5.65 -9.70 3.43
C GLY A 134 4.61 -9.70 4.56
N SER A 135 3.67 -10.63 4.48
CA SER A 135 2.54 -10.64 5.41
C SER A 135 3.01 -10.85 6.84
N GLY A 136 2.51 -10.04 7.75
CA GLY A 136 2.79 -10.20 9.18
C GLY A 136 4.10 -9.53 9.56
N ARG A 137 4.76 -8.93 8.57
CA ARG A 137 6.04 -8.27 8.80
C ARG A 137 6.02 -6.84 8.27
N SER A 138 4.86 -6.42 7.76
CA SER A 138 4.69 -5.06 7.28
C SER A 138 5.12 -4.04 8.33
N GLY A 1 -8.81 -16.69 12.91
CA GLY A 1 -7.44 -17.18 12.94
C GLY A 1 -6.65 -16.69 11.73
N ASN A 2 -5.68 -15.81 11.98
CA ASN A 2 -4.84 -15.27 10.92
C ASN A 2 -3.51 -14.76 11.47
N THR A 3 -2.66 -14.27 10.59
CA THR A 3 -1.40 -13.66 11.00
C THR A 3 -1.63 -12.45 11.89
N ILE A 4 -2.29 -11.44 11.33
CA ILE A 4 -2.47 -10.17 12.03
C ILE A 4 -3.61 -9.36 11.41
N PRO A 5 -4.43 -8.76 12.26
CA PRO A 5 -5.65 -8.11 11.80
C PRO A 5 -5.34 -6.75 11.17
N HIS A 6 -4.73 -6.78 10.00
CA HIS A 6 -4.48 -5.56 9.22
C HIS A 6 -5.39 -5.50 8.01
N TYR A 7 -6.05 -4.36 7.84
CA TYR A 7 -7.15 -4.24 6.88
C TYR A 7 -6.68 -3.60 5.58
N SER A 8 -5.42 -3.82 5.24
CA SER A 8 -4.94 -3.57 3.88
C SER A 8 -5.11 -4.81 3.00
N TRP A 9 -5.25 -4.58 1.70
CA TRP A 9 -5.29 -5.68 0.73
C TRP A 9 -3.92 -6.34 0.60
N PHE A 10 -2.86 -5.56 0.82
CA PHE A 10 -1.50 -6.08 0.74
C PHE A 10 -0.75 -5.82 2.04
N SER A 11 0.38 -6.49 2.21
CA SER A 11 1.42 -6.03 3.13
C SER A 11 1.99 -4.69 2.69
N GLY A 12 2.50 -3.93 3.65
CA GLY A 12 3.01 -2.60 3.38
C GLY A 12 4.50 -2.62 3.02
N ILE A 13 4.97 -1.55 2.40
CA ILE A 13 6.38 -1.21 2.42
C ILE A 13 6.75 -0.53 3.75
N THR A 14 7.88 -0.92 4.31
CA THR A 14 8.27 -0.49 5.64
C THR A 14 9.38 0.56 5.57
N GLN A 15 9.10 1.75 6.09
CA GLN A 15 10.11 2.79 6.23
C GLN A 15 11.13 2.42 7.30
N PHE A 16 12.40 2.70 7.02
CA PHE A 16 13.46 2.54 8.01
C PHE A 16 14.02 3.89 8.44
N GLN A 17 14.15 4.80 7.47
CA GLN A 17 14.77 6.09 7.73
C GLN A 17 13.75 7.21 7.68
N LYS A 18 13.38 7.72 8.85
CA LYS A 18 12.39 8.78 8.95
C LYS A 18 12.82 10.01 8.16
N GLY A 19 11.87 10.64 7.46
CA GLY A 19 12.14 11.89 6.76
C GLY A 19 12.38 11.63 5.28
N ARG A 20 12.66 10.39 4.93
CA ARG A 20 12.87 10.00 3.54
C ARG A 20 11.54 9.90 2.79
N ASP A 21 11.50 10.49 1.60
CA ASP A 21 10.24 10.67 0.90
C ASP A 21 9.79 9.39 0.22
N PHE A 22 8.55 9.38 -0.26
CA PHE A 22 7.99 8.20 -0.91
C PHE A 22 7.68 8.47 -2.38
N LYS A 23 8.69 8.34 -3.22
CA LYS A 23 8.62 8.84 -4.59
C LYS A 23 8.55 7.69 -5.59
N PHE A 24 7.70 7.83 -6.60
CA PHE A 24 7.67 6.91 -7.72
C PHE A 24 6.93 7.51 -8.91
N SER A 25 7.08 6.88 -10.07
CA SER A 25 6.53 7.41 -11.31
C SER A 25 5.25 6.70 -11.71
N ASP A 26 4.65 7.14 -12.81
CA ASP A 26 3.46 6.49 -13.34
C ASP A 26 3.69 5.01 -13.59
N GLY A 27 2.77 4.18 -13.11
CA GLY A 27 2.88 2.73 -13.31
C GLY A 27 3.86 2.11 -12.33
N GLN A 28 4.43 2.93 -11.46
CA GLN A 28 5.28 2.44 -10.38
C GLN A 28 4.57 2.51 -9.04
N GLY A 29 5.03 1.70 -8.09
CA GLY A 29 4.40 1.62 -6.77
C GLY A 29 3.19 0.70 -6.80
N VAL A 30 2.98 0.04 -7.93
CA VAL A 30 1.89 -0.92 -8.07
C VAL A 30 2.35 -2.33 -7.70
N PRO A 31 1.66 -2.93 -6.73
CA PRO A 31 2.09 -4.21 -6.18
C PRO A 31 1.60 -5.37 -7.05
N ILE A 32 2.37 -6.45 -7.08
CA ILE A 32 2.07 -7.57 -7.95
C ILE A 32 0.90 -8.39 -7.42
N ALA A 33 -0.05 -8.69 -8.29
CA ALA A 33 -1.27 -9.38 -7.90
C ALA A 33 -1.30 -10.81 -8.43
N PHE A 34 -1.88 -11.72 -7.66
CA PHE A 34 -2.01 -13.12 -8.06
C PHE A 34 -3.26 -13.33 -8.91
N GLY A 35 -4.28 -12.50 -8.69
CA GLY A 35 -5.60 -12.74 -9.23
C GLY A 35 -5.89 -11.84 -10.41
N VAL A 36 -5.36 -10.62 -10.36
CA VAL A 36 -5.69 -9.60 -11.35
C VAL A 36 -4.44 -9.13 -12.09
N PRO A 37 -4.54 -9.06 -13.42
CA PRO A 37 -3.35 -8.92 -14.27
C PRO A 37 -2.75 -7.53 -14.15
N PRO A 38 -1.48 -7.41 -14.50
CA PRO A 38 -0.88 -6.10 -14.71
C PRO A 38 -1.81 -5.17 -15.48
N SER A 39 -2.57 -5.73 -16.39
CA SER A 39 -3.52 -4.96 -17.19
C SER A 39 -4.48 -4.19 -16.28
N GLU A 40 -4.88 -4.81 -15.17
CA GLU A 40 -5.80 -4.18 -14.24
C GLU A 40 -5.13 -3.92 -12.89
N ALA A 41 -3.79 -3.99 -12.88
CA ALA A 41 -3.02 -3.52 -11.75
C ALA A 41 -3.12 -2.00 -11.60
N LYS A 42 -3.92 -1.55 -10.65
CA LYS A 42 -4.33 -0.15 -10.58
C LYS A 42 -4.96 0.17 -9.23
N GLY A 43 -4.53 1.27 -8.62
CA GLY A 43 -4.92 1.60 -7.26
C GLY A 43 -4.58 3.05 -6.93
N TYR A 44 -4.55 3.36 -5.64
CA TYR A 44 -4.18 4.70 -5.18
C TYR A 44 -3.38 4.64 -3.89
N TRP A 45 -3.27 5.79 -3.22
CA TRP A 45 -2.43 5.90 -2.04
C TRP A 45 -3.09 5.28 -0.82
N TYR A 46 -2.28 4.89 0.16
CA TYR A 46 -2.70 4.90 1.56
C TYR A 46 -1.50 4.79 2.48
N ARG A 47 -1.62 5.39 3.67
CA ARG A 47 -0.53 5.44 4.62
C ARG A 47 -1.03 5.35 6.06
N HIS A 48 -0.42 4.45 6.83
CA HIS A 48 -0.86 4.21 8.21
C HIS A 48 0.16 4.73 9.21
N SER A 49 -0.33 5.14 10.38
CA SER A 49 0.54 5.41 11.52
C SER A 49 0.51 4.27 12.52
N ARG A 50 1.62 4.06 13.21
CA ARG A 50 1.68 3.12 14.31
C ARG A 50 1.83 3.82 15.65
N ARG A 51 1.39 3.17 16.72
CA ARG A 51 1.32 3.82 18.03
C ARG A 51 2.60 3.60 18.83
N SER A 52 3.20 4.70 19.26
CA SER A 52 4.35 4.63 20.16
C SER A 52 4.01 5.17 21.54
N PHE A 53 4.71 4.69 22.55
CA PHE A 53 4.48 5.13 23.93
C PHE A 53 5.72 4.91 24.79
N LYS A 54 5.70 5.47 25.99
CA LYS A 54 6.78 5.27 26.95
C LYS A 54 6.32 4.44 28.14
N THR A 55 7.24 3.69 28.73
CA THR A 55 6.89 2.67 29.71
C THR A 55 7.19 3.15 31.12
N ALA A 56 6.77 2.36 32.11
CA ALA A 56 7.09 2.63 33.51
C ALA A 56 8.57 2.42 33.80
N ASP A 57 9.26 1.77 32.86
CA ASP A 57 10.67 1.44 33.05
C ASP A 57 11.57 2.43 32.30
N GLY A 58 11.00 3.55 31.91
CA GLY A 58 11.77 4.64 31.33
C GLY A 58 12.09 4.38 29.86
N GLN A 59 11.45 3.35 29.31
CA GLN A 59 11.70 2.97 27.92
C GLN A 59 10.63 3.54 27.00
N GLN A 60 11.02 3.83 25.76
CA GLN A 60 10.11 4.45 24.80
C GLN A 60 10.29 3.85 23.41
N LYS A 61 9.17 3.66 22.71
CA LYS A 61 9.19 3.13 21.35
C LYS A 61 9.68 4.18 20.36
N GLN A 62 10.49 3.75 19.40
CA GLN A 62 10.73 4.53 18.20
C GLN A 62 10.31 3.76 16.95
N LEU A 63 9.32 4.29 16.24
CA LEU A 63 8.71 3.58 15.13
C LEU A 63 8.48 4.50 13.94
N LEU A 64 8.08 3.93 12.81
CA LEU A 64 8.03 4.66 11.55
C LEU A 64 6.73 4.40 10.81
N PRO A 65 6.40 5.28 9.86
CA PRO A 65 5.17 5.16 9.09
C PRO A 65 5.13 3.84 8.33
N ARG A 66 3.92 3.40 7.99
CA ARG A 66 3.74 2.15 7.27
C ARG A 66 2.73 2.32 6.13
N TRP A 67 3.16 2.01 4.92
CA TRP A 67 2.36 2.31 3.73
C TRP A 67 1.50 1.13 3.32
N TYR A 68 0.29 1.42 2.85
CA TYR A 68 -0.66 0.37 2.52
C TYR A 68 -1.19 0.53 1.10
N PHE A 69 -1.82 -0.51 0.57
CA PHE A 69 -2.11 -0.60 -0.84
C PHE A 69 -3.50 -1.19 -1.08
N TYR A 70 -4.23 -0.60 -2.03
CA TYR A 70 -5.53 -1.11 -2.41
C TYR A 70 -5.70 -1.14 -3.93
N TYR A 71 -6.83 -1.65 -4.39
CA TYR A 71 -7.21 -1.51 -5.79
C TYR A 71 -8.18 -0.35 -5.98
N LEU A 72 -8.17 0.24 -7.16
CA LEU A 72 -9.19 1.20 -7.56
C LEU A 72 -10.55 0.54 -7.67
N GLY A 73 -11.44 0.89 -6.76
CA GLY A 73 -12.65 0.10 -6.53
C GLY A 73 -12.67 -0.48 -5.12
N THR A 74 -11.55 -0.36 -4.42
CA THR A 74 -11.41 -0.92 -3.09
C THR A 74 -10.74 0.05 -2.13
N GLY A 75 -11.03 -0.08 -0.84
CA GLY A 75 -10.26 0.60 0.19
C GLY A 75 -11.07 1.72 0.84
N PRO A 76 -10.46 2.39 1.81
CA PRO A 76 -11.17 3.40 2.60
C PRO A 76 -11.50 4.63 1.75
N TYR A 77 -10.87 4.72 0.58
CA TYR A 77 -11.31 5.66 -0.44
C TYR A 77 -11.59 4.94 -1.75
N ALA A 78 -12.28 3.81 -1.67
CA ALA A 78 -12.47 2.95 -2.83
C ALA A 78 -13.08 3.71 -3.99
N ASN A 79 -13.90 4.70 -3.68
CA ASN A 79 -14.65 5.43 -4.70
C ASN A 79 -14.10 6.85 -4.88
N ALA A 80 -12.81 7.01 -4.60
CA ALA A 80 -12.14 8.28 -4.85
C ALA A 80 -12.24 8.68 -6.31
N SER A 81 -12.30 9.98 -6.56
CA SER A 81 -12.20 10.51 -7.92
C SER A 81 -10.77 10.39 -8.44
N TYR A 82 -10.64 9.78 -9.63
CA TYR A 82 -9.33 9.62 -10.25
C TYR A 82 -8.62 10.95 -10.40
N GLY A 83 -7.40 11.03 -9.89
CA GLY A 83 -6.61 12.25 -9.95
C GLY A 83 -6.39 12.84 -8.55
N GLU A 84 -7.09 12.27 -7.57
CA GLU A 84 -6.95 12.72 -6.19
C GLU A 84 -5.53 12.45 -5.67
N SER A 85 -4.59 13.28 -6.08
CA SER A 85 -3.25 13.27 -5.51
C SER A 85 -3.06 14.40 -4.50
N LEU A 86 -2.80 14.04 -3.26
CA LEU A 86 -2.75 15.01 -2.17
C LEU A 86 -1.33 15.32 -1.76
N GLU A 87 -1.18 16.15 -0.73
CA GLU A 87 0.12 16.35 -0.09
C GLU A 87 0.63 15.07 0.55
N GLY A 88 1.84 14.66 0.15
CA GLY A 88 2.42 13.41 0.63
C GLY A 88 1.79 12.22 -0.08
N VAL A 89 1.03 12.49 -1.13
CA VAL A 89 0.26 11.46 -1.81
C VAL A 89 0.60 11.39 -3.29
N PHE A 90 0.56 10.19 -3.85
CA PHE A 90 0.76 9.99 -5.28
C PHE A 90 -0.15 8.91 -5.83
N TRP A 91 -1.10 9.32 -6.67
CA TRP A 91 -2.02 8.38 -7.30
C TRP A 91 -1.31 7.52 -8.34
N VAL A 92 -1.71 6.25 -8.41
CA VAL A 92 -0.93 5.24 -9.14
C VAL A 92 -1.82 4.42 -10.06
N ALA A 93 -1.23 3.91 -11.13
CA ALA A 93 -1.63 2.62 -11.69
C ALA A 93 -0.78 2.25 -12.89
N ASN A 94 -0.83 0.98 -13.28
CA ASN A 94 -0.01 0.48 -14.38
C ASN A 94 -0.35 1.19 -15.68
N HIS A 95 0.56 1.12 -16.64
CA HIS A 95 0.39 1.82 -17.92
C HIS A 95 -0.69 1.16 -18.76
N GLN A 96 -1.06 -0.06 -18.39
CA GLN A 96 -2.15 -0.76 -19.05
C GLN A 96 -3.49 -0.41 -18.42
N ALA A 97 -3.44 0.21 -17.24
CA ALA A 97 -4.64 0.41 -16.42
C ALA A 97 -5.65 1.29 -17.13
N ASP A 98 -6.93 1.02 -16.89
CA ASP A 98 -7.98 2.00 -17.16
C ASP A 98 -8.55 2.57 -15.87
N THR A 99 -8.19 3.81 -15.58
CA THR A 99 -8.31 4.35 -14.23
C THR A 99 -9.42 5.39 -14.13
N SER A 100 -10.39 5.29 -15.03
CA SER A 100 -11.66 6.00 -14.88
C SER A 100 -12.68 5.16 -14.13
N THR A 101 -12.22 4.04 -13.57
CA THR A 101 -13.11 2.92 -13.27
C THR A 101 -12.73 2.28 -11.93
N PRO A 102 -13.68 1.57 -11.34
CA PRO A 102 -13.37 0.51 -10.39
C PRO A 102 -12.74 -0.69 -11.09
N SER A 103 -11.77 -1.31 -10.43
CA SER A 103 -10.93 -2.32 -11.06
C SER A 103 -11.63 -3.67 -11.14
N ASP A 104 -11.14 -4.55 -12.00
CA ASP A 104 -11.70 -5.88 -12.14
C ASP A 104 -11.12 -6.83 -11.10
N VAL A 105 -11.16 -6.40 -9.84
CA VAL A 105 -10.53 -7.14 -8.75
C VAL A 105 -11.22 -6.88 -7.43
N SER A 106 -11.63 -7.95 -6.75
CA SER A 106 -12.69 -7.87 -5.75
C SER A 106 -12.21 -7.16 -4.50
N SER A 107 -13.11 -6.44 -3.84
CA SER A 107 -12.83 -5.86 -2.53
C SER A 107 -12.56 -6.93 -1.49
N ARG A 108 -11.66 -6.63 -0.56
CA ARG A 108 -11.33 -7.56 0.51
C ARG A 108 -12.47 -7.65 1.53
N ASP A 109 -12.54 -8.78 2.23
CA ASP A 109 -13.24 -8.84 3.50
C ASP A 109 -12.33 -9.36 4.60
N PRO A 110 -11.90 -8.47 5.49
CA PRO A 110 -10.81 -8.76 6.41
C PRO A 110 -11.30 -9.56 7.62
N THR A 111 -12.59 -9.89 7.61
CA THR A 111 -13.14 -10.85 8.57
C THR A 111 -12.88 -12.28 8.12
N THR A 112 -12.61 -12.45 6.82
CA THR A 112 -12.17 -13.73 6.30
C THR A 112 -10.72 -13.68 5.87
N GLN A 113 -10.26 -12.50 5.45
CA GLN A 113 -9.03 -12.38 4.68
C GLN A 113 -7.96 -11.63 5.47
N GLU A 114 -6.74 -12.16 5.44
CA GLU A 114 -5.58 -11.42 5.91
C GLU A 114 -4.80 -10.82 4.75
N ALA A 115 -3.99 -9.81 5.05
CA ALA A 115 -3.22 -9.12 4.01
C ALA A 115 -2.24 -10.07 3.33
N ILE A 116 -2.01 -9.85 2.04
CA ILE A 116 -1.18 -10.74 1.25
C ILE A 116 0.20 -10.14 1.01
N PRO A 117 1.23 -10.98 1.10
CA PRO A 117 2.61 -10.52 0.92
C PRO A 117 2.75 -9.72 -0.37
N THR A 118 3.44 -8.59 -0.27
CA THR A 118 3.62 -7.71 -1.42
C THR A 118 4.92 -8.00 -2.14
N ARG A 119 4.87 -7.97 -3.47
CA ARG A 119 6.08 -7.93 -4.28
C ARG A 119 5.99 -6.84 -5.35
N PHE A 120 7.14 -6.28 -5.70
CA PHE A 120 7.23 -5.37 -6.85
C PHE A 120 8.26 -5.86 -7.86
N PRO A 121 7.94 -5.72 -9.14
CA PRO A 121 8.76 -6.27 -10.20
C PRO A 121 9.79 -5.26 -10.70
N PRO A 122 10.75 -5.73 -11.49
CA PRO A 122 11.69 -4.84 -12.15
C PRO A 122 10.96 -3.77 -12.96
N GLY A 123 11.46 -2.54 -12.90
CA GLY A 123 10.83 -1.42 -13.57
C GLY A 123 10.18 -0.48 -12.56
N THR A 124 9.91 -1.00 -11.36
CA THR A 124 9.41 -0.18 -10.26
C THR A 124 10.52 0.21 -9.30
N ILE A 125 10.51 1.45 -8.84
CA ILE A 125 11.50 1.93 -7.88
C ILE A 125 11.06 1.65 -6.45
N LEU A 126 12.03 1.67 -5.53
CA LEU A 126 11.73 1.55 -4.11
C LEU A 126 12.29 2.74 -3.34
N PRO A 127 11.41 3.65 -2.93
CA PRO A 127 11.82 4.92 -2.35
C PRO A 127 12.93 4.71 -1.32
N GLN A 128 13.94 5.57 -1.37
CA GLN A 128 15.07 5.48 -0.44
C GLN A 128 14.59 5.49 1.01
N GLY A 129 15.20 4.63 1.82
CA GLY A 129 14.91 4.60 3.25
C GLY A 129 13.89 3.52 3.58
N TYR A 130 13.32 2.91 2.55
CA TYR A 130 12.35 1.85 2.74
C TYR A 130 12.95 0.49 2.44
N TYR A 131 12.36 -0.56 3.00
CA TYR A 131 12.39 -1.89 2.40
C TYR A 131 11.11 -2.66 2.67
N VAL A 132 10.68 -3.45 1.70
CA VAL A 132 9.32 -3.98 1.68
C VAL A 132 9.23 -5.27 2.47
N GLU A 133 8.08 -5.50 3.10
CA GLU A 133 7.86 -6.71 3.88
C GLU A 133 6.68 -7.51 3.34
N GLY A 134 6.79 -8.83 3.40
CA GLY A 134 5.73 -9.72 2.94
C GLY A 134 5.74 -11.03 3.72
N SER A 135 5.94 -10.94 5.03
CA SER A 135 5.82 -12.10 5.91
C SER A 135 4.35 -12.41 6.20
N GLY A 136 3.47 -11.51 5.79
CA GLY A 136 2.10 -11.52 6.27
C GLY A 136 1.89 -10.53 7.40
N ARG A 137 2.99 -10.10 8.02
CA ARG A 137 2.94 -9.12 9.09
C ARG A 137 3.90 -7.96 8.83
N SER A 138 3.42 -6.94 8.14
CA SER A 138 4.25 -5.80 7.77
C SER A 138 4.50 -4.90 8.97
N GLY A 1 -2.23 -14.90 9.24
CA GLY A 1 -3.63 -14.66 9.60
C GLY A 1 -3.85 -14.76 11.10
N ASN A 2 -2.97 -14.10 11.86
CA ASN A 2 -3.05 -14.13 13.32
C ASN A 2 -3.17 -12.72 13.90
N THR A 3 -3.90 -11.86 13.20
CA THR A 3 -4.05 -10.47 13.62
C THR A 3 -5.50 -10.01 13.48
N ILE A 4 -5.69 -8.69 13.41
CA ILE A 4 -7.01 -8.13 13.16
C ILE A 4 -7.80 -8.99 12.18
N PRO A 5 -9.05 -9.26 12.52
CA PRO A 5 -9.88 -10.16 11.73
C PRO A 5 -10.40 -9.49 10.48
N HIS A 6 -9.65 -8.52 9.98
CA HIS A 6 -9.94 -7.90 8.69
C HIS A 6 -8.69 -7.27 8.07
N TYR A 7 -7.66 -8.10 7.88
CA TYR A 7 -6.40 -7.62 7.34
C TYR A 7 -6.46 -7.49 5.82
N SER A 8 -5.49 -6.80 5.24
CA SER A 8 -5.61 -6.28 3.88
C SER A 8 -5.24 -7.34 2.86
N TRP A 9 -5.54 -7.06 1.59
CA TRP A 9 -5.07 -7.88 0.48
C TRP A 9 -3.57 -8.14 0.60
N PHE A 10 -2.81 -7.06 0.76
CA PHE A 10 -1.36 -7.14 0.69
C PHE A 10 -0.73 -6.90 2.05
N SER A 11 0.54 -7.30 2.20
CA SER A 11 1.46 -6.62 3.11
C SER A 11 1.76 -5.21 2.62
N GLY A 12 2.63 -4.51 3.34
CA GLY A 12 2.97 -3.13 3.02
C GLY A 12 4.48 -2.93 2.95
N ILE A 13 4.90 -1.82 2.36
CA ILE A 13 6.26 -1.35 2.51
C ILE A 13 6.46 -0.69 3.87
N THR A 14 7.65 -0.89 4.46
CA THR A 14 7.98 -0.29 5.73
C THR A 14 9.12 0.72 5.59
N GLN A 15 8.92 1.91 6.14
CA GLN A 15 9.91 2.97 6.03
C GLN A 15 10.50 3.31 7.40
N PHE A 16 11.74 3.80 7.39
CA PHE A 16 12.56 3.83 8.60
C PHE A 16 13.14 5.22 8.83
N GLN A 17 13.44 5.92 7.73
CA GLN A 17 14.22 7.15 7.81
C GLN A 17 13.66 8.21 6.88
N LYS A 18 13.71 9.47 7.31
CA LYS A 18 13.37 10.59 6.45
C LYS A 18 14.61 11.36 6.01
N GLY A 19 14.41 12.39 5.21
CA GLY A 19 15.53 13.19 4.70
C GLY A 19 16.04 12.62 3.38
N ARG A 20 15.25 11.74 2.77
CA ARG A 20 15.62 11.13 1.50
C ARG A 20 14.60 11.43 0.42
N ASP A 21 15.00 11.26 -0.84
CA ASP A 21 14.06 11.31 -1.95
C ASP A 21 12.96 10.28 -1.80
N PHE A 22 11.75 10.66 -2.19
CA PHE A 22 10.61 9.74 -2.15
C PHE A 22 9.91 9.67 -3.51
N LYS A 23 10.47 8.87 -4.41
CA LYS A 23 10.18 8.99 -5.84
C LYS A 23 9.61 7.69 -6.38
N PHE A 24 8.65 7.81 -7.29
CA PHE A 24 8.40 6.77 -8.29
C PHE A 24 7.52 7.29 -9.42
N SER A 25 7.49 6.55 -10.53
CA SER A 25 6.94 7.06 -11.77
C SER A 25 5.52 6.54 -11.99
N ASP A 26 4.86 7.06 -13.03
CA ASP A 26 3.58 6.52 -13.46
C ASP A 26 3.69 5.03 -13.80
N GLY A 27 2.78 4.24 -13.24
CA GLY A 27 2.80 2.79 -13.45
C GLY A 27 3.86 2.13 -12.59
N GLN A 28 4.37 2.87 -11.61
CA GLN A 28 5.26 2.30 -10.60
C GLN A 28 4.68 2.43 -9.20
N GLY A 29 5.07 1.52 -8.31
CA GLY A 29 4.49 1.45 -6.98
C GLY A 29 3.20 0.64 -6.97
N VAL A 30 2.99 -0.12 -8.03
CA VAL A 30 1.85 -1.04 -8.09
C VAL A 30 2.29 -2.47 -7.78
N PRO A 31 1.66 -3.05 -6.76
CA PRO A 31 2.10 -4.34 -6.23
C PRO A 31 1.47 -5.49 -7.00
N ILE A 32 2.13 -6.63 -7.00
CA ILE A 32 1.74 -7.75 -7.84
C ILE A 32 0.61 -8.55 -7.21
N ALA A 33 -0.48 -8.72 -7.97
CA ALA A 33 -1.66 -9.41 -7.46
C ALA A 33 -1.71 -10.86 -7.91
N PHE A 34 -2.22 -11.73 -7.05
CA PHE A 34 -2.48 -13.12 -7.43
C PHE A 34 -3.73 -13.24 -8.29
N GLY A 35 -4.64 -12.28 -8.13
CA GLY A 35 -5.98 -12.39 -8.71
C GLY A 35 -6.07 -11.63 -10.02
N VAL A 36 -5.53 -10.42 -10.04
CA VAL A 36 -5.82 -9.46 -11.10
C VAL A 36 -4.56 -9.06 -11.85
N PRO A 37 -4.65 -9.06 -13.17
CA PRO A 37 -3.46 -8.92 -14.01
C PRO A 37 -2.90 -7.51 -13.97
N PRO A 38 -1.65 -7.37 -14.37
CA PRO A 38 -1.07 -6.04 -14.61
C PRO A 38 -2.05 -5.14 -15.35
N SER A 39 -2.78 -5.72 -16.30
CA SER A 39 -3.73 -4.96 -17.10
C SER A 39 -4.70 -4.20 -16.21
N GLU A 40 -5.08 -4.79 -15.09
CA GLU A 40 -5.99 -4.15 -14.14
C GLU A 40 -5.29 -3.87 -12.82
N ALA A 41 -3.97 -3.79 -12.85
CA ALA A 41 -3.20 -3.40 -11.68
C ALA A 41 -3.26 -1.89 -11.46
N LYS A 42 -4.10 -1.47 -10.53
CA LYS A 42 -4.44 -0.06 -10.38
C LYS A 42 -5.00 0.23 -8.99
N GLY A 43 -4.48 1.28 -8.35
CA GLY A 43 -4.80 1.55 -6.96
C GLY A 43 -4.42 2.99 -6.58
N TYR A 44 -4.41 3.27 -5.28
CA TYR A 44 -4.13 4.61 -4.81
C TYR A 44 -3.47 4.57 -3.42
N TRP A 45 -3.34 5.74 -2.80
CA TRP A 45 -2.60 5.86 -1.55
C TRP A 45 -3.35 5.16 -0.41
N TYR A 46 -2.61 4.72 0.60
CA TYR A 46 -3.18 4.53 1.93
C TYR A 46 -2.07 4.34 2.96
N ARG A 47 -2.34 4.77 4.19
CA ARG A 47 -1.31 4.90 5.21
C ARG A 47 -1.88 4.72 6.61
N HIS A 48 -1.15 3.99 7.45
CA HIS A 48 -1.45 3.92 8.87
C HIS A 48 -0.18 3.95 9.70
N SER A 49 -0.33 4.21 11.00
CA SER A 49 0.80 4.27 11.91
C SER A 49 1.47 2.91 12.03
N ARG A 50 2.77 2.92 12.34
CA ARG A 50 3.56 1.70 12.39
C ARG A 50 4.20 1.52 13.76
N ARG A 51 4.28 0.27 14.21
CA ARG A 51 4.70 -0.02 15.58
C ARG A 51 6.20 -0.27 15.65
N SER A 52 6.86 0.46 16.55
CA SER A 52 8.30 0.34 16.73
C SER A 52 8.64 -0.52 17.94
N PHE A 53 9.25 -1.68 17.68
CA PHE A 53 9.39 -2.70 18.72
C PHE A 53 10.70 -2.52 19.48
N LYS A 54 10.76 -3.10 20.67
CA LYS A 54 11.95 -3.00 21.52
C LYS A 54 12.45 -4.38 21.94
N THR A 55 13.77 -4.50 22.09
CA THR A 55 14.39 -5.78 22.40
C THR A 55 14.51 -5.97 23.91
N ALA A 56 14.95 -7.16 24.31
CA ALA A 56 15.20 -7.44 25.72
C ALA A 56 16.29 -6.53 26.28
N ASP A 57 17.10 -5.96 25.39
CA ASP A 57 18.22 -5.12 25.80
C ASP A 57 17.88 -3.65 25.67
N GLY A 58 16.58 -3.36 25.52
CA GLY A 58 16.11 -1.98 25.52
C GLY A 58 16.42 -1.29 24.20
N GLN A 59 16.82 -2.07 23.21
CA GLN A 59 17.29 -1.52 21.94
C GLN A 59 16.13 -1.22 21.01
N GLN A 60 15.35 -0.21 21.34
CA GLN A 60 14.16 0.14 20.57
C GLN A 60 14.53 0.90 19.31
N LYS A 61 13.84 0.59 18.21
CA LYS A 61 14.02 1.32 16.95
C LYS A 61 12.94 2.37 16.77
N GLN A 62 13.09 3.19 15.73
CA GLN A 62 12.03 4.09 15.31
C GLN A 62 11.53 3.73 13.92
N LEU A 63 10.22 3.52 13.81
CA LEU A 63 9.60 3.22 12.53
C LEU A 63 8.83 4.43 11.99
N LEU A 64 8.77 4.54 10.67
CA LEU A 64 7.86 5.47 10.02
C LEU A 64 6.52 4.82 9.73
N PRO A 65 5.52 5.64 9.41
CA PRO A 65 4.20 5.14 9.05
C PRO A 65 4.28 4.07 7.97
N ARG A 66 3.43 3.06 8.08
CA ARG A 66 3.43 1.95 7.14
C ARG A 66 2.54 2.26 5.94
N TRP A 67 2.93 1.75 4.77
CA TRP A 67 2.23 2.06 3.54
C TRP A 67 1.33 0.90 3.11
N TYR A 68 0.08 1.21 2.81
CA TYR A 68 -0.91 0.19 2.48
C TYR A 68 -1.40 0.33 1.05
N PHE A 69 -1.92 -0.76 0.50
CA PHE A 69 -2.14 -0.85 -0.95
C PHE A 69 -3.49 -1.45 -1.26
N TYR A 70 -4.34 -0.68 -1.95
CA TYR A 70 -5.66 -1.14 -2.32
C TYR A 70 -5.95 -0.89 -3.79
N TYR A 71 -7.05 -1.44 -4.29
CA TYR A 71 -7.42 -1.28 -5.69
C TYR A 71 -8.45 -0.17 -5.86
N LEU A 72 -8.43 0.46 -7.03
CA LEU A 72 -9.54 1.31 -7.46
C LEU A 72 -10.84 0.51 -7.58
N GLY A 73 -11.90 1.02 -6.97
CA GLY A 73 -13.19 0.34 -6.97
C GLY A 73 -13.46 -0.34 -5.63
N THR A 74 -12.41 -0.47 -4.83
CA THR A 74 -12.53 -1.13 -3.52
C THR A 74 -11.46 -0.64 -2.56
N GLY A 75 -11.87 -0.23 -1.38
CA GLY A 75 -10.95 0.25 -0.35
C GLY A 75 -11.55 1.41 0.44
N PRO A 76 -10.78 1.93 1.39
CA PRO A 76 -11.25 3.02 2.24
C PRO A 76 -11.80 4.17 1.40
N TYR A 77 -11.16 4.43 0.27
CA TYR A 77 -11.62 5.47 -0.65
C TYR A 77 -11.91 4.89 -2.03
N ALA A 78 -12.66 3.79 -2.06
CA ALA A 78 -12.86 3.04 -3.29
C ALA A 78 -13.30 3.96 -4.43
N ASN A 79 -14.08 4.99 -4.09
CA ASN A 79 -14.74 5.81 -5.09
C ASN A 79 -14.08 7.18 -5.20
N ALA A 80 -12.82 7.25 -4.80
CA ALA A 80 -12.02 8.45 -4.99
C ALA A 80 -12.01 8.86 -6.46
N SER A 81 -12.07 10.17 -6.70
CA SER A 81 -11.90 10.71 -8.05
C SER A 81 -10.47 10.52 -8.55
N TYR A 82 -10.33 9.92 -9.72
CA TYR A 82 -9.02 9.65 -10.29
C TYR A 82 -8.22 10.94 -10.46
N GLY A 83 -7.20 11.10 -9.62
CA GLY A 83 -6.40 12.32 -9.62
C GLY A 83 -6.26 12.89 -8.21
N GLU A 84 -7.00 12.32 -7.27
CA GLU A 84 -6.92 12.73 -5.87
C GLU A 84 -5.53 12.45 -5.30
N SER A 85 -4.57 13.30 -5.63
CA SER A 85 -3.26 13.26 -5.00
C SER A 85 -3.11 14.38 -3.98
N LEU A 86 -2.94 13.99 -2.71
CA LEU A 86 -2.94 14.95 -1.62
C LEU A 86 -1.54 15.21 -1.10
N GLU A 87 -1.43 16.02 -0.05
CA GLU A 87 -0.18 16.18 0.68
C GLU A 87 0.25 14.86 1.31
N GLY A 88 1.48 14.44 1.00
CA GLY A 88 1.99 13.16 1.48
C GLY A 88 1.37 12.00 0.71
N VAL A 89 0.70 12.31 -0.39
CA VAL A 89 -0.08 11.33 -1.13
C VAL A 89 0.31 11.31 -2.60
N PHE A 90 0.23 10.12 -3.21
CA PHE A 90 0.48 9.98 -4.64
C PHE A 90 -0.39 8.89 -5.24
N TRP A 91 -1.11 9.24 -6.30
CA TRP A 91 -1.92 8.27 -7.03
C TRP A 91 -1.05 7.37 -7.90
N VAL A 92 -1.59 6.20 -8.25
CA VAL A 92 -0.83 5.20 -8.99
C VAL A 92 -1.74 4.36 -9.88
N ALA A 93 -1.19 3.86 -10.97
CA ALA A 93 -1.63 2.59 -11.54
C ALA A 93 -0.82 2.24 -12.79
N ASN A 94 -0.87 0.98 -13.18
CA ASN A 94 -0.02 0.47 -14.26
C ASN A 94 -0.35 1.16 -15.58
N HIS A 95 0.60 1.10 -16.52
CA HIS A 95 0.42 1.77 -17.80
C HIS A 95 -0.69 1.10 -18.63
N GLN A 96 -1.02 -0.13 -18.26
CA GLN A 96 -2.12 -0.84 -18.91
C GLN A 96 -3.46 -0.44 -18.31
N ALA A 97 -3.43 0.16 -17.12
CA ALA A 97 -4.63 0.38 -16.33
C ALA A 97 -5.61 1.30 -17.06
N ASP A 98 -6.90 1.00 -16.94
CA ASP A 98 -7.94 1.99 -17.18
C ASP A 98 -8.45 2.58 -15.87
N THR A 99 -8.00 3.79 -15.56
CA THR A 99 -8.19 4.35 -14.23
C THR A 99 -9.31 5.38 -14.22
N SER A 100 -10.25 5.24 -15.13
CA SER A 100 -11.48 6.03 -15.12
C SER A 100 -12.59 5.32 -14.39
N THR A 101 -12.27 4.16 -13.81
CA THR A 101 -13.26 3.12 -13.59
C THR A 101 -12.81 2.14 -12.51
N PRO A 102 -13.73 1.72 -11.66
CA PRO A 102 -13.46 0.71 -10.65
C PRO A 102 -12.83 -0.53 -11.28
N SER A 103 -11.91 -1.16 -10.56
CA SER A 103 -11.13 -2.26 -11.10
C SER A 103 -11.93 -3.56 -11.12
N ASP A 104 -11.38 -4.57 -11.78
CA ASP A 104 -12.00 -5.89 -11.80
C ASP A 104 -11.54 -6.73 -10.61
N VAL A 105 -11.22 -6.06 -9.51
CA VAL A 105 -10.64 -6.73 -8.35
C VAL A 105 -11.21 -6.16 -7.06
N SER A 106 -11.57 -7.05 -6.14
CA SER A 106 -12.33 -6.66 -4.95
C SER A 106 -11.61 -7.05 -3.68
N SER A 107 -11.85 -6.31 -2.61
CA SER A 107 -11.40 -6.68 -1.27
C SER A 107 -12.23 -7.85 -0.72
N ARG A 108 -11.62 -9.03 -0.68
CA ARG A 108 -12.31 -10.23 -0.22
C ARG A 108 -12.22 -10.37 1.30
N ASP A 109 -13.12 -11.17 1.87
CA ASP A 109 -13.04 -11.53 3.27
C ASP A 109 -11.78 -12.32 3.57
N PRO A 110 -10.90 -11.74 4.38
CA PRO A 110 -9.62 -12.37 4.67
C PRO A 110 -9.77 -13.53 5.65
N THR A 111 -11.00 -13.79 6.07
CA THR A 111 -11.35 -15.05 6.69
C THR A 111 -11.12 -16.22 5.75
N THR A 112 -11.32 -15.97 4.45
CA THR A 112 -11.12 -17.00 3.44
C THR A 112 -9.81 -16.79 2.68
N GLN A 113 -9.42 -15.53 2.55
CA GLN A 113 -8.32 -15.17 1.65
C GLN A 113 -7.17 -14.53 2.43
N GLU A 114 -6.12 -15.31 2.67
CA GLU A 114 -4.96 -14.82 3.41
C GLU A 114 -4.29 -13.67 2.68
N ALA A 115 -3.64 -12.78 3.44
CA ALA A 115 -2.88 -11.70 2.86
C ALA A 115 -1.68 -12.20 2.06
N ILE A 116 -1.29 -11.45 1.04
CA ILE A 116 -0.22 -11.88 0.14
C ILE A 116 1.01 -11.01 0.29
N PRO A 117 2.19 -11.63 0.30
CA PRO A 117 3.44 -10.90 0.29
C PRO A 117 3.48 -9.89 -0.86
N THR A 118 3.77 -8.64 -0.53
CA THR A 118 3.81 -7.58 -1.53
C THR A 118 5.07 -7.69 -2.40
N ARG A 119 4.88 -7.64 -3.71
CA ARG A 119 5.99 -7.56 -4.64
C ARG A 119 5.69 -6.58 -5.76
N PHE A 120 6.71 -5.81 -6.16
CA PHE A 120 6.55 -4.82 -7.21
C PHE A 120 7.34 -5.20 -8.45
N PRO A 121 6.71 -5.10 -9.61
CA PRO A 121 7.33 -5.49 -10.87
C PRO A 121 8.62 -4.72 -11.11
N PRO A 122 9.56 -5.35 -11.81
CA PRO A 122 10.80 -4.68 -12.21
C PRO A 122 10.51 -3.37 -12.90
N GLY A 123 11.24 -2.32 -12.52
CA GLY A 123 11.01 -0.98 -13.05
C GLY A 123 10.62 0.00 -11.94
N THR A 124 9.87 -0.50 -10.97
CA THR A 124 9.55 0.28 -9.78
C THR A 124 10.78 0.52 -8.92
N ILE A 125 10.90 1.73 -8.38
CA ILE A 125 11.98 2.05 -7.47
C ILE A 125 11.53 1.89 -6.02
N LEU A 126 12.50 1.67 -5.12
CA LEU A 126 12.23 1.68 -3.70
C LEU A 126 13.07 2.73 -2.98
N PRO A 127 12.47 3.90 -2.76
CA PRO A 127 13.22 5.07 -2.31
C PRO A 127 14.04 4.75 -1.06
N GLN A 128 15.23 5.32 -0.99
CA GLN A 128 16.10 5.12 0.18
C GLN A 128 15.39 5.55 1.46
N GLY A 129 15.50 4.73 2.49
CA GLY A 129 14.77 4.96 3.74
C GLY A 129 13.67 3.92 3.93
N TYR A 130 13.36 3.19 2.86
CA TYR A 130 12.39 2.11 2.94
C TYR A 130 13.07 0.75 2.94
N TYR A 131 12.40 -0.25 3.50
CA TYR A 131 12.51 -1.61 3.01
C TYR A 131 11.16 -2.33 3.05
N VAL A 132 10.86 -3.09 2.01
CA VAL A 132 9.56 -3.74 1.88
C VAL A 132 9.53 -5.07 2.61
N GLU A 133 8.36 -5.42 3.13
CA GLU A 133 8.19 -6.67 3.86
C GLU A 133 6.94 -7.41 3.40
N GLY A 134 6.99 -8.74 3.44
CA GLY A 134 5.92 -9.57 2.91
C GLY A 134 5.89 -10.93 3.58
N SER A 135 6.54 -11.04 4.73
CA SER A 135 6.49 -12.24 5.55
C SER A 135 5.13 -12.40 6.22
N GLY A 136 4.09 -12.52 5.41
CA GLY A 136 2.72 -12.58 5.93
C GLY A 136 2.26 -11.20 6.41
N ARG A 137 2.97 -10.66 7.40
CA ARG A 137 2.70 -9.31 7.88
C ARG A 137 3.94 -8.43 7.78
N SER A 138 3.71 -7.12 7.68
CA SER A 138 4.81 -6.16 7.63
C SER A 138 5.11 -5.59 9.01
N GLY A 1 -18.55 -12.81 5.89
CA GLY A 1 -18.89 -13.19 4.51
C GLY A 1 -18.49 -12.10 3.53
N ASN A 2 -19.04 -10.90 3.73
CA ASN A 2 -18.80 -9.79 2.82
C ASN A 2 -18.46 -8.52 3.58
N THR A 3 -17.38 -8.55 4.34
CA THR A 3 -16.93 -7.39 5.10
C THR A 3 -16.64 -6.21 4.19
N ILE A 4 -16.98 -5.01 4.65
CA ILE A 4 -16.63 -3.78 3.95
C ILE A 4 -15.20 -3.84 3.43
N PRO A 5 -15.00 -3.39 2.20
CA PRO A 5 -13.69 -3.49 1.54
C PRO A 5 -12.76 -2.39 2.03
N HIS A 6 -12.48 -2.38 3.33
CA HIS A 6 -11.57 -1.40 3.91
C HIS A 6 -10.29 -2.06 4.40
N TYR A 7 -10.16 -3.36 4.14
CA TYR A 7 -8.99 -4.11 4.56
C TYR A 7 -8.06 -4.39 3.39
N SER A 8 -6.77 -4.11 3.59
CA SER A 8 -5.77 -4.30 2.53
C SER A 8 -5.64 -5.76 2.15
N TRP A 9 -5.39 -6.01 0.88
CA TRP A 9 -5.14 -7.37 0.39
C TRP A 9 -3.81 -7.91 0.90
N PHE A 10 -2.86 -7.00 1.13
CA PHE A 10 -1.47 -7.39 1.30
C PHE A 10 -0.73 -6.39 2.18
N SER A 11 0.51 -6.71 2.51
CA SER A 11 1.33 -5.86 3.37
C SER A 11 2.15 -4.87 2.54
N GLY A 12 2.07 -3.59 2.92
CA GLY A 12 2.64 -2.52 2.10
C GLY A 12 4.13 -2.37 2.37
N ILE A 13 4.68 -1.22 1.99
CA ILE A 13 6.10 -0.96 2.16
C ILE A 13 6.38 -0.23 3.47
N THR A 14 7.48 -0.58 4.12
CA THR A 14 7.83 0.02 5.40
C THR A 14 9.23 0.62 5.36
N GLN A 15 9.34 1.89 5.75
CA GLN A 15 10.63 2.55 5.84
C GLN A 15 11.32 2.23 7.16
N PHE A 16 12.65 2.24 7.15
CA PHE A 16 13.43 1.95 8.34
C PHE A 16 14.27 3.14 8.76
N GLN A 17 14.60 4.00 7.80
CA GLN A 17 15.49 5.13 8.04
C GLN A 17 14.73 6.44 8.00
N LYS A 18 14.42 6.97 9.18
CA LYS A 18 13.60 8.17 9.29
C LYS A 18 14.23 9.35 8.55
N GLY A 19 13.41 10.08 7.81
CA GLY A 19 13.85 11.30 7.15
C GLY A 19 13.91 11.12 5.64
N ARG A 20 13.86 9.86 5.20
CA ARG A 20 13.91 9.54 3.78
C ARG A 20 12.54 9.68 3.14
N ASP A 21 12.51 10.13 1.89
CA ASP A 21 11.26 10.30 1.15
C ASP A 21 10.95 9.08 0.30
N PHE A 22 9.75 9.05 -0.27
CA PHE A 22 9.36 7.95 -1.15
C PHE A 22 9.01 8.47 -2.55
N LYS A 23 9.86 8.14 -3.51
CA LYS A 23 9.71 8.63 -4.87
C LYS A 23 9.27 7.51 -5.81
N PHE A 24 8.39 7.84 -6.75
CA PHE A 24 8.08 6.95 -7.87
C PHE A 24 7.35 7.70 -8.97
N SER A 25 7.31 7.09 -10.16
CA SER A 25 6.70 7.71 -11.32
C SER A 25 5.37 7.05 -11.67
N ASP A 26 4.71 7.54 -12.71
CA ASP A 26 3.48 6.94 -13.20
C ASP A 26 3.69 5.47 -13.53
N GLY A 27 2.81 4.62 -13.00
CA GLY A 27 2.86 3.20 -13.29
C GLY A 27 3.87 2.49 -12.40
N GLN A 28 4.54 3.25 -11.55
CA GLN A 28 5.41 2.69 -10.53
C GLN A 28 4.72 2.67 -9.17
N GLY A 29 5.17 1.77 -8.29
CA GLY A 29 4.52 1.57 -7.00
C GLY A 29 3.27 0.71 -7.13
N VAL A 30 3.14 0.05 -8.28
CA VAL A 30 2.04 -0.88 -8.49
C VAL A 30 2.46 -2.31 -8.18
N PRO A 31 1.76 -2.94 -7.24
CA PRO A 31 2.18 -4.22 -6.68
C PRO A 31 1.72 -5.38 -7.55
N ILE A 32 2.46 -6.48 -7.47
CA ILE A 32 2.06 -7.72 -8.14
C ILE A 32 0.80 -8.29 -7.51
N ALA A 33 -0.20 -8.59 -8.35
CA ALA A 33 -1.52 -8.97 -7.87
C ALA A 33 -1.78 -10.46 -8.07
N PHE A 34 -2.60 -11.03 -7.20
CA PHE A 34 -3.46 -12.14 -7.59
C PHE A 34 -4.72 -11.64 -8.28
N GLY A 35 -5.10 -12.33 -9.36
CA GLY A 35 -6.45 -12.19 -9.90
C GLY A 35 -6.49 -11.19 -11.04
N VAL A 36 -5.76 -10.08 -10.87
CA VAL A 36 -5.88 -8.95 -11.78
C VAL A 36 -4.55 -8.64 -12.45
N PRO A 37 -4.58 -8.47 -13.77
CA PRO A 37 -3.37 -8.36 -14.56
C PRO A 37 -2.74 -6.97 -14.43
N PRO A 38 -1.48 -6.86 -14.79
CA PRO A 38 -0.87 -5.56 -15.08
C PRO A 38 -1.83 -4.67 -15.83
N SER A 39 -2.56 -5.24 -16.78
CA SER A 39 -3.47 -4.48 -17.61
C SER A 39 -4.51 -3.74 -16.77
N GLU A 40 -4.80 -4.30 -15.60
CA GLU A 40 -5.77 -3.70 -14.68
C GLU A 40 -5.15 -3.45 -13.31
N ALA A 41 -3.83 -3.50 -13.25
CA ALA A 41 -3.10 -3.17 -12.03
C ALA A 41 -3.20 -1.68 -11.72
N LYS A 42 -3.90 -1.34 -10.64
CA LYS A 42 -4.25 0.04 -10.36
C LYS A 42 -4.72 0.20 -8.92
N GLY A 43 -4.31 1.29 -8.28
CA GLY A 43 -4.67 1.56 -6.90
C GLY A 43 -4.50 3.03 -6.56
N TYR A 44 -4.53 3.36 -5.27
CA TYR A 44 -4.34 4.72 -4.81
C TYR A 44 -3.73 4.76 -3.41
N TRP A 45 -3.74 5.93 -2.79
CA TRP A 45 -2.95 6.17 -1.59
C TRP A 45 -3.61 5.52 -0.37
N TYR A 46 -2.79 5.18 0.62
CA TYR A 46 -3.24 5.10 2.01
C TYR A 46 -2.07 4.99 2.97
N ARG A 47 -2.30 5.38 4.22
CA ARG A 47 -1.25 5.41 5.22
C ARG A 47 -1.81 5.20 6.62
N HIS A 48 -1.04 4.52 7.47
CA HIS A 48 -1.28 4.52 8.90
C HIS A 48 -0.01 4.81 9.68
N SER A 49 -0.16 5.31 10.90
CA SER A 49 0.99 5.64 11.74
C SER A 49 1.50 4.41 12.47
N ARG A 50 2.79 4.41 12.78
CA ARG A 50 3.39 3.35 13.58
C ARG A 50 4.61 3.83 14.34
N ARG A 51 4.83 3.29 15.53
CA ARG A 51 6.09 3.46 16.23
C ARG A 51 6.35 2.30 17.19
N SER A 52 7.59 2.23 17.70
CA SER A 52 7.91 1.32 18.79
C SER A 52 6.86 1.38 19.89
N PHE A 53 6.62 0.24 20.54
CA PHE A 53 5.65 0.18 21.63
C PHE A 53 6.25 0.67 22.93
N LYS A 54 5.38 0.98 23.89
CA LYS A 54 5.83 1.52 25.17
C LYS A 54 6.23 0.41 26.13
N THR A 55 7.15 0.71 27.04
CA THR A 55 7.68 -0.27 27.96
C THR A 55 6.82 -0.37 29.22
N ALA A 56 7.12 -1.35 30.06
CA ALA A 56 6.47 -1.47 31.35
C ALA A 56 6.82 -0.30 32.27
N ASP A 57 7.86 0.43 31.90
CA ASP A 57 8.35 1.53 32.73
C ASP A 57 7.84 2.86 32.22
N GLY A 58 6.86 2.81 31.33
CA GLY A 58 6.16 4.01 30.89
C GLY A 58 6.97 4.76 29.84
N GLN A 59 8.01 4.12 29.34
CA GLN A 59 8.90 4.74 28.35
C GLN A 59 8.57 4.27 26.95
N GLN A 60 8.59 5.21 26.00
CA GLN A 60 8.26 4.89 24.60
C GLN A 60 9.27 5.51 23.65
N LYS A 61 9.60 4.77 22.60
CA LYS A 61 10.39 5.32 21.50
C LYS A 61 9.48 5.72 20.33
N GLN A 62 10.03 6.51 19.41
CA GLN A 62 9.28 6.96 18.24
C GLN A 62 9.91 6.45 16.96
N LEU A 63 9.21 5.53 16.29
CA LEU A 63 9.73 4.93 15.07
C LEU A 63 8.88 5.33 13.86
N LEU A 64 8.82 4.45 12.87
CA LEU A 64 8.53 4.85 11.50
C LEU A 64 7.14 4.38 11.07
N PRO A 65 6.61 5.02 10.03
CA PRO A 65 5.25 4.74 9.58
C PRO A 65 5.22 3.59 8.59
N ARG A 66 4.02 3.23 8.13
CA ARG A 66 3.87 2.24 7.08
C ARG A 66 2.87 2.71 6.02
N TRP A 67 3.15 2.39 4.77
CA TRP A 67 2.26 2.75 3.67
C TRP A 67 1.33 1.61 3.31
N TYR A 68 0.05 1.94 3.08
CA TYR A 68 -0.95 0.94 2.80
C TYR A 68 -1.58 1.15 1.42
N PHE A 69 -1.99 0.06 0.79
CA PHE A 69 -2.30 0.07 -0.63
C PHE A 69 -3.62 -0.64 -0.92
N TYR A 70 -4.49 0.01 -1.67
CA TYR A 70 -5.75 -0.60 -2.10
C TYR A 70 -5.91 -0.53 -3.61
N TYR A 71 -6.73 -1.43 -4.15
CA TYR A 71 -7.09 -1.38 -5.56
C TYR A 71 -8.18 -0.36 -5.82
N LEU A 72 -8.16 0.21 -7.02
CA LEU A 72 -9.29 0.99 -7.52
C LEU A 72 -10.54 0.13 -7.64
N GLY A 73 -11.51 0.36 -6.74
CA GLY A 73 -12.58 -0.59 -6.50
C GLY A 73 -12.62 -1.03 -5.04
N THR A 74 -11.55 -0.74 -4.31
CA THR A 74 -11.43 -1.16 -2.93
C THR A 74 -10.93 -0.02 -2.05
N GLY A 75 -11.30 -0.06 -0.77
CA GLY A 75 -10.59 0.69 0.26
C GLY A 75 -11.46 1.80 0.84
N PRO A 76 -10.91 2.53 1.79
CA PRO A 76 -11.64 3.62 2.43
C PRO A 76 -12.20 4.59 1.40
N TYR A 77 -11.49 4.74 0.28
CA TYR A 77 -11.94 5.62 -0.78
C TYR A 77 -12.10 4.84 -2.09
N ALA A 78 -12.76 3.70 -2.02
CA ALA A 78 -12.74 2.73 -3.11
C ALA A 78 -13.24 3.34 -4.41
N ASN A 79 -14.09 4.35 -4.29
CA ASN A 79 -14.71 4.96 -5.45
C ASN A 79 -14.17 6.36 -5.68
N ALA A 80 -12.98 6.62 -5.18
CA ALA A 80 -12.31 7.90 -5.41
C ALA A 80 -12.25 8.24 -6.90
N SER A 81 -12.48 9.50 -7.22
CA SER A 81 -12.29 9.99 -8.58
C SER A 81 -10.81 10.10 -8.93
N TYR A 82 -10.42 9.48 -10.03
CA TYR A 82 -9.04 9.49 -10.47
C TYR A 82 -8.53 10.91 -10.65
N GLY A 83 -7.59 11.31 -9.79
CA GLY A 83 -7.11 12.69 -9.76
C GLY A 83 -7.21 13.26 -8.35
N GLU A 84 -7.84 12.53 -7.45
CA GLU A 84 -7.91 12.91 -6.05
C GLU A 84 -6.55 12.86 -5.39
N SER A 85 -5.70 13.83 -5.71
CA SER A 85 -4.37 13.93 -5.12
C SER A 85 -4.34 14.99 -4.02
N LEU A 86 -4.08 14.55 -2.79
CA LEU A 86 -4.14 15.43 -1.63
C LEU A 86 -2.75 15.76 -1.13
N GLU A 87 -2.69 16.53 -0.04
CA GLU A 87 -1.43 16.78 0.65
C GLU A 87 -0.83 15.49 1.19
N GLY A 88 0.41 15.20 0.78
CA GLY A 88 1.10 13.99 1.22
C GLY A 88 0.58 12.77 0.46
N VAL A 89 -0.23 13.01 -0.56
CA VAL A 89 -0.89 11.94 -1.29
C VAL A 89 -0.41 11.86 -2.73
N PHE A 90 -0.33 10.65 -3.26
CA PHE A 90 0.07 10.44 -4.65
C PHE A 90 -0.67 9.26 -5.27
N TRP A 91 -1.34 9.50 -6.39
CA TRP A 91 -2.12 8.46 -7.05
C TRP A 91 -1.22 7.54 -7.87
N VAL A 92 -1.64 6.29 -8.03
CA VAL A 92 -0.85 5.30 -8.75
C VAL A 92 -1.73 4.47 -9.69
N ALA A 93 -1.14 4.04 -10.80
CA ALA A 93 -1.56 2.80 -11.45
C ALA A 93 -0.76 2.57 -12.72
N ASN A 94 -0.81 1.33 -13.21
CA ASN A 94 0.02 0.93 -14.35
C ASN A 94 -0.37 1.70 -15.60
N HIS A 95 0.55 1.76 -16.57
CA HIS A 95 0.32 2.50 -17.80
C HIS A 95 -0.76 1.84 -18.64
N GLN A 96 -0.99 0.55 -18.40
CA GLN A 96 -2.02 -0.20 -19.12
C GLN A 96 -3.38 -0.04 -18.47
N ALA A 97 -3.38 0.47 -17.24
CA ALA A 97 -4.59 0.49 -16.42
C ALA A 97 -5.67 1.36 -17.04
N ASP A 98 -6.92 0.92 -16.94
CA ASP A 98 -8.07 1.80 -17.13
C ASP A 98 -8.58 2.34 -15.79
N THR A 99 -8.17 3.55 -15.46
CA THR A 99 -8.34 4.08 -14.11
C THR A 99 -9.51 5.04 -14.03
N SER A 100 -10.51 4.82 -14.88
CA SER A 100 -11.78 5.53 -14.78
C SER A 100 -12.81 4.71 -14.02
N THR A 101 -12.38 3.57 -13.50
CA THR A 101 -13.30 2.45 -13.25
C THR A 101 -12.70 1.47 -12.25
N PRO A 102 -13.54 0.96 -11.36
CA PRO A 102 -13.12 -0.09 -10.42
C PRO A 102 -12.49 -1.27 -11.17
N SER A 103 -11.46 -1.86 -10.56
CA SER A 103 -10.64 -2.85 -11.24
C SER A 103 -11.21 -4.26 -11.05
N ASP A 104 -10.58 -5.23 -11.68
CA ASP A 104 -11.04 -6.61 -11.63
C ASP A 104 -10.50 -7.33 -10.40
N VAL A 105 -10.66 -6.70 -9.24
CA VAL A 105 -9.98 -7.13 -8.03
C VAL A 105 -10.60 -6.51 -6.78
N SER A 106 -10.89 -7.35 -5.78
CA SER A 106 -11.69 -6.93 -4.65
C SER A 106 -11.13 -7.49 -3.34
N SER A 107 -11.31 -6.76 -2.25
CA SER A 107 -10.84 -7.19 -0.95
C SER A 107 -11.76 -8.26 -0.36
N ARG A 108 -11.21 -9.44 -0.12
CA ARG A 108 -11.98 -10.55 0.44
C ARG A 108 -12.06 -10.45 1.96
N ASP A 109 -13.10 -11.04 2.53
CA ASP A 109 -13.32 -10.99 3.97
C ASP A 109 -12.12 -11.55 4.72
N PRO A 110 -11.50 -10.71 5.54
CA PRO A 110 -10.31 -11.10 6.28
C PRO A 110 -10.65 -12.06 7.42
N THR A 111 -11.94 -12.31 7.60
CA THR A 111 -12.40 -13.43 8.41
C THR A 111 -11.89 -14.76 7.84
N THR A 112 -11.78 -14.82 6.52
CA THR A 112 -11.32 -16.03 5.84
C THR A 112 -9.87 -15.89 5.39
N GLN A 113 -9.47 -14.66 5.08
CA GLN A 113 -8.21 -14.42 4.37
C GLN A 113 -7.25 -13.59 5.20
N GLU A 114 -6.03 -14.07 5.35
CA GLU A 114 -4.95 -13.29 5.95
C GLU A 114 -4.20 -12.50 4.89
N ALA A 115 -3.49 -11.46 5.32
CA ALA A 115 -2.76 -10.61 4.39
C ALA A 115 -1.62 -11.36 3.72
N ILE A 116 -1.33 -10.99 2.48
CA ILE A 116 -0.28 -11.65 1.70
C ILE A 116 0.92 -10.74 1.52
N PRO A 117 2.12 -11.32 1.63
CA PRO A 117 3.35 -10.58 1.35
C PRO A 117 3.28 -9.90 -0.01
N THR A 118 3.88 -8.71 -0.10
CA THR A 118 3.78 -7.90 -1.30
C THR A 118 5.06 -7.96 -2.12
N ARG A 119 4.92 -8.03 -3.44
CA ARG A 119 6.06 -7.88 -4.34
C ARG A 119 5.72 -6.92 -5.48
N PHE A 120 6.69 -6.10 -5.85
CA PHE A 120 6.52 -5.14 -6.94
C PHE A 120 7.34 -5.54 -8.16
N PRO A 121 6.74 -5.39 -9.34
CA PRO A 121 7.38 -5.84 -10.58
C PRO A 121 8.70 -5.10 -10.82
N PRO A 122 9.62 -5.76 -11.50
CA PRO A 122 10.84 -5.11 -11.98
C PRO A 122 10.50 -3.86 -12.79
N GLY A 123 11.23 -2.78 -12.54
CA GLY A 123 10.98 -1.51 -13.18
C GLY A 123 10.45 -0.48 -12.19
N THR A 124 9.88 -0.97 -11.09
CA THR A 124 9.50 -0.10 -9.98
C THR A 124 10.70 0.20 -9.08
N ILE A 125 10.78 1.43 -8.61
CA ILE A 125 11.83 1.84 -7.68
C ILE A 125 11.44 1.54 -6.24
N LEU A 126 12.46 1.35 -5.39
CA LEU A 126 12.23 1.21 -3.96
C LEU A 126 13.10 2.17 -3.16
N PRO A 127 12.55 3.35 -2.86
CA PRO A 127 13.35 4.48 -2.42
C PRO A 127 14.24 4.10 -1.24
N GLN A 128 15.41 4.71 -1.17
CA GLN A 128 16.34 4.44 -0.08
C GLN A 128 15.66 4.57 1.28
N GLY A 129 15.92 3.61 2.15
CA GLY A 129 15.41 3.64 3.51
C GLY A 129 14.20 2.73 3.67
N TYR A 130 13.69 2.22 2.56
CA TYR A 130 12.57 1.30 2.58
C TYR A 130 13.03 -0.13 2.28
N TYR A 131 12.35 -1.09 2.90
CA TYR A 131 12.30 -2.45 2.35
C TYR A 131 10.97 -3.12 2.67
N VAL A 132 10.33 -3.66 1.64
CA VAL A 132 8.90 -3.90 1.68
C VAL A 132 8.54 -5.02 2.65
N GLU A 133 7.57 -4.75 3.52
CA GLU A 133 7.37 -5.57 4.71
C GLU A 133 6.39 -6.70 4.44
N GLY A 134 6.81 -7.67 3.63
CA GLY A 134 5.95 -8.79 3.27
C GLY A 134 5.86 -9.80 4.42
N SER A 135 5.38 -9.33 5.57
CA SER A 135 5.34 -10.15 6.77
C SER A 135 4.01 -10.89 6.87
N GLY A 136 3.02 -10.44 6.11
CA GLY A 136 1.67 -10.97 6.20
C GLY A 136 0.91 -10.30 7.34
N ARG A 137 1.54 -9.32 7.99
CA ARG A 137 0.92 -8.60 9.09
C ARG A 137 0.51 -7.20 8.66
N SER A 138 0.34 -7.00 7.36
CA SER A 138 -0.26 -5.77 6.84
C SER A 138 -0.91 -4.96 7.95
N GLY A 1 0.51 -5.36 13.37
CA GLY A 1 1.22 -5.01 14.60
C GLY A 1 0.25 -4.83 15.76
N ASN A 2 0.47 -3.78 16.55
CA ASN A 2 -0.38 -3.50 17.70
C ASN A 2 -0.83 -2.05 17.71
N THR A 3 -1.49 -1.63 16.64
CA THR A 3 -1.76 -0.21 16.40
C THR A 3 -3.19 0.01 15.93
N ILE A 4 -3.42 1.14 15.27
CA ILE A 4 -4.71 1.43 14.66
C ILE A 4 -5.30 0.18 14.01
N PRO A 5 -6.60 -0.04 14.21
CA PRO A 5 -7.24 -1.27 13.77
C PRO A 5 -7.55 -1.23 12.27
N HIS A 6 -6.49 -1.10 11.47
CA HIS A 6 -6.63 -1.11 10.01
C HIS A 6 -6.06 -2.38 9.41
N TYR A 7 -6.51 -2.70 8.19
CA TYR A 7 -6.10 -3.93 7.54
C TYR A 7 -5.62 -3.67 6.12
N SER A 8 -5.05 -4.69 5.48
CA SER A 8 -4.64 -4.59 4.09
C SER A 8 -4.87 -5.91 3.35
N TRP A 9 -4.88 -5.84 2.02
CA TRP A 9 -4.93 -7.03 1.20
C TRP A 9 -3.64 -7.82 1.27
N PHE A 10 -2.56 -7.15 1.69
CA PHE A 10 -1.26 -7.77 1.78
C PHE A 10 -0.29 -6.91 2.58
N SER A 11 0.83 -7.50 2.98
CA SER A 11 1.86 -6.77 3.72
C SER A 11 2.73 -5.95 2.78
N GLY A 12 2.66 -4.63 2.92
CA GLY A 12 3.20 -3.71 1.92
C GLY A 12 4.66 -3.39 2.21
N ILE A 13 5.05 -2.15 1.99
CA ILE A 13 6.42 -1.71 2.18
C ILE A 13 6.62 -1.14 3.58
N THR A 14 7.80 -1.37 4.14
CA THR A 14 8.12 -0.88 5.48
C THR A 14 9.06 0.32 5.42
N GLN A 15 8.64 1.43 6.00
CA GLN A 15 9.48 2.62 6.08
C GLN A 15 10.53 2.48 7.17
N PHE A 16 11.76 2.89 6.86
CA PHE A 16 12.86 2.78 7.80
C PHE A 16 13.30 4.16 8.31
N GLN A 17 13.27 5.14 7.42
CA GLN A 17 13.79 6.46 7.72
C GLN A 17 12.72 7.53 7.60
N LYS A 18 12.32 8.10 8.74
CA LYS A 18 11.32 9.16 8.76
C LYS A 18 11.84 10.42 8.08
N GLY A 19 10.97 11.10 7.35
CA GLY A 19 11.31 12.37 6.74
C GLY A 19 11.74 12.20 5.29
N ARG A 20 12.02 10.96 4.90
CA ARG A 20 12.39 10.65 3.54
C ARG A 20 11.17 10.45 2.64
N ASP A 21 11.29 10.81 1.38
CA ASP A 21 10.15 10.86 0.48
C ASP A 21 9.89 9.52 -0.17
N PHE A 22 8.62 9.24 -0.45
CA PHE A 22 8.25 8.04 -1.19
C PHE A 22 8.05 8.33 -2.67
N LYS A 23 9.17 8.53 -3.37
CA LYS A 23 9.12 9.00 -4.76
C LYS A 23 8.92 7.85 -5.73
N PHE A 24 7.87 7.93 -6.53
CA PHE A 24 7.64 6.97 -7.60
C PHE A 24 6.73 7.54 -8.68
N SER A 25 6.73 6.92 -9.84
CA SER A 25 5.88 7.34 -10.95
C SER A 25 4.74 6.36 -11.17
N ASP A 26 3.71 6.81 -11.89
CA ASP A 26 2.56 5.97 -12.19
C ASP A 26 3.00 4.62 -12.74
N GLY A 27 2.48 3.55 -12.15
CA GLY A 27 2.70 2.21 -12.67
C GLY A 27 3.85 1.51 -11.94
N GLN A 28 4.62 2.30 -11.19
CA GLN A 28 5.70 1.75 -10.38
C GLN A 28 5.19 1.24 -9.04
N GLY A 29 4.57 2.13 -8.27
CA GLY A 29 4.03 1.77 -6.97
C GLY A 29 2.75 0.95 -7.10
N VAL A 30 2.77 -0.01 -8.01
CA VAL A 30 1.68 -0.97 -8.14
C VAL A 30 2.14 -2.39 -7.82
N PRO A 31 1.54 -2.98 -6.79
CA PRO A 31 1.99 -4.28 -6.29
C PRO A 31 1.37 -5.42 -7.09
N ILE A 32 2.14 -6.48 -7.31
CA ILE A 32 1.67 -7.62 -8.09
C ILE A 32 0.47 -8.28 -7.43
N ALA A 33 -0.59 -8.46 -8.21
CA ALA A 33 -1.87 -8.89 -7.67
C ALA A 33 -2.17 -10.34 -8.02
N PHE A 34 -2.83 -11.05 -7.11
CA PHE A 34 -3.49 -12.30 -7.45
C PHE A 34 -4.68 -12.06 -8.38
N GLY A 35 -5.53 -11.12 -8.01
CA GLY A 35 -6.92 -11.12 -8.46
C GLY A 35 -7.08 -10.35 -9.76
N VAL A 36 -6.05 -9.60 -10.12
CA VAL A 36 -6.15 -8.64 -11.23
C VAL A 36 -4.82 -8.50 -11.95
N PRO A 37 -4.85 -8.57 -13.28
CA PRO A 37 -3.64 -8.61 -14.09
C PRO A 37 -2.94 -7.25 -14.10
N PRO A 38 -1.65 -7.26 -14.43
CA PRO A 38 -0.94 -6.03 -14.73
C PRO A 38 -1.77 -5.11 -15.63
N SER A 39 -2.52 -5.72 -16.53
CA SER A 39 -3.36 -4.96 -17.46
C SER A 39 -4.33 -4.06 -16.72
N GLU A 40 -4.82 -4.54 -15.57
CA GLU A 40 -5.81 -3.81 -14.79
C GLU A 40 -5.28 -3.46 -13.41
N ALA A 41 -3.99 -3.72 -13.20
CA ALA A 41 -3.33 -3.30 -11.96
C ALA A 41 -3.42 -1.79 -11.77
N LYS A 42 -4.18 -1.38 -10.74
CA LYS A 42 -4.47 0.03 -10.53
C LYS A 42 -4.98 0.28 -9.12
N GLY A 43 -4.45 1.33 -8.49
CA GLY A 43 -4.71 1.58 -7.08
C GLY A 43 -4.32 3.00 -6.69
N TYR A 44 -4.25 3.25 -5.38
CA TYR A 44 -3.91 4.58 -4.88
C TYR A 44 -3.21 4.49 -3.53
N TRP A 45 -3.03 5.64 -2.88
CA TRP A 45 -2.24 5.73 -1.67
C TRP A 45 -2.94 5.03 -0.50
N TYR A 46 -2.16 4.53 0.45
CA TYR A 46 -2.63 4.33 1.81
C TYR A 46 -1.47 4.07 2.77
N ARG A 47 -1.67 4.44 4.03
CA ARG A 47 -0.59 4.39 5.01
C ARG A 47 -1.09 3.82 6.33
N HIS A 48 -0.38 2.81 6.84
CA HIS A 48 -0.69 2.23 8.13
C HIS A 48 0.04 2.95 9.26
N SER A 49 -0.72 3.64 10.09
CA SER A 49 -0.14 4.36 11.23
C SER A 49 0.35 3.39 12.30
N ARG A 50 1.59 3.55 12.70
CA ARG A 50 2.22 2.63 13.65
C ARG A 50 2.50 3.32 14.98
N ARG A 51 2.55 2.52 16.05
CA ARG A 51 2.57 3.07 17.40
C ARG A 51 3.97 3.56 17.77
N SER A 52 4.31 4.76 17.30
CA SER A 52 5.59 5.37 17.64
C SER A 52 5.38 6.63 18.49
N PHE A 53 4.17 7.17 18.44
CA PHE A 53 3.85 8.38 19.18
C PHE A 53 4.23 8.26 20.65
N LYS A 54 4.86 9.30 21.19
CA LYS A 54 5.41 9.25 22.54
C LYS A 54 4.32 9.02 23.57
N THR A 55 4.65 8.28 24.62
CA THR A 55 3.65 7.75 25.54
C THR A 55 3.70 8.45 26.89
N ALA A 56 2.90 7.95 27.83
CA ALA A 56 2.73 8.62 29.12
C ALA A 56 4.05 8.70 29.87
N ASP A 57 4.91 7.71 29.67
CA ASP A 57 6.15 7.59 30.43
C ASP A 57 7.28 8.33 29.74
N GLY A 58 6.93 9.16 28.76
CA GLY A 58 7.91 10.01 28.10
C GLY A 58 8.75 9.22 27.11
N GLN A 59 8.35 7.98 26.85
CA GLN A 59 9.10 7.08 25.98
C GLN A 59 8.65 7.20 24.54
N GLN A 60 9.61 7.12 23.62
CA GLN A 60 9.32 7.28 22.20
C GLN A 60 10.01 6.21 21.37
N LYS A 61 9.32 5.74 20.32
CA LYS A 61 9.85 4.70 19.47
C LYS A 61 10.64 5.29 18.30
N GLN A 62 11.39 4.45 17.60
CA GLN A 62 11.96 4.81 16.31
C GLN A 62 11.15 4.19 15.17
N LEU A 63 9.83 4.15 15.33
CA LEU A 63 8.99 3.26 14.56
C LEU A 63 8.18 4.03 13.52
N LEU A 64 8.02 3.44 12.33
CA LEU A 64 7.57 4.19 11.17
C LEU A 64 6.35 3.54 10.55
N PRO A 65 5.66 4.28 9.70
CA PRO A 65 4.42 3.81 9.08
C PRO A 65 4.66 2.56 8.25
N ARG A 66 3.64 1.73 8.12
CA ARG A 66 3.68 0.59 7.22
C ARG A 66 2.78 0.80 6.02
N TRP A 67 3.38 1.03 4.85
CA TRP A 67 2.67 1.62 3.72
C TRP A 67 1.80 0.58 3.03
N TYR A 68 0.51 0.87 2.90
CA TYR A 68 -0.45 -0.08 2.38
C TYR A 68 -0.99 0.35 1.02
N PHE A 69 -1.54 -0.60 0.28
CA PHE A 69 -1.87 -0.39 -1.13
C PHE A 69 -3.21 -1.00 -1.49
N TYR A 70 -4.17 -0.15 -1.85
CA TYR A 70 -5.52 -0.60 -2.15
C TYR A 70 -5.84 -0.44 -3.61
N TYR A 71 -6.80 -1.23 -4.10
CA TYR A 71 -7.20 -1.16 -5.50
C TYR A 71 -8.30 -0.12 -5.71
N LEU A 72 -8.32 0.47 -6.90
CA LEU A 72 -9.43 1.32 -7.31
C LEU A 72 -10.74 0.52 -7.37
N GLY A 73 -11.79 1.06 -6.76
CA GLY A 73 -13.08 0.39 -6.72
C GLY A 73 -13.38 -0.16 -5.33
N THR A 74 -12.33 -0.33 -4.53
CA THR A 74 -12.48 -0.88 -3.18
C THR A 74 -11.36 -0.41 -2.27
N GLY A 75 -11.73 0.05 -1.07
CA GLY A 75 -10.75 0.51 -0.10
C GLY A 75 -11.28 1.72 0.67
N PRO A 76 -10.48 2.21 1.61
CA PRO A 76 -10.88 3.33 2.45
C PRO A 76 -11.37 4.50 1.61
N TYR A 77 -10.75 4.69 0.45
CA TYR A 77 -11.16 5.73 -0.48
C TYR A 77 -11.51 5.15 -1.84
N ALA A 78 -12.31 4.09 -1.85
CA ALA A 78 -12.56 3.32 -3.06
C ALA A 78 -12.96 4.23 -4.22
N ASN A 79 -13.71 5.28 -3.91
CA ASN A 79 -14.33 6.10 -4.94
C ASN A 79 -13.64 7.45 -5.06
N ALA A 80 -12.38 7.50 -4.65
CA ALA A 80 -11.55 8.67 -4.89
C ALA A 80 -11.54 9.05 -6.37
N SER A 81 -11.58 10.35 -6.65
CA SER A 81 -11.48 10.84 -8.02
C SER A 81 -10.08 10.57 -8.59
N TYR A 82 -10.05 9.86 -9.71
CA TYR A 82 -8.78 9.46 -10.32
C TYR A 82 -7.86 10.67 -10.51
N GLY A 83 -6.68 10.60 -9.90
CA GLY A 83 -5.71 11.68 -9.98
C GLY A 83 -5.39 12.23 -8.59
N GLU A 84 -6.31 12.04 -7.65
CA GLU A 84 -6.16 12.55 -6.30
C GLU A 84 -4.77 12.26 -5.76
N SER A 85 -4.00 13.31 -5.49
CA SER A 85 -2.61 13.16 -5.07
C SER A 85 -2.23 14.20 -4.02
N LEU A 86 -2.35 13.83 -2.75
CA LEU A 86 -2.41 14.79 -1.67
C LEU A 86 -1.01 15.11 -1.14
N GLU A 87 -0.96 15.83 -0.02
CA GLU A 87 0.30 16.12 0.64
C GLU A 87 0.89 14.86 1.28
N GLY A 88 2.04 14.43 0.78
CA GLY A 88 2.62 13.16 1.18
C GLY A 88 1.98 11.99 0.43
N VAL A 89 1.11 12.32 -0.52
CA VAL A 89 0.33 11.30 -1.22
C VAL A 89 0.64 11.31 -2.71
N PHE A 90 0.51 10.15 -3.34
CA PHE A 90 0.66 10.04 -4.79
C PHE A 90 -0.23 8.96 -5.36
N TRP A 91 -0.98 9.30 -6.40
CA TRP A 91 -1.81 8.32 -7.10
C TRP A 91 -0.95 7.39 -7.95
N VAL A 92 -1.53 6.26 -8.36
CA VAL A 92 -0.82 5.28 -9.16
C VAL A 92 -1.77 4.49 -10.04
N ALA A 93 -1.27 4.03 -11.18
CA ALA A 93 -1.67 2.73 -11.73
C ALA A 93 -0.81 2.35 -12.93
N ASN A 94 -0.92 1.10 -13.35
CA ASN A 94 -0.06 0.56 -14.40
C ASN A 94 -0.31 1.26 -15.74
N HIS A 95 0.66 1.19 -16.63
CA HIS A 95 0.57 1.86 -17.92
C HIS A 95 -0.50 1.22 -18.79
N GLN A 96 -0.88 -0.01 -18.45
CA GLN A 96 -1.95 -0.70 -19.15
C GLN A 96 -3.31 -0.30 -18.62
N ALA A 97 -3.33 0.21 -17.39
CA ALA A 97 -4.58 0.48 -16.69
C ALA A 97 -5.41 1.53 -17.43
N ASP A 98 -6.73 1.35 -17.41
CA ASP A 98 -7.65 2.36 -17.93
C ASP A 98 -7.93 3.44 -16.90
N THR A 99 -8.03 3.03 -15.64
CA THR A 99 -8.28 3.96 -14.55
C THR A 99 -9.40 4.94 -14.91
N SER A 100 -10.46 4.42 -15.52
CA SER A 100 -11.69 5.18 -15.69
C SER A 100 -12.83 4.59 -14.87
N THR A 101 -12.48 3.67 -13.98
CA THR A 101 -13.44 2.68 -13.49
C THR A 101 -12.88 1.90 -12.31
N PRO A 102 -13.75 1.53 -11.39
CA PRO A 102 -13.43 0.53 -10.38
C PRO A 102 -12.78 -0.69 -11.01
N SER A 103 -11.85 -1.31 -10.28
CA SER A 103 -11.04 -2.39 -10.82
C SER A 103 -11.80 -3.71 -10.83
N ASP A 104 -11.19 -4.74 -11.41
CA ASP A 104 -11.77 -6.07 -11.40
C ASP A 104 -11.28 -6.88 -10.20
N VAL A 105 -10.90 -6.17 -9.14
CA VAL A 105 -10.33 -6.81 -7.96
C VAL A 105 -11.03 -6.33 -6.69
N SER A 106 -11.63 -7.27 -5.95
CA SER A 106 -12.65 -6.93 -4.96
C SER A 106 -12.02 -6.66 -3.61
N SER A 107 -10.72 -6.92 -3.50
CA SER A 107 -10.01 -6.80 -2.23
C SER A 107 -10.70 -7.64 -1.15
N ARG A 108 -10.71 -8.96 -1.35
CA ARG A 108 -11.32 -9.87 -0.40
C ARG A 108 -11.04 -9.43 1.04
N ASP A 109 -12.00 -9.72 1.92
CA ASP A 109 -12.02 -9.09 3.24
C ASP A 109 -10.69 -9.28 3.97
N PRO A 110 -10.00 -8.18 4.22
CA PRO A 110 -8.65 -8.23 4.77
C PRO A 110 -8.68 -8.48 6.27
N THR A 111 -9.88 -8.65 6.81
CA THR A 111 -10.04 -9.12 8.19
C THR A 111 -9.96 -10.65 8.27
N THR A 112 -9.93 -11.29 7.11
CA THR A 112 -9.62 -12.71 7.03
C THR A 112 -8.34 -12.95 6.22
N GLN A 113 -8.10 -12.09 5.25
CA GLN A 113 -6.89 -12.18 4.43
C GLN A 113 -5.93 -11.05 4.75
N GLU A 114 -4.93 -11.34 5.57
CA GLU A 114 -3.94 -10.35 5.97
C GLU A 114 -2.52 -10.91 5.89
N ALA A 115 -1.56 -10.01 5.70
CA ALA A 115 -0.15 -10.40 5.76
C ALA A 115 0.21 -11.37 4.65
N ILE A 116 -0.18 -11.02 3.43
CA ILE A 116 0.36 -11.68 2.24
C ILE A 116 1.55 -10.91 1.68
N PRO A 117 2.57 -11.65 1.27
CA PRO A 117 3.77 -11.04 0.70
C PRO A 117 3.42 -10.09 -0.44
N THR A 118 3.87 -8.84 -0.30
CA THR A 118 3.75 -7.87 -1.39
C THR A 118 4.97 -7.90 -2.30
N ARG A 119 4.74 -7.84 -3.59
CA ARG A 119 5.82 -7.75 -4.57
C ARG A 119 5.53 -6.69 -5.63
N PHE A 120 6.59 -6.06 -6.13
CA PHE A 120 6.45 -5.10 -7.22
C PHE A 120 7.25 -5.54 -8.45
N PRO A 121 6.66 -5.34 -9.63
CA PRO A 121 7.30 -5.72 -10.87
C PRO A 121 8.65 -5.03 -11.04
N PRO A 122 9.56 -5.70 -11.75
CA PRO A 122 10.84 -5.09 -12.09
C PRO A 122 10.65 -3.75 -12.77
N GLY A 123 11.46 -2.76 -12.37
CA GLY A 123 11.37 -1.43 -12.95
C GLY A 123 10.78 -0.44 -11.95
N THR A 124 10.11 -0.97 -10.93
CA THR A 124 9.59 -0.14 -9.84
C THR A 124 10.70 0.37 -8.94
N ILE A 125 10.56 1.60 -8.47
CA ILE A 125 11.53 2.19 -7.55
C ILE A 125 11.21 1.83 -6.11
N LEU A 126 12.23 1.82 -5.26
CA LEU A 126 12.04 1.57 -3.84
C LEU A 126 12.71 2.66 -3.01
N PRO A 127 11.95 3.72 -2.71
CA PRO A 127 12.54 5.00 -2.33
C PRO A 127 13.46 4.85 -1.13
N GLN A 128 14.51 5.66 -1.09
CA GLN A 128 15.41 5.69 0.07
C GLN A 128 14.63 5.83 1.37
N GLY A 129 14.95 4.99 2.34
CA GLY A 129 14.30 5.02 3.63
C GLY A 129 13.18 3.99 3.72
N TYR A 130 12.99 3.24 2.63
CA TYR A 130 12.02 2.15 2.62
C TYR A 130 12.68 0.83 2.23
N TYR A 131 12.15 -0.27 2.75
CA TYR A 131 12.32 -1.57 2.12
C TYR A 131 11.13 -2.48 2.40
N VAL A 132 10.83 -3.37 1.47
CA VAL A 132 9.57 -4.10 1.47
C VAL A 132 9.68 -5.40 2.25
N GLU A 133 8.67 -5.69 3.06
CA GLU A 133 8.77 -6.75 4.06
C GLU A 133 7.61 -7.71 3.95
N GLY A 134 7.45 -8.32 2.77
CA GLY A 134 6.35 -9.24 2.53
C GLY A 134 6.58 -10.57 3.23
N SER A 135 7.64 -10.63 4.03
CA SER A 135 7.91 -11.80 4.86
C SER A 135 6.80 -12.02 5.88
N GLY A 136 5.99 -10.99 6.09
CA GLY A 136 4.85 -11.09 6.99
C GLY A 136 5.06 -10.27 8.25
N ARG A 137 5.65 -9.09 8.09
CA ARG A 137 5.92 -8.21 9.21
C ARG A 137 4.91 -7.07 9.26
N SER A 138 3.70 -7.32 8.75
CA SER A 138 2.60 -6.38 8.89
C SER A 138 2.04 -6.38 10.32
N GLY A 1 -19.19 7.47 9.88
CA GLY A 1 -19.26 6.53 10.99
C GLY A 1 -18.15 5.49 10.91
N ASN A 2 -18.48 4.31 10.41
CA ASN A 2 -17.51 3.24 10.25
C ASN A 2 -16.86 3.30 8.87
N THR A 3 -15.66 2.72 8.77
CA THR A 3 -14.96 2.62 7.49
C THR A 3 -15.48 1.43 6.68
N ILE A 4 -15.59 1.63 5.37
CA ILE A 4 -15.89 0.54 4.46
C ILE A 4 -15.15 -0.74 4.86
N PRO A 5 -15.87 -1.85 4.87
CA PRO A 5 -15.30 -3.13 5.28
C PRO A 5 -14.44 -3.73 4.16
N HIS A 6 -13.43 -2.97 3.73
CA HIS A 6 -12.54 -3.41 2.66
C HIS A 6 -11.13 -3.65 3.19
N TYR A 7 -10.58 -4.83 2.88
CA TYR A 7 -9.34 -5.27 3.50
C TYR A 7 -8.19 -5.29 2.49
N SER A 8 -6.99 -4.96 2.96
CA SER A 8 -5.82 -4.91 2.08
C SER A 8 -5.52 -6.29 1.50
N TRP A 9 -4.95 -6.29 0.30
CA TRP A 9 -4.53 -7.54 -0.34
C TRP A 9 -3.04 -7.78 -0.16
N PHE A 10 -2.38 -6.86 0.55
CA PHE A 10 -0.93 -6.87 0.63
C PHE A 10 -0.46 -6.52 2.04
N SER A 11 0.72 -6.98 2.40
CA SER A 11 1.59 -6.27 3.34
C SER A 11 2.05 -4.94 2.75
N GLY A 12 2.32 -3.97 3.63
CA GLY A 12 2.84 -2.68 3.21
C GLY A 12 4.35 -2.74 3.00
N ILE A 13 4.90 -1.70 2.37
CA ILE A 13 6.32 -1.42 2.47
C ILE A 13 6.68 -0.84 3.84
N THR A 14 7.82 -1.26 4.37
CA THR A 14 8.20 -0.89 5.73
C THR A 14 9.26 0.20 5.73
N GLN A 15 8.91 1.35 6.32
CA GLN A 15 9.86 2.44 6.48
C GLN A 15 10.88 2.13 7.57
N PHE A 16 12.14 2.42 7.29
CA PHE A 16 13.21 2.27 8.27
C PHE A 16 13.71 3.62 8.76
N GLN A 17 13.90 4.55 7.82
CA GLN A 17 14.53 5.83 8.13
C GLN A 17 13.50 6.95 8.15
N LYS A 18 13.22 7.46 9.35
CA LYS A 18 12.24 8.55 9.51
C LYS A 18 12.67 9.78 8.73
N GLY A 19 11.71 10.41 8.06
CA GLY A 19 11.93 11.70 7.42
C GLY A 19 12.25 11.55 5.94
N ARG A 20 12.55 10.32 5.53
CA ARG A 20 12.85 10.03 4.13
C ARG A 20 11.58 10.05 3.29
N ASP A 21 11.61 10.79 2.18
CA ASP A 21 10.44 10.95 1.34
C ASP A 21 10.32 9.79 0.34
N PHE A 22 9.35 9.91 -0.56
CA PHE A 22 9.13 8.88 -1.58
C PHE A 22 9.14 9.47 -2.98
N LYS A 23 9.62 8.69 -3.94
CA LYS A 23 9.54 9.07 -5.35
C LYS A 23 9.38 7.84 -6.23
N PHE A 24 8.39 7.88 -7.12
CA PHE A 24 8.26 6.87 -8.17
C PHE A 24 7.39 7.38 -9.32
N SER A 25 7.38 6.64 -10.41
CA SER A 25 6.83 7.14 -11.67
C SER A 25 5.46 6.54 -11.96
N ASP A 26 4.83 7.00 -13.03
CA ASP A 26 3.58 6.42 -13.48
C ASP A 26 3.72 4.94 -13.77
N GLY A 27 2.75 4.15 -13.31
CA GLY A 27 2.78 2.71 -13.49
C GLY A 27 3.82 2.05 -12.60
N GLN A 28 4.36 2.83 -11.66
CA GLN A 28 5.24 2.30 -10.64
C GLN A 28 4.63 2.41 -9.25
N GLY A 29 5.01 1.52 -8.35
CA GLY A 29 4.40 1.44 -7.03
C GLY A 29 3.14 0.59 -7.06
N VAL A 30 2.94 -0.13 -8.16
CA VAL A 30 1.83 -1.07 -8.26
C VAL A 30 2.30 -2.50 -7.98
N PRO A 31 1.68 -3.11 -6.98
CA PRO A 31 2.18 -4.38 -6.44
C PRO A 31 1.68 -5.55 -7.27
N ILE A 32 2.49 -6.60 -7.34
CA ILE A 32 2.14 -7.80 -8.10
C ILE A 32 0.95 -8.52 -7.47
N ALA A 33 0.00 -8.91 -8.30
CA ALA A 33 -1.24 -9.53 -7.82
C ALA A 33 -1.36 -10.96 -8.31
N PHE A 34 -2.05 -11.79 -7.53
CA PHE A 34 -2.27 -13.18 -7.90
C PHE A 34 -3.57 -13.34 -8.69
N GLY A 35 -4.53 -12.47 -8.43
CA GLY A 35 -5.89 -12.65 -8.90
C GLY A 35 -6.21 -11.73 -10.07
N VAL A 36 -5.60 -10.55 -10.07
CA VAL A 36 -5.92 -9.53 -11.05
C VAL A 36 -4.70 -9.15 -11.87
N PRO A 37 -4.88 -9.08 -13.19
CA PRO A 37 -3.75 -8.99 -14.11
C PRO A 37 -3.12 -7.61 -14.07
N PRO A 38 -1.86 -7.51 -14.51
CA PRO A 38 -1.23 -6.23 -14.76
C PRO A 38 -2.17 -5.29 -15.49
N SER A 39 -2.97 -5.84 -16.40
CA SER A 39 -3.92 -5.04 -17.17
C SER A 39 -4.86 -4.27 -16.24
N GLU A 40 -5.25 -4.90 -15.14
CA GLU A 40 -6.16 -4.27 -14.18
C GLU A 40 -5.43 -3.87 -12.91
N ALA A 41 -4.10 -3.93 -12.96
CA ALA A 41 -3.28 -3.45 -11.85
C ALA A 41 -3.37 -1.94 -11.70
N LYS A 42 -4.13 -1.50 -10.71
CA LYS A 42 -4.45 -0.09 -10.55
C LYS A 42 -5.00 0.22 -9.16
N GLY A 43 -4.49 1.28 -8.55
CA GLY A 43 -4.81 1.59 -7.16
C GLY A 43 -4.47 3.03 -6.82
N TYR A 44 -4.41 3.33 -5.53
CA TYR A 44 -4.10 4.68 -5.07
C TYR A 44 -3.37 4.66 -3.73
N TRP A 45 -3.16 5.84 -3.16
CA TRP A 45 -2.38 5.96 -1.93
C TRP A 45 -3.12 5.37 -0.74
N TYR A 46 -2.37 4.91 0.25
CA TYR A 46 -2.90 4.76 1.61
C TYR A 46 -1.78 4.59 2.62
N ARG A 47 -2.01 5.03 3.84
CA ARG A 47 -1.00 5.04 4.88
C ARG A 47 -1.53 4.48 6.19
N HIS A 48 -0.71 3.64 6.83
CA HIS A 48 -1.04 3.13 8.16
C HIS A 48 -0.14 3.75 9.23
N SER A 49 -0.69 3.96 10.42
CA SER A 49 0.06 4.55 11.51
C SER A 49 1.00 3.54 12.15
N ARG A 50 1.88 4.02 13.01
CA ARG A 50 2.82 3.15 13.73
C ARG A 50 2.09 2.01 14.42
N ARG A 51 2.66 0.82 14.33
CA ARG A 51 2.16 -0.33 15.07
C ARG A 51 3.27 -1.05 15.81
N SER A 52 3.48 -0.69 17.08
CA SER A 52 4.65 -1.12 17.82
C SER A 52 4.25 -1.96 19.03
N PHE A 53 5.16 -2.83 19.46
CA PHE A 53 4.88 -3.72 20.59
C PHE A 53 5.43 -3.15 21.89
N LYS A 54 4.82 -3.51 23.01
CA LYS A 54 5.23 -3.02 24.31
C LYS A 54 5.81 -4.13 25.17
N THR A 55 6.73 -3.77 26.06
CA THR A 55 7.44 -4.75 26.87
C THR A 55 6.72 -5.00 28.19
N ALA A 56 7.21 -6.00 28.94
CA ALA A 56 6.70 -6.26 30.27
C ALA A 56 6.99 -5.10 31.21
N ASP A 57 7.91 -4.23 30.81
CA ASP A 57 8.34 -3.12 31.65
C ASP A 57 7.64 -1.83 31.25
N GLY A 58 6.59 -1.95 30.44
CA GLY A 58 5.74 -0.82 30.11
C GLY A 58 6.38 0.04 29.03
N GLN A 59 7.44 -0.47 28.43
CA GLN A 59 8.18 0.28 27.41
C GLN A 59 7.71 -0.09 26.02
N GLN A 60 7.47 0.91 25.19
CA GLN A 60 6.93 0.70 23.85
C GLN A 60 7.78 1.38 22.79
N LYS A 61 8.01 0.68 21.69
CA LYS A 61 8.88 1.19 20.63
C LYS A 61 8.18 2.27 19.80
N GLN A 62 8.93 3.28 19.39
CA GLN A 62 8.46 4.21 18.37
C GLN A 62 8.74 3.68 16.98
N LEU A 63 7.71 3.66 16.14
CA LEU A 63 7.76 2.94 14.87
C LEU A 63 7.26 3.82 13.73
N LEU A 64 7.60 3.44 12.50
CA LEU A 64 7.46 4.33 11.36
C LEU A 64 6.22 3.99 10.55
N PRO A 65 5.79 4.94 9.72
CA PRO A 65 4.57 4.79 8.93
C PRO A 65 4.64 3.55 8.04
N ARG A 66 3.49 2.96 7.76
CA ARG A 66 3.40 1.87 6.79
C ARG A 66 2.74 2.34 5.50
N TRP A 67 3.19 1.78 4.38
CA TRP A 67 2.59 2.09 3.09
C TRP A 67 1.66 0.97 2.63
N TYR A 68 0.36 1.27 2.59
CA TYR A 68 -0.65 0.26 2.30
C TYR A 68 -1.28 0.50 0.93
N PHE A 69 -1.75 -0.58 0.31
CA PHE A 69 -1.98 -0.60 -1.13
C PHE A 69 -3.35 -1.17 -1.46
N TYR A 70 -4.21 -0.33 -2.02
CA TYR A 70 -5.59 -0.72 -2.31
C TYR A 70 -5.93 -0.54 -3.77
N TYR A 71 -6.85 -1.34 -4.28
CA TYR A 71 -7.26 -1.27 -5.68
C TYR A 71 -8.29 -0.17 -5.89
N LEU A 72 -8.30 0.40 -7.09
CA LEU A 72 -9.40 1.25 -7.52
C LEU A 72 -10.71 0.49 -7.55
N GLY A 73 -11.74 1.06 -6.91
CA GLY A 73 -13.05 0.44 -6.87
C GLY A 73 -13.32 -0.17 -5.50
N THR A 74 -12.26 -0.32 -4.70
CA THR A 74 -12.38 -0.88 -3.36
C THR A 74 -11.29 -0.36 -2.44
N GLY A 75 -11.67 0.00 -1.23
CA GLY A 75 -10.72 0.53 -0.25
C GLY A 75 -11.32 1.70 0.52
N PRO A 76 -10.59 2.20 1.51
CA PRO A 76 -11.05 3.29 2.35
C PRO A 76 -11.58 4.45 1.51
N TYR A 77 -10.90 4.71 0.39
CA TYR A 77 -11.33 5.76 -0.53
C TYR A 77 -11.66 5.19 -1.91
N ALA A 78 -12.41 4.08 -1.92
CA ALA A 78 -12.62 3.31 -3.14
C ALA A 78 -13.07 4.21 -4.29
N ASN A 79 -13.88 5.22 -3.96
CA ASN A 79 -14.59 5.99 -4.96
C ASN A 79 -13.97 7.37 -5.13
N ALA A 80 -12.72 7.51 -4.70
CA ALA A 80 -11.95 8.73 -4.96
C ALA A 80 -11.82 8.99 -6.45
N SER A 81 -11.82 10.26 -6.83
CA SER A 81 -11.45 10.66 -8.19
C SER A 81 -9.99 10.36 -8.47
N TYR A 82 -9.72 9.78 -9.64
CA TYR A 82 -8.40 9.28 -9.97
C TYR A 82 -7.37 10.42 -9.99
N GLY A 83 -7.86 11.65 -9.93
CA GLY A 83 -7.00 12.82 -10.00
C GLY A 83 -6.61 13.30 -8.61
N GLU A 84 -7.07 12.58 -7.59
CA GLU A 84 -6.85 13.00 -6.21
C GLU A 84 -5.45 12.65 -5.74
N SER A 85 -4.47 13.41 -6.22
CA SER A 85 -3.12 13.36 -5.68
C SER A 85 -2.85 14.52 -4.73
N LEU A 86 -2.84 14.22 -3.43
CA LEU A 86 -2.76 15.26 -2.42
C LEU A 86 -1.31 15.55 -2.04
N GLU A 87 -1.11 16.51 -1.14
CA GLU A 87 0.20 16.73 -0.53
C GLU A 87 0.65 15.50 0.25
N GLY A 88 1.84 15.01 -0.10
CA GLY A 88 2.35 13.78 0.50
C GLY A 88 1.71 12.55 -0.14
N VAL A 89 0.98 12.77 -1.22
CA VAL A 89 0.22 11.70 -1.86
C VAL A 89 0.57 11.57 -3.33
N PHE A 90 0.52 10.35 -3.85
CA PHE A 90 0.67 10.11 -5.28
C PHE A 90 -0.25 8.99 -5.76
N TRP A 91 -1.09 9.32 -6.73
CA TRP A 91 -1.98 8.32 -7.33
C TRP A 91 -1.23 7.44 -8.31
N VAL A 92 -1.61 6.17 -8.37
CA VAL A 92 -0.86 5.18 -9.14
C VAL A 92 -1.78 4.36 -10.03
N ALA A 93 -1.23 3.85 -11.13
CA ALA A 93 -1.68 2.59 -11.71
C ALA A 93 -0.87 2.23 -12.95
N ASN A 94 -0.97 0.97 -13.36
CA ASN A 94 -0.17 0.47 -14.47
C ASN A 94 -0.52 1.20 -15.76
N HIS A 95 0.36 1.08 -16.75
CA HIS A 95 0.16 1.76 -18.03
C HIS A 95 -0.96 1.11 -18.83
N GLN A 96 -1.36 -0.09 -18.42
CA GLN A 96 -2.50 -0.77 -19.03
C GLN A 96 -3.81 -0.36 -18.36
N ALA A 97 -3.69 0.30 -17.21
CA ALA A 97 -4.86 0.58 -16.38
C ALA A 97 -5.85 1.48 -17.09
N ASP A 98 -7.13 1.28 -16.82
CA ASP A 98 -8.13 2.31 -17.04
C ASP A 98 -8.66 2.85 -15.72
N THR A 99 -8.20 4.03 -15.34
CA THR A 99 -8.36 4.53 -13.98
C THR A 99 -9.50 5.53 -13.88
N SER A 100 -10.44 5.43 -14.82
CA SER A 100 -11.66 6.23 -14.76
C SER A 100 -12.81 5.44 -14.15
N THR A 101 -12.48 4.33 -13.49
CA THR A 101 -13.43 3.24 -13.33
C THR A 101 -12.90 2.20 -12.33
N PRO A 102 -13.82 1.58 -11.60
CA PRO A 102 -13.45 0.60 -10.59
C PRO A 102 -12.84 -0.65 -11.22
N SER A 103 -11.89 -1.25 -10.52
CA SER A 103 -11.10 -2.34 -11.08
C SER A 103 -11.76 -3.69 -10.83
N ASP A 104 -11.39 -4.69 -11.62
CA ASP A 104 -12.01 -6.00 -11.55
C ASP A 104 -11.41 -6.85 -10.45
N VAL A 105 -11.32 -6.27 -9.25
CA VAL A 105 -10.58 -6.89 -8.15
C VAL A 105 -11.12 -6.45 -6.80
N SER A 106 -11.54 -7.41 -5.99
CA SER A 106 -12.51 -7.15 -4.92
C SER A 106 -11.92 -7.44 -3.56
N SER A 107 -12.62 -7.04 -2.51
CA SER A 107 -12.07 -7.06 -1.16
C SER A 107 -11.57 -8.45 -0.78
N ARG A 108 -10.34 -8.51 -0.28
CA ARG A 108 -9.81 -9.74 0.28
C ARG A 108 -10.62 -10.18 1.50
N ASP A 109 -10.81 -11.49 1.64
CA ASP A 109 -11.50 -12.05 2.79
C ASP A 109 -10.50 -12.46 3.87
N PRO A 110 -10.46 -11.71 4.96
CA PRO A 110 -9.51 -11.96 6.03
C PRO A 110 -9.95 -13.11 6.92
N THR A 111 -11.04 -13.76 6.52
CA THR A 111 -11.38 -15.08 7.03
C THR A 111 -10.29 -16.10 6.67
N THR A 112 -9.68 -15.91 5.50
CA THR A 112 -8.72 -16.88 4.99
C THR A 112 -7.31 -16.31 5.01
N GLN A 113 -7.20 -15.00 4.80
CA GLN A 113 -5.98 -14.42 4.28
C GLN A 113 -5.61 -13.15 5.04
N GLU A 114 -4.31 -12.97 5.30
CA GLU A 114 -3.82 -11.77 5.97
C GLU A 114 -2.43 -11.40 5.49
N ALA A 115 -2.20 -10.12 5.28
CA ALA A 115 -0.83 -9.59 5.16
C ALA A 115 0.02 -10.47 4.27
N ILE A 116 -0.22 -10.38 2.96
CA ILE A 116 0.48 -11.22 2.00
C ILE A 116 1.77 -10.56 1.52
N PRO A 117 2.82 -11.36 1.40
CA PRO A 117 4.11 -10.85 0.96
C PRO A 117 3.98 -10.05 -0.34
N THR A 118 4.42 -8.80 -0.32
CA THR A 118 4.26 -7.91 -1.45
C THR A 118 5.49 -7.91 -2.34
N ARG A 119 5.27 -7.94 -3.65
CA ARG A 119 6.36 -7.79 -4.61
C ARG A 119 5.96 -6.85 -5.73
N PHE A 120 6.88 -5.97 -6.12
CA PHE A 120 6.61 -4.99 -7.17
C PHE A 120 7.39 -5.31 -8.43
N PRO A 121 6.75 -5.15 -9.59
CA PRO A 121 7.35 -5.52 -10.86
C PRO A 121 8.63 -4.73 -11.11
N PRO A 122 9.56 -5.32 -11.85
CA PRO A 122 10.76 -4.63 -12.28
C PRO A 122 10.41 -3.31 -12.96
N GLY A 123 11.14 -2.26 -12.61
CA GLY A 123 10.87 -0.92 -13.12
C GLY A 123 10.47 0.03 -12.00
N THR A 124 9.71 -0.49 -11.04
CA THR A 124 9.37 0.26 -9.83
C THR A 124 10.62 0.52 -8.99
N ILE A 125 10.66 1.69 -8.35
CA ILE A 125 11.79 2.05 -7.49
C ILE A 125 11.38 2.03 -6.02
N LEU A 126 12.37 1.84 -5.15
CA LEU A 126 12.10 1.67 -3.72
C LEU A 126 12.83 2.72 -2.90
N PRO A 127 12.12 3.79 -2.54
CA PRO A 127 12.77 5.00 -2.06
C PRO A 127 13.71 4.70 -0.90
N GLN A 128 14.83 5.41 -0.86
CA GLN A 128 15.81 5.24 0.20
C GLN A 128 15.15 5.37 1.57
N GLY A 129 15.45 4.44 2.47
CA GLY A 129 14.95 4.48 3.84
C GLY A 129 13.81 3.49 4.04
N TYR A 130 13.41 2.84 2.96
CA TYR A 130 12.37 1.82 3.03
C TYR A 130 12.91 0.46 2.61
N TYR A 131 12.31 -0.60 3.13
CA TYR A 131 12.36 -1.90 2.50
C TYR A 131 11.08 -2.70 2.76
N VAL A 132 10.68 -3.50 1.78
CA VAL A 132 9.31 -4.01 1.72
C VAL A 132 9.16 -5.28 2.56
N GLU A 133 8.00 -5.44 3.19
CA GLU A 133 7.77 -6.55 4.09
C GLU A 133 7.20 -7.75 3.35
N GLY A 134 7.49 -8.95 3.87
CA GLY A 134 6.92 -10.18 3.32
C GLY A 134 7.09 -11.34 4.28
N SER A 135 7.27 -11.02 5.56
CA SER A 135 7.26 -12.03 6.61
C SER A 135 5.93 -12.03 7.36
N GLY A 136 4.96 -11.29 6.83
CA GLY A 136 3.62 -11.26 7.42
C GLY A 136 3.55 -10.24 8.56
N ARG A 137 4.54 -9.35 8.61
CA ARG A 137 4.60 -8.33 9.65
C ARG A 137 4.24 -6.96 9.11
N SER A 138 3.44 -6.94 8.05
CA SER A 138 3.02 -5.69 7.43
C SER A 138 3.17 -4.51 8.40
N GLY A 1 -20.63 8.62 8.72
CA GLY A 1 -20.48 7.91 9.99
C GLY A 1 -19.22 7.06 10.01
N ASN A 2 -19.38 5.76 9.77
CA ASN A 2 -18.26 4.84 9.73
C ASN A 2 -17.70 4.72 8.32
N THR A 3 -16.45 4.31 8.20
CA THR A 3 -15.82 4.06 6.91
C THR A 3 -16.16 2.66 6.41
N ILE A 4 -16.33 2.54 5.09
CA ILE A 4 -16.52 1.24 4.46
C ILE A 4 -15.57 0.21 5.03
N PRO A 5 -16.08 -0.99 5.30
CA PRO A 5 -15.32 -2.02 5.99
C PRO A 5 -14.36 -2.73 5.05
N HIS A 6 -13.38 -1.98 4.54
CA HIS A 6 -12.40 -2.54 3.60
C HIS A 6 -11.02 -2.63 4.23
N TYR A 7 -10.27 -3.65 3.82
CA TYR A 7 -8.93 -3.88 4.37
C TYR A 7 -7.90 -4.05 3.28
N SER A 8 -6.65 -3.74 3.59
CA SER A 8 -5.57 -3.82 2.62
C SER A 8 -5.50 -5.20 2.00
N TRP A 9 -5.46 -5.26 0.67
CA TRP A 9 -5.29 -6.51 -0.04
C TRP A 9 -3.88 -7.07 0.14
N PHE A 10 -2.92 -6.17 0.35
CA PHE A 10 -1.52 -6.56 0.38
C PHE A 10 -0.91 -6.33 1.76
N SER A 11 0.29 -6.86 1.97
CA SER A 11 1.22 -6.29 2.93
C SER A 11 1.74 -4.94 2.47
N GLY A 12 2.41 -4.22 3.36
CA GLY A 12 2.81 -2.84 3.10
C GLY A 12 4.32 -2.74 2.90
N ILE A 13 4.77 -1.57 2.45
CA ILE A 13 6.16 -1.17 2.59
C ILE A 13 6.41 -0.54 3.95
N THR A 14 7.54 -0.86 4.56
CA THR A 14 7.86 -0.40 5.90
C THR A 14 9.00 0.61 5.88
N GLN A 15 8.74 1.80 6.41
CA GLN A 15 9.77 2.85 6.49
C GLN A 15 10.69 2.61 7.68
N PHE A 16 11.98 2.84 7.47
CA PHE A 16 12.95 2.80 8.56
C PHE A 16 13.49 4.20 8.86
N GLN A 17 13.69 4.99 7.82
CA GLN A 17 14.31 6.30 7.96
C GLN A 17 13.29 7.42 7.82
N LYS A 18 13.07 8.15 8.90
CA LYS A 18 12.07 9.23 8.92
C LYS A 18 12.48 10.35 7.98
N GLY A 19 11.49 10.98 7.36
CA GLY A 19 11.72 12.19 6.57
C GLY A 19 11.91 11.86 5.10
N ARG A 20 12.18 10.58 4.81
CA ARG A 20 12.38 10.13 3.44
C ARG A 20 11.05 10.02 2.69
N ASP A 21 11.07 10.36 1.41
CA ASP A 21 9.84 10.61 0.67
C ASP A 21 9.40 9.38 -0.11
N PHE A 22 8.24 9.47 -0.74
CA PHE A 22 7.72 8.37 -1.55
C PHE A 22 7.82 8.70 -3.05
N LYS A 23 8.94 8.34 -3.66
CA LYS A 23 9.21 8.69 -5.04
C LYS A 23 8.97 7.51 -5.97
N PHE A 24 8.16 7.74 -7.01
CA PHE A 24 8.03 6.78 -8.10
C PHE A 24 7.35 7.41 -9.30
N SER A 25 7.39 6.70 -10.43
CA SER A 25 6.87 7.24 -11.69
C SER A 25 5.50 6.64 -12.01
N ASP A 26 4.92 7.11 -13.11
CA ASP A 26 3.65 6.57 -13.58
C ASP A 26 3.75 5.07 -13.85
N GLY A 27 2.77 4.31 -13.38
CA GLY A 27 2.75 2.87 -13.57
C GLY A 27 3.79 2.18 -12.70
N GLN A 28 4.36 2.94 -11.77
CA GLN A 28 5.25 2.37 -10.77
C GLN A 28 4.64 2.46 -9.37
N GLY A 29 5.09 1.58 -8.47
CA GLY A 29 4.51 1.50 -7.14
C GLY A 29 3.25 0.66 -7.13
N VAL A 30 3.04 -0.11 -8.20
CA VAL A 30 1.94 -1.06 -8.27
C VAL A 30 2.40 -2.47 -7.96
N PRO A 31 1.79 -3.09 -6.96
CA PRO A 31 2.29 -4.34 -6.40
C PRO A 31 1.84 -5.54 -7.23
N ILE A 32 2.61 -6.61 -7.20
CA ILE A 32 2.30 -7.81 -7.96
C ILE A 32 1.16 -8.59 -7.32
N ALA A 33 0.21 -9.03 -8.15
CA ALA A 33 -0.94 -9.77 -7.68
C ALA A 33 -0.94 -11.20 -8.22
N PHE A 34 -1.62 -12.10 -7.52
CA PHE A 34 -1.82 -13.46 -8.00
C PHE A 34 -3.13 -13.60 -8.76
N GLY A 35 -4.09 -12.75 -8.43
CA GLY A 35 -5.45 -12.88 -8.94
C GLY A 35 -5.65 -12.05 -10.19
N VAL A 36 -5.09 -10.84 -10.19
CA VAL A 36 -5.48 -9.80 -11.14
C VAL A 36 -4.29 -9.36 -12.00
N PRO A 37 -4.53 -9.26 -13.30
CA PRO A 37 -3.45 -9.04 -14.25
C PRO A 37 -2.93 -7.61 -14.17
N PRO A 38 -1.72 -7.39 -14.67
CA PRO A 38 -1.21 -6.04 -14.89
C PRO A 38 -2.28 -5.14 -15.50
N SER A 39 -3.10 -5.71 -16.38
CA SER A 39 -4.14 -4.96 -17.07
C SER A 39 -5.05 -4.25 -16.08
N GLU A 40 -5.29 -4.89 -14.94
CA GLU A 40 -6.14 -4.31 -13.91
C GLU A 40 -5.34 -4.00 -12.65
N ALA A 41 -4.02 -3.90 -12.80
CA ALA A 41 -3.16 -3.46 -11.71
C ALA A 41 -3.26 -1.96 -11.50
N LYS A 42 -4.09 -1.55 -10.53
CA LYS A 42 -4.45 -0.15 -10.38
C LYS A 42 -5.00 0.12 -8.99
N GLY A 43 -4.52 1.21 -8.37
CA GLY A 43 -4.88 1.53 -6.99
C GLY A 43 -4.45 2.94 -6.63
N TYR A 44 -4.43 3.22 -5.33
CA TYR A 44 -4.08 4.55 -4.85
C TYR A 44 -3.38 4.49 -3.49
N TRP A 45 -3.26 5.63 -2.83
CA TRP A 45 -2.48 5.73 -1.61
C TRP A 45 -3.22 5.13 -0.42
N TYR A 46 -2.47 4.71 0.58
CA TYR A 46 -2.96 4.72 1.96
C TYR A 46 -1.81 4.56 2.95
N ARG A 47 -2.00 5.10 4.15
CA ARG A 47 -0.93 5.18 5.13
C ARG A 47 -1.39 4.70 6.51
N HIS A 48 -0.55 3.90 7.16
CA HIS A 48 -0.79 3.52 8.55
C HIS A 48 0.41 3.86 9.42
N SER A 49 0.22 3.82 10.73
CA SER A 49 1.31 3.95 11.68
C SER A 49 1.74 2.59 12.23
N ARG A 50 3.04 2.42 12.44
CA ARG A 50 3.55 1.26 13.15
C ARG A 50 3.23 1.33 14.64
N ARG A 51 3.17 0.17 15.28
CA ARG A 51 2.87 0.09 16.71
C ARG A 51 4.11 0.37 17.55
N SER A 52 4.03 1.39 18.40
CA SER A 52 5.17 1.80 19.22
C SER A 52 4.94 1.47 20.69
N PHE A 53 5.80 2.00 21.55
CA PHE A 53 5.76 1.68 22.97
C PHE A 53 6.01 2.92 23.82
N LYS A 54 5.76 2.80 25.12
CA LYS A 54 6.00 3.89 26.05
C LYS A 54 6.71 3.40 27.30
N THR A 55 7.67 4.18 27.78
CA THR A 55 8.55 3.74 28.85
C THR A 55 7.93 3.96 30.23
N ALA A 56 8.57 3.43 31.26
CA ALA A 56 8.12 3.67 32.63
C ALA A 56 8.22 5.15 33.00
N ASP A 57 8.98 5.90 32.21
CA ASP A 57 9.21 7.31 32.48
C ASP A 57 8.22 8.17 31.70
N GLY A 58 7.25 7.54 31.06
CA GLY A 58 6.18 8.25 30.37
C GLY A 58 6.64 8.75 29.01
N GLN A 59 7.75 8.20 28.53
CA GLN A 59 8.30 8.59 27.24
C GLN A 59 7.80 7.67 26.12
N GLN A 60 7.01 8.24 25.22
CA GLN A 60 6.42 7.47 24.13
C GLN A 60 7.17 7.67 22.83
N LYS A 61 7.31 6.58 22.07
CA LYS A 61 8.08 6.63 20.82
C LYS A 61 7.16 6.84 19.62
N GLN A 62 7.57 7.74 18.72
CA GLN A 62 6.92 7.87 17.43
C GLN A 62 7.53 6.92 16.41
N LEU A 63 6.70 6.05 15.85
CA LEU A 63 7.19 4.96 15.02
C LEU A 63 6.59 5.02 13.62
N LEU A 64 7.37 4.60 12.63
CA LEU A 64 7.29 5.17 11.29
C LEU A 64 6.06 4.65 10.55
N PRO A 65 5.68 5.33 9.48
CA PRO A 65 4.47 4.99 8.74
C PRO A 65 4.58 3.60 8.11
N ARG A 66 3.44 2.94 7.95
CA ARG A 66 3.31 1.87 6.97
C ARG A 66 2.65 2.38 5.70
N TRP A 67 3.01 1.76 4.56
CA TRP A 67 2.34 2.05 3.30
C TRP A 67 1.42 0.91 2.88
N TYR A 68 0.13 1.20 2.84
CA TYR A 68 -0.87 0.17 2.56
C TYR A 68 -1.50 0.37 1.18
N PHE A 69 -1.96 -0.72 0.59
CA PHE A 69 -2.21 -0.76 -0.85
C PHE A 69 -3.57 -1.37 -1.16
N TYR A 70 -4.39 -0.64 -1.90
CA TYR A 70 -5.71 -1.12 -2.29
C TYR A 70 -5.85 -1.17 -3.80
N TYR A 71 -7.00 -1.67 -4.27
CA TYR A 71 -7.35 -1.57 -5.68
C TYR A 71 -8.39 -0.48 -5.91
N LEU A 72 -8.29 0.20 -7.04
CA LEU A 72 -9.29 1.17 -7.45
C LEU A 72 -10.68 0.54 -7.51
N GLY A 73 -11.60 1.06 -6.71
CA GLY A 73 -12.87 0.39 -6.46
C GLY A 73 -12.91 -0.20 -5.06
N THR A 74 -11.78 -0.14 -4.36
CA THR A 74 -11.68 -0.69 -3.02
C THR A 74 -11.02 0.28 -2.06
N GLY A 75 -11.36 0.18 -0.78
CA GLY A 75 -10.58 0.82 0.28
C GLY A 75 -11.36 1.97 0.89
N PRO A 76 -10.75 2.62 1.89
CA PRO A 76 -11.43 3.66 2.65
C PRO A 76 -11.67 4.90 1.79
N TYR A 77 -11.00 4.94 0.63
CA TYR A 77 -11.35 5.90 -0.41
C TYR A 77 -11.63 5.19 -1.73
N ALA A 78 -12.38 4.10 -1.67
CA ALA A 78 -12.59 3.24 -2.82
C ALA A 78 -13.12 4.03 -4.01
N ASN A 79 -13.87 5.09 -3.72
CA ASN A 79 -14.54 5.86 -4.76
C ASN A 79 -13.88 7.22 -4.95
N ALA A 80 -12.59 7.30 -4.63
CA ALA A 80 -11.81 8.50 -4.90
C ALA A 80 -11.87 8.88 -6.37
N SER A 81 -11.83 10.18 -6.64
CA SER A 81 -11.70 10.67 -8.02
C SER A 81 -10.31 10.42 -8.57
N TYR A 82 -10.24 9.75 -9.71
CA TYR A 82 -8.96 9.42 -10.32
C TYR A 82 -8.08 10.65 -10.45
N GLY A 83 -6.86 10.56 -9.93
CA GLY A 83 -5.91 11.66 -10.01
C GLY A 83 -5.59 12.21 -8.62
N GLU A 84 -6.49 11.98 -7.67
CA GLU A 84 -6.33 12.48 -6.32
C GLU A 84 -4.92 12.21 -5.79
N SER A 85 -4.17 13.26 -5.55
CA SER A 85 -2.76 13.14 -5.17
C SER A 85 -2.37 14.20 -4.14
N LEU A 86 -2.48 13.84 -2.87
CA LEU A 86 -2.53 14.84 -1.80
C LEU A 86 -1.13 15.16 -1.29
N GLU A 87 -1.06 15.90 -0.18
CA GLU A 87 0.20 16.18 0.47
C GLU A 87 0.76 14.94 1.14
N GLY A 88 1.93 14.49 0.68
CA GLY A 88 2.49 13.21 1.12
C GLY A 88 1.83 12.05 0.38
N VAL A 89 0.98 12.36 -0.59
CA VAL A 89 0.21 11.35 -1.30
C VAL A 89 0.53 11.35 -2.79
N PHE A 90 0.40 10.18 -3.41
CA PHE A 90 0.58 10.07 -4.85
C PHE A 90 -0.31 8.97 -5.42
N TRP A 91 -1.05 9.30 -6.48
CA TRP A 91 -1.88 8.33 -7.17
C TRP A 91 -1.03 7.40 -8.03
N VAL A 92 -1.59 6.23 -8.35
CA VAL A 92 -0.84 5.21 -9.09
C VAL A 92 -1.77 4.38 -9.97
N ALA A 93 -1.24 3.89 -11.07
CA ALA A 93 -1.67 2.61 -11.62
C ALA A 93 -0.91 2.27 -12.90
N ASN A 94 -0.96 1.01 -13.30
CA ASN A 94 -0.17 0.53 -14.43
C ASN A 94 -0.58 1.22 -15.72
N HIS A 95 0.31 1.21 -16.70
CA HIS A 95 0.06 1.88 -17.98
C HIS A 95 -1.03 1.15 -18.77
N GLN A 96 -1.27 -0.10 -18.42
CA GLN A 96 -2.33 -0.88 -19.06
C GLN A 96 -3.66 -0.67 -18.37
N ALA A 97 -3.63 0.00 -17.22
CA ALA A 97 -4.82 0.15 -16.39
C ALA A 97 -5.86 1.04 -17.07
N ASP A 98 -7.13 0.69 -16.90
CA ASP A 98 -8.21 1.63 -17.13
C ASP A 98 -8.70 2.24 -15.81
N THR A 99 -8.33 3.49 -15.57
CA THR A 99 -8.45 4.07 -14.23
C THR A 99 -9.55 5.11 -14.18
N SER A 100 -10.54 4.97 -15.06
CA SER A 100 -11.80 5.70 -14.92
C SER A 100 -12.82 4.90 -14.13
N THR A 101 -12.37 3.79 -13.54
CA THR A 101 -13.27 2.71 -13.16
C THR A 101 -12.89 2.12 -11.82
N PRO A 102 -13.84 1.42 -11.18
CA PRO A 102 -13.51 0.43 -10.18
C PRO A 102 -12.95 -0.84 -10.80
N SER A 103 -11.96 -1.43 -10.14
CA SER A 103 -11.17 -2.49 -10.76
C SER A 103 -11.91 -3.82 -10.73
N ASP A 104 -11.46 -4.75 -11.59
CA ASP A 104 -12.13 -6.04 -11.73
C ASP A 104 -11.60 -7.05 -10.72
N VAL A 105 -11.03 -6.55 -9.64
CA VAL A 105 -10.28 -7.38 -8.71
C VAL A 105 -10.87 -7.32 -7.31
N SER A 106 -11.26 -6.12 -6.89
CA SER A 106 -12.02 -5.95 -5.66
C SER A 106 -11.24 -6.46 -4.46
N SER A 107 -11.97 -6.93 -3.45
CA SER A 107 -11.38 -7.27 -2.16
C SER A 107 -12.25 -8.25 -1.38
N ARG A 108 -11.68 -8.86 -0.36
CA ARG A 108 -12.41 -9.80 0.48
C ARG A 108 -12.24 -9.47 1.95
N ASP A 109 -13.21 -9.86 2.76
CA ASP A 109 -13.11 -9.76 4.21
C ASP A 109 -11.96 -10.61 4.74
N PRO A 110 -11.13 -10.02 5.60
CA PRO A 110 -9.89 -10.66 6.04
C PRO A 110 -10.17 -11.77 7.04
N THR A 111 -11.44 -11.91 7.43
CA THR A 111 -11.88 -13.05 8.21
C THR A 111 -11.98 -14.30 7.34
N THR A 112 -11.88 -14.12 6.03
CA THR A 112 -11.78 -15.24 5.10
C THR A 112 -10.39 -15.31 4.47
N GLN A 113 -9.76 -14.16 4.33
CA GLN A 113 -8.55 -14.05 3.52
C GLN A 113 -7.44 -13.34 4.28
N GLU A 114 -6.22 -13.85 4.16
CA GLU A 114 -5.04 -13.15 4.64
C GLU A 114 -4.47 -12.23 3.58
N ALA A 115 -3.72 -11.22 4.01
CA ALA A 115 -3.04 -10.33 3.08
C ALA A 115 -1.88 -11.03 2.38
N ILE A 116 -1.59 -10.62 1.16
CA ILE A 116 -0.60 -11.29 0.33
C ILE A 116 0.72 -10.54 0.34
N PRO A 117 1.81 -11.28 0.45
CA PRO A 117 3.15 -10.70 0.40
C PRO A 117 3.31 -9.78 -0.82
N THR A 118 3.84 -8.60 -0.60
CA THR A 118 3.89 -7.57 -1.64
C THR A 118 5.21 -7.63 -2.40
N ARG A 119 5.12 -7.63 -3.72
CA ARG A 119 6.30 -7.46 -4.57
C ARG A 119 5.99 -6.57 -5.76
N PHE A 120 6.93 -5.68 -6.09
CA PHE A 120 6.73 -4.71 -7.15
C PHE A 120 7.55 -5.05 -8.38
N PRO A 121 6.93 -4.97 -9.55
CA PRO A 121 7.57 -5.38 -10.79
C PRO A 121 8.85 -4.59 -11.05
N PRO A 122 9.80 -5.21 -11.74
CA PRO A 122 10.99 -4.50 -12.20
C PRO A 122 10.62 -3.23 -12.96
N GLY A 123 11.31 -2.13 -12.64
CA GLY A 123 10.97 -0.83 -13.19
C GLY A 123 10.50 0.12 -12.10
N THR A 124 9.73 -0.41 -11.14
CA THR A 124 9.41 0.32 -9.93
C THR A 124 10.63 0.49 -9.04
N ILE A 125 10.71 1.65 -8.38
CA ILE A 125 11.80 1.92 -7.46
C ILE A 125 11.33 1.90 -6.01
N LEU A 126 12.25 1.64 -5.09
CA LEU A 126 11.93 1.65 -3.67
C LEU A 126 12.60 2.81 -2.95
N PRO A 127 11.81 3.82 -2.60
CA PRO A 127 12.34 5.05 -2.03
C PRO A 127 13.34 4.75 -0.92
N GLN A 128 14.45 5.47 -0.92
CA GLN A 128 15.48 5.30 0.10
C GLN A 128 14.89 5.41 1.50
N GLY A 129 15.25 4.48 2.38
CA GLY A 129 14.86 4.55 3.77
C GLY A 129 13.72 3.57 4.07
N TYR A 130 13.25 2.89 3.04
CA TYR A 130 12.21 1.88 3.19
C TYR A 130 12.73 0.49 2.87
N TYR A 131 12.12 -0.52 3.48
CA TYR A 131 12.20 -1.89 2.97
C TYR A 131 10.87 -2.62 3.11
N VAL A 132 10.52 -3.40 2.11
CA VAL A 132 9.15 -3.90 1.97
C VAL A 132 8.97 -5.21 2.71
N GLU A 133 7.76 -5.45 3.20
CA GLU A 133 7.44 -6.69 3.90
C GLU A 133 6.57 -7.61 3.05
N GLY A 134 6.70 -8.90 3.27
CA GLY A 134 5.88 -9.89 2.56
C GLY A 134 5.17 -10.81 3.53
N SER A 135 5.94 -11.65 4.23
CA SER A 135 5.46 -12.95 4.65
C SER A 135 3.99 -12.91 5.04
N GLY A 136 3.65 -11.96 5.91
CA GLY A 136 2.27 -11.78 6.35
C GLY A 136 1.86 -10.32 6.33
N ARG A 137 0.64 -10.05 6.77
CA ARG A 137 0.13 -8.68 6.80
C ARG A 137 1.02 -7.78 7.64
N SER A 138 1.62 -6.78 7.00
CA SER A 138 2.34 -5.74 7.71
C SER A 138 1.52 -5.20 8.88
N GLY A 1 -9.24 -14.15 18.60
CA GLY A 1 -8.24 -13.17 18.19
C GLY A 1 -8.69 -11.75 18.50
N ASN A 2 -7.91 -11.06 19.33
CA ASN A 2 -8.24 -9.69 19.73
C ASN A 2 -7.39 -8.67 18.99
N THR A 3 -6.78 -9.11 17.89
CA THR A 3 -5.91 -8.24 17.11
C THR A 3 -6.69 -7.08 16.49
N ILE A 4 -6.06 -5.92 16.45
CA ILE A 4 -6.61 -4.78 15.73
C ILE A 4 -7.20 -5.20 14.39
N PRO A 5 -8.39 -4.67 14.07
CA PRO A 5 -9.14 -5.12 12.91
C PRO A 5 -8.58 -4.51 11.63
N HIS A 6 -7.34 -4.85 11.31
CA HIS A 6 -6.71 -4.39 10.08
C HIS A 6 -6.57 -5.52 9.08
N TYR A 7 -7.23 -5.37 7.92
CA TYR A 7 -7.25 -6.42 6.91
C TYR A 7 -6.94 -5.85 5.53
N SER A 8 -6.31 -6.67 4.68
CA SER A 8 -5.84 -6.21 3.38
C SER A 8 -5.53 -7.38 2.47
N TRP A 9 -5.36 -7.09 1.18
CA TRP A 9 -4.77 -8.05 0.25
C TRP A 9 -3.26 -8.16 0.45
N PHE A 10 -2.64 -7.03 0.80
CA PHE A 10 -1.18 -6.93 0.75
C PHE A 10 -0.61 -6.74 2.16
N SER A 11 0.65 -7.15 2.34
CA SER A 11 1.52 -6.53 3.32
C SER A 11 2.53 -5.60 2.64
N GLY A 12 2.39 -4.30 2.90
CA GLY A 12 2.91 -3.28 1.99
C GLY A 12 4.36 -2.93 2.31
N ILE A 13 4.77 -1.72 1.94
CA ILE A 13 6.13 -1.27 2.18
C ILE A 13 6.25 -0.63 3.56
N THR A 14 7.41 -0.82 4.20
CA THR A 14 7.68 -0.22 5.49
C THR A 14 8.92 0.66 5.45
N GLN A 15 8.79 1.88 5.98
CA GLN A 15 9.90 2.83 5.99
C GLN A 15 10.55 2.91 7.37
N PHE A 16 11.81 3.32 7.38
CA PHE A 16 12.61 3.25 8.60
C PHE A 16 13.17 4.61 8.97
N GLN A 17 13.56 5.39 7.98
CA GLN A 17 14.37 6.58 8.19
C GLN A 17 13.62 7.84 7.79
N LYS A 18 13.07 8.54 8.78
CA LYS A 18 12.14 9.63 8.52
C LYS A 18 12.86 10.83 7.91
N GLY A 19 12.31 11.35 6.81
CA GLY A 19 12.91 12.47 6.12
C GLY A 19 13.04 12.19 4.62
N ARG A 20 13.08 10.91 4.27
CA ARG A 20 13.14 10.51 2.86
C ARG A 20 11.75 10.47 2.25
N ASP A 21 11.62 11.06 1.05
CA ASP A 21 10.36 11.05 0.34
C ASP A 21 10.15 9.72 -0.41
N PHE A 22 8.95 9.54 -0.94
CA PHE A 22 8.63 8.34 -1.71
C PHE A 22 8.41 8.67 -3.18
N LYS A 23 9.38 8.33 -4.02
CA LYS A 23 9.36 8.71 -5.42
C LYS A 23 9.18 7.49 -6.32
N PHE A 24 8.39 7.64 -7.38
CA PHE A 24 8.33 6.64 -8.43
C PHE A 24 7.71 7.22 -9.70
N SER A 25 7.80 6.47 -10.80
CA SER A 25 7.35 6.95 -12.09
C SER A 25 5.92 6.49 -12.37
N ASP A 26 5.34 6.98 -13.46
CA ASP A 26 4.01 6.57 -13.88
C ASP A 26 3.94 5.06 -14.06
N GLY A 27 2.95 4.44 -13.43
CA GLY A 27 2.76 2.99 -13.55
C GLY A 27 3.78 2.22 -12.74
N GLN A 28 4.45 2.92 -11.82
CA GLN A 28 5.31 2.27 -10.84
C GLN A 28 4.72 2.37 -9.44
N GLY A 29 5.20 1.52 -8.53
CA GLY A 29 4.66 1.45 -7.18
C GLY A 29 3.35 0.68 -7.17
N VAL A 30 3.10 -0.09 -8.22
CA VAL A 30 1.94 -0.96 -8.28
C VAL A 30 2.30 -2.39 -7.87
N PRO A 31 1.63 -2.89 -6.84
CA PRO A 31 2.02 -4.17 -6.23
C PRO A 31 1.41 -5.34 -6.99
N ILE A 32 2.18 -6.41 -7.11
CA ILE A 32 1.75 -7.57 -7.89
C ILE A 32 0.58 -8.27 -7.24
N ALA A 33 -0.49 -8.47 -8.01
CA ALA A 33 -1.65 -9.20 -7.54
C ALA A 33 -1.61 -10.66 -7.97
N PHE A 34 -2.46 -11.48 -7.36
CA PHE A 34 -2.54 -12.90 -7.73
C PHE A 34 -3.80 -13.18 -8.54
N GLY A 35 -4.72 -12.21 -8.54
CA GLY A 35 -6.04 -12.42 -9.11
C GLY A 35 -6.28 -11.52 -10.31
N VAL A 36 -5.57 -10.39 -10.34
CA VAL A 36 -5.81 -9.36 -11.34
C VAL A 36 -4.51 -8.94 -12.02
N PRO A 37 -4.54 -8.87 -13.34
CA PRO A 37 -3.31 -8.75 -14.13
C PRO A 37 -2.73 -7.34 -14.02
N PRO A 38 -1.44 -7.21 -14.34
CA PRO A 38 -0.84 -5.91 -14.57
C PRO A 38 -1.75 -5.03 -15.42
N SER A 39 -2.47 -5.65 -16.35
CA SER A 39 -3.37 -4.92 -17.22
C SER A 39 -4.39 -4.11 -16.42
N GLU A 40 -4.81 -4.66 -15.30
CA GLU A 40 -5.82 -4.01 -14.47
C GLU A 40 -5.26 -3.62 -13.11
N ALA A 41 -3.96 -3.83 -12.93
CA ALA A 41 -3.27 -3.35 -11.74
C ALA A 41 -3.40 -1.85 -11.58
N LYS A 42 -4.11 -1.43 -10.54
CA LYS A 42 -4.43 -0.01 -10.36
C LYS A 42 -5.02 0.24 -8.98
N GLY A 43 -4.49 1.24 -8.29
CA GLY A 43 -4.80 1.45 -6.89
C GLY A 43 -4.39 2.85 -6.44
N TYR A 44 -4.42 3.08 -5.12
CA TYR A 44 -4.04 4.36 -4.56
C TYR A 44 -3.46 4.21 -3.16
N TRP A 45 -3.30 5.33 -2.46
CA TRP A 45 -2.54 5.34 -1.22
C TRP A 45 -3.35 4.76 -0.07
N TYR A 46 -2.64 4.27 0.94
CA TYR A 46 -3.15 4.29 2.31
C TYR A 46 -2.04 4.05 3.32
N ARG A 47 -2.38 4.15 4.61
CA ARG A 47 -1.38 4.15 5.66
C ARG A 47 -1.98 3.70 6.99
N HIS A 48 -1.22 2.88 7.72
CA HIS A 48 -1.49 2.65 9.13
C HIS A 48 -0.22 2.72 9.96
N SER A 49 -0.37 2.97 11.26
CA SER A 49 0.77 3.04 12.16
C SER A 49 1.49 1.69 12.25
N ARG A 50 2.81 1.73 12.30
CA ARG A 50 3.61 0.52 12.43
C ARG A 50 4.15 0.37 13.85
N ARG A 51 4.11 -0.86 14.36
CA ARG A 51 4.59 -1.14 15.70
C ARG A 51 6.05 -1.60 15.69
N SER A 52 6.84 -1.06 16.61
CA SER A 52 8.23 -1.46 16.75
C SER A 52 8.40 -2.46 17.89
N PHE A 53 9.50 -3.20 17.85
CA PHE A 53 9.77 -4.22 18.87
C PHE A 53 11.20 -4.13 19.37
N LYS A 54 11.47 -4.73 20.52
CA LYS A 54 12.81 -4.79 21.08
C LYS A 54 13.15 -6.18 21.58
N THR A 55 14.41 -6.60 21.43
CA THR A 55 14.84 -7.91 21.84
C THR A 55 15.37 -7.91 23.27
N ALA A 56 15.67 -9.08 23.80
CA ALA A 56 16.24 -9.20 25.13
C ALA A 56 17.61 -8.54 25.20
N ASP A 57 18.22 -8.32 24.04
CA ASP A 57 19.57 -7.78 23.97
C ASP A 57 19.55 -6.28 23.69
N GLY A 58 18.37 -5.67 23.86
CA GLY A 58 18.24 -4.22 23.77
C GLY A 58 18.24 -3.76 22.32
N GLN A 59 17.98 -4.69 21.41
CA GLN A 59 17.97 -4.38 19.98
C GLN A 59 16.61 -3.83 19.55
N GLN A 60 16.46 -2.51 19.67
CA GLN A 60 15.16 -1.87 19.47
C GLN A 60 15.00 -1.38 18.04
N LYS A 61 13.82 -1.57 17.47
CA LYS A 61 13.52 -1.09 16.13
C LYS A 61 13.14 0.38 16.16
N GLN A 62 13.52 1.11 15.11
CA GLN A 62 12.95 2.42 14.84
C GLN A 62 12.14 2.41 13.55
N LEU A 63 10.82 2.38 13.68
CA LEU A 63 9.94 2.14 12.54
C LEU A 63 9.18 3.40 12.16
N LEU A 64 8.93 3.56 10.86
CA LEU A 64 7.94 4.53 10.38
C LEU A 64 6.61 3.85 10.09
N PRO A 65 5.57 4.66 9.93
CA PRO A 65 4.25 4.14 9.56
C PRO A 65 4.34 3.24 8.34
N ARG A 66 3.53 2.18 8.33
CA ARG A 66 3.53 1.23 7.22
C ARG A 66 2.52 1.65 6.16
N TRP A 67 2.87 1.41 4.90
CA TRP A 67 2.05 1.87 3.78
C TRP A 67 1.18 0.74 3.23
N TYR A 68 -0.08 1.05 2.97
CA TYR A 68 -1.05 0.02 2.59
C TYR A 68 -1.67 0.34 1.23
N PHE A 69 -2.12 -0.70 0.53
CA PHE A 69 -2.39 -0.60 -0.89
C PHE A 69 -3.78 -1.13 -1.22
N TYR A 70 -4.62 -0.28 -1.79
CA TYR A 70 -5.98 -0.66 -2.14
C TYR A 70 -6.22 -0.55 -3.64
N TYR A 71 -7.14 -1.36 -4.15
CA TYR A 71 -7.49 -1.33 -5.56
C TYR A 71 -8.50 -0.23 -5.87
N LEU A 72 -8.38 0.38 -7.03
CA LEU A 72 -9.39 1.32 -7.51
C LEU A 72 -10.75 0.67 -7.64
N GLY A 73 -11.70 1.14 -6.85
CA GLY A 73 -12.97 0.44 -6.67
C GLY A 73 -13.08 -0.13 -5.26
N THR A 74 -12.00 -0.05 -4.51
CA THR A 74 -11.98 -0.57 -3.15
C THR A 74 -11.36 0.43 -2.18
N GLY A 75 -11.81 0.39 -0.93
CA GLY A 75 -11.03 0.94 0.18
C GLY A 75 -11.70 2.17 0.77
N PRO A 76 -11.03 2.81 1.72
CA PRO A 76 -11.57 3.97 2.40
C PRO A 76 -12.02 5.04 1.40
N TYR A 77 -11.29 5.13 0.30
CA TYR A 77 -11.61 6.11 -0.75
C TYR A 77 -11.87 5.41 -2.08
N ALA A 78 -12.63 4.32 -2.04
CA ALA A 78 -12.79 3.45 -3.18
C ALA A 78 -13.25 4.23 -4.41
N ASN A 79 -14.01 5.29 -4.18
CA ASN A 79 -14.62 6.05 -5.27
C ASN A 79 -13.94 7.41 -5.44
N ALA A 80 -12.69 7.49 -5.01
CA ALA A 80 -11.90 8.70 -5.20
C ALA A 80 -11.82 9.07 -6.68
N SER A 81 -11.70 10.37 -6.95
CA SER A 81 -11.36 10.85 -8.29
C SER A 81 -9.92 10.48 -8.65
N TYR A 82 -9.75 9.90 -9.83
CA TYR A 82 -8.43 9.51 -10.30
C TYR A 82 -7.47 10.70 -10.30
N GLY A 83 -6.32 10.52 -9.68
CA GLY A 83 -5.29 11.55 -9.67
C GLY A 83 -5.13 12.15 -8.27
N GLU A 84 -6.12 11.92 -7.42
CA GLU A 84 -6.14 12.51 -6.09
C GLU A 84 -4.84 12.21 -5.35
N SER A 85 -4.02 13.23 -5.16
CA SER A 85 -2.72 13.07 -4.54
C SER A 85 -2.52 14.07 -3.40
N LEU A 86 -2.44 13.55 -2.18
CA LEU A 86 -2.40 14.39 -0.99
C LEU A 86 -0.97 14.65 -0.55
N GLU A 87 -0.81 15.37 0.56
CA GLU A 87 0.49 15.53 1.19
C GLU A 87 1.05 14.18 1.65
N GLY A 88 2.24 13.85 1.16
CA GLY A 88 2.86 12.56 1.46
C GLY A 88 2.22 11.44 0.63
N VAL A 89 1.42 11.83 -0.35
CA VAL A 89 0.64 10.87 -1.14
C VAL A 89 0.92 11.01 -2.62
N PHE A 90 0.92 9.89 -3.33
CA PHE A 90 1.06 9.89 -4.78
C PHE A 90 0.20 8.81 -5.42
N TRP A 91 -0.79 9.24 -6.20
CA TRP A 91 -1.72 8.31 -6.84
C TRP A 91 -1.00 7.43 -7.86
N VAL A 92 -1.46 6.20 -8.01
CA VAL A 92 -0.75 5.20 -8.80
C VAL A 92 -1.70 4.44 -9.71
N ALA A 93 -1.17 3.96 -10.83
CA ALA A 93 -1.66 2.72 -11.43
C ALA A 93 -0.91 2.40 -12.72
N ASN A 94 -0.97 1.14 -13.14
CA ASN A 94 -0.13 0.65 -14.22
C ASN A 94 -0.45 1.34 -15.53
N HIS A 95 0.48 1.32 -16.47
CA HIS A 95 0.32 2.01 -17.74
C HIS A 95 -0.75 1.36 -18.59
N GLN A 96 -1.08 0.12 -18.27
CA GLN A 96 -2.14 -0.60 -18.95
C GLN A 96 -3.51 -0.25 -18.37
N ALA A 97 -3.51 0.29 -17.16
CA ALA A 97 -4.73 0.42 -16.38
C ALA A 97 -5.73 1.33 -17.06
N ASP A 98 -7.02 0.98 -16.93
CA ASP A 98 -8.09 1.94 -17.13
C ASP A 98 -8.57 2.51 -15.80
N THR A 99 -8.23 3.77 -15.54
CA THR A 99 -8.30 4.32 -14.20
C THR A 99 -9.43 5.34 -14.08
N SER A 100 -10.40 5.24 -14.97
CA SER A 100 -11.66 5.98 -14.82
C SER A 100 -12.70 5.14 -14.09
N THR A 101 -12.28 4.00 -13.57
CA THR A 101 -13.19 2.90 -13.30
C THR A 101 -12.86 2.21 -11.98
N PRO A 102 -13.82 1.49 -11.43
CA PRO A 102 -13.55 0.51 -10.38
C PRO A 102 -12.98 -0.78 -10.98
N SER A 103 -11.96 -1.32 -10.31
CA SER A 103 -11.13 -2.36 -10.92
C SER A 103 -11.85 -3.70 -10.95
N ASP A 104 -11.26 -4.67 -11.64
CA ASP A 104 -11.88 -5.98 -11.81
C ASP A 104 -11.44 -6.94 -10.70
N VAL A 105 -10.99 -6.38 -9.59
CA VAL A 105 -10.36 -7.17 -8.54
C VAL A 105 -11.11 -7.06 -7.23
N SER A 106 -11.43 -8.20 -6.63
CA SER A 106 -12.52 -8.30 -5.67
C SER A 106 -12.11 -7.72 -4.32
N SER A 107 -13.11 -7.44 -3.48
CA SER A 107 -12.88 -6.78 -2.21
C SER A 107 -12.43 -7.77 -1.14
N ARG A 108 -11.31 -7.46 -0.48
CA ARG A 108 -10.78 -8.33 0.55
C ARG A 108 -11.81 -8.61 1.63
N ASP A 109 -11.96 -9.87 2.01
CA ASP A 109 -12.74 -10.24 3.19
C ASP A 109 -11.99 -11.26 4.03
N PRO A 110 -11.69 -10.88 5.28
CA PRO A 110 -10.75 -11.64 6.10
C PRO A 110 -11.37 -12.97 6.55
N THR A 111 -12.63 -13.18 6.20
CA THR A 111 -13.28 -14.46 6.45
C THR A 111 -12.90 -15.49 5.40
N THR A 112 -12.31 -15.02 4.31
CA THR A 112 -11.87 -15.90 3.22
C THR A 112 -10.50 -15.51 2.72
N GLN A 113 -10.13 -14.25 2.92
CA GLN A 113 -9.00 -13.66 2.22
C GLN A 113 -7.84 -13.39 3.17
N GLU A 114 -6.70 -14.00 2.88
CA GLU A 114 -5.47 -13.71 3.62
C GLU A 114 -4.66 -12.63 2.92
N ALA A 115 -3.76 -12.00 3.68
CA ALA A 115 -2.85 -11.01 3.12
C ALA A 115 -1.65 -11.68 2.46
N ILE A 116 -1.09 -11.02 1.45
CA ILE A 116 0.04 -11.57 0.72
C ILE A 116 1.23 -10.63 0.75
N PRO A 117 2.43 -11.18 0.94
CA PRO A 117 3.65 -10.41 0.84
C PRO A 117 3.70 -9.59 -0.44
N THR A 118 3.90 -8.29 -0.31
CA THR A 118 3.84 -7.38 -1.45
C THR A 118 5.08 -7.51 -2.32
N ARG A 119 4.88 -7.61 -3.63
CA ARG A 119 5.98 -7.55 -4.59
C ARG A 119 5.66 -6.61 -5.74
N PHE A 120 6.65 -5.84 -6.17
CA PHE A 120 6.46 -4.87 -7.23
C PHE A 120 7.23 -5.27 -8.48
N PRO A 121 6.60 -5.13 -9.64
CA PRO A 121 7.19 -5.56 -10.91
C PRO A 121 8.51 -4.83 -11.16
N PRO A 122 9.41 -5.50 -11.87
CA PRO A 122 10.66 -4.88 -12.29
C PRO A 122 10.40 -3.56 -13.00
N GLY A 123 11.19 -2.55 -12.66
CA GLY A 123 10.99 -1.20 -13.20
C GLY A 123 10.63 -0.21 -12.10
N THR A 124 9.87 -0.68 -11.12
CA THR A 124 9.58 0.12 -9.93
C THR A 124 10.83 0.31 -9.08
N ILE A 125 10.96 1.49 -8.49
CA ILE A 125 12.08 1.79 -7.61
C ILE A 125 11.63 1.85 -6.15
N LEU A 126 12.57 1.63 -5.24
CA LEU A 126 12.27 1.63 -3.81
C LEU A 126 13.05 2.71 -3.08
N PRO A 127 12.41 3.86 -2.86
CA PRO A 127 13.12 5.05 -2.40
C PRO A 127 13.94 4.74 -1.14
N GLN A 128 15.09 5.40 -1.03
CA GLN A 128 15.93 5.27 0.15
C GLN A 128 15.12 5.49 1.43
N GLY A 129 15.38 4.67 2.43
CA GLY A 129 14.72 4.80 3.72
C GLY A 129 13.60 3.77 3.87
N TYR A 130 13.24 3.13 2.77
CA TYR A 130 12.22 2.09 2.78
C TYR A 130 12.84 0.70 2.68
N TYR A 131 12.17 -0.28 3.26
CA TYR A 131 12.29 -1.66 2.80
C TYR A 131 10.97 -2.41 2.95
N VAL A 132 10.63 -3.21 1.94
CA VAL A 132 9.28 -3.73 1.79
C VAL A 132 9.09 -4.98 2.63
N GLU A 133 7.89 -5.12 3.21
CA GLU A 133 7.69 -6.02 4.34
C GLU A 133 6.77 -7.17 3.96
N GLY A 134 7.34 -8.36 3.80
CA GLY A 134 6.57 -9.55 3.47
C GLY A 134 6.21 -10.34 4.72
N SER A 135 6.50 -9.77 5.88
CA SER A 135 6.31 -10.47 7.15
C SER A 135 5.48 -9.64 8.12
N GLY A 136 4.53 -8.88 7.56
CA GLY A 136 3.66 -8.04 8.37
C GLY A 136 2.36 -8.76 8.72
N ARG A 137 1.27 -8.34 8.10
CA ARG A 137 -0.03 -8.99 8.31
C ARG A 137 -0.19 -10.19 7.40
N SER A 138 0.86 -10.52 6.66
CA SER A 138 0.85 -11.69 5.79
C SER A 138 1.35 -12.93 6.52
N GLY A 1 -9.23 4.13 16.73
CA GLY A 1 -9.03 4.09 15.28
C GLY A 1 -10.36 4.22 14.55
N ASN A 2 -10.47 5.25 13.71
CA ASN A 2 -11.69 5.51 12.97
C ASN A 2 -11.56 5.09 11.51
N THR A 3 -10.56 4.25 11.24
CA THR A 3 -10.30 3.79 9.88
C THR A 3 -11.41 2.89 9.38
N ILE A 4 -11.74 3.02 8.09
CA ILE A 4 -12.67 2.10 7.45
C ILE A 4 -12.41 0.66 7.88
N PRO A 5 -13.48 -0.07 8.16
CA PRO A 5 -13.36 -1.41 8.73
C PRO A 5 -13.01 -2.44 7.67
N HIS A 6 -11.83 -2.28 7.08
CA HIS A 6 -11.39 -3.18 6.02
C HIS A 6 -10.21 -4.04 6.48
N TYR A 7 -10.06 -5.21 5.88
CA TYR A 7 -8.81 -5.96 5.95
C TYR A 7 -7.89 -5.59 4.79
N SER A 8 -6.65 -5.27 5.13
CA SER A 8 -5.69 -4.78 4.14
C SER A 8 -5.44 -5.83 3.06
N TRP A 9 -5.30 -5.38 1.82
CA TRP A 9 -5.06 -6.29 0.70
C TRP A 9 -3.57 -6.58 0.54
N PHE A 10 -2.74 -5.87 1.30
CA PHE A 10 -1.31 -6.10 1.27
C PHE A 10 -0.68 -5.89 2.64
N SER A 11 0.47 -6.51 2.87
CA SER A 11 1.29 -6.19 4.03
C SER A 11 1.93 -4.81 3.89
N GLY A 12 2.31 -4.45 2.67
CA GLY A 12 2.80 -3.12 2.39
C GLY A 12 4.31 -3.04 2.47
N ILE A 13 4.86 -1.90 2.08
CA ILE A 13 6.29 -1.65 2.25
C ILE A 13 6.60 -1.08 3.63
N THR A 14 7.75 -1.47 4.17
CA THR A 14 8.14 -1.05 5.51
C THR A 14 9.23 0.02 5.46
N GLN A 15 8.94 1.18 6.05
CA GLN A 15 9.91 2.26 6.10
C GLN A 15 10.92 2.04 7.23
N PHE A 16 12.18 2.31 6.94
CA PHE A 16 13.24 2.21 7.94
C PHE A 16 13.77 3.58 8.33
N GLN A 17 13.88 4.46 7.36
CA GLN A 17 14.53 5.75 7.56
C GLN A 17 13.51 6.89 7.62
N LYS A 18 13.37 7.49 8.79
CA LYS A 18 12.38 8.54 9.00
C LYS A 18 12.71 9.78 8.19
N GLY A 19 13.97 9.90 7.79
CA GLY A 19 14.45 11.09 7.10
C GLY A 19 14.32 10.96 5.60
N ARG A 20 13.68 9.88 5.15
CA ARG A 20 13.52 9.62 3.73
C ARG A 20 12.05 9.54 3.36
N ASP A 21 11.68 10.14 2.23
CA ASP A 21 10.31 10.17 1.78
C ASP A 21 10.02 9.04 0.80
N PHE A 22 8.74 8.84 0.48
CA PHE A 22 8.33 7.74 -0.38
C PHE A 22 7.97 8.23 -1.78
N LYS A 23 8.81 7.90 -2.75
CA LYS A 23 8.70 8.48 -4.08
C LYS A 23 8.61 7.38 -5.14
N PHE A 24 7.82 7.66 -6.19
CA PHE A 24 7.79 6.78 -7.35
C PHE A 24 7.18 7.50 -8.55
N SER A 25 7.35 6.91 -9.73
CA SER A 25 6.86 7.52 -10.97
C SER A 25 5.55 6.87 -11.43
N ASP A 26 4.99 7.40 -12.49
CA ASP A 26 3.75 6.87 -13.06
C ASP A 26 3.91 5.39 -13.40
N GLY A 27 2.95 4.57 -12.93
CA GLY A 27 2.96 3.15 -13.20
C GLY A 27 3.88 2.41 -12.23
N GLN A 28 4.52 3.17 -11.34
CA GLN A 28 5.32 2.59 -10.27
C GLN A 28 4.58 2.66 -8.93
N GLY A 29 4.99 1.82 -7.99
CA GLY A 29 4.32 1.73 -6.69
C GLY A 29 3.06 0.88 -6.79
N VAL A 30 2.92 0.16 -7.89
CA VAL A 30 1.79 -0.73 -8.09
C VAL A 30 2.14 -2.17 -7.74
N PRO A 31 1.42 -2.75 -6.79
CA PRO A 31 1.72 -4.09 -6.29
C PRO A 31 1.03 -5.14 -7.14
N ILE A 32 1.53 -6.38 -7.06
CA ILE A 32 1.04 -7.46 -7.91
C ILE A 32 -0.14 -8.17 -7.27
N ALA A 33 -1.22 -8.30 -8.02
CA ALA A 33 -2.31 -9.20 -7.66
C ALA A 33 -1.99 -10.64 -8.06
N PHE A 34 -2.36 -11.59 -7.22
CA PHE A 34 -2.51 -12.97 -7.62
C PHE A 34 -3.67 -13.15 -8.60
N GLY A 35 -4.59 -12.19 -8.58
CA GLY A 35 -5.86 -12.34 -9.29
C GLY A 35 -5.76 -11.79 -10.70
N VAL A 36 -5.20 -10.58 -10.82
CA VAL A 36 -5.45 -9.74 -11.99
C VAL A 36 -4.15 -9.44 -12.73
N PRO A 37 -4.26 -9.13 -14.02
CA PRO A 37 -3.10 -8.86 -14.84
C PRO A 37 -2.52 -7.48 -14.54
N PRO A 38 -1.27 -7.27 -14.97
CA PRO A 38 -0.70 -5.93 -15.04
C PRO A 38 -1.73 -4.94 -15.59
N SER A 39 -2.53 -5.39 -16.55
CA SER A 39 -3.56 -4.55 -17.14
C SER A 39 -4.49 -3.97 -16.08
N GLU A 40 -4.78 -4.78 -15.07
CA GLU A 40 -5.69 -4.38 -14.00
C GLU A 40 -4.92 -3.92 -12.76
N ALA A 41 -3.61 -3.77 -12.90
CA ALA A 41 -2.76 -3.30 -11.81
C ALA A 41 -2.93 -1.80 -11.59
N LYS A 42 -3.91 -1.44 -10.77
CA LYS A 42 -4.25 -0.04 -10.57
C LYS A 42 -4.79 0.20 -9.17
N GLY A 43 -4.39 1.31 -8.56
CA GLY A 43 -4.73 1.59 -7.17
C GLY A 43 -4.46 3.05 -6.83
N TYR A 44 -4.39 3.34 -5.53
CA TYR A 44 -4.14 4.69 -5.06
C TYR A 44 -3.39 4.70 -3.73
N TRP A 45 -3.30 5.86 -3.11
CA TRP A 45 -2.42 6.06 -1.97
C TRP A 45 -3.02 5.45 -0.70
N TYR A 46 -2.16 5.06 0.23
CA TYR A 46 -2.55 4.97 1.64
C TYR A 46 -1.33 4.80 2.53
N ARG A 47 -1.43 5.29 3.75
CA ARG A 47 -0.31 5.26 4.70
C ARG A 47 -0.77 4.89 6.10
N HIS A 48 -0.10 3.92 6.69
CA HIS A 48 -0.40 3.53 8.08
C HIS A 48 0.74 3.91 9.01
N SER A 49 0.42 4.10 10.29
CA SER A 49 1.43 4.20 11.32
C SER A 49 1.76 2.84 11.93
N ARG A 50 3.04 2.63 12.24
CA ARG A 50 3.45 1.46 13.02
C ARG A 50 3.20 1.67 14.51
N ARG A 51 2.82 0.59 15.19
CA ARG A 51 2.47 0.66 16.60
C ARG A 51 3.69 0.91 17.47
N SER A 52 3.62 1.93 18.33
CA SER A 52 4.74 2.28 19.19
C SER A 52 4.43 1.95 20.64
N PHE A 53 5.48 1.76 21.44
CA PHE A 53 5.32 1.37 22.84
C PHE A 53 6.18 2.23 23.74
N LYS A 54 5.85 2.23 25.04
CA LYS A 54 6.66 2.91 26.04
C LYS A 54 6.96 2.01 27.22
N THR A 55 8.17 2.13 27.77
CA THR A 55 8.61 1.26 28.85
C THR A 55 8.21 1.82 30.21
N ALA A 56 8.41 1.02 31.25
CA ALA A 56 8.18 1.47 32.61
C ALA A 56 9.14 2.59 32.99
N ASP A 57 10.21 2.74 32.22
CA ASP A 57 11.23 3.73 32.51
C ASP A 57 11.02 4.99 31.68
N GLY A 58 9.84 5.12 31.09
CA GLY A 58 9.46 6.34 30.40
C GLY A 58 10.13 6.43 29.03
N GLN A 59 10.66 5.30 28.56
CA GLN A 59 11.35 5.26 27.28
C GLN A 59 10.38 4.93 26.15
N GLN A 60 10.08 5.91 25.32
CA GLN A 60 9.01 5.80 24.33
C GLN A 60 9.57 5.73 22.92
N LYS A 61 8.98 4.87 22.10
CA LYS A 61 9.38 4.75 20.69
C LYS A 61 8.80 5.89 19.87
N GLN A 62 9.52 6.29 18.82
CA GLN A 62 8.92 6.98 17.69
C GLN A 62 9.10 6.20 16.40
N LEU A 63 8.02 5.58 15.93
CA LEU A 63 8.12 4.59 14.86
C LEU A 63 7.73 5.20 13.52
N LEU A 64 7.79 4.39 12.47
CA LEU A 64 7.68 4.88 11.10
C LEU A 64 6.38 4.43 10.45
N PRO A 65 6.03 5.07 9.33
CA PRO A 65 4.85 4.70 8.57
C PRO A 65 4.97 3.28 8.04
N ARG A 66 3.83 2.61 7.88
CA ARG A 66 3.74 1.44 7.03
C ARG A 66 2.80 1.68 5.86
N TRP A 67 3.35 1.60 4.65
CA TRP A 67 2.67 2.11 3.47
C TRP A 67 1.77 1.05 2.84
N TYR A 68 0.49 1.37 2.71
CA TYR A 68 -0.51 0.39 2.31
C TYR A 68 -1.04 0.67 0.90
N PHE A 69 -1.55 -0.38 0.26
CA PHE A 69 -1.85 -0.30 -1.17
C PHE A 69 -3.20 -0.94 -1.47
N TYR A 70 -4.11 -0.14 -2.02
CA TYR A 70 -5.48 -0.59 -2.27
C TYR A 70 -5.81 -0.52 -3.76
N TYR A 71 -6.62 -1.46 -4.23
CA TYR A 71 -7.04 -1.48 -5.63
C TYR A 71 -8.13 -0.44 -5.89
N LEU A 72 -8.07 0.17 -7.06
CA LEU A 72 -9.15 1.05 -7.52
C LEU A 72 -10.48 0.31 -7.57
N GLY A 73 -11.49 0.87 -6.91
CA GLY A 73 -12.79 0.22 -6.79
C GLY A 73 -13.02 -0.30 -5.37
N THR A 74 -11.97 -0.28 -4.56
CA THR A 74 -12.06 -0.77 -3.19
C THR A 74 -11.12 0.00 -2.28
N GLY A 75 -11.54 0.19 -1.03
CA GLY A 75 -10.65 0.67 0.02
C GLY A 75 -11.19 1.96 0.65
N PRO A 76 -10.39 2.56 1.52
CA PRO A 76 -10.80 3.77 2.22
C PRO A 76 -11.38 4.80 1.26
N TYR A 77 -10.84 4.84 0.05
CA TYR A 77 -11.34 5.74 -0.98
C TYR A 77 -11.69 4.98 -2.25
N ALA A 78 -12.44 3.89 -2.09
CA ALA A 78 -12.65 2.95 -3.18
C ALA A 78 -13.01 3.66 -4.47
N ASN A 79 -13.83 4.69 -4.36
CA ASN A 79 -14.40 5.34 -5.54
C ASN A 79 -14.11 6.84 -5.54
N ALA A 80 -12.91 7.20 -5.09
CA ALA A 80 -12.36 8.52 -5.36
C ALA A 80 -12.14 8.73 -6.86
N SER A 81 -12.24 9.98 -7.30
CA SER A 81 -11.78 10.36 -8.63
C SER A 81 -10.27 10.19 -8.76
N TYR A 82 -9.86 9.57 -9.86
CA TYR A 82 -8.45 9.24 -10.07
C TYR A 82 -7.59 10.49 -10.12
N GLY A 83 -8.24 11.65 -10.19
CA GLY A 83 -7.53 12.92 -10.29
C GLY A 83 -7.27 13.51 -8.91
N GLU A 84 -7.70 12.81 -7.87
CA GLU A 84 -7.59 13.30 -6.50
C GLU A 84 -6.19 13.05 -5.95
N SER A 85 -5.22 13.83 -6.42
CA SER A 85 -3.88 13.82 -5.84
C SER A 85 -3.68 14.99 -4.89
N LEU A 86 -3.49 14.70 -3.61
CA LEU A 86 -3.48 15.71 -2.58
C LEU A 86 -2.06 16.01 -2.10
N GLU A 87 -1.94 16.92 -1.15
CA GLU A 87 -0.66 17.16 -0.47
C GLU A 87 -0.20 15.93 0.28
N GLY A 88 1.01 15.47 -0.03
CA GLY A 88 1.55 14.26 0.59
C GLY A 88 0.98 13.01 -0.06
N VAL A 89 0.20 13.20 -1.12
CA VAL A 89 -0.50 12.09 -1.76
C VAL A 89 0.00 11.87 -3.18
N PHE A 90 0.05 10.62 -3.60
CA PHE A 90 0.44 10.27 -4.96
C PHE A 90 -0.42 9.14 -5.51
N TRP A 91 -1.27 9.46 -6.49
CA TRP A 91 -2.13 8.47 -7.12
C TRP A 91 -1.37 7.66 -8.14
N VAL A 92 -1.74 6.38 -8.26
CA VAL A 92 -0.93 5.42 -9.01
C VAL A 92 -1.80 4.59 -9.94
N ALA A 93 -1.21 4.13 -11.04
CA ALA A 93 -1.57 2.85 -11.63
C ALA A 93 -0.72 2.54 -12.86
N ASN A 94 -0.71 1.29 -13.29
CA ASN A 94 0.12 0.85 -14.39
C ASN A 94 -0.26 1.57 -15.68
N HIS A 95 0.66 1.58 -16.64
CA HIS A 95 0.43 2.26 -17.91
C HIS A 95 -0.67 1.58 -18.71
N GLN A 96 -0.97 0.33 -18.36
CA GLN A 96 -2.05 -0.41 -19.01
C GLN A 96 -3.39 -0.08 -18.38
N ALA A 97 -3.35 0.54 -17.21
CA ALA A 97 -4.54 0.68 -16.36
C ALA A 97 -5.61 1.53 -17.05
N ASP A 98 -6.87 1.15 -16.87
CA ASP A 98 -7.98 2.07 -17.06
C ASP A 98 -8.51 2.57 -15.71
N THR A 99 -8.22 3.84 -15.41
CA THR A 99 -8.36 4.35 -14.05
C THR A 99 -9.55 5.30 -13.94
N SER A 100 -10.53 5.12 -14.82
CA SER A 100 -11.84 5.71 -14.64
C SER A 100 -12.80 4.74 -13.95
N THR A 101 -12.26 3.62 -13.49
CA THR A 101 -13.07 2.43 -13.25
C THR A 101 -12.64 1.73 -11.97
N PRO A 102 -13.52 0.90 -11.43
CA PRO A 102 -13.15 -0.06 -10.40
C PRO A 102 -12.35 -1.21 -10.99
N SER A 103 -11.47 -1.81 -10.17
CA SER A 103 -10.59 -2.87 -10.64
C SER A 103 -11.32 -4.20 -10.70
N ASP A 104 -10.65 -5.22 -11.23
CA ASP A 104 -11.17 -6.59 -11.20
C ASP A 104 -11.15 -7.15 -9.79
N VAL A 105 -10.52 -6.42 -8.87
CA VAL A 105 -10.00 -7.01 -7.65
C VAL A 105 -10.45 -6.22 -6.42
N SER A 106 -11.12 -6.90 -5.50
CA SER A 106 -11.92 -6.23 -4.48
C SER A 106 -11.94 -7.02 -3.19
N SER A 107 -12.95 -6.79 -2.36
CA SER A 107 -13.06 -7.43 -1.06
C SER A 107 -12.98 -8.94 -1.20
N ARG A 108 -11.96 -9.54 -0.59
CA ARG A 108 -11.87 -10.99 -0.46
C ARG A 108 -11.87 -11.41 1.01
N ASP A 109 -12.29 -12.64 1.27
CA ASP A 109 -12.23 -13.20 2.61
C ASP A 109 -10.80 -13.25 3.13
N PRO A 110 -10.56 -12.57 4.23
CA PRO A 110 -9.21 -12.47 4.79
C PRO A 110 -8.77 -13.79 5.44
N THR A 111 -9.68 -14.76 5.45
CA THR A 111 -9.30 -16.15 5.68
C THR A 111 -8.28 -16.62 4.65
N THR A 112 -8.38 -16.08 3.43
CA THR A 112 -7.43 -16.41 2.37
C THR A 112 -6.46 -15.26 2.14
N GLN A 113 -6.96 -14.04 2.27
CA GLN A 113 -6.20 -12.86 1.85
C GLN A 113 -6.15 -11.81 2.95
N GLU A 114 -5.12 -11.90 3.78
CA GLU A 114 -4.85 -10.85 4.77
C GLU A 114 -3.37 -10.46 4.76
N ALA A 115 -3.12 -9.16 4.67
CA ALA A 115 -1.77 -8.63 4.81
C ALA A 115 -0.75 -9.52 4.09
N ILE A 116 -0.86 -9.57 2.76
CA ILE A 116 -0.09 -10.52 1.98
C ILE A 116 1.25 -9.94 1.58
N PRO A 117 2.29 -10.76 1.64
CA PRO A 117 3.64 -10.35 1.24
C PRO A 117 3.61 -9.65 -0.12
N THR A 118 3.91 -8.36 -0.12
CA THR A 118 3.69 -7.52 -1.28
C THR A 118 4.83 -7.66 -2.30
N ARG A 119 4.47 -7.71 -3.57
CA ARG A 119 5.46 -7.80 -4.63
C ARG A 119 5.20 -6.77 -5.72
N PHE A 120 6.26 -6.14 -6.21
CA PHE A 120 6.15 -5.14 -7.27
C PHE A 120 6.88 -5.58 -8.52
N PRO A 121 6.28 -5.33 -9.67
CA PRO A 121 6.85 -5.74 -10.95
C PRO A 121 8.24 -5.14 -11.15
N PRO A 122 9.10 -5.86 -11.85
CA PRO A 122 10.42 -5.35 -12.20
C PRO A 122 10.32 -4.01 -12.91
N GLY A 123 11.20 -3.09 -12.55
CA GLY A 123 11.19 -1.75 -13.13
C GLY A 123 10.59 -0.73 -12.17
N THR A 124 9.90 -1.23 -11.15
CA THR A 124 9.37 -0.37 -10.09
C THR A 124 10.46 0.04 -9.12
N ILE A 125 10.45 1.31 -8.73
CA ILE A 125 11.45 1.84 -7.82
C ILE A 125 11.10 1.55 -6.36
N LEU A 126 12.11 1.57 -5.50
CA LEU A 126 11.89 1.36 -4.07
C LEU A 126 12.68 2.37 -3.24
N PRO A 127 12.00 3.43 -2.82
CA PRO A 127 12.70 4.63 -2.35
C PRO A 127 13.72 4.28 -1.27
N GLN A 128 14.87 4.95 -1.34
CA GLN A 128 15.90 4.81 -0.30
C GLN A 128 15.30 5.01 1.08
N GLY A 129 15.57 4.06 1.98
CA GLY A 129 15.08 4.15 3.35
C GLY A 129 13.89 3.22 3.57
N TYR A 130 13.48 2.54 2.51
CA TYR A 130 12.42 1.55 2.60
C TYR A 130 12.89 0.18 2.14
N TYR A 131 12.38 -0.87 2.77
CA TYR A 131 12.29 -2.18 2.15
C TYR A 131 10.91 -2.80 2.35
N VAL A 132 10.58 -3.79 1.52
CA VAL A 132 9.24 -4.35 1.51
C VAL A 132 9.17 -5.66 2.29
N GLU A 133 8.10 -5.83 3.05
CA GLU A 133 8.02 -6.90 4.04
C GLU A 133 6.64 -7.54 4.05
N GLY A 134 6.51 -8.64 4.79
CA GLY A 134 5.21 -9.25 5.02
C GLY A 134 5.32 -10.76 5.15
N SER A 135 4.56 -11.34 6.07
CA SER A 135 4.53 -12.78 6.26
C SER A 135 3.10 -13.28 6.46
N GLY A 136 2.15 -12.62 5.83
CA GLY A 136 0.74 -12.83 6.13
C GLY A 136 0.24 -11.87 7.20
N ARG A 137 1.17 -11.13 7.79
CA ARG A 137 0.82 -10.07 8.73
C ARG A 137 1.65 -8.82 8.48
N SER A 138 1.08 -7.66 8.79
CA SER A 138 1.82 -6.41 8.80
C SER A 138 2.57 -6.21 10.10
N GLY A 1 -4.93 6.96 7.70
CA GLY A 1 -6.27 7.04 7.12
C GLY A 1 -7.15 7.98 7.92
N ASN A 2 -7.96 8.76 7.23
CA ASN A 2 -8.83 9.74 7.87
C ASN A 2 -10.29 9.32 7.80
N THR A 3 -10.52 8.04 7.53
CA THR A 3 -11.86 7.51 7.37
C THR A 3 -12.01 6.15 8.03
N ILE A 4 -12.97 5.37 7.57
CA ILE A 4 -13.13 3.98 8.01
C ILE A 4 -11.77 3.34 8.29
N PRO A 5 -11.67 2.67 9.42
CA PRO A 5 -10.40 2.07 9.84
C PRO A 5 -10.11 0.79 9.07
N HIS A 6 -10.07 0.90 7.75
CA HIS A 6 -9.85 -0.25 6.89
C HIS A 6 -8.51 -0.15 6.17
N TYR A 7 -8.05 -1.27 5.64
CA TYR A 7 -6.74 -1.32 4.97
C TYR A 7 -6.67 -2.49 4.00
N SER A 8 -5.56 -2.58 3.27
CA SER A 8 -5.38 -3.62 2.27
C SER A 8 -5.06 -4.97 2.93
N TRP A 9 -5.22 -6.03 2.17
CA TRP A 9 -4.75 -7.35 2.60
C TRP A 9 -3.26 -7.53 2.32
N PHE A 10 -2.75 -6.77 1.37
CA PHE A 10 -1.31 -6.68 1.15
C PHE A 10 -0.57 -6.30 2.43
N SER A 11 0.64 -6.82 2.60
CA SER A 11 1.63 -6.19 3.44
C SER A 11 2.09 -4.86 2.86
N GLY A 12 2.53 -3.96 3.74
CA GLY A 12 3.04 -2.66 3.31
C GLY A 12 4.53 -2.74 3.01
N ILE A 13 5.05 -1.68 2.38
CA ILE A 13 6.48 -1.39 2.43
C ILE A 13 6.87 -0.80 3.78
N THR A 14 8.01 -1.25 4.30
CA THR A 14 8.44 -0.87 5.65
C THR A 14 9.39 0.32 5.60
N GLN A 15 8.94 1.45 6.14
CA GLN A 15 9.77 2.64 6.19
C GLN A 15 10.83 2.53 7.27
N PHE A 16 12.05 2.96 6.94
CA PHE A 16 13.15 2.97 7.89
C PHE A 16 13.51 4.38 8.33
N GLN A 17 13.40 5.32 7.39
CA GLN A 17 13.78 6.69 7.66
C GLN A 17 12.60 7.63 7.50
N LYS A 18 12.13 8.19 8.62
CA LYS A 18 10.93 9.01 8.62
C LYS A 18 11.10 10.26 7.77
N GLY A 19 12.35 10.72 7.65
CA GLY A 19 12.63 12.01 7.03
C GLY A 19 12.89 11.85 5.54
N ARG A 20 12.49 10.70 4.99
CA ARG A 20 12.66 10.45 3.56
C ARG A 20 11.32 10.16 2.90
N ASP A 21 11.12 10.72 1.71
CA ASP A 21 9.82 10.71 1.06
C ASP A 21 9.65 9.48 0.17
N PHE A 22 8.44 9.28 -0.33
CA PHE A 22 8.13 8.09 -1.12
C PHE A 22 7.72 8.47 -2.54
N LYS A 23 8.57 8.10 -3.50
CA LYS A 23 8.41 8.57 -4.87
C LYS A 23 8.20 7.40 -5.82
N PHE A 24 7.45 7.65 -6.91
CA PHE A 24 7.40 6.73 -8.03
C PHE A 24 6.72 7.37 -9.24
N SER A 25 6.83 6.72 -10.39
CA SER A 25 6.34 7.28 -11.64
C SER A 25 5.03 6.65 -12.06
N ASP A 26 4.48 7.10 -13.17
CA ASP A 26 3.27 6.53 -13.74
C ASP A 26 3.48 5.06 -14.09
N GLY A 27 2.54 4.21 -13.68
CA GLY A 27 2.64 2.78 -13.92
C GLY A 27 3.77 2.16 -13.11
N GLN A 28 4.26 2.91 -12.12
CA GLN A 28 5.31 2.42 -11.24
C GLN A 28 4.89 2.50 -9.79
N GLY A 29 5.17 1.44 -9.03
CA GLY A 29 4.73 1.35 -7.64
C GLY A 29 3.40 0.60 -7.54
N VAL A 30 3.08 -0.16 -8.57
CA VAL A 30 1.92 -1.06 -8.53
C VAL A 30 2.35 -2.49 -8.22
N PRO A 31 1.77 -3.06 -7.16
CA PRO A 31 2.23 -4.32 -6.62
C PRO A 31 1.67 -5.50 -7.41
N ILE A 32 2.31 -6.66 -7.29
CA ILE A 32 1.91 -7.85 -8.04
C ILE A 32 0.76 -8.57 -7.36
N ALA A 33 -0.33 -8.74 -8.09
CA ALA A 33 -1.53 -9.37 -7.54
C ALA A 33 -1.64 -10.81 -8.00
N PHE A 34 -2.15 -11.68 -7.12
CA PHE A 34 -2.38 -13.07 -7.45
C PHE A 34 -3.64 -13.22 -8.31
N GLY A 35 -4.55 -12.27 -8.19
CA GLY A 35 -5.89 -12.42 -8.75
C GLY A 35 -6.04 -11.64 -10.05
N VAL A 36 -5.50 -10.43 -10.07
CA VAL A 36 -5.82 -9.47 -11.12
C VAL A 36 -4.57 -9.06 -11.89
N PRO A 37 -4.68 -9.07 -13.22
CA PRO A 37 -3.50 -8.96 -14.09
C PRO A 37 -2.94 -7.55 -14.07
N PRO A 38 -1.68 -7.42 -14.48
CA PRO A 38 -1.09 -6.12 -14.76
C PRO A 38 -2.06 -5.24 -15.54
N SER A 39 -2.84 -5.85 -16.42
CA SER A 39 -3.79 -5.13 -17.26
C SER A 39 -4.75 -4.30 -16.41
N GLU A 40 -5.15 -4.86 -15.28
CA GLU A 40 -6.09 -4.18 -14.39
C GLU A 40 -5.42 -3.72 -13.11
N ALA A 41 -4.11 -3.91 -13.04
CA ALA A 41 -3.32 -3.43 -11.90
C ALA A 41 -3.42 -1.92 -11.77
N LYS A 42 -4.14 -1.45 -10.76
CA LYS A 42 -4.41 -0.03 -10.59
C LYS A 42 -4.92 0.27 -9.19
N GLY A 43 -4.41 1.35 -8.60
CA GLY A 43 -4.76 1.71 -7.23
C GLY A 43 -4.28 3.12 -6.89
N TYR A 44 -4.13 3.40 -5.61
CA TYR A 44 -3.61 4.68 -5.16
C TYR A 44 -3.06 4.58 -3.74
N TRP A 45 -2.74 5.74 -3.15
CA TRP A 45 -2.05 5.77 -1.86
C TRP A 45 -2.90 5.11 -0.77
N TYR A 46 -2.23 4.59 0.25
CA TYR A 46 -2.80 4.50 1.59
C TYR A 46 -1.72 4.35 2.64
N ARG A 47 -1.98 4.90 3.82
CA ARG A 47 -0.99 4.90 4.90
C ARG A 47 -1.64 4.58 6.24
N HIS A 48 -0.97 3.73 7.01
CA HIS A 48 -1.35 3.51 8.41
C HIS A 48 -0.33 4.11 9.36
N SER A 49 -0.79 4.59 10.50
CA SER A 49 0.09 5.14 11.52
C SER A 49 0.93 4.05 12.16
N ARG A 50 2.12 4.43 12.64
CA ARG A 50 2.99 3.52 13.37
C ARG A 50 2.28 2.94 14.59
N ARG A 51 2.61 1.70 14.93
CA ARG A 51 2.23 1.12 16.21
C ARG A 51 3.34 0.25 16.77
N SER A 52 3.89 0.67 17.92
CA SER A 52 5.07 0.02 18.48
C SER A 52 4.77 -0.55 19.85
N PHE A 53 5.58 -1.52 20.28
CA PHE A 53 5.37 -2.21 21.54
C PHE A 53 6.63 -2.20 22.40
N LYS A 54 6.46 -2.46 23.69
CA LYS A 54 7.58 -2.47 24.62
C LYS A 54 8.35 -3.79 24.53
N THR A 55 9.44 -3.87 25.29
CA THR A 55 10.29 -5.06 25.26
C THR A 55 10.39 -5.69 26.64
N ALA A 56 11.03 -6.86 26.71
CA ALA A 56 11.27 -7.53 27.98
C ALA A 56 12.19 -6.71 28.87
N ASP A 57 12.91 -5.77 28.28
CA ASP A 57 13.90 -5.00 29.00
C ASP A 57 13.37 -3.62 29.40
N GLY A 58 12.05 -3.47 29.31
CA GLY A 58 11.40 -2.24 29.75
C GLY A 58 11.54 -1.13 28.72
N GLN A 59 11.99 -1.51 27.52
CA GLN A 59 12.21 -0.54 26.45
C GLN A 59 11.10 -0.60 25.42
N GLN A 60 11.03 0.43 24.57
CA GLN A 60 10.05 0.47 23.49
C GLN A 60 10.69 0.92 22.19
N LYS A 61 10.27 0.31 21.09
CA LYS A 61 10.84 0.61 19.78
C LYS A 61 10.23 1.89 19.20
N GLN A 62 11.06 2.70 18.55
CA GLN A 62 10.59 3.76 17.68
C GLN A 62 10.28 3.23 16.28
N LEU A 63 9.08 3.52 15.79
CA LEU A 63 8.57 2.87 14.59
C LEU A 63 8.03 3.89 13.59
N LEU A 64 7.84 3.45 12.36
CA LEU A 64 7.55 4.37 11.26
C LEU A 64 6.24 3.98 10.56
N PRO A 65 5.67 4.93 9.82
CA PRO A 65 4.44 4.68 9.09
C PRO A 65 4.60 3.52 8.11
N ARG A 66 3.51 2.82 7.85
CA ARG A 66 3.50 1.77 6.84
C ARG A 66 2.66 2.17 5.63
N TRP A 67 3.10 1.76 4.45
CA TRP A 67 2.43 2.13 3.21
C TRP A 67 1.63 0.95 2.66
N TYR A 68 0.33 1.16 2.46
CA TYR A 68 -0.59 0.08 2.14
C TYR A 68 -1.13 0.20 0.73
N PHE A 69 -1.59 -0.92 0.17
CA PHE A 69 -1.79 -1.02 -1.26
C PHE A 69 -3.09 -1.76 -1.58
N TYR A 70 -4.04 -1.05 -2.20
CA TYR A 70 -5.28 -1.66 -2.65
C TYR A 70 -5.79 -0.99 -3.92
N TYR A 71 -6.93 -1.45 -4.41
CA TYR A 71 -7.28 -1.32 -5.82
C TYR A 71 -8.32 -0.23 -6.02
N LEU A 72 -8.24 0.45 -7.17
CA LEU A 72 -9.26 1.41 -7.55
C LEU A 72 -10.63 0.75 -7.66
N GLY A 73 -11.57 1.20 -6.84
CA GLY A 73 -12.88 0.57 -6.74
C GLY A 73 -13.04 -0.12 -5.39
N THR A 74 -11.97 -0.13 -4.60
CA THR A 74 -11.98 -0.81 -3.31
C THR A 74 -11.38 0.07 -2.22
N GLY A 75 -11.80 -0.15 -0.98
CA GLY A 75 -11.01 0.21 0.18
C GLY A 75 -11.53 1.49 0.82
N PRO A 76 -10.75 2.02 1.77
CA PRO A 76 -11.20 3.15 2.58
C PRO A 76 -11.74 4.28 1.71
N TYR A 77 -11.05 4.55 0.60
CA TYR A 77 -11.49 5.58 -0.34
C TYR A 77 -11.82 4.97 -1.70
N ALA A 78 -12.58 3.89 -1.69
CA ALA A 78 -12.78 3.07 -2.89
C ALA A 78 -13.19 3.94 -4.07
N ASN A 79 -13.87 5.04 -3.78
CA ASN A 79 -14.43 5.89 -4.83
C ASN A 79 -13.69 7.21 -4.92
N ALA A 80 -12.42 7.20 -4.53
CA ALA A 80 -11.55 8.35 -4.71
C ALA A 80 -11.61 8.86 -6.14
N SER A 81 -11.60 10.19 -6.30
CA SER A 81 -11.49 10.80 -7.62
C SER A 81 -10.09 10.64 -8.19
N TYR A 82 -10.01 10.11 -9.40
CA TYR A 82 -8.73 9.89 -10.06
C TYR A 82 -7.94 11.19 -10.19
N GLY A 83 -6.85 11.28 -9.44
CA GLY A 83 -6.05 12.51 -9.42
C GLY A 83 -5.83 13.00 -7.99
N GLU A 84 -6.47 12.32 -7.04
CA GLU A 84 -6.32 12.66 -5.62
C GLU A 84 -4.90 12.41 -5.15
N SER A 85 -3.98 13.29 -5.54
CA SER A 85 -2.61 13.23 -5.06
C SER A 85 -2.34 14.30 -4.00
N LEU A 86 -2.02 13.86 -2.79
CA LEU A 86 -1.93 14.76 -1.65
C LEU A 86 -0.48 15.02 -1.26
N GLU A 87 -0.29 15.77 -0.19
CA GLU A 87 1.03 15.90 0.42
C GLU A 87 1.52 14.57 0.98
N GLY A 88 2.72 14.17 0.58
CA GLY A 88 3.26 12.88 0.96
C GLY A 88 2.58 11.75 0.19
N VAL A 89 1.85 12.12 -0.87
CA VAL A 89 1.02 11.16 -1.58
C VAL A 89 1.28 11.22 -3.09
N PHE A 90 1.10 10.09 -3.76
CA PHE A 90 1.10 10.06 -5.22
C PHE A 90 0.16 8.97 -5.73
N TRP A 91 -0.62 9.32 -6.76
CA TRP A 91 -1.54 8.37 -7.37
C TRP A 91 -0.81 7.44 -8.33
N VAL A 92 -1.27 6.20 -8.44
CA VAL A 92 -0.61 5.19 -9.25
C VAL A 92 -1.61 4.45 -10.13
N ALA A 93 -1.13 3.94 -11.26
CA ALA A 93 -1.64 2.69 -11.81
C ALA A 93 -0.90 2.31 -13.09
N ASN A 94 -1.02 1.05 -13.48
CA ASN A 94 -0.26 0.51 -14.60
C ASN A 94 -0.62 1.21 -15.90
N HIS A 95 0.25 1.12 -16.89
CA HIS A 95 0.03 1.78 -18.17
C HIS A 95 -1.08 1.11 -18.96
N GLN A 96 -1.45 -0.10 -18.55
CA GLN A 96 -2.58 -0.80 -19.14
C GLN A 96 -3.89 -0.42 -18.47
N ALA A 97 -3.79 0.22 -17.31
CA ALA A 97 -4.95 0.47 -16.46
C ALA A 97 -5.95 1.38 -17.16
N ASP A 98 -7.23 1.16 -16.90
CA ASP A 98 -8.24 2.19 -17.06
C ASP A 98 -8.65 2.78 -15.71
N THR A 99 -8.27 4.03 -15.47
CA THR A 99 -8.31 4.60 -14.14
C THR A 99 -9.39 5.67 -14.01
N SER A 100 -10.40 5.58 -14.88
CA SER A 100 -11.64 6.32 -14.70
C SER A 100 -12.67 5.50 -13.96
N THR A 101 -12.27 4.34 -13.47
CA THR A 101 -13.20 3.26 -13.18
C THR A 101 -12.81 2.54 -11.88
N PRO A 102 -13.78 1.83 -11.31
CA PRO A 102 -13.49 0.76 -10.35
C PRO A 102 -12.89 -0.44 -11.06
N SER A 103 -11.93 -1.09 -10.42
CA SER A 103 -11.15 -2.14 -11.06
C SER A 103 -11.94 -3.45 -11.12
N ASP A 104 -11.38 -4.43 -11.83
CA ASP A 104 -11.99 -5.75 -11.90
C ASP A 104 -11.53 -6.64 -10.75
N VAL A 105 -11.10 -6.01 -9.66
CA VAL A 105 -10.54 -6.73 -8.53
C VAL A 105 -11.19 -6.31 -7.22
N SER A 106 -11.79 -7.27 -6.52
CA SER A 106 -12.68 -6.97 -5.41
C SER A 106 -11.92 -6.88 -4.09
N SER A 107 -10.62 -7.17 -4.14
CA SER A 107 -9.80 -7.18 -2.95
C SER A 107 -10.40 -8.09 -1.87
N ARG A 108 -10.10 -7.77 -0.61
CA ARG A 108 -10.45 -8.67 0.50
C ARG A 108 -10.77 -7.87 1.76
N ASP A 109 -11.50 -8.51 2.68
CA ASP A 109 -11.54 -8.06 4.06
C ASP A 109 -10.40 -8.67 4.87
N PRO A 110 -9.49 -7.81 5.33
CA PRO A 110 -8.30 -8.28 6.05
C PRO A 110 -8.65 -8.64 7.49
N THR A 111 -9.93 -8.59 7.82
CA THR A 111 -10.46 -9.34 8.96
C THR A 111 -10.17 -10.83 8.82
N THR A 112 -10.13 -11.31 7.59
CA THR A 112 -9.76 -12.69 7.31
C THR A 112 -8.34 -12.79 6.78
N GLN A 113 -7.95 -11.83 5.95
CA GLN A 113 -6.74 -11.96 5.14
C GLN A 113 -5.88 -10.71 5.24
N GLU A 114 -4.87 -10.76 6.11
CA GLU A 114 -4.02 -9.59 6.36
C GLU A 114 -2.56 -9.92 6.10
N ALA A 115 -1.87 -8.98 5.46
CA ALA A 115 -0.41 -8.97 5.48
C ALA A 115 0.17 -10.10 4.64
N ILE A 116 -0.26 -10.17 3.38
CA ILE A 116 0.34 -11.08 2.41
C ILE A 116 1.48 -10.41 1.66
N PRO A 117 2.57 -11.15 1.46
CA PRO A 117 3.80 -10.56 0.94
C PRO A 117 3.53 -9.74 -0.31
N THR A 118 3.97 -8.49 -0.30
CA THR A 118 3.85 -7.62 -1.46
C THR A 118 5.11 -7.65 -2.30
N ARG A 119 4.94 -7.72 -3.62
CA ARG A 119 6.06 -7.69 -4.55
C ARG A 119 5.81 -6.70 -5.69
N PHE A 120 6.86 -6.02 -6.13
CA PHE A 120 6.77 -5.10 -7.25
C PHE A 120 7.63 -5.57 -8.41
N PRO A 121 7.10 -5.45 -9.63
CA PRO A 121 7.81 -5.88 -10.82
C PRO A 121 9.16 -5.18 -10.93
N PRO A 122 10.13 -5.89 -11.52
CA PRO A 122 11.45 -5.32 -11.77
C PRO A 122 11.33 -3.99 -12.52
N GLY A 123 12.10 -3.00 -12.09
CA GLY A 123 12.08 -1.69 -12.72
C GLY A 123 11.34 -0.67 -11.85
N THR A 124 10.56 -1.17 -10.89
CA THR A 124 9.88 -0.31 -9.93
C THR A 124 10.86 0.25 -8.90
N ILE A 125 10.70 1.52 -8.58
CA ILE A 125 11.58 2.19 -7.62
C ILE A 125 11.21 1.82 -6.19
N LEU A 126 12.18 1.93 -5.29
CA LEU A 126 11.94 1.66 -3.87
C LEU A 126 12.64 2.69 -2.99
N PRO A 127 11.94 3.78 -2.69
CA PRO A 127 12.59 5.05 -2.38
C PRO A 127 13.50 4.92 -1.18
N GLN A 128 14.56 5.73 -1.16
CA GLN A 128 15.47 5.77 -0.03
C GLN A 128 14.71 5.84 1.29
N GLY A 129 15.06 4.97 2.23
CA GLY A 129 14.48 4.99 3.56
C GLY A 129 13.35 3.98 3.69
N TYR A 130 13.11 3.22 2.62
CA TYR A 130 12.10 2.17 2.62
C TYR A 130 12.70 0.84 2.20
N TYR A 131 12.16 -0.25 2.74
CA TYR A 131 12.28 -1.56 2.11
C TYR A 131 11.07 -2.43 2.44
N VAL A 132 10.71 -3.31 1.51
CA VAL A 132 9.42 -3.98 1.53
C VAL A 132 9.48 -5.28 2.32
N GLU A 133 8.40 -5.57 3.04
CA GLU A 133 8.38 -6.70 3.96
C GLU A 133 7.23 -7.65 3.64
N GLY A 134 7.33 -8.89 4.14
CA GLY A 134 6.43 -9.95 3.72
C GLY A 134 5.43 -10.29 4.82
N SER A 135 5.17 -11.58 4.99
CA SER A 135 4.01 -12.03 5.77
C SER A 135 4.14 -11.65 7.23
N GLY A 136 3.19 -10.85 7.71
CA GLY A 136 3.12 -10.53 9.13
C GLY A 136 4.18 -9.52 9.53
N ARG A 137 4.97 -9.09 8.55
CA ARG A 137 6.10 -8.20 8.81
C ARG A 137 5.88 -6.83 8.21
N SER A 138 4.67 -6.60 7.70
CA SER A 138 4.32 -5.31 7.12
C SER A 138 4.99 -4.16 7.86
N GLY A 1 1.45 3.50 19.91
CA GLY A 1 1.55 2.13 20.38
C GLY A 1 0.98 1.15 19.36
N ASN A 2 -0.30 0.83 19.50
CA ASN A 2 -0.96 -0.10 18.59
C ASN A 2 -1.52 0.62 17.38
N THR A 3 -1.64 -0.11 16.27
CA THR A 3 -2.20 0.45 15.05
C THR A 3 -3.71 0.29 15.01
N ILE A 4 -4.39 1.30 14.46
CA ILE A 4 -5.82 1.20 14.19
C ILE A 4 -6.17 -0.15 13.58
N PRO A 5 -7.26 -0.75 14.05
CA PRO A 5 -7.62 -2.11 13.67
C PRO A 5 -8.25 -2.15 12.29
N HIS A 6 -7.46 -1.83 11.27
CA HIS A 6 -7.93 -1.84 9.90
C HIS A 6 -7.30 -2.97 9.09
N TYR A 7 -7.90 -3.29 7.96
CA TYR A 7 -7.42 -4.39 7.12
C TYR A 7 -6.91 -3.87 5.77
N SER A 8 -6.11 -4.69 5.10
CA SER A 8 -5.54 -4.32 3.80
C SER A 8 -5.44 -5.52 2.88
N TRP A 9 -5.61 -5.28 1.58
CA TRP A 9 -5.48 -6.34 0.58
C TRP A 9 -4.04 -6.80 0.46
N PHE A 10 -3.11 -5.94 0.88
CA PHE A 10 -1.69 -6.28 0.89
C PHE A 10 -1.04 -5.94 2.23
N SER A 11 0.10 -6.55 2.49
CA SER A 11 1.10 -5.94 3.37
C SER A 11 1.69 -4.68 2.76
N GLY A 12 2.27 -3.84 3.62
CA GLY A 12 2.76 -2.54 3.18
C GLY A 12 4.27 -2.55 2.98
N ILE A 13 4.80 -1.49 2.39
CA ILE A 13 6.24 -1.23 2.42
C ILE A 13 6.65 -0.63 3.75
N THR A 14 7.74 -1.15 4.32
CA THR A 14 8.15 -0.79 5.67
C THR A 14 9.31 0.20 5.64
N GLN A 15 9.07 1.39 6.17
CA GLN A 15 10.11 2.41 6.26
C GLN A 15 11.07 2.12 7.42
N PHE A 16 12.36 2.34 7.18
CA PHE A 16 13.36 2.19 8.22
C PHE A 16 13.93 3.54 8.64
N GLN A 17 14.15 4.40 7.65
CA GLN A 17 14.86 5.67 7.88
C GLN A 17 13.91 6.85 7.85
N LYS A 18 13.76 7.53 8.98
CA LYS A 18 12.87 8.68 9.09
C LYS A 18 13.36 9.82 8.20
N GLY A 19 12.43 10.56 7.63
CA GLY A 19 12.74 11.80 6.91
C GLY A 19 12.96 11.53 5.43
N ARG A 20 13.08 10.26 5.07
CA ARG A 20 13.27 9.86 3.69
C ARG A 20 11.96 9.87 2.92
N ASP A 21 11.96 10.51 1.75
CA ASP A 21 10.73 10.73 1.00
C ASP A 21 10.48 9.61 0.01
N PHE A 22 9.45 9.77 -0.81
CA PHE A 22 9.10 8.78 -1.82
C PHE A 22 9.39 9.29 -3.22
N LYS A 23 9.66 8.36 -4.14
CA LYS A 23 10.29 8.70 -5.41
C LYS A 23 9.67 7.91 -6.55
N PHE A 24 8.44 7.45 -6.36
CA PHE A 24 7.75 6.67 -7.37
C PHE A 24 6.75 7.54 -8.14
N SER A 25 6.32 7.05 -9.29
CA SER A 25 5.51 7.85 -10.22
C SER A 25 4.06 7.37 -10.23
N ASP A 26 3.26 7.97 -11.10
CA ASP A 26 1.81 7.86 -11.00
C ASP A 26 1.31 6.56 -11.60
N GLY A 27 2.22 5.77 -12.15
CA GLY A 27 1.93 4.38 -12.47
C GLY A 27 3.03 3.45 -11.95
N GLN A 28 3.68 3.88 -10.87
CA GLN A 28 4.83 3.15 -10.34
C GLN A 28 4.73 3.01 -8.82
N GLY A 29 4.93 1.79 -8.33
CA GLY A 29 4.57 1.44 -6.96
C GLY A 29 3.27 0.65 -6.91
N VAL A 30 2.90 0.07 -8.05
CA VAL A 30 1.76 -0.84 -8.09
C VAL A 30 2.16 -2.26 -7.76
N PRO A 31 1.50 -2.84 -6.76
CA PRO A 31 1.88 -4.15 -6.24
C PRO A 31 1.35 -5.27 -7.11
N ILE A 32 2.06 -6.39 -7.13
CA ILE A 32 1.73 -7.49 -8.03
C ILE A 32 0.54 -8.29 -7.51
N ALA A 33 -0.45 -8.47 -8.38
CA ALA A 33 -1.74 -9.01 -7.96
C ALA A 33 -1.86 -10.48 -8.30
N PHE A 34 -2.55 -11.23 -7.45
CA PHE A 34 -3.33 -12.38 -7.90
C PHE A 34 -4.59 -11.94 -8.63
N GLY A 35 -4.94 -12.66 -9.68
CA GLY A 35 -6.26 -12.53 -10.30
C GLY A 35 -6.25 -11.47 -11.40
N VAL A 36 -5.89 -10.25 -11.02
CA VAL A 36 -5.94 -9.13 -11.95
C VAL A 36 -4.55 -8.78 -12.48
N PRO A 37 -4.43 -8.64 -13.78
CA PRO A 37 -3.13 -8.57 -14.43
C PRO A 37 -2.48 -7.20 -14.23
N PRO A 38 -1.17 -7.12 -14.43
CA PRO A 38 -0.50 -5.85 -14.60
C PRO A 38 -1.29 -4.92 -15.51
N SER A 39 -1.98 -5.50 -16.48
CA SER A 39 -2.78 -4.73 -17.42
C SER A 39 -3.84 -3.90 -16.69
N GLU A 40 -4.37 -4.45 -15.61
CA GLU A 40 -5.41 -3.78 -14.84
C GLU A 40 -4.97 -3.52 -13.41
N ALA A 41 -3.67 -3.70 -13.15
CA ALA A 41 -3.08 -3.31 -11.88
C ALA A 41 -3.22 -1.81 -11.64
N LYS A 42 -4.02 -1.46 -10.64
CA LYS A 42 -4.38 -0.06 -10.42
C LYS A 42 -4.95 0.14 -9.02
N GLY A 43 -4.56 1.23 -8.38
CA GLY A 43 -4.98 1.50 -7.01
C GLY A 43 -4.65 2.93 -6.61
N TYR A 44 -4.61 3.19 -5.30
CA TYR A 44 -4.31 4.51 -4.78
C TYR A 44 -3.62 4.44 -3.43
N TRP A 45 -3.48 5.58 -2.77
CA TRP A 45 -2.66 5.68 -1.57
C TRP A 45 -3.36 5.04 -0.38
N TYR A 46 -2.57 4.60 0.60
CA TYR A 46 -3.02 4.55 1.98
C TYR A 46 -1.85 4.42 2.94
N ARG A 47 -2.05 4.85 4.18
CA ARG A 47 -0.96 4.93 5.15
C ARG A 47 -1.45 4.61 6.56
N HIS A 48 -0.68 3.81 7.28
CA HIS A 48 -0.84 3.68 8.73
C HIS A 48 0.50 3.81 9.43
N SER A 49 0.45 4.12 10.73
CA SER A 49 1.61 4.02 11.59
C SER A 49 1.89 2.57 11.98
N ARG A 50 3.16 2.20 12.01
CA ARG A 50 3.57 0.87 12.45
C ARG A 50 3.36 0.71 13.95
N ARG A 51 3.23 -0.54 14.39
CA ARG A 51 3.07 -0.84 15.80
C ARG A 51 4.39 -0.76 16.54
N SER A 52 4.42 0.01 17.62
CA SER A 52 5.66 0.24 18.36
C SER A 52 5.55 -0.29 19.78
N PHE A 53 6.69 -0.53 20.42
CA PHE A 53 6.73 -1.12 21.74
C PHE A 53 7.62 -0.32 22.68
N LYS A 54 7.47 -0.55 23.98
CA LYS A 54 8.29 0.11 24.98
C LYS A 54 9.62 -0.62 25.17
N THR A 55 10.47 -0.06 26.04
CA THR A 55 11.81 -0.59 26.24
C THR A 55 11.98 -1.12 27.66
N ALA A 56 13.12 -1.78 27.91
CA ALA A 56 13.43 -2.27 29.24
C ALA A 56 13.67 -1.13 30.21
N ASP A 57 13.89 0.07 29.68
CA ASP A 57 14.23 1.22 30.50
C ASP A 57 13.02 2.12 30.70
N GLY A 58 11.83 1.60 30.43
CA GLY A 58 10.60 2.32 30.68
C GLY A 58 10.35 3.37 29.60
N GLN A 59 11.10 3.27 28.51
CA GLN A 59 10.97 4.23 27.40
C GLN A 59 10.14 3.65 26.27
N GLN A 60 9.79 4.50 25.32
CA GLN A 60 9.01 4.06 24.16
C GLN A 60 9.62 4.57 22.86
N LYS A 61 9.62 3.73 21.83
CA LYS A 61 10.23 4.08 20.56
C LYS A 61 9.21 4.67 19.59
N GLN A 62 9.60 5.73 18.89
CA GLN A 62 8.80 6.26 17.80
C GLN A 62 9.07 5.52 16.50
N LEU A 63 8.03 4.89 15.97
CA LEU A 63 8.19 3.98 14.83
C LEU A 63 7.54 4.55 13.58
N LEU A 64 8.01 4.10 12.42
CA LEU A 64 7.86 4.85 11.18
C LEU A 64 6.57 4.49 10.46
N PRO A 65 6.16 5.34 9.53
CA PRO A 65 4.97 5.08 8.72
C PRO A 65 5.12 3.79 7.93
N ARG A 66 4.00 3.24 7.47
CA ARG A 66 4.02 2.15 6.50
C ARG A 66 2.98 2.37 5.42
N TRP A 67 3.29 1.93 4.20
CA TRP A 67 2.47 2.22 3.04
C TRP A 67 1.55 1.06 2.70
N TYR A 68 0.25 1.32 2.64
CA TYR A 68 -0.74 0.28 2.45
C TYR A 68 -1.47 0.44 1.12
N PHE A 69 -1.91 -0.67 0.55
CA PHE A 69 -2.23 -0.73 -0.88
C PHE A 69 -3.59 -1.37 -1.12
N TYR A 70 -4.39 -0.74 -1.97
CA TYR A 70 -5.68 -1.29 -2.35
C TYR A 70 -5.88 -1.24 -3.86
N TYR A 71 -6.99 -1.80 -4.33
CA TYR A 71 -7.37 -1.70 -5.73
C TYR A 71 -8.39 -0.58 -5.95
N LEU A 72 -8.32 0.05 -7.11
CA LEU A 72 -9.38 0.95 -7.56
C LEU A 72 -10.70 0.20 -7.70
N GLY A 73 -11.68 0.58 -6.89
CA GLY A 73 -12.88 -0.24 -6.70
C GLY A 73 -12.93 -0.83 -5.30
N THR A 74 -11.83 -0.67 -4.56
CA THR A 74 -11.75 -1.19 -3.20
C THR A 74 -11.15 -0.16 -2.25
N GLY A 75 -11.51 -0.27 -0.97
CA GLY A 75 -10.68 0.27 0.09
C GLY A 75 -11.36 1.46 0.78
N PRO A 76 -10.62 2.13 1.65
CA PRO A 76 -11.17 3.25 2.42
C PRO A 76 -11.84 4.27 1.50
N TYR A 77 -11.27 4.45 0.31
CA TYR A 77 -11.83 5.38 -0.67
C TYR A 77 -12.04 4.69 -2.01
N ALA A 78 -12.78 3.59 -2.00
CA ALA A 78 -12.85 2.71 -3.15
C ALA A 78 -13.36 3.45 -4.39
N ASN A 79 -14.14 4.51 -4.15
CA ASN A 79 -14.74 5.26 -5.24
C ASN A 79 -14.10 6.64 -5.36
N ALA A 80 -12.87 6.76 -4.88
CA ALA A 80 -12.11 8.00 -5.02
C ALA A 80 -12.06 8.46 -6.47
N SER A 81 -12.14 9.77 -6.67
CA SER A 81 -11.96 10.36 -8.00
C SER A 81 -10.53 10.20 -8.48
N TYR A 82 -10.36 9.60 -9.65
CA TYR A 82 -9.04 9.38 -10.21
C TYR A 82 -8.26 10.68 -10.35
N GLY A 83 -7.25 10.85 -9.51
CA GLY A 83 -6.46 12.08 -9.49
C GLY A 83 -6.34 12.63 -8.07
N GLU A 84 -7.04 12.00 -7.14
CA GLU A 84 -6.98 12.41 -5.74
C GLU A 84 -5.59 12.21 -5.15
N SER A 85 -4.69 13.13 -5.46
CA SER A 85 -3.36 13.13 -4.87
C SER A 85 -3.22 14.23 -3.83
N LEU A 86 -2.98 13.84 -2.59
CA LEU A 86 -3.00 14.78 -1.47
C LEU A 86 -1.59 15.08 -0.98
N GLU A 87 -1.50 15.87 0.09
CA GLU A 87 -0.23 16.09 0.76
C GLU A 87 0.30 14.80 1.39
N GLY A 88 1.53 14.45 1.04
CA GLY A 88 2.11 13.19 1.50
C GLY A 88 1.57 12.02 0.71
N VAL A 89 0.80 12.31 -0.34
CA VAL A 89 0.09 11.28 -1.09
C VAL A 89 0.48 11.30 -2.56
N PHE A 90 0.36 10.15 -3.21
CA PHE A 90 0.22 10.11 -4.66
C PHE A 90 -0.82 9.08 -5.09
N TRP A 91 -1.50 9.36 -6.19
CA TRP A 91 -2.26 8.34 -6.90
C TRP A 91 -1.34 7.45 -7.74
N VAL A 92 -1.73 6.19 -7.89
CA VAL A 92 -0.98 5.25 -8.72
C VAL A 92 -1.90 4.48 -9.65
N ALA A 93 -1.36 4.08 -10.80
CA ALA A 93 -1.79 2.85 -11.46
C ALA A 93 -1.04 2.63 -12.77
N ASN A 94 -0.94 1.38 -13.18
CA ASN A 94 -0.02 1.00 -14.25
C ASN A 94 -0.38 1.66 -15.56
N HIS A 95 0.58 1.75 -16.47
CA HIS A 95 0.38 2.43 -17.74
C HIS A 95 -0.66 1.72 -18.59
N GLN A 96 -0.91 0.45 -18.27
CA GLN A 96 -1.91 -0.33 -18.98
C GLN A 96 -3.31 -0.08 -18.41
N ALA A 97 -3.35 0.43 -17.18
CA ALA A 97 -4.58 0.44 -16.40
C ALA A 97 -5.66 1.28 -17.10
N ASP A 98 -6.91 0.85 -16.95
CA ASP A 98 -8.05 1.73 -17.18
C ASP A 98 -8.58 2.30 -15.87
N THR A 99 -8.29 3.58 -15.64
CA THR A 99 -8.42 4.16 -14.31
C THR A 99 -9.58 5.14 -14.23
N SER A 100 -10.57 4.94 -15.11
CA SER A 100 -11.86 5.60 -14.96
C SER A 100 -12.85 4.71 -14.23
N THR A 101 -12.36 3.60 -13.70
CA THR A 101 -13.22 2.45 -13.40
C THR A 101 -12.82 1.80 -12.07
N PRO A 102 -13.74 1.04 -11.50
CA PRO A 102 -13.39 0.02 -10.52
C PRO A 102 -12.71 -1.16 -11.18
N SER A 103 -11.74 -1.75 -10.49
CA SER A 103 -10.83 -2.71 -11.10
C SER A 103 -11.48 -4.08 -11.21
N ASP A 104 -10.91 -4.95 -12.03
CA ASP A 104 -11.41 -6.31 -12.21
C ASP A 104 -10.95 -7.22 -11.08
N VAL A 105 -11.05 -6.72 -9.85
CA VAL A 105 -10.48 -7.41 -8.69
C VAL A 105 -11.22 -7.04 -7.42
N SER A 106 -11.71 -8.05 -6.72
CA SER A 106 -12.88 -7.89 -5.85
C SER A 106 -12.49 -7.32 -4.50
N SER A 107 -13.44 -6.67 -3.84
CA SER A 107 -13.32 -6.37 -2.42
C SER A 107 -13.75 -7.55 -1.56
N ARG A 108 -12.76 -8.24 -0.98
CA ARG A 108 -13.01 -9.49 -0.29
C ARG A 108 -13.07 -9.29 1.22
N ASP A 109 -13.77 -10.19 1.91
CA ASP A 109 -13.71 -10.26 3.36
C ASP A 109 -12.31 -10.61 3.84
N PRO A 110 -11.81 -9.88 4.84
CA PRO A 110 -10.46 -10.07 5.34
C PRO A 110 -10.34 -11.39 6.09
N THR A 111 -11.47 -12.06 6.29
CA THR A 111 -11.46 -13.46 6.72
C THR A 111 -10.67 -14.33 5.75
N THR A 112 -10.67 -13.95 4.48
CA THR A 112 -9.95 -14.69 3.46
C THR A 112 -8.67 -13.96 3.05
N GLN A 113 -8.74 -12.63 3.06
CA GLN A 113 -7.67 -11.82 2.50
C GLN A 113 -7.20 -10.76 3.49
N GLU A 114 -6.12 -11.05 4.21
CA GLU A 114 -5.50 -10.07 5.09
C GLU A 114 -3.97 -10.14 5.00
N ALA A 115 -3.35 -8.99 4.75
CA ALA A 115 -1.92 -8.84 4.96
C ALA A 115 -1.13 -9.91 4.21
N ILE A 116 -1.24 -9.91 2.89
CA ILE A 116 -0.47 -10.81 2.06
C ILE A 116 0.85 -10.19 1.62
N PRO A 117 1.92 -10.97 1.65
CA PRO A 117 3.25 -10.48 1.30
C PRO A 117 3.21 -9.74 -0.03
N THR A 118 3.64 -8.48 -0.01
CA THR A 118 3.60 -7.63 -1.19
C THR A 118 4.86 -7.80 -2.03
N ARG A 119 4.69 -7.92 -3.34
CA ARG A 119 5.82 -7.95 -4.26
C ARG A 119 5.72 -6.85 -5.31
N PHE A 120 6.86 -6.30 -5.69
CA PHE A 120 6.93 -5.38 -6.82
C PHE A 120 7.95 -5.86 -7.85
N PRO A 121 7.61 -5.69 -9.13
CA PRO A 121 8.43 -6.22 -10.20
C PRO A 121 9.45 -5.20 -10.68
N PRO A 122 10.42 -5.65 -11.47
CA PRO A 122 11.37 -4.75 -12.10
C PRO A 122 10.66 -3.65 -12.88
N GLY A 123 11.10 -2.42 -12.69
CA GLY A 123 10.46 -1.27 -13.34
C GLY A 123 9.89 -0.31 -12.31
N THR A 124 9.51 -0.84 -11.16
CA THR A 124 9.07 -0.01 -10.04
C THR A 124 10.23 0.28 -9.09
N ILE A 125 10.30 1.53 -8.62
CA ILE A 125 11.37 1.95 -7.72
C ILE A 125 11.02 1.63 -6.27
N LEU A 126 12.05 1.58 -5.42
CA LEU A 126 11.84 1.46 -3.98
C LEU A 126 12.68 2.48 -3.22
N PRO A 127 12.04 3.54 -2.76
CA PRO A 127 12.75 4.75 -2.37
C PRO A 127 13.74 4.46 -1.23
N GLN A 128 14.82 5.22 -1.19
CA GLN A 128 15.82 5.07 -0.13
C GLN A 128 15.18 5.13 1.25
N GLY A 129 15.56 4.20 2.12
CA GLY A 129 15.13 4.23 3.50
C GLY A 129 13.96 3.28 3.74
N TYR A 130 13.53 2.60 2.68
CA TYR A 130 12.43 1.65 2.78
C TYR A 130 12.89 0.25 2.40
N TYR A 131 12.24 -0.76 2.97
CA TYR A 131 12.21 -2.10 2.37
C TYR A 131 10.90 -2.81 2.69
N VAL A 132 10.41 -3.59 1.74
CA VAL A 132 9.01 -4.01 1.73
C VAL A 132 8.80 -5.24 2.61
N GLU A 133 7.63 -5.32 3.23
CA GLU A 133 7.32 -6.42 4.14
C GLU A 133 6.61 -7.55 3.43
N GLY A 134 7.12 -8.77 3.60
CA GLY A 134 6.42 -9.96 3.13
C GLY A 134 6.38 -11.04 4.21
N SER A 135 6.34 -10.61 5.47
CA SER A 135 6.26 -11.52 6.59
C SER A 135 4.82 -11.90 6.90
N GLY A 136 3.88 -11.12 6.35
CA GLY A 136 2.46 -11.32 6.64
C GLY A 136 2.06 -10.64 7.94
N ARG A 137 3.02 -9.95 8.55
CA ARG A 137 2.76 -9.25 9.82
C ARG A 137 2.26 -7.84 9.57
N SER A 138 2.26 -7.43 8.30
CA SER A 138 1.86 -6.07 7.93
C SER A 138 0.51 -6.08 7.22
N GLY A 1 -1.83 8.73 14.55
CA GLY A 1 -1.98 7.36 14.08
C GLY A 1 -3.41 6.86 14.26
N ASN A 2 -4.29 7.27 13.38
CA ASN A 2 -5.70 6.91 13.48
C ASN A 2 -6.22 6.32 12.17
N THR A 3 -5.40 5.49 11.54
CA THR A 3 -5.79 4.82 10.30
C THR A 3 -6.98 3.91 10.52
N ILE A 4 -7.89 3.89 9.56
CA ILE A 4 -9.02 2.97 9.59
C ILE A 4 -8.60 1.59 10.09
N PRO A 5 -9.37 1.03 11.01
CA PRO A 5 -9.05 -0.25 11.61
C PRO A 5 -9.44 -1.40 10.67
N HIS A 6 -8.94 -1.36 9.45
CA HIS A 6 -9.30 -2.35 8.43
C HIS A 6 -8.10 -3.22 8.07
N TYR A 7 -8.37 -4.31 7.36
CA TYR A 7 -7.31 -5.17 6.85
C TYR A 7 -6.89 -4.77 5.45
N SER A 8 -5.63 -5.03 5.11
CA SER A 8 -5.13 -4.75 3.77
C SER A 8 -5.25 -5.97 2.87
N TRP A 9 -5.31 -5.72 1.56
CA TRP A 9 -5.32 -6.81 0.59
C TRP A 9 -3.97 -7.52 0.53
N PHE A 10 -2.93 -6.84 1.01
CA PHE A 10 -1.60 -7.44 1.09
C PHE A 10 -0.68 -6.59 1.95
N SER A 11 0.48 -7.15 2.28
CA SER A 11 1.47 -6.44 3.09
C SER A 11 1.88 -5.14 2.45
N GLY A 12 2.38 -4.20 3.26
CA GLY A 12 2.82 -2.91 2.77
C GLY A 12 4.33 -2.89 2.56
N ILE A 13 4.85 -1.74 2.12
CA ILE A 13 6.28 -1.48 2.15
C ILE A 13 6.74 -1.08 3.54
N THR A 14 7.91 -1.56 3.95
CA THR A 14 8.40 -1.36 5.30
C THR A 14 9.45 -0.25 5.36
N GLN A 15 9.16 0.80 6.12
CA GLN A 15 10.12 1.86 6.35
C GLN A 15 11.14 1.47 7.41
N PHE A 16 12.39 1.85 7.20
CA PHE A 16 13.45 1.58 8.16
C PHE A 16 13.96 2.87 8.79
N GLN A 17 14.04 3.93 8.00
CA GLN A 17 14.57 5.20 8.46
C GLN A 17 13.54 6.31 8.31
N LYS A 18 13.25 6.99 9.41
CA LYS A 18 12.24 8.06 9.40
C LYS A 18 12.77 9.32 8.73
N GLY A 19 11.89 10.02 8.04
CA GLY A 19 12.21 11.34 7.50
C GLY A 19 12.58 11.26 6.03
N ARG A 20 11.89 10.39 5.30
CA ARG A 20 12.17 10.19 3.88
C ARG A 20 10.89 10.21 3.05
N ASP A 21 11.01 10.57 1.79
CA ASP A 21 9.85 10.75 0.92
C ASP A 21 9.53 9.47 0.15
N PHE A 22 8.53 9.55 -0.72
CA PHE A 22 8.08 8.38 -1.47
C PHE A 22 8.23 8.60 -2.97
N LYS A 23 9.39 8.23 -3.51
CA LYS A 23 9.70 8.48 -4.91
C LYS A 23 9.25 7.31 -5.79
N PHE A 24 8.49 7.62 -6.83
CA PHE A 24 8.31 6.70 -7.94
C PHE A 24 7.69 7.40 -9.14
N SER A 25 7.75 6.74 -10.30
CA SER A 25 7.23 7.32 -11.54
C SER A 25 5.86 6.76 -11.87
N ASP A 26 5.23 7.32 -12.89
CA ASP A 26 3.94 6.82 -13.37
C ASP A 26 4.04 5.34 -13.74
N GLY A 27 3.12 4.54 -13.22
CA GLY A 27 3.07 3.12 -13.51
C GLY A 27 4.04 2.35 -12.64
N GLN A 28 4.78 3.07 -11.80
CA GLN A 28 5.62 2.43 -10.79
C GLN A 28 4.95 2.48 -9.42
N GLY A 29 5.38 1.59 -8.53
CA GLY A 29 4.78 1.49 -7.20
C GLY A 29 3.43 0.76 -7.27
N VAL A 30 3.21 0.03 -8.35
CA VAL A 30 1.99 -0.76 -8.51
C VAL A 30 2.18 -2.18 -8.01
N PRO A 31 1.39 -2.56 -7.01
CA PRO A 31 1.54 -3.86 -6.37
C PRO A 31 0.75 -4.93 -7.11
N ILE A 32 1.36 -6.10 -7.25
CA ILE A 32 0.84 -7.15 -8.13
C ILE A 32 -0.25 -7.96 -7.44
N ALA A 33 -1.41 -8.07 -8.10
CA ALA A 33 -2.44 -8.99 -7.66
C ALA A 33 -2.12 -10.42 -8.08
N PHE A 34 -2.47 -11.38 -7.22
CA PHE A 34 -2.62 -12.76 -7.63
C PHE A 34 -3.85 -12.94 -8.52
N GLY A 35 -4.76 -11.98 -8.45
CA GLY A 35 -6.07 -12.12 -9.07
C GLY A 35 -6.06 -11.60 -10.50
N VAL A 36 -5.49 -10.42 -10.69
CA VAL A 36 -5.80 -9.60 -11.85
C VAL A 36 -4.54 -9.33 -12.68
N PRO A 37 -4.75 -9.01 -13.95
CA PRO A 37 -3.63 -8.78 -14.87
C PRO A 37 -3.02 -7.40 -14.65
N PRO A 38 -1.82 -7.19 -15.20
CA PRO A 38 -1.28 -5.85 -15.35
C PRO A 38 -2.35 -4.85 -15.77
N SER A 39 -3.25 -5.30 -16.63
CA SER A 39 -4.30 -4.44 -17.16
C SER A 39 -5.18 -3.89 -16.04
N GLU A 40 -5.26 -4.64 -14.95
CA GLU A 40 -6.05 -4.21 -13.79
C GLU A 40 -5.14 -3.83 -12.62
N ALA A 41 -3.85 -3.70 -12.90
CA ALA A 41 -2.88 -3.31 -11.88
C ALA A 41 -2.97 -1.82 -11.58
N LYS A 42 -3.88 -1.45 -10.70
CA LYS A 42 -4.19 -0.05 -10.47
C LYS A 42 -4.69 0.19 -9.04
N GLY A 43 -4.20 1.25 -8.42
CA GLY A 43 -4.51 1.52 -7.01
C GLY A 43 -4.22 2.98 -6.66
N TYR A 44 -4.27 3.28 -5.37
CA TYR A 44 -4.00 4.64 -4.89
C TYR A 44 -3.35 4.62 -3.52
N TRP A 45 -3.28 5.80 -2.89
CA TRP A 45 -2.48 5.97 -1.69
C TRP A 45 -3.16 5.32 -0.48
N TYR A 46 -2.35 4.92 0.50
CA TYR A 46 -2.81 4.81 1.87
C TYR A 46 -1.64 4.65 2.84
N ARG A 47 -1.89 4.96 4.11
CA ARG A 47 -0.83 4.95 5.11
C ARG A 47 -1.32 4.34 6.43
N HIS A 48 -0.48 3.51 7.03
CA HIS A 48 -0.79 2.92 8.33
C HIS A 48 0.12 3.45 9.42
N SER A 49 -0.40 3.51 10.65
CA SER A 49 0.45 3.69 11.83
C SER A 49 0.51 2.40 12.63
N ARG A 50 1.73 1.93 12.89
CA ARG A 50 1.93 0.65 13.54
C ARG A 50 2.48 0.83 14.96
N ARG A 51 1.90 0.10 15.91
CA ARG A 51 2.32 0.17 17.30
C ARG A 51 3.51 -0.74 17.56
N SER A 52 4.48 -0.23 18.33
CA SER A 52 5.69 -0.98 18.61
C SER A 52 5.53 -1.88 19.83
N PHE A 53 6.46 -2.80 20.01
CA PHE A 53 6.44 -3.71 21.15
C PHE A 53 7.33 -3.20 22.28
N LYS A 54 7.08 -3.71 23.49
CA LYS A 54 7.90 -3.36 24.63
C LYS A 54 8.39 -4.61 25.36
N THR A 55 9.57 -4.51 25.97
CA THR A 55 10.22 -5.67 26.57
C THR A 55 9.86 -5.79 28.04
N ALA A 56 10.28 -6.89 28.66
CA ALA A 56 10.11 -7.08 30.10
C ALA A 56 10.89 -6.04 30.89
N ASP A 57 11.86 -5.40 30.23
CA ASP A 57 12.73 -4.45 30.89
C ASP A 57 12.26 -3.01 30.65
N GLY A 58 11.03 -2.87 30.15
CA GLY A 58 10.42 -1.57 30.00
C GLY A 58 10.93 -0.85 28.75
N GLN A 59 11.65 -1.58 27.91
CA GLN A 59 12.26 -1.01 26.72
C GLN A 59 11.34 -1.14 25.51
N GLN A 60 11.10 -0.03 24.83
CA GLN A 60 10.12 0.01 23.74
C GLN A 60 10.78 0.45 22.44
N LYS A 61 10.41 -0.21 21.34
CA LYS A 61 11.01 0.06 20.05
C LYS A 61 10.41 1.31 19.42
N GLN A 62 11.25 2.10 18.74
CA GLN A 62 10.76 3.13 17.83
C GLN A 62 10.40 2.55 16.47
N LEU A 63 9.17 2.81 16.04
CA LEU A 63 8.60 2.13 14.88
C LEU A 63 8.06 3.12 13.87
N LEU A 64 8.07 2.73 12.59
CA LEU A 64 7.97 3.68 11.50
C LEU A 64 6.68 3.50 10.72
N PRO A 65 6.29 4.52 9.97
CA PRO A 65 5.05 4.48 9.20
C PRO A 65 5.04 3.31 8.23
N ARG A 66 3.85 2.78 7.97
CA ARG A 66 3.68 1.72 6.98
C ARG A 66 2.93 2.23 5.76
N TRP A 67 3.30 1.73 4.59
CA TRP A 67 2.65 2.12 3.34
C TRP A 67 1.69 1.04 2.85
N TYR A 68 0.40 1.34 2.93
CA TYR A 68 -0.63 0.35 2.61
C TYR A 68 -1.34 0.69 1.31
N PHE A 69 -1.88 -0.32 0.65
CA PHE A 69 -2.26 -0.21 -0.76
C PHE A 69 -3.62 -0.84 -1.01
N TYR A 70 -4.50 -0.09 -1.67
CA TYR A 70 -5.78 -0.62 -2.11
C TYR A 70 -5.99 -0.39 -3.60
N TYR A 71 -6.78 -1.25 -4.23
CA TYR A 71 -7.10 -1.13 -5.64
C TYR A 71 -8.17 -0.07 -5.88
N LEU A 72 -8.18 0.50 -7.08
CA LEU A 72 -9.31 1.30 -7.53
C LEU A 72 -10.60 0.50 -7.54
N GLY A 73 -11.64 1.06 -6.95
CA GLY A 73 -12.92 0.36 -6.83
C GLY A 73 -13.13 -0.17 -5.42
N THR A 74 -12.09 -0.12 -4.61
CA THR A 74 -12.14 -0.66 -3.26
C THR A 74 -11.25 0.15 -2.30
N GLY A 75 -11.64 0.20 -1.04
CA GLY A 75 -10.76 0.66 0.02
C GLY A 75 -11.33 1.90 0.71
N PRO A 76 -10.53 2.50 1.59
CA PRO A 76 -10.96 3.66 2.36
C PRO A 76 -11.53 4.75 1.45
N TYR A 77 -10.98 4.84 0.24
CA TYR A 77 -11.44 5.81 -0.74
C TYR A 77 -11.80 5.14 -2.06
N ALA A 78 -12.57 4.05 -1.97
CA ALA A 78 -12.80 3.18 -3.11
C ALA A 78 -13.28 3.96 -4.32
N ASN A 79 -14.08 4.99 -4.06
CA ASN A 79 -14.78 5.71 -5.13
C ASN A 79 -14.17 7.09 -5.35
N ALA A 80 -12.91 7.24 -4.97
CA ALA A 80 -12.14 8.43 -5.33
C ALA A 80 -12.09 8.62 -6.83
N SER A 81 -12.15 9.89 -7.26
CA SER A 81 -12.05 10.21 -8.68
C SER A 81 -10.69 9.85 -9.25
N TYR A 82 -10.66 8.88 -10.14
CA TYR A 82 -9.40 8.30 -10.62
C TYR A 82 -8.39 9.39 -10.91
N GLY A 83 -7.41 9.54 -10.04
CA GLY A 83 -6.30 10.48 -10.25
C GLY A 83 -6.18 11.45 -9.09
N GLU A 84 -7.06 11.33 -8.11
CA GLU A 84 -7.04 12.20 -6.95
C GLU A 84 -5.65 12.27 -6.33
N SER A 85 -5.18 13.49 -6.10
CA SER A 85 -3.85 13.70 -5.51
C SER A 85 -3.89 14.77 -4.43
N LEU A 86 -3.60 14.37 -3.20
CA LEU A 86 -3.69 15.27 -2.06
C LEU A 86 -2.30 15.66 -1.57
N GLU A 87 -2.26 16.44 -0.48
CA GLU A 87 -1.00 16.75 0.18
C GLU A 87 -0.33 15.50 0.71
N GLY A 88 0.91 15.26 0.27
CA GLY A 88 1.66 14.09 0.68
C GLY A 88 1.16 12.84 -0.03
N VAL A 89 0.32 13.02 -1.04
CA VAL A 89 -0.33 11.92 -1.72
C VAL A 89 0.07 11.84 -3.18
N PHE A 90 0.21 10.62 -3.70
CA PHE A 90 0.54 10.42 -5.10
C PHE A 90 -0.21 9.23 -5.69
N TRP A 91 -1.04 9.50 -6.70
CA TRP A 91 -1.87 8.47 -7.31
C TRP A 91 -1.06 7.58 -8.23
N VAL A 92 -1.45 6.32 -8.32
CA VAL A 92 -0.66 5.32 -9.03
C VAL A 92 -1.53 4.46 -9.93
N ALA A 93 -0.97 3.99 -11.03
CA ALA A 93 -1.35 2.71 -11.62
C ALA A 93 -0.55 2.42 -12.88
N ASN A 94 -0.52 1.15 -13.27
CA ASN A 94 0.28 0.72 -14.41
C ASN A 94 -0.10 1.47 -15.68
N HIS A 95 0.86 1.63 -16.58
CA HIS A 95 0.62 2.33 -17.84
C HIS A 95 -0.39 1.58 -18.70
N GLN A 96 -0.53 0.28 -18.45
CA GLN A 96 -1.48 -0.54 -19.19
C GLN A 96 -2.85 -0.54 -18.52
N ALA A 97 -2.91 0.05 -17.33
CA ALA A 97 -4.13 -0.01 -16.52
C ALA A 97 -5.26 0.76 -17.19
N ASP A 98 -6.48 0.25 -17.05
CA ASP A 98 -7.68 1.01 -17.37
C ASP A 98 -8.19 1.75 -16.13
N THR A 99 -7.76 3.00 -15.98
CA THR A 99 -7.96 3.73 -14.73
C THR A 99 -9.12 4.72 -14.84
N SER A 100 -10.08 4.39 -15.69
CA SER A 100 -11.33 5.14 -15.75
C SER A 100 -12.41 4.48 -14.90
N THR A 101 -12.05 3.38 -14.25
CA THR A 101 -13.03 2.36 -13.88
C THR A 101 -12.54 1.56 -12.68
N PRO A 102 -13.46 1.25 -11.78
CA PRO A 102 -13.16 0.38 -10.64
C PRO A 102 -12.56 -0.94 -11.10
N SER A 103 -11.66 -1.48 -10.29
CA SER A 103 -10.86 -2.64 -10.70
C SER A 103 -11.66 -3.93 -10.55
N ASP A 104 -11.13 -5.02 -11.09
CA ASP A 104 -11.74 -6.34 -10.93
C ASP A 104 -11.30 -6.99 -9.62
N VAL A 105 -10.89 -6.17 -8.66
CA VAL A 105 -10.27 -6.66 -7.43
C VAL A 105 -10.63 -5.80 -6.24
N SER A 106 -11.11 -6.43 -5.19
CA SER A 106 -11.81 -5.73 -4.11
C SER A 106 -11.57 -6.39 -2.77
N SER A 107 -11.77 -5.63 -1.69
CA SER A 107 -11.60 -6.16 -0.34
C SER A 107 -12.31 -7.50 -0.19
N ARG A 108 -11.59 -8.49 0.32
CA ARG A 108 -12.17 -9.77 0.66
C ARG A 108 -12.05 -10.07 2.14
N ASP A 109 -12.76 -11.09 2.61
CA ASP A 109 -12.74 -11.47 4.02
C ASP A 109 -11.36 -11.93 4.45
N PRO A 110 -10.77 -11.19 5.38
CA PRO A 110 -9.41 -11.48 5.83
C PRO A 110 -9.36 -12.69 6.75
N THR A 111 -10.53 -13.28 7.00
CA THR A 111 -10.61 -14.63 7.51
C THR A 111 -9.91 -15.61 6.59
N THR A 112 -9.94 -15.33 5.29
CA THR A 112 -9.25 -16.15 4.31
C THR A 112 -7.95 -15.51 3.86
N GLN A 113 -7.95 -14.17 3.78
CA GLN A 113 -6.91 -13.45 3.08
C GLN A 113 -6.38 -12.30 3.92
N GLU A 114 -5.27 -12.55 4.62
CA GLU A 114 -4.64 -11.53 5.44
C GLU A 114 -3.15 -11.42 5.16
N ALA A 115 -2.67 -10.21 4.94
CA ALA A 115 -1.24 -9.94 4.91
C ALA A 115 -0.52 -10.85 3.93
N ILE A 116 -0.84 -10.70 2.66
CA ILE A 116 -0.18 -11.48 1.61
C ILE A 116 1.05 -10.74 1.07
N PRO A 117 2.12 -11.50 0.84
CA PRO A 117 3.37 -10.91 0.38
C PRO A 117 3.15 -10.00 -0.83
N THR A 118 3.65 -8.78 -0.74
CA THR A 118 3.52 -7.82 -1.82
C THR A 118 4.65 -7.94 -2.81
N ARG A 119 4.34 -7.81 -4.09
CA ARG A 119 5.35 -7.74 -5.14
C ARG A 119 5.10 -6.57 -6.08
N PHE A 120 6.19 -5.89 -6.47
CA PHE A 120 6.10 -4.81 -7.45
C PHE A 120 6.89 -5.17 -8.71
N PRO A 121 6.31 -4.85 -9.86
CA PRO A 121 6.94 -5.17 -11.15
C PRO A 121 8.33 -4.56 -11.25
N PRO A 122 9.21 -5.24 -11.96
CA PRO A 122 10.56 -4.72 -12.22
C PRO A 122 10.49 -3.32 -12.81
N GLY A 123 11.35 -2.44 -12.33
CA GLY A 123 11.38 -1.05 -12.80
C GLY A 123 10.94 -0.09 -11.69
N THR A 124 10.07 -0.57 -10.80
CA THR A 124 9.67 0.19 -9.63
C THR A 124 10.83 0.39 -8.67
N ILE A 125 10.96 1.60 -8.14
CA ILE A 125 12.03 1.92 -7.21
C ILE A 125 11.57 1.80 -5.76
N LEU A 126 12.52 1.63 -4.85
CA LEU A 126 12.25 1.77 -3.43
C LEU A 126 12.94 2.99 -2.85
N PRO A 127 12.15 3.97 -2.41
CA PRO A 127 12.68 5.26 -1.97
C PRO A 127 13.60 5.09 -0.76
N GLN A 128 14.57 5.98 -0.64
CA GLN A 128 15.54 5.91 0.44
C GLN A 128 14.86 5.70 1.79
N GLY A 129 15.28 4.66 2.51
CA GLY A 129 14.81 4.43 3.86
C GLY A 129 13.69 3.40 3.89
N TYR A 130 13.32 2.91 2.71
CA TYR A 130 12.28 1.89 2.60
C TYR A 130 12.80 0.64 1.91
N TYR A 131 12.25 -0.50 2.28
CA TYR A 131 12.19 -1.65 1.37
C TYR A 131 11.04 -2.58 1.73
N VAL A 132 10.47 -3.23 0.71
CA VAL A 132 9.19 -3.90 0.86
C VAL A 132 9.33 -5.22 1.61
N GLU A 133 8.28 -5.60 2.32
CA GLU A 133 8.31 -6.80 3.16
C GLU A 133 7.08 -7.67 2.94
N GLY A 134 7.30 -8.97 2.79
CA GLY A 134 6.20 -9.91 2.60
C GLY A 134 6.30 -11.06 3.59
N SER A 135 6.84 -10.78 4.77
CA SER A 135 6.94 -11.78 5.83
C SER A 135 5.61 -11.93 6.57
N GLY A 136 4.68 -11.01 6.30
CA GLY A 136 3.44 -10.95 7.05
C GLY A 136 2.90 -9.53 7.11
N ARG A 137 2.38 -9.14 8.26
CA ARG A 137 1.91 -7.77 8.48
C ARG A 137 3.08 -6.81 8.63
N SER A 138 3.38 -6.06 7.57
CA SER A 138 4.55 -5.20 7.55
C SER A 138 4.71 -4.46 8.87
#